data_8EMT
#
_entry.id   8EMT
#
_cell.length_a   1.00
_cell.length_b   1.00
_cell.length_c   1.00
_cell.angle_alpha   90.00
_cell.angle_beta   90.00
_cell.angle_gamma   90.00
#
_symmetry.space_group_name_H-M   'P 1'
#
loop_
_entity.id
_entity.type
_entity.pdbx_description
1 polymer 'Aldehyde oxidase'
2 non-polymer 'FE2/S2 (INORGANIC) CLUSTER'
3 non-polymer 'PHOSPHONIC ACIDMONO-(2-AMINO-5,6-DIMERCAPTO-4-OXO-3,7,8A,9,10,10A-HEXAHYDRO-4H-8-OXA-1,3,9,10-TETRAAZA-ANTHRACEN-7-YLMETHYL)ESTER'
4 non-polymer 'DIOXOTHIOMOLYBDENUM(VI) ION'
5 non-polymer 'FLAVIN-ADENINE DINUCLEOTIDE'
#
_entity_poly.entity_id   1
_entity_poly.type   'polypeptide(L)'
_entity_poly.pdbx_seq_one_letter_code
;MDRASELLFYVNGRKVIEKNVDPETMLLPYLRKKLRLTGTKYGCGGGGCGACTVMISRYNPITKRIRHHPANACLIPICS
LYGAAVTTVEGIGSTHTRIHPVQERIAKCHGTQCGFCTPGMVMSIYTLLRNHPEPTLDQLTDALGGNLCRCTGYRPIIDA
CKTFCKTSGCCQSKENGVCCLDQGINGLPEFEEGSKTSPKLFAEEEFLPLDPTQELIFPPELMIMAEKQSQRTRVFGSER
MMWFSPVTLKELLEFKFKYPQAPVIMGNTSVGPEVKFKGVFHPVIISPDRIEELSVVNHAYNGLTLGAGLSLAQVKDILA
DVVQKLPEEKTQMYHALLKHLGTLAGSQIRNMASLGGHIISRHPDSDLNPILAVGNCTLNLLSKEGKRQIPLNEQFLSKC
PNADLKPQEILVSVNIPYSRKWEFVSAFRQAQRQENALAIVNSGMRVFFGEGDGIIRELCISYGGVGPATICAKNSCQKL
IGRHWNEQMLDIACRLILNEVSLLGSAPGGKVEFKRTLIISFLFKFYLEVSQILKKMDPVHYPSLADKYESALEDLHSKH
HCSTLKYQNIGPKQHPEDPIGHPIMHLSGVKHATGEAIYCDDMPLVDQELFLTFVTSSRAHAKIVSIDLSEALSMPGVVD
IMTAEHLSDVNSFCFFTEAEKFLATDKVFCVGQLVCAVLADSEVQAKRAAKRVKIVYQDLEPLILTIEESIQHNSSFKPE
RKLEYGNVDEAFKVVDQILEGEIHMGGQEHFYMETQSMLVVPKGEDQEMDVYVSTQFPKYIQDIVASTLKLPANKVMCHV
RRVGGAFGGKVLKTGIIAAVTAFAANKHGRAVRCVLERGEDMLITGGRHPYLGKYKAGFMNDGRILALDMEHYSNAGASL
DESLFVIEMGLLKMDNAYKFPNLRCRGWACRTNLPSNTAFRGFGFPQAALITESCITEVAAKCGLSPEKVRIINMYKEID
QTPYKQEINAKNLIQCWRECMAMSSYSLRKVAVEKFNAENYWKKKGLAMVPLKFPVGLGSRAAGQAAALVHIYLDGSVLV
THGGIEMGQGVHTKMIQVVSRELRMPMSNVHLRGTSTETVPNANISGGSVVADLNGLAVKDACQTLLKRLEPIISKNPKG
TWKDWAQTAFDESINLSAVGYFRGYESDMNWEKGEGQPFEYFVYGAACSEVEIDCLTGDHKNIRTDIVMDVGCSINPAID
IGQIEGAFIQGMGLYTIEELNYSPQGILHTRGPDQYKIPAICDMPTELHIALLPPSQNSNTLYSSKGLGESGVFLGCSVF
FAIHDAVSAARQERGLHGPLTLNSPLTPEKIRMACEDKFTKMIPRDEPGSYVPWNVPI
;
_entity_poly.pdbx_strand_id   B,A
#
loop_
_chem_comp.id
_chem_comp.type
_chem_comp.name
_chem_comp.formula
FAD non-polymer 'FLAVIN-ADENINE DINUCLEOTIDE' 'C27 H33 N9 O15 P2'
FES non-polymer 'FE2/S2 (INORGANIC) CLUSTER' 'Fe2 S2'
MOS non-polymer 'DIOXOTHIOMOLYBDENUM(VI) ION' 'H Mo O2 S'
MTE non-polymer 'PHOSPHONIC ACIDMONO-(2-AMINO-5,6-DIMERCAPTO-4-OXO-3,7,8A,9,10,10A-HEXAHYDRO-4H-8-OXA-1,3,9,10-TETRAAZA-ANTHRACEN-7-YLMETHYL)ESTER' 'C10 H14 N5 O6 P S2'
#
# COMPACT_ATOMS: atom_id res chain seq x y z
N GLU A 6 24.02 -24.07 -12.80
CA GLU A 6 22.68 -23.56 -13.00
C GLU A 6 21.69 -24.38 -12.19
N LEU A 7 20.70 -23.71 -11.61
CA LEU A 7 19.63 -24.40 -10.91
C LEU A 7 18.39 -24.34 -11.77
N LEU A 8 17.86 -25.50 -12.12
CA LEU A 8 16.68 -25.59 -12.97
C LEU A 8 15.72 -26.59 -12.36
N PHE A 9 14.54 -26.12 -11.96
CA PHE A 9 13.49 -27.07 -11.59
C PHE A 9 12.14 -26.48 -11.95
N TYR A 10 11.08 -27.05 -11.40
CA TYR A 10 9.73 -26.63 -11.73
C TYR A 10 8.96 -26.39 -10.44
N VAL A 11 8.24 -25.27 -10.38
CA VAL A 11 7.32 -24.98 -9.29
C VAL A 11 5.94 -24.88 -9.90
N ASN A 12 5.04 -25.78 -9.49
CA ASN A 12 3.65 -25.81 -9.93
C ASN A 12 3.52 -25.89 -11.44
N GLY A 13 4.57 -26.33 -12.14
CA GLY A 13 4.53 -26.45 -13.57
C GLY A 13 5.22 -25.34 -14.34
N ARG A 14 5.89 -24.41 -13.67
CA ARG A 14 6.65 -23.38 -14.36
C ARG A 14 8.13 -23.53 -14.04
N LYS A 15 8.96 -23.39 -15.08
CA LYS A 15 10.39 -23.61 -14.93
C LYS A 15 11.01 -22.44 -14.20
N VAL A 16 11.83 -22.74 -13.20
CA VAL A 16 12.50 -21.75 -12.37
C VAL A 16 14.00 -21.97 -12.49
N ILE A 17 14.72 -20.89 -12.77
CA ILE A 17 16.16 -20.89 -12.98
C ILE A 17 16.79 -20.00 -11.92
N GLU A 18 17.81 -20.50 -11.25
CA GLU A 18 18.62 -19.70 -10.36
C GLU A 18 20.07 -19.72 -10.81
N LYS A 19 20.72 -18.57 -10.69
CA LYS A 19 22.14 -18.40 -10.97
C LYS A 19 22.79 -17.65 -9.81
N ASN A 20 24.07 -17.95 -9.58
CA ASN A 20 24.92 -17.21 -8.64
C ASN A 20 24.33 -17.18 -7.23
N VAL A 21 23.84 -18.33 -6.77
CA VAL A 21 23.06 -18.39 -5.54
C VAL A 21 23.92 -18.42 -4.29
N ASP A 22 23.27 -18.31 -3.13
CA ASP A 22 23.84 -18.64 -1.84
C ASP A 22 23.17 -19.92 -1.34
N PRO A 23 23.85 -21.07 -1.33
CA PRO A 23 23.19 -22.31 -0.92
C PRO A 23 22.83 -22.37 0.55
N GLU A 24 23.24 -21.37 1.33
CA GLU A 24 22.96 -21.28 2.76
C GLU A 24 21.53 -20.85 3.04
N THR A 25 20.72 -20.63 2.00
CA THR A 25 19.33 -20.21 2.13
C THR A 25 18.41 -21.38 1.79
N MET A 26 17.30 -21.48 2.53
CA MET A 26 16.41 -22.62 2.45
C MET A 26 15.38 -22.43 1.34
N LEU A 27 14.36 -23.31 1.32
CA LEU A 27 13.35 -23.28 0.27
C LEU A 27 12.14 -22.42 0.64
N LEU A 28 11.62 -22.58 1.85
CA LEU A 28 10.41 -21.87 2.25
C LEU A 28 10.57 -20.36 2.24
N PRO A 29 11.62 -19.76 2.80
CA PRO A 29 11.82 -18.31 2.58
C PRO A 29 12.00 -17.96 1.12
N TYR A 30 12.50 -18.89 0.30
CA TYR A 30 12.64 -18.62 -1.12
C TYR A 30 11.27 -18.62 -1.81
N LEU A 31 10.38 -19.54 -1.42
CA LEU A 31 9.04 -19.52 -2.00
C LEU A 31 8.22 -18.33 -1.55
N ARG A 32 8.49 -17.82 -0.34
CA ARG A 32 7.73 -16.66 0.10
C ARG A 32 8.32 -15.36 -0.45
N LYS A 33 9.55 -15.02 -0.05
CA LYS A 33 10.09 -13.69 -0.32
C LYS A 33 10.55 -13.50 -1.76
N LYS A 34 10.62 -14.55 -2.57
CA LYS A 34 11.10 -14.41 -3.95
C LYS A 34 10.11 -14.88 -5.00
N LEU A 35 9.63 -16.12 -4.93
CA LEU A 35 8.80 -16.60 -6.01
C LEU A 35 7.32 -16.37 -5.72
N ARG A 36 6.97 -16.14 -4.46
CA ARG A 36 5.70 -15.51 -4.06
C ARG A 36 4.49 -16.37 -4.43
N LEU A 37 4.58 -17.65 -4.14
CA LEU A 37 3.41 -18.52 -4.07
C LEU A 37 3.16 -18.83 -2.60
N THR A 38 2.51 -17.89 -1.92
CA THR A 38 2.53 -17.78 -0.47
C THR A 38 1.54 -18.70 0.23
N GLY A 39 0.98 -19.68 -0.46
CA GLY A 39 0.04 -20.58 0.18
C GLY A 39 0.70 -21.67 0.99
N THR A 40 1.94 -21.43 1.42
CA THR A 40 2.71 -22.38 2.22
C THR A 40 3.22 -21.64 3.45
N LYS A 41 3.03 -22.25 4.62
CA LYS A 41 3.13 -21.54 5.89
C LYS A 41 4.38 -21.93 6.67
N TYR A 42 5.00 -20.93 7.29
CA TYR A 42 6.09 -21.13 8.23
C TYR A 42 5.53 -21.53 9.59
N GLY A 43 5.58 -22.82 9.90
CA GLY A 43 5.06 -23.27 11.18
C GLY A 43 6.09 -23.32 12.28
N CYS A 44 7.18 -24.07 12.09
CA CYS A 44 8.20 -24.19 13.13
C CYS A 44 9.64 -24.09 12.63
N GLY A 45 9.93 -24.41 11.36
CA GLY A 45 11.28 -24.40 10.88
C GLY A 45 12.16 -25.53 11.38
N GLY A 46 11.62 -26.43 12.19
CA GLY A 46 12.41 -27.49 12.78
C GLY A 46 11.88 -28.87 12.50
N GLY A 47 10.86 -28.96 11.64
CA GLY A 47 10.31 -30.24 11.23
C GLY A 47 9.18 -30.76 12.07
N GLY A 48 8.91 -30.15 13.22
CA GLY A 48 7.86 -30.67 14.09
C GLY A 48 6.46 -30.46 13.53
N CYS A 49 6.19 -29.27 13.01
CA CYS A 49 4.81 -28.84 12.75
C CYS A 49 4.16 -29.61 11.61
N GLY A 50 4.79 -29.61 10.44
CA GLY A 50 4.20 -30.20 9.26
C GLY A 50 3.37 -29.24 8.43
N ALA A 51 3.50 -27.94 8.67
CA ALA A 51 2.69 -26.97 7.94
C ALA A 51 3.17 -26.77 6.51
N CYS A 52 4.46 -26.97 6.27
CA CYS A 52 5.08 -26.63 4.99
C CYS A 52 5.10 -27.80 4.01
N THR A 53 4.12 -28.70 4.11
CA THR A 53 4.08 -29.86 3.22
C THR A 53 4.04 -29.43 1.76
N VAL A 54 4.88 -30.06 0.96
CA VAL A 54 4.97 -29.78 -0.48
C VAL A 54 5.21 -31.11 -1.17
N MET A 55 4.57 -31.30 -2.32
CA MET A 55 4.78 -32.53 -3.09
C MET A 55 6.02 -32.38 -3.96
N ILE A 56 6.85 -33.42 -3.97
CA ILE A 56 8.02 -33.45 -4.84
C ILE A 56 7.97 -34.73 -5.67
N SER A 57 8.06 -34.57 -6.98
CA SER A 57 8.06 -35.69 -7.91
C SER A 57 9.41 -35.77 -8.59
N ARG A 58 9.97 -36.98 -8.64
CA ARG A 58 11.28 -37.21 -9.26
C ARG A 58 11.18 -38.39 -10.20
N TYR A 59 11.77 -38.25 -11.37
CA TYR A 59 11.72 -39.27 -12.42
C TYR A 59 13.01 -40.09 -12.40
N ASN A 60 12.87 -41.41 -12.54
CA ASN A 60 14.04 -42.27 -12.64
C ASN A 60 14.23 -42.68 -14.10
N PRO A 61 15.34 -42.29 -14.72
CA PRO A 61 15.52 -42.57 -16.15
C PRO A 61 15.65 -44.04 -16.47
N ILE A 62 15.93 -44.88 -15.47
CA ILE A 62 16.03 -46.32 -15.68
C ILE A 62 14.66 -46.97 -15.62
N THR A 63 13.92 -46.74 -14.52
CA THR A 63 12.63 -47.40 -14.33
C THR A 63 11.54 -46.82 -15.22
N LYS A 64 11.79 -45.68 -15.88
CA LYS A 64 10.80 -45.03 -16.74
C LYS A 64 9.54 -44.65 -15.97
N ARG A 65 9.70 -44.31 -14.68
CA ARG A 65 8.58 -43.93 -13.83
C ARG A 65 8.99 -42.82 -12.88
N ILE A 66 7.98 -42.12 -12.38
CA ILE A 66 8.15 -40.98 -11.50
C ILE A 66 7.59 -41.33 -10.13
N ARG A 67 8.34 -40.98 -9.09
CA ARG A 67 7.95 -41.23 -7.71
C ARG A 67 7.56 -39.92 -7.06
N HIS A 68 6.40 -39.92 -6.39
CA HIS A 68 5.86 -38.75 -5.71
C HIS A 68 6.02 -38.91 -4.21
N HIS A 69 6.42 -37.84 -3.54
CA HIS A 69 6.55 -37.93 -2.09
C HIS A 69 6.36 -36.55 -1.47
N PRO A 70 5.73 -36.49 -0.30
CA PRO A 70 5.62 -35.21 0.42
C PRO A 70 6.89 -34.89 1.18
N ALA A 71 7.05 -33.61 1.49
CA ALA A 71 8.24 -33.19 2.21
C ALA A 71 8.00 -31.84 2.88
N ASN A 72 8.71 -31.61 3.97
CA ASN A 72 8.66 -30.34 4.69
C ASN A 72 9.60 -29.35 4.03
N ALA A 73 9.04 -28.28 3.46
CA ALA A 73 9.85 -27.33 2.72
C ALA A 73 10.69 -26.43 3.61
N CYS A 74 10.48 -26.46 4.93
CA CYS A 74 11.22 -25.56 5.81
C CYS A 74 12.60 -26.08 6.14
N LEU A 75 12.89 -27.36 5.85
CA LEU A 75 14.23 -27.90 5.99
C LEU A 75 14.90 -28.18 4.66
N ILE A 76 14.13 -28.28 3.58
CA ILE A 76 14.69 -28.58 2.25
C ILE A 76 15.55 -27.42 1.79
N PRO A 77 16.79 -27.64 1.40
CA PRO A 77 17.58 -26.56 0.81
C PRO A 77 17.27 -26.41 -0.67
N ILE A 78 17.66 -25.26 -1.22
CA ILE A 78 17.38 -24.97 -2.63
C ILE A 78 18.12 -25.94 -3.53
N CYS A 79 19.39 -26.21 -3.22
CA CYS A 79 20.31 -26.88 -4.10
C CYS A 79 20.14 -28.38 -4.12
N SER A 80 18.98 -28.91 -3.72
CA SER A 80 18.72 -30.34 -3.81
C SER A 80 17.57 -30.65 -4.76
N LEU A 81 17.15 -29.68 -5.57
CA LEU A 81 15.92 -29.80 -6.34
C LEU A 81 16.16 -29.83 -7.83
N TYR A 82 17.40 -30.04 -8.26
CA TYR A 82 17.71 -29.94 -9.68
C TYR A 82 17.03 -31.07 -10.43
N GLY A 83 15.94 -30.75 -11.14
CA GLY A 83 15.23 -31.73 -11.92
C GLY A 83 13.98 -32.32 -11.29
N ALA A 84 13.55 -31.80 -10.15
CA ALA A 84 12.37 -32.31 -9.45
C ALA A 84 11.21 -31.34 -9.57
N ALA A 85 10.01 -31.89 -9.61
CA ALA A 85 8.79 -31.10 -9.67
C ALA A 85 8.33 -30.77 -8.25
N VAL A 86 8.20 -29.48 -7.96
CA VAL A 86 7.71 -28.98 -6.68
C VAL A 86 6.28 -28.50 -6.87
N THR A 87 5.36 -29.06 -6.09
CA THR A 87 3.94 -28.74 -6.22
C THR A 87 3.41 -28.26 -4.86
N THR A 88 2.89 -27.05 -4.83
CA THR A 88 2.30 -26.45 -3.65
C THR A 88 0.78 -26.56 -3.73
N VAL A 89 0.11 -25.93 -2.76
CA VAL A 89 -1.35 -25.96 -2.70
C VAL A 89 -1.99 -25.23 -3.86
N GLU A 90 -1.24 -24.36 -4.52
CA GLU A 90 -1.76 -23.48 -5.55
C GLU A 90 -1.76 -24.13 -6.92
N GLY A 91 -1.32 -25.38 -7.03
CA GLY A 91 -1.19 -26.03 -8.31
C GLY A 91 -2.24 -27.07 -8.59
N ILE A 92 -3.03 -27.43 -7.58
CA ILE A 92 -4.03 -28.48 -7.77
C ILE A 92 -5.37 -27.90 -8.21
N GLY A 93 -5.74 -26.74 -7.70
CA GLY A 93 -6.97 -26.09 -8.11
C GLY A 93 -6.97 -24.69 -7.55
N SER A 94 -7.83 -23.86 -8.12
CA SER A 94 -7.90 -22.47 -7.70
C SER A 94 -9.32 -21.95 -7.87
N THR A 95 -9.58 -20.83 -7.20
CA THR A 95 -10.92 -20.24 -7.23
C THR A 95 -11.31 -19.74 -8.62
N HIS A 96 -10.35 -19.56 -9.53
CA HIS A 96 -10.66 -19.24 -10.91
C HIS A 96 -10.88 -20.48 -11.76
N THR A 97 -10.02 -21.47 -11.62
CA THR A 97 -10.08 -22.68 -12.44
C THR A 97 -10.89 -23.76 -11.73
N ARG A 98 -10.84 -24.98 -12.23
CA ARG A 98 -11.52 -26.09 -11.59
C ARG A 98 -10.90 -26.37 -10.23
N ILE A 99 -11.72 -26.44 -9.20
CA ILE A 99 -11.25 -26.81 -7.87
C ILE A 99 -11.12 -28.32 -7.78
N HIS A 100 -10.04 -28.78 -7.17
CA HIS A 100 -9.83 -30.21 -7.04
C HIS A 100 -10.78 -30.75 -5.98
N PRO A 101 -11.25 -31.99 -6.13
CA PRO A 101 -12.18 -32.55 -5.14
C PRO A 101 -11.64 -32.62 -3.72
N VAL A 102 -10.32 -32.64 -3.50
CA VAL A 102 -9.82 -32.73 -2.13
C VAL A 102 -10.11 -31.44 -1.36
N GLN A 103 -9.84 -30.28 -1.96
CA GLN A 103 -10.15 -29.01 -1.28
C GLN A 103 -11.64 -28.82 -1.15
N GLU A 104 -12.40 -29.22 -2.18
CA GLU A 104 -13.86 -29.13 -2.13
C GLU A 104 -14.43 -29.95 -0.99
N ARG A 105 -13.92 -31.16 -0.78
CA ARG A 105 -14.44 -32.01 0.29
C ARG A 105 -13.86 -31.67 1.64
N ILE A 106 -12.67 -31.05 1.72
CA ILE A 106 -12.17 -30.63 3.02
C ILE A 106 -12.79 -29.32 3.46
N ALA A 107 -13.37 -28.55 2.55
CA ALA A 107 -14.11 -27.36 2.96
C ALA A 107 -15.59 -27.66 3.15
N LYS A 108 -16.15 -28.53 2.31
CA LYS A 108 -17.55 -28.90 2.45
C LYS A 108 -17.83 -29.59 3.77
N CYS A 109 -16.92 -30.44 4.24
CA CYS A 109 -17.09 -31.18 5.48
C CYS A 109 -16.66 -30.38 6.70
N HIS A 110 -16.52 -29.06 6.58
CA HIS A 110 -16.21 -28.16 7.69
C HIS A 110 -14.91 -28.57 8.39
N GLY A 111 -13.90 -28.88 7.60
CA GLY A 111 -12.60 -29.25 8.10
C GLY A 111 -11.65 -28.09 8.35
N THR A 112 -12.13 -26.85 8.22
CA THR A 112 -11.29 -25.67 8.37
C THR A 112 -11.87 -24.79 9.46
N GLN A 113 -11.01 -24.33 10.37
CA GLN A 113 -11.40 -23.30 11.32
C GLN A 113 -10.53 -22.06 11.24
N CYS A 114 -9.22 -22.19 11.39
CA CYS A 114 -8.30 -21.07 11.26
C CYS A 114 -7.69 -20.99 9.87
N GLY A 115 -7.50 -22.12 9.20
CA GLY A 115 -6.98 -22.13 7.85
C GLY A 115 -5.48 -22.03 7.74
N PHE A 116 -4.76 -22.02 8.85
CA PHE A 116 -3.31 -21.96 8.81
C PHE A 116 -2.69 -23.35 8.85
N CYS A 117 -3.51 -24.39 8.75
CA CYS A 117 -3.04 -25.76 8.71
C CYS A 117 -3.55 -26.54 7.50
N THR A 118 -4.55 -26.04 6.79
CA THR A 118 -5.20 -26.79 5.71
C THR A 118 -4.39 -26.98 4.41
N PRO A 119 -3.46 -26.10 4.00
CA PRO A 119 -2.78 -26.39 2.73
C PRO A 119 -1.86 -27.60 2.82
N GLY A 120 -1.09 -27.72 3.90
CA GLY A 120 -0.26 -28.90 4.06
C GLY A 120 -1.08 -30.17 4.10
N MET A 121 -2.23 -30.12 4.78
CA MET A 121 -3.01 -31.34 4.94
C MET A 121 -3.71 -31.72 3.64
N VAL A 122 -4.15 -30.72 2.87
CA VAL A 122 -4.77 -31.05 1.59
C VAL A 122 -3.70 -31.55 0.61
N MET A 123 -2.46 -31.07 0.73
CA MET A 123 -1.43 -31.63 -0.13
C MET A 123 -1.07 -33.05 0.27
N SER A 124 -1.11 -33.37 1.57
CA SER A 124 -0.88 -34.73 2.01
C SER A 124 -1.94 -35.67 1.45
N ILE A 125 -3.22 -35.28 1.55
CA ILE A 125 -4.27 -36.14 1.02
C ILE A 125 -4.17 -36.25 -0.50
N TYR A 126 -3.79 -35.15 -1.17
CA TYR A 126 -3.61 -35.23 -2.62
C TYR A 126 -2.48 -36.17 -3.00
N THR A 127 -1.37 -36.11 -2.27
CA THR A 127 -0.23 -36.96 -2.57
C THR A 127 -0.58 -38.43 -2.40
N LEU A 128 -1.32 -38.76 -1.33
CA LEU A 128 -1.69 -40.15 -1.15
C LEU A 128 -2.71 -40.61 -2.20
N LEU A 129 -3.62 -39.73 -2.62
CA LEU A 129 -4.55 -40.11 -3.69
C LEU A 129 -3.81 -40.32 -5.01
N ARG A 130 -2.76 -39.54 -5.28
CA ARG A 130 -1.96 -39.79 -6.47
C ARG A 130 -1.26 -41.13 -6.38
N ASN A 131 -0.61 -41.41 -5.25
CA ASN A 131 0.08 -42.68 -5.11
C ASN A 131 -0.90 -43.84 -5.03
N HIS A 132 -2.03 -43.64 -4.35
CA HIS A 132 -3.00 -44.71 -4.10
C HIS A 132 -4.37 -44.29 -4.61
N PRO A 133 -4.95 -45.01 -5.56
CA PRO A 133 -6.25 -44.59 -6.11
C PRO A 133 -7.43 -44.82 -5.18
N GLU A 134 -7.49 -46.01 -4.56
CA GLU A 134 -8.59 -46.39 -3.67
C GLU A 134 -8.00 -46.82 -2.33
N PRO A 135 -7.72 -45.88 -1.45
CA PRO A 135 -6.98 -46.19 -0.23
C PRO A 135 -7.89 -46.73 0.87
N THR A 136 -7.28 -46.91 2.05
CA THR A 136 -7.97 -47.25 3.27
C THR A 136 -7.79 -46.12 4.26
N LEU A 137 -8.70 -46.01 5.22
CA LEU A 137 -8.59 -44.98 6.26
C LEU A 137 -7.28 -45.09 7.02
N ASP A 138 -6.74 -46.31 7.16
CA ASP A 138 -5.45 -46.47 7.81
C ASP A 138 -4.36 -45.72 7.06
N GLN A 139 -4.35 -45.84 5.72
CA GLN A 139 -3.37 -45.14 4.92
C GLN A 139 -3.52 -43.63 5.03
N LEU A 140 -4.76 -43.15 5.01
CA LEU A 140 -5.00 -41.71 5.09
C LEU A 140 -4.53 -41.14 6.42
N THR A 141 -4.86 -41.83 7.52
CA THR A 141 -4.42 -41.40 8.83
C THR A 141 -2.91 -41.51 8.98
N ASP A 142 -2.30 -42.50 8.34
CA ASP A 142 -0.85 -42.59 8.31
C ASP A 142 -0.25 -41.38 7.59
N ALA A 143 -0.86 -40.98 6.48
CA ALA A 143 -0.37 -39.82 5.73
C ALA A 143 -0.46 -38.55 6.54
N LEU A 144 -1.57 -38.35 7.24
CA LEU A 144 -1.77 -37.08 7.96
C LEU A 144 -1.17 -37.02 9.37
N GLY A 145 -0.41 -38.02 9.75
CA GLY A 145 0.12 -38.07 11.11
C GLY A 145 1.05 -36.94 11.48
N GLY A 146 1.95 -36.57 10.58
CA GLY A 146 2.89 -35.49 10.84
C GLY A 146 2.25 -34.14 11.04
N ASN A 147 1.22 -33.84 10.25
CA ASN A 147 0.57 -32.53 10.31
C ASN A 147 -0.12 -32.22 11.63
N LEU A 148 -0.02 -30.97 12.09
CA LEU A 148 -0.63 -30.58 13.37
C LEU A 148 -1.74 -29.54 13.21
N CYS A 149 -2.61 -29.42 14.22
CA CYS A 149 -3.71 -28.46 14.18
C CYS A 149 -4.04 -28.07 15.62
N ARG A 150 -3.82 -26.80 15.95
CA ARG A 150 -4.14 -26.28 17.27
C ARG A 150 -5.63 -26.01 17.45
N CYS A 151 -6.42 -26.07 16.39
CA CYS A 151 -7.81 -25.60 16.42
C CYS A 151 -8.84 -26.70 16.24
N THR A 152 -8.75 -27.47 15.16
CA THR A 152 -9.89 -28.27 14.71
C THR A 152 -10.17 -29.45 15.63
N GLY A 153 -9.13 -30.19 16.02
CA GLY A 153 -9.34 -31.48 16.64
C GLY A 153 -9.48 -32.62 15.65
N TYR A 154 -9.26 -32.36 14.37
CA TYR A 154 -9.02 -33.34 13.31
C TYR A 154 -10.23 -34.15 12.89
N ARG A 155 -11.33 -34.12 13.64
CA ARG A 155 -12.44 -35.02 13.32
C ARG A 155 -13.04 -34.77 11.93
N PRO A 156 -13.36 -33.53 11.53
CA PRO A 156 -13.91 -33.36 10.17
C PRO A 156 -12.94 -33.71 9.06
N ILE A 157 -11.64 -33.71 9.34
CA ILE A 157 -10.67 -34.07 8.31
C ILE A 157 -10.72 -35.56 8.01
N ILE A 158 -10.76 -36.40 9.05
CA ILE A 158 -11.04 -37.81 8.85
C ILE A 158 -12.44 -38.02 8.28
N ASP A 159 -13.40 -37.16 8.66
CA ASP A 159 -14.74 -37.26 8.09
C ASP A 159 -14.71 -37.06 6.57
N ALA A 160 -13.94 -36.09 6.10
CA ALA A 160 -13.81 -35.85 4.68
C ALA A 160 -12.98 -36.94 4.00
N CYS A 161 -12.06 -37.55 4.74
CA CYS A 161 -11.28 -38.65 4.16
C CYS A 161 -12.11 -39.93 4.05
N LYS A 162 -13.13 -40.08 4.90
CA LYS A 162 -13.88 -41.34 4.97
C LYS A 162 -14.68 -41.63 3.71
N THR A 163 -14.86 -40.65 2.82
CA THR A 163 -15.61 -40.89 1.59
C THR A 163 -14.74 -41.38 0.45
N PHE A 164 -13.42 -41.19 0.52
CA PHE A 164 -12.54 -41.69 -0.51
C PHE A 164 -12.49 -43.21 -0.51
N CYS A 165 -12.39 -43.81 0.67
CA CYS A 165 -12.31 -45.26 0.77
C CYS A 165 -13.60 -45.92 0.28
N LYS A 166 -13.46 -47.08 -0.35
CA LYS A 166 -14.60 -47.81 -0.86
C LYS A 166 -14.87 -49.06 -0.02
N GLU A 215 -5.80 -33.39 -14.29
CA GLU A 215 -4.69 -34.04 -13.61
C GLU A 215 -3.37 -33.32 -13.90
N LEU A 216 -2.57 -33.12 -12.85
CA LEU A 216 -1.26 -32.51 -13.02
C LEU A 216 -0.34 -33.48 -13.73
N ILE A 217 0.56 -32.94 -14.55
CA ILE A 217 1.45 -33.73 -15.38
C ILE A 217 2.90 -33.30 -15.11
N PHE A 218 3.78 -34.28 -15.00
CA PHE A 218 5.20 -34.01 -14.88
C PHE A 218 5.70 -33.31 -16.14
N PRO A 219 6.53 -32.28 -16.02
CA PRO A 219 7.02 -31.56 -17.20
C PRO A 219 7.90 -32.46 -18.05
N PRO A 220 7.69 -32.44 -19.38
CA PRO A 220 8.54 -33.26 -20.26
C PRO A 220 9.99 -32.81 -20.30
N GLU A 221 10.29 -31.54 -20.04
CA GLU A 221 11.67 -31.08 -20.03
C GLU A 221 12.48 -31.80 -18.96
N LEU A 222 11.87 -31.98 -17.78
CA LEU A 222 12.55 -32.68 -16.70
C LEU A 222 12.86 -34.13 -17.08
N MET A 223 11.88 -34.83 -17.66
CA MET A 223 12.12 -36.23 -17.98
C MET A 223 13.12 -36.38 -19.13
N ILE A 224 13.15 -35.43 -20.07
CA ILE A 224 14.14 -35.57 -21.13
C ILE A 224 15.55 -35.22 -20.64
N MET A 225 15.71 -34.23 -19.75
CA MET A 225 17.07 -33.99 -19.28
C MET A 225 17.51 -35.02 -18.25
N ALA A 226 16.55 -35.76 -17.68
CA ALA A 226 16.92 -36.95 -16.91
C ALA A 226 17.27 -38.13 -17.81
N GLU A 227 16.60 -38.26 -18.95
CA GLU A 227 16.99 -39.29 -19.90
C GLU A 227 18.36 -39.03 -20.50
N LYS A 228 18.75 -37.76 -20.64
CA LYS A 228 20.12 -37.47 -21.04
C LYS A 228 21.09 -37.70 -19.89
N GLN A 229 20.97 -36.90 -18.83
CA GLN A 229 21.68 -37.09 -17.56
C GLN A 229 23.18 -37.28 -17.76
N SER A 230 23.82 -36.21 -18.23
CA SER A 230 25.28 -36.24 -18.33
C SER A 230 25.90 -36.40 -16.94
N GLN A 231 27.18 -36.76 -16.94
CA GLN A 231 27.93 -36.91 -15.69
C GLN A 231 28.37 -35.53 -15.18
N ARG A 232 27.37 -34.75 -14.78
CA ARG A 232 27.60 -33.37 -14.37
C ARG A 232 27.72 -33.28 -12.85
N THR A 233 28.94 -33.01 -12.38
CA THR A 233 29.18 -32.71 -10.97
C THR A 233 29.07 -31.21 -10.77
N ARG A 234 28.12 -30.78 -9.94
CA ARG A 234 27.76 -29.38 -9.85
C ARG A 234 28.36 -28.73 -8.62
N VAL A 235 28.72 -27.46 -8.76
CA VAL A 235 29.23 -26.67 -7.66
C VAL A 235 28.35 -25.44 -7.50
N PHE A 236 27.87 -25.21 -6.29
CA PHE A 236 27.12 -24.01 -5.95
C PHE A 236 27.96 -23.23 -4.95
N GLY A 237 28.48 -22.10 -5.37
CA GLY A 237 29.41 -21.34 -4.57
C GLY A 237 28.77 -20.16 -3.87
N SER A 238 29.44 -19.71 -2.81
CA SER A 238 29.02 -18.54 -2.06
C SER A 238 30.24 -17.98 -1.35
N GLU A 239 30.09 -16.75 -0.84
CA GLU A 239 31.16 -16.12 -0.08
C GLU A 239 31.45 -16.85 1.22
N ARG A 240 30.42 -17.48 1.81
CA ARG A 240 30.56 -18.18 3.08
C ARG A 240 30.68 -19.68 2.90
N MET A 241 29.70 -20.30 2.24
CA MET A 241 29.57 -21.74 2.24
C MET A 241 29.55 -22.29 0.82
N MET A 242 30.39 -23.29 0.59
CA MET A 242 30.52 -23.98 -0.69
C MET A 242 29.69 -25.26 -0.68
N TRP A 243 29.06 -25.56 -1.81
CA TRP A 243 28.24 -26.75 -1.97
C TRP A 243 28.77 -27.52 -3.16
N PHE A 244 28.93 -28.83 -2.99
CA PHE A 244 29.33 -29.72 -4.06
C PHE A 244 28.31 -30.84 -4.19
N SER A 245 27.97 -31.19 -5.42
CA SER A 245 26.97 -32.22 -5.69
C SER A 245 27.50 -33.19 -6.73
N PRO A 246 27.88 -34.40 -6.32
CA PRO A 246 28.33 -35.41 -7.28
C PRO A 246 27.18 -36.23 -7.85
N VAL A 247 27.13 -36.29 -9.18
CA VAL A 247 26.19 -37.19 -9.85
C VAL A 247 26.75 -38.59 -9.94
N THR A 248 28.06 -38.76 -9.86
CA THR A 248 28.69 -40.07 -9.94
C THR A 248 29.23 -40.45 -8.58
N LEU A 249 29.39 -41.76 -8.38
CA LEU A 249 29.92 -42.26 -7.13
C LEU A 249 31.36 -41.79 -6.93
N LYS A 250 32.15 -41.82 -8.01
CA LYS A 250 33.58 -41.56 -7.91
C LYS A 250 33.87 -40.17 -7.39
N GLU A 251 33.15 -39.16 -7.89
CA GLU A 251 33.40 -37.79 -7.45
C GLU A 251 33.03 -37.59 -5.99
N LEU A 252 32.01 -38.30 -5.53
CA LEU A 252 31.68 -38.30 -4.11
C LEU A 252 32.82 -38.86 -3.29
N LEU A 253 33.38 -39.99 -3.73
CA LEU A 253 34.51 -40.57 -3.03
C LEU A 253 35.71 -39.62 -3.04
N GLU A 254 35.91 -38.91 -4.14
CA GLU A 254 37.04 -37.98 -4.25
C GLU A 254 36.87 -36.79 -3.31
N PHE A 255 35.68 -36.18 -3.30
CA PHE A 255 35.48 -35.01 -2.46
C PHE A 255 35.46 -35.37 -0.98
N LYS A 256 35.04 -36.59 -0.65
CA LYS A 256 35.23 -37.06 0.72
C LYS A 256 36.69 -37.27 1.04
N PHE A 257 37.46 -37.84 0.09
CA PHE A 257 38.91 -37.94 0.23
C PHE A 257 39.58 -36.58 0.24
N LYS A 258 38.88 -35.54 -0.18
CA LYS A 258 39.25 -34.14 0.03
C LYS A 258 38.91 -33.78 1.46
N TYR A 259 38.83 -32.48 1.77
CA TYR A 259 38.52 -31.97 3.11
C TYR A 259 37.33 -32.73 3.70
N PRO A 260 37.56 -33.56 4.72
CA PRO A 260 36.53 -34.48 5.19
C PRO A 260 35.58 -33.93 6.25
N GLN A 261 35.77 -32.70 6.73
CA GLN A 261 34.82 -32.06 7.66
C GLN A 261 33.50 -31.67 6.98
N ALA A 262 33.24 -32.11 5.75
CA ALA A 262 32.03 -31.76 5.05
C ALA A 262 31.02 -32.89 5.16
N PRO A 263 29.84 -32.63 5.72
CA PRO A 263 28.85 -33.68 5.87
C PRO A 263 28.26 -34.13 4.55
N VAL A 264 27.88 -35.41 4.51
CA VAL A 264 27.20 -35.98 3.36
C VAL A 264 25.71 -35.76 3.61
N ILE A 265 25.22 -34.59 3.23
CA ILE A 265 23.82 -34.24 3.44
C ILE A 265 22.94 -35.07 2.53
N MET A 266 21.93 -35.71 3.11
CA MET A 266 21.01 -36.47 2.28
C MET A 266 19.54 -36.14 2.60
N GLY A 267 19.25 -35.75 3.83
CA GLY A 267 17.89 -35.39 4.16
C GLY A 267 17.74 -34.08 4.91
N ASN A 268 18.85 -33.52 5.37
CA ASN A 268 18.91 -32.27 6.13
C ASN A 268 18.19 -32.35 7.46
N THR A 269 17.58 -33.49 7.79
CA THR A 269 16.77 -33.57 9.01
C THR A 269 17.58 -33.54 10.31
N SER A 270 18.85 -33.91 10.27
CA SER A 270 19.67 -33.89 11.46
C SER A 270 20.76 -32.83 11.44
N VAL A 271 21.08 -32.27 10.28
CA VAL A 271 22.07 -31.21 10.27
C VAL A 271 21.41 -29.84 10.38
N GLY A 272 20.17 -29.71 9.92
CA GLY A 272 19.44 -28.47 9.94
C GLY A 272 19.23 -27.90 11.34
N PRO A 273 18.74 -28.73 12.27
CA PRO A 273 18.67 -28.27 13.65
C PRO A 273 20.00 -27.86 14.24
N GLU A 274 21.07 -28.59 13.93
CA GLU A 274 22.38 -28.24 14.50
C GLU A 274 22.87 -26.91 13.96
N VAL A 275 22.74 -26.68 12.65
CA VAL A 275 23.18 -25.41 12.08
C VAL A 275 22.28 -24.27 12.53
N LYS A 276 21.02 -24.58 12.84
CA LYS A 276 20.10 -23.56 13.31
C LYS A 276 20.22 -23.25 14.81
N PHE A 277 19.59 -24.05 15.65
CA PHE A 277 19.59 -23.76 17.08
C PHE A 277 20.97 -23.77 17.73
N LYS A 278 21.77 -24.79 17.45
CA LYS A 278 23.14 -24.82 17.97
C LYS A 278 23.97 -23.70 17.34
N GLY A 279 23.74 -23.44 16.05
CA GLY A 279 24.46 -22.38 15.37
C GLY A 279 25.80 -22.71 14.72
N VAL A 280 26.16 -23.99 14.68
CA VAL A 280 27.40 -24.40 14.04
C VAL A 280 27.38 -24.12 12.54
N PHE A 281 28.53 -23.72 11.99
CA PHE A 281 28.60 -23.40 10.57
C PHE A 281 29.57 -24.29 9.80
N HIS A 282 29.17 -24.76 8.62
CA HIS A 282 30.03 -25.59 7.81
C HIS A 282 30.49 -24.80 6.61
N PRO A 283 31.80 -24.58 6.48
CA PRO A 283 32.33 -23.85 5.33
C PRO A 283 32.10 -24.60 4.02
N VAL A 284 32.22 -25.92 4.04
CA VAL A 284 32.05 -26.70 2.83
C VAL A 284 31.14 -27.88 3.10
N ILE A 285 30.24 -28.20 2.16
CA ILE A 285 29.39 -29.38 2.31
C ILE A 285 29.29 -30.14 0.99
N ILE A 286 28.87 -31.40 1.10
CA ILE A 286 28.76 -32.33 -0.01
C ILE A 286 27.37 -32.95 0.00
N SER A 287 26.82 -33.23 -1.18
CA SER A 287 25.49 -33.81 -1.26
C SER A 287 25.29 -34.63 -2.53
N PRO A 288 25.06 -35.93 -2.42
CA PRO A 288 25.00 -36.79 -3.61
C PRO A 288 23.79 -36.51 -4.47
N ASP A 289 23.81 -37.13 -5.64
CA ASP A 289 22.70 -37.17 -6.58
C ASP A 289 22.14 -38.59 -6.62
N ARG A 290 21.29 -38.89 -7.59
CA ARG A 290 20.76 -40.24 -7.72
C ARG A 290 21.84 -41.26 -8.08
N ILE A 291 22.40 -41.92 -7.07
CA ILE A 291 23.43 -42.93 -7.32
C ILE A 291 22.82 -44.29 -7.04
N GLU A 292 22.87 -45.19 -8.00
CA GLU A 292 22.22 -46.49 -7.86
C GLU A 292 22.78 -47.35 -6.74
N GLU A 293 24.08 -47.35 -6.54
CA GLU A 293 24.68 -48.20 -5.52
C GLU A 293 24.17 -47.85 -4.15
N LEU A 294 24.00 -46.56 -3.89
CA LEU A 294 23.47 -46.11 -2.61
C LEU A 294 22.01 -46.52 -2.40
N SER A 295 21.28 -46.85 -3.47
CA SER A 295 19.86 -47.20 -3.33
C SER A 295 19.46 -48.50 -4.02
N VAL A 296 19.75 -49.63 -3.39
CA VAL A 296 19.41 -50.93 -3.99
C VAL A 296 18.97 -51.99 -2.96
N VAL A 297 17.96 -52.79 -3.30
CA VAL A 297 17.50 -53.84 -2.39
C VAL A 297 17.95 -55.18 -2.94
N ASN A 298 18.58 -55.99 -2.09
CA ASN A 298 19.09 -57.27 -2.54
C ASN A 298 18.70 -58.36 -1.54
N HIS A 299 18.25 -59.49 -2.06
CA HIS A 299 17.94 -60.66 -1.24
C HIS A 299 19.07 -61.67 -1.42
N ALA A 300 19.58 -62.19 -0.31
CA ALA A 300 20.62 -63.21 -0.34
C ALA A 300 20.47 -64.11 0.86
N TYR A 301 21.29 -65.17 0.89
CA TYR A 301 21.27 -66.09 2.02
C TYR A 301 21.58 -65.38 3.33
N ASN A 302 22.33 -64.28 3.26
CA ASN A 302 22.54 -63.41 4.42
C ASN A 302 21.44 -62.36 4.54
N GLY A 303 20.19 -62.82 4.46
CA GLY A 303 19.07 -61.91 4.61
C GLY A 303 18.89 -60.95 3.46
N LEU A 304 19.02 -59.66 3.72
CA LEU A 304 18.86 -58.67 2.67
C LEU A 304 19.82 -57.51 2.90
N THR A 305 20.04 -56.76 1.82
CA THR A 305 20.98 -55.65 1.78
C THR A 305 20.23 -54.42 1.28
N LEU A 306 20.31 -53.34 2.05
CA LEU A 306 19.62 -52.08 1.77
C LEU A 306 20.62 -50.94 1.67
N GLY A 307 20.41 -50.06 0.70
CA GLY A 307 21.34 -48.97 0.49
C GLY A 307 21.13 -47.82 1.45
N ALA A 308 22.22 -47.12 1.74
CA ALA A 308 22.17 -45.98 2.65
C ALA A 308 21.40 -44.80 2.08
N GLY A 309 21.23 -44.74 0.76
CA GLY A 309 20.45 -43.69 0.14
C GLY A 309 18.97 -43.95 0.08
N LEU A 310 18.53 -45.10 0.58
CA LEU A 310 17.13 -45.46 0.54
C LEU A 310 16.41 -44.79 1.71
N SER A 311 15.35 -44.06 1.41
CA SER A 311 14.60 -43.35 2.45
C SER A 311 13.80 -44.33 3.30
N LEU A 312 13.47 -43.88 4.52
CA LEU A 312 12.81 -44.74 5.49
C LEU A 312 11.44 -45.20 5.01
N ALA A 313 10.77 -44.41 4.17
CA ALA A 313 9.48 -44.82 3.63
C ALA A 313 9.65 -45.96 2.63
N GLN A 314 10.65 -45.86 1.76
CA GLN A 314 10.95 -46.97 0.85
C GLN A 314 11.35 -48.21 1.63
N VAL A 315 12.14 -48.02 2.70
CA VAL A 315 12.54 -49.14 3.55
C VAL A 315 11.31 -49.81 4.15
N LYS A 316 10.37 -49.00 4.65
CA LYS A 316 9.17 -49.56 5.25
C LYS A 316 8.35 -50.34 4.24
N ASP A 317 8.21 -49.80 3.02
CA ASP A 317 7.44 -50.52 2.00
C ASP A 317 8.11 -51.82 1.61
N ILE A 318 9.44 -51.82 1.47
CA ILE A 318 10.15 -53.04 1.09
C ILE A 318 10.03 -54.09 2.19
N LEU A 319 10.19 -53.67 3.44
CA LEU A 319 10.02 -54.62 4.54
C LEU A 319 8.60 -55.15 4.62
N ALA A 320 7.62 -54.28 4.41
CA ALA A 320 6.23 -54.71 4.49
C ALA A 320 5.90 -55.70 3.39
N ASP A 321 6.47 -55.52 2.20
CA ASP A 321 6.20 -56.52 1.17
C ASP A 321 7.00 -57.79 1.39
N VAL A 322 8.22 -57.70 1.93
CA VAL A 322 9.01 -58.90 2.09
C VAL A 322 8.49 -59.77 3.24
N VAL A 323 7.87 -59.20 4.26
CA VAL A 323 7.36 -60.01 5.36
C VAL A 323 6.12 -60.78 5.00
N GLN A 324 5.57 -60.60 3.81
CA GLN A 324 4.42 -61.35 3.34
C GLN A 324 4.78 -62.44 2.35
N LYS A 325 6.07 -62.66 2.09
CA LYS A 325 6.49 -63.64 1.11
C LYS A 325 7.00 -64.93 1.74
N LEU A 326 7.94 -64.82 2.65
CA LEU A 326 8.64 -65.95 3.24
C LEU A 326 8.16 -66.20 4.66
N PRO A 327 8.28 -67.44 5.16
CA PRO A 327 7.65 -67.80 6.43
C PRO A 327 8.14 -66.94 7.59
N GLU A 328 7.24 -66.74 8.57
CA GLU A 328 7.56 -65.93 9.75
C GLU A 328 8.61 -66.57 10.63
N GLU A 329 8.91 -67.85 10.44
CA GLU A 329 10.00 -68.48 11.19
C GLU A 329 11.35 -67.91 10.79
N LYS A 330 11.44 -67.26 9.64
CA LYS A 330 12.68 -66.61 9.19
C LYS A 330 12.72 -65.13 9.52
N THR A 331 11.57 -64.51 9.79
CA THR A 331 11.45 -63.07 9.94
C THR A 331 11.06 -62.74 11.37
N GLN A 332 11.99 -62.13 12.11
CA GLN A 332 11.71 -61.55 13.41
C GLN A 332 12.23 -60.13 13.54
N MET A 333 13.37 -59.83 12.92
CA MET A 333 13.92 -58.49 13.01
C MET A 333 13.27 -57.54 12.01
N TYR A 334 12.76 -58.06 10.90
CA TYR A 334 12.00 -57.22 9.97
C TYR A 334 10.75 -56.69 10.64
N HIS A 335 10.07 -57.53 11.42
CA HIS A 335 8.86 -57.09 12.11
C HIS A 335 9.18 -56.02 13.15
N ALA A 336 10.31 -56.16 13.85
CA ALA A 336 10.70 -55.12 14.80
C ALA A 336 10.99 -53.81 14.09
N LEU A 337 11.70 -53.88 12.95
CA LEU A 337 11.98 -52.66 12.19
C LEU A 337 10.70 -52.02 11.68
N LEU A 338 9.76 -52.82 11.18
CA LEU A 338 8.47 -52.29 10.75
C LEU A 338 7.71 -51.67 11.91
N LYS A 339 7.78 -52.30 13.08
CA LYS A 339 7.09 -51.79 14.25
C LYS A 339 7.62 -50.43 14.66
N HIS A 340 8.93 -50.24 14.60
CA HIS A 340 9.47 -48.92 14.90
C HIS A 340 9.47 -47.97 13.71
N LEU A 341 9.11 -48.46 12.52
CA LEU A 341 9.02 -47.59 11.35
C LEU A 341 7.63 -47.02 11.15
N GLY A 342 6.59 -47.77 11.53
CA GLY A 342 5.24 -47.24 11.47
C GLY A 342 4.97 -46.16 12.49
N THR A 343 5.83 -46.02 13.49
CA THR A 343 5.68 -45.02 14.55
C THR A 343 6.71 -43.90 14.46
N LEU A 344 7.52 -43.86 13.42
CA LEU A 344 8.50 -42.80 13.30
C LEU A 344 7.81 -41.54 12.81
N ALA A 345 8.48 -40.39 13.03
CA ALA A 345 7.86 -39.06 13.14
C ALA A 345 6.65 -38.82 12.25
N GLY A 346 6.83 -38.92 10.94
CA GLY A 346 5.71 -38.66 10.04
C GLY A 346 6.11 -39.04 8.63
N SER A 347 5.09 -39.07 7.76
CA SER A 347 5.33 -39.47 6.37
C SER A 347 6.28 -38.51 5.68
N GLN A 348 6.23 -37.22 6.04
CA GLN A 348 7.14 -36.24 5.46
C GLN A 348 8.58 -36.55 5.83
N ILE A 349 8.86 -36.71 7.13
CA ILE A 349 10.22 -37.00 7.56
C ILE A 349 10.65 -38.38 7.10
N ARG A 350 9.73 -39.35 7.10
CA ARG A 350 10.04 -40.67 6.60
C ARG A 350 10.38 -40.66 5.12
N ASN A 351 9.87 -39.70 4.37
CA ASN A 351 10.25 -39.58 2.96
C ASN A 351 11.40 -38.59 2.74
N MET A 352 11.83 -37.87 3.78
CA MET A 352 13.01 -37.02 3.70
C MET A 352 14.27 -37.68 4.23
N ALA A 353 14.15 -38.61 5.16
CA ALA A 353 15.29 -39.19 5.86
C ALA A 353 15.56 -40.61 5.35
N SER A 354 16.82 -41.01 5.41
CA SER A 354 17.27 -42.26 4.84
C SER A 354 17.97 -43.11 5.90
N LEU A 355 18.34 -44.32 5.49
CA LEU A 355 18.94 -45.28 6.42
C LEU A 355 20.27 -44.78 6.94
N GLY A 356 21.18 -44.41 6.04
CA GLY A 356 22.54 -44.13 6.43
C GLY A 356 22.66 -42.93 7.35
N GLY A 357 21.90 -41.87 7.05
CA GLY A 357 21.96 -40.68 7.89
C GLY A 357 21.51 -40.96 9.30
N HIS A 358 20.46 -41.77 9.45
CA HIS A 358 20.00 -42.15 10.78
C HIS A 358 21.05 -42.99 11.49
N ILE A 359 21.69 -43.91 10.78
CA ILE A 359 22.67 -44.80 11.41
C ILE A 359 23.86 -43.98 11.92
N ILE A 360 24.35 -43.05 11.11
CA ILE A 360 25.58 -42.34 11.47
C ILE A 360 25.31 -41.04 12.24
N SER A 361 24.05 -40.67 12.42
CA SER A 361 23.75 -39.41 13.09
C SER A 361 24.17 -39.40 14.56
N ARG A 362 24.20 -40.57 15.20
CA ARG A 362 24.52 -40.72 16.63
C ARG A 362 23.61 -39.86 17.50
N HIS A 363 22.33 -40.02 17.29
CA HIS A 363 21.34 -39.43 18.16
C HIS A 363 20.94 -40.44 19.22
N PRO A 364 21.08 -40.11 20.50
CA PRO A 364 20.81 -41.10 21.55
C PRO A 364 19.39 -41.63 21.55
N ASP A 365 18.43 -40.83 21.13
CA ASP A 365 17.02 -41.20 21.08
C ASP A 365 16.64 -42.01 19.86
N SER A 366 17.60 -42.61 19.16
CA SER A 366 17.32 -43.23 17.88
C SER A 366 16.39 -44.42 18.03
N ASP A 367 15.35 -44.45 17.20
CA ASP A 367 14.30 -45.46 17.28
C ASP A 367 14.63 -46.74 16.53
N LEU A 368 15.65 -46.72 15.68
CA LEU A 368 15.99 -47.90 14.90
C LEU A 368 17.37 -48.47 15.23
N ASN A 369 18.24 -47.69 15.88
CA ASN A 369 19.57 -48.18 16.20
C ASN A 369 19.57 -49.39 17.13
N PRO A 370 18.87 -49.42 18.27
CA PRO A 370 18.94 -50.60 19.13
C PRO A 370 18.43 -51.88 18.49
N ILE A 371 17.47 -51.78 17.57
CA ILE A 371 17.05 -52.98 16.84
C ILE A 371 18.20 -53.50 15.99
N LEU A 372 18.97 -52.59 15.39
CA LEU A 372 20.13 -53.00 14.60
C LEU A 372 21.30 -53.41 15.49
N ALA A 373 21.47 -52.78 16.65
CA ALA A 373 22.60 -53.07 17.51
C ALA A 373 22.50 -54.42 18.20
N VAL A 374 21.41 -55.15 17.99
CA VAL A 374 21.25 -56.49 18.55
C VAL A 374 21.11 -57.56 17.49
N GLY A 375 20.92 -57.18 16.22
CA GLY A 375 20.55 -58.13 15.19
C GLY A 375 21.66 -58.62 14.28
N ASN A 376 22.92 -58.48 14.73
CA ASN A 376 24.09 -58.94 13.99
C ASN A 376 24.20 -58.25 12.62
N CYS A 377 24.40 -56.92 12.66
CA CYS A 377 24.41 -56.12 11.45
C CYS A 377 25.77 -55.49 11.21
N THR A 378 26.15 -55.43 9.93
CA THR A 378 27.45 -54.98 9.49
C THR A 378 27.30 -53.90 8.42
N LEU A 379 27.94 -52.78 8.65
CA LEU A 379 27.96 -51.68 7.69
C LEU A 379 29.05 -51.90 6.66
N ASN A 380 28.68 -51.78 5.38
CA ASN A 380 29.63 -51.82 4.27
C ASN A 380 30.10 -50.42 3.96
N LEU A 381 31.40 -50.28 3.66
CA LEU A 381 32.02 -48.99 3.46
C LEU A 381 32.75 -49.00 2.11
N LEU A 382 33.15 -47.82 1.66
CA LEU A 382 33.86 -47.70 0.39
C LEU A 382 34.51 -46.34 0.30
N SER A 383 35.76 -46.29 -0.17
CA SER A 383 36.49 -45.04 -0.32
C SER A 383 37.66 -45.27 -1.28
N LYS A 384 38.45 -44.20 -1.48
CA LYS A 384 39.57 -44.25 -2.40
C LYS A 384 40.58 -45.32 -2.01
N GLU A 385 40.77 -45.53 -0.71
CA GLU A 385 41.58 -46.64 -0.24
C GLU A 385 40.73 -47.89 0.03
N GLY A 386 39.91 -48.27 -0.96
CA GLY A 386 39.32 -49.59 -0.96
C GLY A 386 38.00 -49.72 -0.21
N LYS A 387 37.76 -50.96 0.22
CA LYS A 387 36.48 -51.43 0.76
C LYS A 387 36.67 -51.88 2.21
N ARG A 388 35.56 -51.96 2.94
CA ARG A 388 35.58 -52.43 4.32
C ARG A 388 34.19 -52.89 4.72
N GLN A 389 34.12 -53.66 5.80
CA GLN A 389 32.88 -54.24 6.29
C GLN A 389 32.98 -54.40 7.80
N ILE A 390 32.41 -53.46 8.55
CA ILE A 390 32.59 -53.43 10.00
C ILE A 390 31.26 -53.80 10.64
N PRO A 391 31.27 -54.25 11.89
CA PRO A 391 30.01 -54.50 12.59
C PRO A 391 29.53 -53.32 13.42
N LEU A 392 28.21 -53.25 13.60
CA LEU A 392 27.59 -52.20 14.41
C LEU A 392 27.31 -52.75 15.81
N ASN A 393 27.99 -52.18 16.80
CA ASN A 393 27.84 -52.57 18.19
C ASN A 393 28.09 -51.31 19.02
N GLU A 394 28.29 -51.49 20.34
CA GLU A 394 28.55 -50.34 21.19
C GLU A 394 29.78 -49.57 20.75
N GLN A 395 30.80 -50.29 20.27
CA GLN A 395 32.03 -49.62 19.87
C GLN A 395 31.80 -48.67 18.70
N PHE A 396 30.79 -48.96 17.89
CA PHE A 396 30.47 -48.05 16.78
C PHE A 396 29.76 -46.81 17.30
N LEU A 397 28.94 -46.96 18.34
CA LEU A 397 28.14 -45.82 18.83
C LEU A 397 28.78 -45.02 19.95
N SER A 398 29.78 -45.58 20.62
CA SER A 398 30.45 -44.89 21.72
C SER A 398 31.36 -43.77 21.24
N LYS A 399 31.62 -43.72 19.93
CA LYS A 399 32.48 -42.69 19.32
C LYS A 399 33.97 -42.96 19.49
N CYS A 400 34.31 -44.14 20.00
CA CYS A 400 35.72 -44.51 20.09
C CYS A 400 36.26 -44.73 18.69
N PRO A 401 37.51 -44.33 18.43
CA PRO A 401 38.10 -44.44 17.09
C PRO A 401 38.26 -45.83 16.50
N ASN A 402 38.58 -46.84 17.29
CA ASN A 402 38.88 -48.16 16.74
C ASN A 402 37.78 -48.82 15.90
N ALA A 403 36.54 -48.77 16.34
CA ALA A 403 35.48 -49.29 15.49
C ALA A 403 34.63 -48.11 15.10
N ASP A 404 34.65 -47.75 13.82
CA ASP A 404 33.93 -46.56 13.35
C ASP A 404 34.25 -46.32 11.89
N LEU A 405 33.77 -45.21 11.36
CA LEU A 405 34.10 -44.83 10.00
C LEU A 405 35.30 -43.89 10.03
N LYS A 406 36.10 -43.93 8.98
CA LYS A 406 37.23 -43.03 8.85
C LYS A 406 36.73 -41.61 8.62
N PRO A 407 37.62 -40.60 8.54
CA PRO A 407 37.21 -39.33 7.93
C PRO A 407 36.82 -39.49 6.46
N GLN A 408 36.96 -40.70 5.94
CA GLN A 408 36.55 -41.07 4.59
C GLN A 408 35.57 -42.23 4.73
N GLU A 409 35.31 -42.95 3.64
CA GLU A 409 34.44 -44.13 3.66
C GLU A 409 33.00 -43.78 4.00
N ILE A 410 32.32 -43.16 3.03
CA ILE A 410 30.88 -43.11 3.04
C ILE A 410 30.29 -44.49 3.36
N LEU A 411 29.22 -44.49 4.15
CA LEU A 411 28.50 -45.73 4.42
C LEU A 411 27.70 -46.09 3.18
N VAL A 412 27.98 -47.25 2.59
CA VAL A 412 27.35 -47.61 1.33
C VAL A 412 26.03 -48.33 1.56
N SER A 413 26.00 -49.29 2.47
CA SER A 413 24.79 -50.09 2.64
C SER A 413 24.76 -50.69 4.04
N VAL A 414 23.75 -51.51 4.28
CA VAL A 414 23.59 -52.24 5.53
C VAL A 414 22.86 -53.54 5.23
N ASN A 415 23.25 -54.62 5.91
CA ASN A 415 22.63 -55.92 5.70
C ASN A 415 21.93 -56.38 6.97
N ILE A 416 20.70 -56.85 6.80
CA ILE A 416 19.89 -57.42 7.88
C ILE A 416 19.73 -58.90 7.60
N PRO A 417 20.24 -59.79 8.44
CA PRO A 417 20.10 -61.22 8.18
C PRO A 417 18.71 -61.74 8.48
N TYR A 418 18.39 -62.89 7.89
CA TYR A 418 17.21 -63.63 8.31
C TYR A 418 17.31 -63.99 9.78
N SER A 419 16.19 -63.92 10.48
CA SER A 419 16.15 -64.41 11.85
C SER A 419 16.17 -65.93 11.84
N ARG A 420 17.02 -66.51 12.69
CA ARG A 420 17.11 -67.95 12.78
C ARG A 420 15.88 -68.51 13.48
N LYS A 421 15.59 -69.78 13.21
CA LYS A 421 14.53 -70.46 13.93
C LYS A 421 14.92 -70.61 15.39
N TRP A 422 13.90 -70.62 16.26
CA TRP A 422 14.07 -70.53 17.71
C TRP A 422 14.79 -69.25 18.12
N GLU A 423 14.57 -68.17 17.40
CA GLU A 423 15.09 -66.85 17.73
C GLU A 423 14.00 -65.83 17.46
N PHE A 424 13.74 -64.97 18.45
CA PHE A 424 12.65 -64.01 18.38
C PHE A 424 13.16 -62.63 18.75
N VAL A 425 12.71 -61.62 18.02
CA VAL A 425 13.14 -60.24 18.20
C VAL A 425 11.92 -59.40 18.55
N SER A 426 12.12 -58.45 19.47
CA SER A 426 11.07 -57.51 19.84
C SER A 426 11.70 -56.21 20.31
N ALA A 427 11.00 -55.10 20.07
CA ALA A 427 11.45 -53.77 20.42
C ALA A 427 10.32 -52.97 21.01
N PHE A 428 10.62 -52.17 22.03
CA PHE A 428 9.62 -51.37 22.72
C PHE A 428 10.15 -49.96 22.94
N ARG A 429 9.22 -49.00 23.00
CA ARG A 429 9.58 -47.61 23.23
C ARG A 429 8.46 -46.90 23.97
N GLN A 430 8.83 -45.81 24.66
CA GLN A 430 7.87 -44.96 25.36
C GLN A 430 8.26 -43.51 25.20
N ALA A 431 7.29 -42.68 24.83
CA ALA A 431 7.50 -41.26 24.62
C ALA A 431 6.31 -40.50 25.20
N GLN A 432 6.35 -39.17 25.12
CA GLN A 432 5.28 -38.35 25.70
C GLN A 432 4.00 -38.48 24.89
N ARG A 433 4.13 -38.78 23.61
CA ARG A 433 2.95 -38.84 22.75
C ARG A 433 2.97 -40.14 21.97
N GLN A 434 1.80 -40.62 21.55
CA GLN A 434 1.72 -41.87 20.82
C GLN A 434 2.46 -41.79 19.50
N GLU A 435 2.34 -40.67 18.80
CA GLU A 435 2.98 -40.54 17.50
C GLU A 435 3.79 -39.27 17.40
N ASN A 436 4.78 -39.25 16.51
CA ASN A 436 5.61 -38.07 16.32
C ASN A 436 6.18 -37.55 17.62
N ALA A 437 6.71 -38.45 18.45
CA ALA A 437 7.37 -38.03 19.67
C ALA A 437 8.64 -38.85 19.85
N LEU A 438 9.74 -38.16 20.15
CA LEU A 438 11.01 -38.85 20.33
C LEU A 438 11.03 -39.55 21.68
N ALA A 439 11.44 -40.81 21.67
CA ALA A 439 11.31 -41.67 22.84
C ALA A 439 12.25 -41.25 23.96
N ILE A 440 11.86 -41.57 25.18
CA ILE A 440 12.73 -41.32 26.32
C ILE A 440 13.52 -42.57 26.71
N VAL A 441 12.92 -43.76 26.55
CA VAL A 441 13.62 -45.02 26.62
C VAL A 441 13.08 -45.92 25.51
N ASN A 442 13.96 -46.49 24.71
CA ASN A 442 13.59 -47.52 23.75
C ASN A 442 14.59 -48.66 23.85
N SER A 443 14.19 -49.83 23.41
CA SER A 443 15.05 -50.99 23.56
C SER A 443 14.95 -51.89 22.34
N GLY A 444 16.03 -52.58 22.07
CA GLY A 444 16.05 -53.66 21.08
C GLY A 444 16.42 -54.95 21.77
N MET A 445 15.59 -55.97 21.58
CA MET A 445 15.76 -57.21 22.32
C MET A 445 15.60 -58.40 21.39
N ARG A 446 16.48 -59.38 21.54
CA ARG A 446 16.36 -60.66 20.86
C ARG A 446 17.11 -61.70 21.66
N VAL A 447 16.59 -62.92 21.64
CA VAL A 447 17.20 -64.06 22.30
C VAL A 447 17.13 -65.23 21.36
N PHE A 448 18.26 -65.89 21.14
CA PHE A 448 18.34 -67.10 20.35
C PHE A 448 18.64 -68.28 21.26
N PHE A 449 17.78 -69.29 21.20
CA PHE A 449 17.98 -70.56 21.87
C PHE A 449 18.59 -71.60 20.94
N GLY A 450 17.83 -72.01 19.92
CA GLY A 450 18.17 -73.16 19.11
C GLY A 450 17.81 -74.46 19.81
N GLU A 451 17.61 -75.48 18.99
CA GLU A 451 17.45 -76.87 19.39
C GLU A 451 16.35 -77.10 20.44
N GLY A 452 15.39 -76.19 20.55
CA GLY A 452 14.20 -76.43 21.34
C GLY A 452 14.41 -76.69 22.82
N ASP A 453 15.12 -75.80 23.50
CA ASP A 453 15.32 -75.89 24.93
C ASP A 453 15.11 -74.51 25.53
N GLY A 454 15.51 -74.34 26.79
CA GLY A 454 15.34 -73.06 27.44
C GLY A 454 16.65 -72.37 27.75
N ILE A 455 17.75 -73.04 27.45
CA ILE A 455 19.07 -72.53 27.83
C ILE A 455 19.43 -71.33 26.97
N ILE A 456 19.95 -70.29 27.60
CA ILE A 456 20.33 -69.04 26.94
C ILE A 456 21.71 -69.24 26.31
N ARG A 457 21.75 -69.32 24.98
CA ARG A 457 23.02 -69.33 24.26
C ARG A 457 23.26 -68.02 23.53
N GLU A 458 22.20 -67.32 23.16
CA GLU A 458 22.37 -65.97 22.63
C GLU A 458 21.30 -65.06 23.24
N LEU A 459 21.73 -63.89 23.74
CA LEU A 459 20.81 -62.94 24.36
C LEU A 459 21.37 -61.54 24.16
N CYS A 460 20.80 -60.78 23.24
CA CYS A 460 21.22 -59.41 22.97
C CYS A 460 20.09 -58.45 23.33
N ILE A 461 20.38 -57.52 24.25
CA ILE A 461 19.46 -56.45 24.62
C ILE A 461 20.24 -55.14 24.66
N SER A 462 19.68 -54.10 24.04
CA SER A 462 20.29 -52.79 23.94
C SER A 462 19.28 -51.71 24.30
N TYR A 463 19.76 -50.67 24.96
CA TYR A 463 18.92 -49.60 25.48
C TYR A 463 19.36 -48.27 24.88
N GLY A 464 18.40 -47.53 24.35
CA GLY A 464 18.67 -46.22 23.78
C GLY A 464 17.81 -45.17 24.46
N GLY A 465 18.36 -43.96 24.52
CA GLY A 465 17.72 -42.87 25.21
C GLY A 465 18.05 -42.78 26.69
N VAL A 466 18.83 -43.72 27.21
CA VAL A 466 19.14 -43.73 28.64
C VAL A 466 20.36 -42.87 28.93
N GLY A 467 21.51 -43.24 28.37
CA GLY A 467 22.73 -42.52 28.61
C GLY A 467 23.09 -41.58 27.47
N PRO A 468 24.34 -41.12 27.44
CA PRO A 468 24.77 -40.24 26.34
C PRO A 468 24.77 -40.90 24.98
N ALA A 469 24.76 -42.23 24.91
CA ALA A 469 24.65 -42.95 23.66
C ALA A 469 23.82 -44.21 23.88
N THR A 470 23.68 -45.00 22.83
CA THR A 470 22.98 -46.26 22.93
C THR A 470 23.83 -47.24 23.75
N ILE A 471 23.37 -47.53 24.96
CA ILE A 471 24.08 -48.44 25.86
C ILE A 471 23.55 -49.86 25.66
N CYS A 472 24.46 -50.79 25.47
CA CYS A 472 24.12 -52.20 25.33
C CYS A 472 24.72 -52.96 26.50
N ALA A 473 23.93 -53.86 27.09
CA ALA A 473 24.36 -54.64 28.23
C ALA A 473 25.37 -55.70 27.78
N LYS A 474 26.55 -55.68 28.41
CA LYS A 474 27.62 -56.61 28.07
C LYS A 474 27.91 -57.59 29.19
N ASN A 475 28.25 -57.10 30.39
CA ASN A 475 28.63 -58.00 31.47
C ASN A 475 27.44 -58.80 31.98
N SER A 476 26.26 -58.17 32.06
CA SER A 476 25.04 -58.93 32.34
C SER A 476 24.76 -59.93 31.23
N CYS A 477 24.95 -59.50 29.97
CA CYS A 477 24.90 -60.43 28.85
C CYS A 477 26.01 -61.48 28.96
N GLN A 478 27.14 -61.12 29.57
CA GLN A 478 28.22 -62.08 29.75
C GLN A 478 27.90 -63.11 30.82
N LYS A 479 27.04 -62.78 31.78
CA LYS A 479 26.72 -63.69 32.88
C LYS A 479 25.42 -64.46 32.72
N LEU A 480 24.45 -63.94 31.96
CA LEU A 480 23.16 -64.61 31.82
C LEU A 480 23.24 -65.92 31.06
N ILE A 481 24.36 -66.21 30.41
CA ILE A 481 24.45 -67.36 29.53
C ILE A 481 24.39 -68.64 30.34
N GLY A 482 23.50 -69.55 29.94
CA GLY A 482 23.46 -70.87 30.54
C GLY A 482 22.15 -71.31 31.15
N ARG A 483 21.43 -70.39 31.78
CA ARG A 483 20.21 -70.77 32.49
C ARG A 483 19.00 -70.81 31.55
N HIS A 484 17.88 -71.27 32.10
CA HIS A 484 16.66 -71.55 31.37
C HIS A 484 15.81 -70.29 31.21
N TRP A 485 14.84 -70.36 30.31
CA TRP A 485 13.94 -69.23 30.05
C TRP A 485 12.85 -69.19 31.12
N ASN A 486 13.26 -68.81 32.32
CA ASN A 486 12.36 -68.77 33.47
C ASN A 486 12.54 -67.50 34.30
N GLU A 487 11.93 -67.46 35.49
CA GLU A 487 11.97 -66.25 36.30
C GLU A 487 13.37 -65.91 36.78
N GLN A 488 14.19 -66.93 37.03
CA GLN A 488 15.49 -66.70 37.65
C GLN A 488 16.41 -65.89 36.76
N MET A 489 16.37 -66.12 35.45
CA MET A 489 17.21 -65.30 34.58
C MET A 489 16.74 -63.85 34.59
N LEU A 490 15.43 -63.62 34.80
CA LEU A 490 14.93 -62.26 34.85
C LEU A 490 15.41 -61.57 36.12
N ASP A 491 15.42 -62.30 37.24
CA ASP A 491 16.00 -61.75 38.46
C ASP A 491 17.47 -61.42 38.27
N ILE A 492 18.21 -62.32 37.61
CA ILE A 492 19.65 -62.09 37.41
C ILE A 492 19.87 -60.88 36.51
N ALA A 493 19.13 -60.81 35.41
CA ALA A 493 19.27 -59.70 34.48
C ALA A 493 18.93 -58.38 35.16
N CYS A 494 17.84 -58.35 35.92
CA CYS A 494 17.46 -57.11 36.59
C CYS A 494 18.53 -56.69 37.60
N ARG A 495 18.98 -57.63 38.45
CA ARG A 495 19.95 -57.30 39.47
C ARG A 495 21.27 -56.86 38.88
N LEU A 496 21.59 -57.26 37.65
CA LEU A 496 22.81 -56.76 37.01
C LEU A 496 22.59 -55.41 36.33
N ILE A 497 21.63 -55.33 35.40
CA ILE A 497 21.42 -54.11 34.63
C ILE A 497 20.98 -52.93 35.47
N LEU A 498 20.46 -53.15 36.68
CA LEU A 498 20.04 -52.02 37.50
C LEU A 498 21.21 -51.11 37.84
N ASN A 499 22.35 -51.68 38.21
CA ASN A 499 23.53 -50.91 38.55
C ASN A 499 24.63 -50.98 37.51
N GLU A 500 24.44 -51.77 36.44
CA GLU A 500 25.35 -51.70 35.31
C GLU A 500 25.17 -50.39 34.54
N VAL A 501 23.93 -49.99 34.30
CA VAL A 501 23.63 -48.67 33.72
C VAL A 501 23.44 -47.73 34.92
N SER A 502 24.56 -47.22 35.42
CA SER A 502 24.57 -46.40 36.63
C SER A 502 24.32 -44.95 36.24
N LEU A 503 23.07 -44.52 36.35
CA LEU A 503 22.69 -43.14 36.12
C LEU A 503 22.89 -42.31 37.38
N LEU A 504 22.87 -40.99 37.21
CA LEU A 504 23.13 -40.06 38.30
C LEU A 504 22.01 -39.05 38.38
N GLY A 505 22.13 -38.10 39.31
CA GLY A 505 21.23 -36.97 39.35
C GLY A 505 21.49 -35.95 38.28
N SER A 506 22.57 -36.10 37.52
CA SER A 506 22.92 -35.21 36.42
C SER A 506 22.47 -35.73 35.07
N ALA A 507 21.62 -36.75 35.05
CA ALA A 507 21.15 -37.30 33.78
C ALA A 507 20.29 -36.27 33.07
N PRO A 508 20.63 -35.88 31.84
CA PRO A 508 19.84 -34.87 31.14
C PRO A 508 18.46 -35.40 30.77
N GLY A 509 17.48 -34.49 30.79
CA GLY A 509 16.12 -34.84 30.49
C GLY A 509 15.26 -35.22 31.68
N GLY A 510 15.85 -35.39 32.86
CA GLY A 510 15.08 -35.75 34.04
C GLY A 510 14.51 -37.14 33.93
N LYS A 511 13.44 -37.37 34.70
CA LYS A 511 12.71 -38.65 34.71
C LYS A 511 13.65 -39.82 35.00
N VAL A 512 14.44 -39.69 36.06
CA VAL A 512 15.45 -40.71 36.36
C VAL A 512 14.76 -42.02 36.73
N GLU A 513 13.92 -42.00 37.76
CA GLU A 513 13.26 -43.21 38.21
C GLU A 513 12.31 -43.75 37.15
N PHE A 514 11.79 -42.89 36.28
CA PHE A 514 10.91 -43.33 35.21
C PHE A 514 11.64 -44.23 34.23
N LYS A 515 12.81 -43.78 33.75
CA LYS A 515 13.61 -44.61 32.86
C LYS A 515 14.08 -45.87 33.57
N ARG A 516 14.46 -45.74 34.85
CA ARG A 516 14.90 -46.89 35.62
C ARG A 516 13.81 -47.96 35.70
N THR A 517 12.55 -47.54 35.82
CA THR A 517 11.45 -48.50 35.85
C THR A 517 11.14 -49.04 34.46
N LEU A 518 11.26 -48.18 33.43
CA LEU A 518 10.96 -48.60 32.07
C LEU A 518 11.89 -49.70 31.59
N ILE A 519 13.14 -49.67 32.05
CA ILE A 519 14.11 -50.72 31.69
C ILE A 519 13.55 -52.10 32.00
N ILE A 520 13.28 -52.35 33.29
CA ILE A 520 12.80 -53.65 33.69
C ILE A 520 11.40 -53.90 33.15
N SER A 521 10.63 -52.84 32.93
CA SER A 521 9.29 -53.02 32.35
C SER A 521 9.38 -53.63 30.95
N PHE A 522 10.29 -53.10 30.13
CA PHE A 522 10.49 -53.65 28.78
C PHE A 522 11.03 -55.07 28.84
N LEU A 523 11.96 -55.34 29.76
CA LEU A 523 12.44 -56.71 29.91
C LEU A 523 11.31 -57.67 30.27
N PHE A 524 10.41 -57.23 31.14
CA PHE A 524 9.29 -58.05 31.57
C PHE A 524 8.33 -58.32 30.42
N LYS A 525 8.05 -57.30 29.62
CA LYS A 525 7.24 -57.49 28.41
C LYS A 525 7.88 -58.50 27.46
N PHE A 526 9.20 -58.42 27.30
CA PHE A 526 9.94 -59.38 26.48
C PHE A 526 9.72 -60.79 27.00
N TYR A 527 9.85 -60.97 28.32
CA TYR A 527 9.62 -62.28 28.93
C TYR A 527 8.24 -62.82 28.59
N LEU A 528 7.20 -62.02 28.82
CA LEU A 528 5.85 -62.53 28.57
C LEU A 528 5.63 -62.86 27.10
N GLU A 529 6.13 -62.04 26.19
CA GLU A 529 5.84 -62.31 24.78
C GLU A 529 6.55 -63.58 24.30
N VAL A 530 7.81 -63.77 24.71
CA VAL A 530 8.50 -64.99 24.29
C VAL A 530 7.86 -66.22 24.93
N SER A 531 7.53 -66.14 26.22
CA SER A 531 6.88 -67.27 26.87
C SER A 531 5.55 -67.60 26.20
N GLN A 532 4.82 -66.58 25.75
CA GLN A 532 3.56 -66.82 25.07
C GLN A 532 3.76 -67.56 23.76
N ILE A 533 4.71 -67.11 22.94
CA ILE A 533 4.91 -67.80 21.67
C ILE A 533 5.42 -69.21 21.89
N LEU A 534 6.27 -69.40 22.93
CA LEU A 534 6.74 -70.74 23.26
C LEU A 534 5.59 -71.65 23.66
N LYS A 535 4.67 -71.15 24.48
CA LYS A 535 3.51 -71.93 24.88
C LYS A 535 2.61 -72.24 23.68
N LYS A 536 2.51 -71.31 22.73
CA LYS A 536 1.69 -71.54 21.55
C LYS A 536 2.27 -72.63 20.66
N MET A 537 3.57 -72.57 20.39
CA MET A 537 4.18 -73.52 19.46
C MET A 537 4.22 -74.95 20.02
N ASP A 538 4.08 -75.11 21.34
CA ASP A 538 4.11 -76.42 21.97
C ASP A 538 2.95 -77.28 21.50
N ASP A 578 -33.35 -15.93 6.30
CA ASP A 578 -32.86 -16.19 7.65
C ASP A 578 -31.96 -17.42 7.69
N PRO A 579 -30.66 -17.22 7.44
CA PRO A 579 -29.72 -18.35 7.49
C PRO A 579 -29.35 -18.79 8.89
N ILE A 580 -30.03 -18.29 9.92
CA ILE A 580 -29.71 -18.69 11.28
C ILE A 580 -30.27 -20.07 11.57
N GLY A 581 -29.43 -20.96 12.11
CA GLY A 581 -29.85 -22.29 12.45
C GLY A 581 -29.59 -23.34 11.39
N HIS A 582 -28.93 -22.98 10.30
CA HIS A 582 -28.60 -23.94 9.26
C HIS A 582 -27.09 -24.05 9.11
N PRO A 583 -26.55 -25.25 8.94
CA PRO A 583 -25.09 -25.42 8.82
C PRO A 583 -24.60 -24.82 7.51
N ILE A 584 -23.75 -23.79 7.63
CA ILE A 584 -23.27 -23.03 6.49
C ILE A 584 -21.75 -23.08 6.48
N MET A 585 -21.17 -23.39 5.31
CA MET A 585 -19.73 -23.45 5.16
C MET A 585 -19.10 -22.11 5.52
N HIS A 586 -17.88 -22.18 6.06
CA HIS A 586 -17.10 -21.00 6.39
C HIS A 586 -16.97 -20.07 5.18
N LEU A 587 -16.83 -18.78 5.47
CA LEU A 587 -16.69 -17.79 4.41
C LEU A 587 -15.44 -18.05 3.58
N SER A 588 -14.28 -18.18 4.25
CA SER A 588 -13.00 -18.32 3.57
C SER A 588 -12.44 -19.73 3.67
N GLY A 589 -13.30 -20.73 3.85
CA GLY A 589 -12.82 -22.10 3.97
C GLY A 589 -12.14 -22.60 2.71
N VAL A 590 -12.79 -22.36 1.56
CA VAL A 590 -12.12 -22.61 0.28
C VAL A 590 -10.90 -21.73 0.12
N LYS A 591 -11.02 -20.45 0.49
CA LYS A 591 -9.90 -19.53 0.40
C LYS A 591 -8.75 -19.93 1.30
N HIS A 592 -9.02 -20.76 2.31
CA HIS A 592 -7.96 -21.43 3.06
C HIS A 592 -7.43 -22.64 2.30
N ALA A 593 -8.32 -23.56 1.93
CA ALA A 593 -7.93 -24.83 1.30
C ALA A 593 -7.35 -24.66 -0.09
N THR A 594 -7.31 -23.43 -0.60
CA THR A 594 -6.74 -23.13 -1.91
C THR A 594 -5.63 -22.08 -1.78
N GLY A 595 -5.34 -21.65 -0.57
CA GLY A 595 -4.18 -20.81 -0.32
C GLY A 595 -4.24 -19.41 -0.90
N GLU A 596 -5.41 -18.75 -0.82
CA GLU A 596 -5.51 -17.34 -1.16
C GLU A 596 -5.54 -16.43 0.06
N ALA A 597 -5.61 -16.97 1.27
CA ALA A 597 -5.76 -16.17 2.47
C ALA A 597 -4.48 -15.41 2.79
N ILE A 598 -4.57 -14.11 2.87
CA ILE A 598 -3.43 -13.27 3.21
C ILE A 598 -3.30 -13.18 4.72
N TYR A 599 -2.06 -13.15 5.20
CA TYR A 599 -1.74 -12.98 6.61
C TYR A 599 -0.78 -11.81 6.77
N CYS A 600 -0.42 -11.50 8.02
CA CYS A 600 0.34 -10.28 8.28
C CYS A 600 1.76 -10.33 7.74
N ASP A 601 2.23 -11.50 7.30
CA ASP A 601 3.50 -11.62 6.61
C ASP A 601 3.34 -11.97 5.14
N ASP A 602 2.18 -12.52 4.73
CA ASP A 602 1.97 -12.86 3.32
C ASP A 602 1.85 -11.62 2.45
N MET A 603 1.59 -10.46 3.04
CA MET A 603 1.51 -9.24 2.26
C MET A 603 2.89 -8.86 1.74
N PRO A 604 2.97 -8.25 0.54
CA PRO A 604 4.26 -8.02 -0.12
C PRO A 604 5.21 -7.08 0.62
N LEU A 605 6.39 -6.92 0.04
CA LEU A 605 7.39 -5.98 0.53
C LEU A 605 7.09 -4.57 0.03
N VAL A 606 7.41 -3.59 0.87
CA VAL A 606 7.30 -2.19 0.49
C VAL A 606 8.71 -1.61 0.41
N ASP A 607 8.84 -0.57 -0.42
CA ASP A 607 10.15 -0.11 -0.85
C ASP A 607 11.02 0.29 0.34
N GLN A 608 12.32 -0.04 0.24
CA GLN A 608 13.32 0.32 1.23
C GLN A 608 12.97 -0.19 2.64
N GLU A 609 12.44 -1.41 2.69
CA GLU A 609 12.07 -2.04 3.96
C GLU A 609 13.31 -2.36 4.80
N LEU A 610 13.08 -2.63 6.08
CA LEU A 610 14.12 -3.12 6.98
C LEU A 610 13.66 -4.42 7.64
N PHE A 611 14.37 -4.87 8.67
CA PHE A 611 13.94 -6.00 9.47
C PHE A 611 14.57 -5.86 10.84
N LEU A 612 13.87 -6.34 11.87
CA LEU A 612 14.34 -6.20 13.24
C LEU A 612 14.35 -7.55 13.94
N THR A 613 15.33 -7.75 14.82
CA THR A 613 15.42 -8.96 15.62
C THR A 613 16.00 -8.60 16.98
N PHE A 614 15.57 -9.33 18.01
CA PHE A 614 15.94 -9.06 19.39
C PHE A 614 17.07 -9.95 19.85
N VAL A 615 17.64 -9.58 21.00
CA VAL A 615 18.53 -10.46 21.75
C VAL A 615 17.99 -10.54 23.17
N THR A 616 17.84 -11.76 23.67
CA THR A 616 17.09 -12.02 24.89
C THR A 616 18.02 -12.51 25.99
N SER A 617 17.74 -12.08 27.22
CA SER A 617 18.54 -12.50 28.35
C SER A 617 18.26 -13.96 28.71
N SER A 618 19.33 -14.68 29.06
CA SER A 618 19.22 -16.07 29.48
C SER A 618 19.60 -16.28 30.94
N ARG A 619 19.60 -15.22 31.74
CA ARG A 619 19.92 -15.30 33.15
C ARG A 619 18.76 -14.74 33.96
N ALA A 620 18.60 -15.26 35.18
CA ALA A 620 17.38 -15.00 35.95
C ALA A 620 17.47 -13.71 36.77
N HIS A 621 18.42 -13.63 37.69
CA HIS A 621 18.64 -12.41 38.46
C HIS A 621 20.11 -12.07 38.32
N ALA A 622 20.46 -11.38 37.24
CA ALA A 622 21.85 -11.10 36.90
C ALA A 622 22.04 -9.64 36.56
N LYS A 623 23.00 -8.99 37.21
CA LYS A 623 23.34 -7.61 36.94
C LYS A 623 24.17 -7.49 35.68
N ILE A 624 23.83 -6.50 34.84
CA ILE A 624 24.58 -6.19 33.62
C ILE A 624 25.56 -5.09 33.94
N VAL A 625 26.82 -5.28 33.57
CA VAL A 625 27.83 -4.28 33.85
C VAL A 625 28.38 -3.72 32.53
N SER A 626 28.39 -4.53 31.49
CA SER A 626 28.89 -4.09 30.19
C SER A 626 28.27 -4.95 29.09
N ILE A 627 28.19 -4.37 27.90
CA ILE A 627 27.74 -5.09 26.70
C ILE A 627 28.79 -4.91 25.61
N ASP A 628 29.09 -6.00 24.92
CA ASP A 628 30.05 -5.97 23.81
C ASP A 628 29.28 -5.85 22.50
N LEU A 629 29.46 -4.73 21.81
CA LEU A 629 28.79 -4.49 20.54
C LEU A 629 29.72 -3.89 19.50
N SER A 630 31.03 -3.87 19.74
CA SER A 630 31.97 -3.41 18.74
C SER A 630 31.91 -4.29 17.49
N GLU A 631 32.03 -5.59 17.67
CA GLU A 631 32.07 -6.52 16.55
C GLU A 631 30.72 -6.78 15.95
N ALA A 632 29.64 -6.47 16.66
CA ALA A 632 28.31 -6.68 16.10
C ALA A 632 27.94 -5.61 15.08
N LEU A 633 28.42 -4.38 15.29
CA LEU A 633 28.08 -3.27 14.41
C LEU A 633 28.57 -3.51 12.99
N SER A 634 29.78 -4.02 12.83
CA SER A 634 30.43 -4.10 11.53
C SER A 634 30.19 -5.46 10.88
N MET A 635 29.13 -5.51 10.08
CA MET A 635 28.81 -6.59 9.16
C MET A 635 27.69 -6.12 8.24
N PRO A 636 27.52 -6.75 7.06
CA PRO A 636 26.56 -6.22 6.08
C PRO A 636 25.12 -6.32 6.57
N GLY A 637 24.48 -5.14 6.71
CA GLY A 637 23.10 -5.04 7.13
C GLY A 637 22.89 -4.14 8.33
N VAL A 638 23.81 -4.16 9.29
CA VAL A 638 23.61 -3.50 10.58
C VAL A 638 23.54 -1.99 10.39
N VAL A 639 22.42 -1.40 10.79
CA VAL A 639 22.24 0.05 10.76
C VAL A 639 22.52 0.66 12.13
N ASP A 640 21.88 0.12 13.16
CA ASP A 640 22.11 0.54 14.54
C ASP A 640 21.61 -0.57 15.44
N ILE A 641 22.39 -0.87 16.47
CA ILE A 641 22.01 -1.90 17.44
C ILE A 641 21.33 -1.15 18.59
N MET A 642 20.00 -1.11 18.56
CA MET A 642 19.24 -0.35 19.53
C MET A 642 19.33 -1.00 20.91
N THR A 643 19.50 -0.17 21.93
CA THR A 643 19.68 -0.62 23.30
C THR A 643 18.67 0.08 24.20
N ALA A 644 18.73 -0.23 25.50
CA ALA A 644 17.90 0.45 26.48
C ALA A 644 18.38 1.87 26.76
N GLU A 645 19.58 2.24 26.30
CA GLU A 645 20.12 3.56 26.61
C GLU A 645 19.41 4.68 25.86
N HIS A 646 18.63 4.35 24.84
CA HIS A 646 17.85 5.35 24.12
C HIS A 646 16.40 4.93 24.04
N PHE A 662 12.33 0.61 28.07
CA PHE A 662 11.51 -0.51 27.61
C PHE A 662 12.36 -1.77 27.45
N LEU A 663 13.65 -1.63 27.70
CA LEU A 663 14.59 -2.74 27.64
C LEU A 663 15.40 -2.76 28.94
N ALA A 664 16.18 -3.82 29.12
CA ALA A 664 16.92 -4.01 30.37
C ALA A 664 18.00 -2.94 30.52
N THR A 665 17.96 -2.23 31.64
CA THR A 665 18.88 -1.12 31.87
C THR A 665 20.11 -1.55 32.68
N ASP A 666 19.89 -2.00 33.92
CA ASP A 666 20.98 -2.34 34.82
C ASP A 666 20.99 -3.82 35.17
N LYS A 667 19.87 -4.37 35.62
CA LYS A 667 19.79 -5.78 35.98
C LYS A 667 18.68 -6.43 35.19
N VAL A 668 18.81 -7.75 35.03
CA VAL A 668 17.83 -8.59 34.36
C VAL A 668 17.10 -9.39 35.43
N PHE A 669 15.77 -9.33 35.41
CA PHE A 669 14.96 -9.99 36.41
C PHE A 669 14.24 -11.22 35.90
N CYS A 670 14.35 -11.52 34.61
CA CYS A 670 13.74 -12.73 34.07
C CYS A 670 14.44 -13.10 32.77
N VAL A 671 14.53 -14.41 32.52
CA VAL A 671 15.08 -14.86 31.25
C VAL A 671 14.09 -14.52 30.14
N GLY A 672 14.62 -14.28 28.95
CA GLY A 672 13.79 -13.82 27.86
C GLY A 672 13.45 -12.35 27.93
N GLN A 673 14.01 -11.63 28.88
CA GLN A 673 13.82 -10.18 28.89
C GLN A 673 14.56 -9.54 27.73
N LEU A 674 13.93 -8.51 27.15
CA LEU A 674 14.54 -7.77 26.06
C LEU A 674 15.59 -6.80 26.61
N VAL A 675 16.80 -6.87 26.06
CA VAL A 675 17.86 -5.94 26.42
C VAL A 675 18.31 -5.11 25.23
N CYS A 676 18.39 -5.70 24.04
CA CYS A 676 18.74 -4.96 22.83
C CYS A 676 17.98 -5.53 21.65
N ALA A 677 17.88 -4.72 20.60
CA ALA A 677 17.31 -5.12 19.32
C ALA A 677 18.28 -4.70 18.22
N VAL A 678 18.23 -5.40 17.09
CA VAL A 678 19.16 -5.16 16.00
C VAL A 678 18.39 -4.68 14.79
N LEU A 679 18.98 -3.75 14.05
CA LEU A 679 18.41 -3.21 12.83
C LEU A 679 19.25 -3.66 11.64
N ALA A 680 18.60 -4.27 10.65
CA ALA A 680 19.34 -4.80 9.52
C ALA A 680 18.50 -4.68 8.25
N ASP A 681 19.19 -4.76 7.12
CA ASP A 681 18.56 -4.63 5.82
C ASP A 681 17.78 -5.86 5.39
N SER A 682 17.98 -6.99 6.06
CA SER A 682 17.25 -8.20 5.69
C SER A 682 17.25 -9.17 6.87
N GLU A 683 16.39 -10.19 6.74
CA GLU A 683 16.07 -11.07 7.87
C GLU A 683 17.27 -11.90 8.31
N VAL A 684 17.91 -12.59 7.36
CA VAL A 684 19.01 -13.49 7.70
C VAL A 684 20.19 -12.69 8.22
N GLN A 685 20.44 -11.51 7.66
CA GLN A 685 21.50 -10.65 8.17
C GLN A 685 21.19 -10.22 9.60
N ALA A 686 19.92 -9.92 9.89
CA ALA A 686 19.54 -9.51 11.24
C ALA A 686 19.78 -10.62 12.24
N LYS A 687 19.39 -11.85 11.89
CA LYS A 687 19.60 -12.97 12.81
C LYS A 687 21.09 -13.22 13.04
N ARG A 688 21.88 -13.19 11.96
CA ARG A 688 23.31 -13.43 12.10
C ARG A 688 23.97 -12.35 12.94
N ALA A 689 23.57 -11.10 12.76
CA ALA A 689 24.15 -10.01 13.54
C ALA A 689 23.76 -10.11 15.00
N ALA A 690 22.51 -10.51 15.28
CA ALA A 690 22.07 -10.63 16.67
C ALA A 690 22.84 -11.74 17.38
N LYS A 691 23.08 -12.86 16.70
CA LYS A 691 23.64 -14.05 17.33
C LYS A 691 25.06 -13.85 17.86
N ARG A 692 25.65 -12.67 17.78
CA ARG A 692 27.03 -12.51 18.22
C ARG A 692 27.24 -11.20 18.96
N VAL A 693 26.28 -10.80 19.78
CA VAL A 693 26.42 -9.70 20.73
C VAL A 693 26.67 -10.30 22.12
N LYS A 694 27.66 -9.76 22.82
CA LYS A 694 28.11 -10.35 24.08
C LYS A 694 27.81 -9.42 25.25
N ILE A 695 27.22 -10.00 26.30
CA ILE A 695 26.76 -9.26 27.48
C ILE A 695 27.53 -9.74 28.69
N VAL A 696 27.99 -8.80 29.50
CA VAL A 696 28.67 -9.12 30.75
C VAL A 696 27.64 -9.20 31.87
N TYR A 697 27.72 -10.26 32.68
CA TYR A 697 26.76 -10.52 33.73
C TYR A 697 27.48 -10.78 35.04
N GLN A 698 26.76 -10.52 36.13
CA GLN A 698 27.16 -10.99 37.46
C GLN A 698 25.91 -11.50 38.15
N ASP A 699 25.88 -12.80 38.47
CA ASP A 699 24.68 -13.41 39.02
C ASP A 699 24.47 -12.98 40.47
N LEU A 700 23.21 -12.75 40.82
CA LEU A 700 22.84 -12.30 42.16
C LEU A 700 22.34 -13.46 43.01
N GLU A 701 22.58 -13.36 44.32
CA GLU A 701 22.32 -14.48 45.21
C GLU A 701 20.85 -14.87 45.33
N PRO A 702 19.87 -13.94 45.55
CA PRO A 702 18.51 -14.41 45.86
C PRO A 702 17.77 -14.81 44.59
N LEU A 703 17.57 -16.11 44.41
CA LEU A 703 17.00 -16.65 43.18
C LEU A 703 15.67 -17.28 43.51
N ILE A 704 14.61 -16.82 42.86
CA ILE A 704 13.26 -17.30 43.10
C ILE A 704 12.69 -17.83 41.80
N LEU A 705 12.36 -19.12 41.79
CA LEU A 705 11.74 -19.76 40.64
C LEU A 705 10.45 -20.52 40.93
N THR A 706 10.12 -20.77 42.19
CA THR A 706 8.93 -21.56 42.51
C THR A 706 8.04 -20.81 43.48
N ILE A 707 6.75 -21.18 43.47
CA ILE A 707 5.75 -20.48 44.26
C ILE A 707 6.04 -20.63 45.75
N GLU A 708 6.42 -21.83 46.17
CA GLU A 708 6.46 -22.16 47.59
C GLU A 708 7.61 -21.50 48.32
N GLU A 709 8.54 -20.87 47.61
CA GLU A 709 9.68 -20.21 48.23
C GLU A 709 9.73 -18.71 47.94
N SER A 710 8.84 -18.19 47.12
CA SER A 710 8.78 -16.75 46.84
C SER A 710 8.42 -15.95 48.10
N PRO A 719 -1.30 -8.48 49.05
CA PRO A 719 -2.76 -8.31 49.05
C PRO A 719 -3.50 -9.63 48.94
N GLU A 720 -4.75 -9.65 49.41
CA GLU A 720 -5.57 -10.85 49.43
C GLU A 720 -6.85 -10.63 48.64
N ARG A 721 -7.39 -11.71 48.10
CA ARG A 721 -8.66 -11.67 47.38
C ARG A 721 -9.50 -12.84 47.89
N LYS A 722 -10.56 -12.52 48.65
CA LYS A 722 -11.24 -13.50 49.48
C LYS A 722 -12.75 -13.40 49.28
N LEU A 723 -13.39 -14.55 49.05
CA LEU A 723 -14.83 -14.64 49.05
C LEU A 723 -15.29 -15.53 50.21
N GLU A 724 -16.46 -15.20 50.73
CA GLU A 724 -17.01 -15.79 51.94
C GLU A 724 -18.43 -16.24 51.68
N TYR A 725 -18.84 -17.34 52.32
CA TYR A 725 -20.24 -17.75 52.26
C TYR A 725 -20.53 -18.62 53.47
N GLY A 726 -21.44 -18.17 54.31
CA GLY A 726 -21.72 -18.89 55.55
C GLY A 726 -20.57 -18.78 56.53
N ASN A 727 -20.56 -19.67 57.51
CA ASN A 727 -19.50 -19.72 58.51
C ASN A 727 -18.93 -21.13 58.51
N VAL A 728 -17.68 -21.26 58.05
CA VAL A 728 -17.06 -22.58 57.98
C VAL A 728 -16.80 -23.14 59.37
N ASP A 729 -16.55 -22.27 60.35
CA ASP A 729 -16.08 -22.72 61.65
C ASP A 729 -17.12 -23.60 62.35
N GLU A 730 -18.38 -23.18 62.34
CA GLU A 730 -19.40 -23.94 63.05
C GLU A 730 -19.59 -25.32 62.43
N ALA A 731 -19.62 -25.39 61.09
CA ALA A 731 -19.74 -26.68 60.43
C ALA A 731 -18.54 -27.56 60.72
N PHE A 732 -17.32 -27.00 60.68
CA PHE A 732 -16.13 -27.77 61.02
C PHE A 732 -16.19 -28.29 62.45
N LYS A 733 -16.72 -27.49 63.37
CA LYS A 733 -16.96 -28.00 64.71
C LYS A 733 -17.99 -29.11 64.71
N VAL A 734 -18.87 -29.11 63.72
CA VAL A 734 -19.99 -30.05 63.63
C VAL A 734 -19.70 -31.22 62.71
N VAL A 735 -19.03 -30.96 61.58
CA VAL A 735 -19.02 -31.90 60.46
C VAL A 735 -18.30 -33.19 60.83
N ASP A 736 -18.54 -34.24 60.04
CA ASP A 736 -18.06 -35.58 60.38
C ASP A 736 -16.55 -35.70 60.20
N GLN A 737 -16.08 -35.58 58.95
CA GLN A 737 -14.69 -35.88 58.63
C GLN A 737 -14.00 -34.68 58.03
N ILE A 738 -12.81 -34.38 58.55
CA ILE A 738 -11.97 -33.27 58.09
C ILE A 738 -10.89 -33.83 57.18
N LEU A 739 -10.75 -33.23 56.00
CA LEU A 739 -9.76 -33.62 55.01
C LEU A 739 -8.77 -32.50 54.80
N GLU A 740 -7.50 -32.87 54.66
CA GLU A 740 -6.45 -31.94 54.25
C GLU A 740 -5.85 -32.45 52.95
N GLY A 741 -5.86 -31.60 51.93
CA GLY A 741 -5.35 -31.99 50.63
C GLY A 741 -4.66 -30.83 49.94
N GLU A 742 -3.91 -31.17 48.91
CA GLU A 742 -3.13 -30.19 48.18
C GLU A 742 -2.96 -30.64 46.74
N ILE A 743 -2.70 -29.70 45.86
CA ILE A 743 -2.49 -29.99 44.45
C ILE A 743 -1.61 -28.92 43.85
N HIS A 744 -0.86 -29.32 42.81
CA HIS A 744 -0.13 -28.39 41.96
C HIS A 744 -0.62 -28.60 40.54
N MET A 745 -0.88 -27.51 39.83
CA MET A 745 -1.21 -27.59 38.42
C MET A 745 -0.26 -26.70 37.64
N GLY A 746 0.46 -27.30 36.70
CA GLY A 746 1.41 -26.56 35.90
C GLY A 746 0.75 -25.81 34.76
N GLY A 747 1.50 -24.85 34.23
CA GLY A 747 0.98 -23.94 33.23
C GLY A 747 0.79 -24.52 31.85
N GLN A 748 0.90 -23.67 30.83
CA GLN A 748 0.69 -24.08 29.45
C GLN A 748 1.37 -23.06 28.55
N GLU A 749 1.49 -23.42 27.27
CA GLU A 749 1.91 -22.49 26.23
C GLU A 749 0.86 -22.49 25.14
N HIS A 750 0.63 -21.31 24.56
CA HIS A 750 -0.45 -21.16 23.59
C HIS A 750 -0.22 -22.01 22.36
N PHE A 751 0.98 -21.92 21.76
CA PHE A 751 1.27 -22.53 20.46
C PHE A 751 0.21 -22.22 19.43
N TYR A 752 -0.13 -20.93 19.34
CA TYR A 752 -0.69 -20.39 18.12
C TYR A 752 0.23 -20.64 16.94
N MET A 753 -0.33 -21.12 15.84
CA MET A 753 0.48 -21.59 14.72
C MET A 753 1.19 -20.43 14.02
N GLU A 754 0.47 -19.35 13.75
CA GLU A 754 1.11 -18.17 13.19
C GLU A 754 1.89 -17.45 14.28
N THR A 755 3.12 -17.05 13.95
CA THR A 755 3.97 -16.39 14.93
C THR A 755 3.65 -14.89 14.92
N GLN A 756 4.32 -14.14 15.78
CA GLN A 756 4.10 -12.70 15.90
C GLN A 756 4.67 -11.99 14.68
N SER A 757 3.81 -11.66 13.71
CA SER A 757 4.19 -10.93 12.52
C SER A 757 3.60 -9.53 12.55
N MET A 758 4.41 -8.54 12.16
CA MET A 758 3.91 -7.17 12.05
C MET A 758 4.78 -6.36 11.13
N LEU A 759 4.22 -5.25 10.63
CA LEU A 759 4.94 -4.26 9.84
C LEU A 759 4.53 -2.87 10.31
N VAL A 760 5.49 -1.96 10.37
CA VAL A 760 5.24 -0.57 10.73
C VAL A 760 5.76 0.31 9.60
N VAL A 761 4.92 1.22 9.12
CA VAL A 761 5.22 2.08 7.99
C VAL A 761 5.09 3.54 8.42
N PRO A 762 6.18 4.31 8.45
CA PRO A 762 6.06 5.77 8.51
C PRO A 762 5.53 6.33 7.22
N LYS A 763 4.92 7.52 7.26
CA LYS A 763 4.29 8.14 6.10
C LYS A 763 5.10 9.26 5.47
N GLY A 764 5.95 9.93 6.24
CA GLY A 764 6.73 11.03 5.73
C GLY A 764 6.03 12.37 5.79
N GLU A 765 4.73 12.39 6.04
CA GLU A 765 3.97 13.62 6.22
C GLU A 765 3.11 13.48 7.46
N ASP A 766 3.13 14.50 8.32
CA ASP A 766 2.32 14.59 9.52
C ASP A 766 2.63 13.49 10.54
N GLN A 767 3.82 12.88 10.47
CA GLN A 767 4.21 11.81 11.40
C GLN A 767 3.20 10.67 11.42
N GLU A 768 2.50 10.45 10.32
CA GLU A 768 1.51 9.39 10.29
C GLU A 768 2.21 8.03 10.29
N MET A 769 1.66 7.09 11.06
CA MET A 769 2.28 5.79 11.27
C MET A 769 1.25 4.71 11.08
N ASP A 770 1.36 3.96 9.99
CA ASP A 770 0.54 2.77 9.82
C ASP A 770 1.19 1.61 10.55
N VAL A 771 0.37 0.77 11.16
CA VAL A 771 0.85 -0.39 11.91
C VAL A 771 -0.03 -1.57 11.50
N TYR A 772 0.47 -2.40 10.60
CA TYR A 772 -0.24 -3.60 10.19
C TYR A 772 0.21 -4.74 11.09
N VAL A 773 -0.63 -5.13 12.04
CA VAL A 773 -0.21 -6.10 13.06
C VAL A 773 -1.32 -7.12 13.27
N SER A 774 -0.92 -8.39 13.40
CA SER A 774 -1.87 -9.50 13.53
C SER A 774 -2.14 -9.80 15.00
N THR A 775 -2.68 -8.80 15.69
CA THR A 775 -2.94 -8.83 17.12
C THR A 775 -4.42 -9.08 17.41
N GLN A 776 -4.75 -9.15 18.69
CA GLN A 776 -6.13 -9.27 19.14
C GLN A 776 -6.71 -7.96 19.61
N PHE A 777 -5.88 -6.94 19.82
CA PHE A 777 -6.31 -5.73 20.53
C PHE A 777 -5.60 -4.54 19.92
N PRO A 778 -6.13 -3.99 18.83
CA PRO A 778 -5.47 -2.85 18.17
C PRO A 778 -5.42 -1.60 19.02
N LYS A 779 -6.30 -1.46 20.02
CA LYS A 779 -6.30 -0.26 20.84
C LYS A 779 -4.99 -0.11 21.62
N TYR A 780 -4.51 -1.21 22.20
CA TYR A 780 -3.23 -1.17 22.91
C TYR A 780 -2.10 -0.82 21.97
N ILE A 781 -2.10 -1.39 20.77
CA ILE A 781 -1.02 -1.14 19.81
C ILE A 781 -0.97 0.34 19.47
N GLN A 782 -2.13 0.91 19.12
CA GLN A 782 -2.19 2.32 18.80
C GLN A 782 -1.77 3.18 19.98
N ASP A 783 -2.22 2.82 21.18
CA ASP A 783 -1.90 3.60 22.38
C ASP A 783 -0.41 3.56 22.68
N ILE A 784 0.19 2.38 22.65
CA ILE A 784 1.60 2.24 23.01
C ILE A 784 2.49 2.89 21.96
N VAL A 785 2.12 2.79 20.67
CA VAL A 785 2.91 3.44 19.64
C VAL A 785 2.82 4.95 19.78
N ALA A 786 1.62 5.47 20.09
CA ALA A 786 1.47 6.90 20.28
C ALA A 786 2.28 7.39 21.46
N SER A 787 2.26 6.65 22.57
CA SER A 787 3.00 7.08 23.76
C SER A 787 4.51 6.96 23.55
N THR A 788 4.94 5.96 22.77
CA THR A 788 6.36 5.77 22.51
C THR A 788 6.89 6.86 21.58
N LEU A 789 6.14 7.19 20.53
CA LEU A 789 6.56 8.19 19.56
C LEU A 789 6.33 9.61 20.03
N LYS A 790 5.66 9.80 21.18
CA LYS A 790 5.21 11.11 21.64
C LYS A 790 4.34 11.79 20.58
N LEU A 791 3.21 11.15 20.29
CA LEU A 791 2.27 11.58 19.26
C LEU A 791 0.85 11.48 19.79
N PRO A 792 -0.04 12.34 19.35
CA PRO A 792 -1.47 12.09 19.58
C PRO A 792 -1.95 10.92 18.74
N ALA A 793 -2.91 10.18 19.29
CA ALA A 793 -3.34 8.93 18.68
C ALA A 793 -4.00 9.12 17.33
N ASN A 794 -4.35 10.35 16.96
CA ASN A 794 -4.98 10.58 15.65
C ASN A 794 -4.01 10.44 14.50
N LYS A 795 -2.70 10.32 14.77
CA LYS A 795 -1.72 10.11 13.71
C LYS A 795 -1.46 8.63 13.43
N VAL A 796 -1.63 7.76 14.41
CA VAL A 796 -1.18 6.38 14.35
C VAL A 796 -2.37 5.48 14.12
N MET A 797 -2.39 4.77 12.99
CA MET A 797 -3.49 3.88 12.67
C MET A 797 -3.03 2.43 12.65
N CYS A 798 -3.97 1.52 12.92
CA CYS A 798 -3.67 0.10 13.09
C CYS A 798 -4.58 -0.74 12.21
N HIS A 799 -4.03 -1.81 11.65
CA HIS A 799 -4.74 -2.61 10.66
C HIS A 799 -4.58 -4.10 10.94
N VAL A 800 -5.70 -4.82 10.86
CA VAL A 800 -5.78 -6.27 10.93
C VAL A 800 -6.69 -6.72 9.80
N ARG A 801 -6.46 -7.92 9.28
CA ARG A 801 -7.47 -8.58 8.44
C ARG A 801 -7.89 -9.93 8.97
N ARG A 802 -6.94 -10.80 9.29
CA ARG A 802 -7.20 -12.00 10.06
C ARG A 802 -5.94 -12.36 10.82
N VAL A 803 -6.12 -13.16 11.87
CA VAL A 803 -5.03 -13.60 12.73
C VAL A 803 -5.04 -15.12 12.73
N GLY A 804 -3.86 -15.73 12.65
CA GLY A 804 -3.80 -17.17 12.53
C GLY A 804 -3.86 -17.88 13.86
N GLY A 805 -5.05 -18.31 14.24
CA GLY A 805 -5.31 -19.11 15.43
C GLY A 805 -4.66 -18.65 16.72
N ALA A 806 -4.98 -17.46 17.20
CA ALA A 806 -4.45 -16.95 18.45
C ALA A 806 -5.43 -17.21 19.58
N PHE A 807 -4.93 -17.74 20.68
CA PHE A 807 -5.77 -18.17 21.80
C PHE A 807 -5.51 -17.31 23.04
N GLY A 808 -5.12 -16.07 22.83
CA GLY A 808 -4.64 -15.21 23.88
C GLY A 808 -3.15 -14.94 23.72
N GLY A 809 -2.62 -14.16 24.66
CA GLY A 809 -1.18 -13.95 24.70
C GLY A 809 -0.64 -13.00 23.67
N LYS A 810 -1.36 -12.81 22.57
CA LYS A 810 -0.98 -11.82 21.56
C LYS A 810 -1.47 -10.45 21.96
N VAL A 811 -1.16 -10.01 23.19
CA VAL A 811 -1.65 -8.74 23.70
C VAL A 811 -0.52 -7.88 24.25
N LEU A 812 0.15 -8.34 25.30
CA LEU A 812 1.15 -7.52 25.98
C LEU A 812 2.47 -7.51 25.24
N LYS A 813 3.04 -8.70 25.02
CA LYS A 813 4.31 -8.80 24.31
C LYS A 813 4.19 -8.29 22.89
N THR A 814 3.06 -8.52 22.23
CA THR A 814 2.83 -7.89 20.95
C THR A 814 2.86 -6.38 21.08
N GLY A 815 2.32 -5.85 22.17
CA GLY A 815 2.35 -4.42 22.38
C GLY A 815 3.76 -3.87 22.47
N ILE A 816 4.61 -4.51 23.27
CA ILE A 816 5.97 -3.97 23.41
C ILE A 816 6.81 -4.22 22.16
N ILE A 817 6.57 -5.34 21.46
CA ILE A 817 7.26 -5.58 20.19
C ILE A 817 6.89 -4.50 19.19
N ALA A 818 5.60 -4.19 19.09
CA ALA A 818 5.15 -3.13 18.20
C ALA A 818 5.70 -1.79 18.63
N ALA A 819 5.85 -1.57 19.94
CA ALA A 819 6.41 -0.32 20.41
C ALA A 819 7.83 -0.12 19.89
N VAL A 820 8.70 -1.12 20.08
CA VAL A 820 10.08 -0.95 19.62
C VAL A 820 10.17 -0.96 18.11
N THR A 821 9.33 -1.75 17.44
CA THR A 821 9.32 -1.75 15.97
C THR A 821 8.93 -0.38 15.43
N ALA A 822 7.92 0.26 16.03
CA ALA A 822 7.50 1.58 15.59
C ALA A 822 8.55 2.63 15.92
N PHE A 823 9.19 2.51 17.08
CA PHE A 823 10.29 3.41 17.42
C PHE A 823 11.37 3.36 16.35
N ALA A 824 11.74 2.15 15.93
CA ALA A 824 12.74 1.99 14.88
C ALA A 824 12.25 2.54 13.55
N ALA A 825 10.98 2.29 13.22
CA ALA A 825 10.45 2.76 11.94
C ALA A 825 10.32 4.27 11.88
N ASN A 826 10.21 4.93 13.03
CA ASN A 826 10.15 6.38 13.08
C ASN A 826 11.53 7.03 13.06
N LYS A 827 12.41 6.61 13.97
CA LYS A 827 13.67 7.34 14.16
C LYS A 827 14.53 7.32 12.91
N HIS A 828 14.59 6.18 12.23
CA HIS A 828 15.37 6.06 11.00
C HIS A 828 14.54 6.33 9.74
N GLY A 829 13.27 6.67 9.89
CA GLY A 829 12.46 7.12 8.76
C GLY A 829 12.31 6.12 7.64
N ARG A 830 12.13 4.84 7.98
CA ARG A 830 11.94 3.80 6.98
C ARG A 830 10.99 2.73 7.52
N ALA A 831 10.38 1.98 6.61
CA ALA A 831 9.51 0.88 7.02
C ALA A 831 10.31 -0.17 7.77
N VAL A 832 9.64 -0.88 8.68
CA VAL A 832 10.30 -1.91 9.47
C VAL A 832 9.35 -3.09 9.66
N ARG A 833 9.75 -4.28 9.20
CA ARG A 833 9.02 -5.51 9.43
C ARG A 833 9.62 -6.24 10.63
N CYS A 834 8.79 -7.01 11.34
CA CYS A 834 9.27 -7.79 12.48
C CYS A 834 8.42 -9.04 12.63
N VAL A 835 9.03 -10.20 12.42
CA VAL A 835 8.40 -11.49 12.61
C VAL A 835 9.30 -12.32 13.51
N LEU A 836 8.72 -12.98 14.50
CA LEU A 836 9.50 -13.80 15.41
C LEU A 836 9.46 -15.26 14.97
N GLU A 837 10.18 -16.09 15.71
CA GLU A 837 10.25 -17.52 15.49
C GLU A 837 9.72 -18.25 16.72
N ARG A 838 9.50 -19.55 16.56
CA ARG A 838 8.77 -20.32 17.56
C ARG A 838 9.49 -20.36 18.91
N GLY A 839 10.80 -20.55 18.89
CA GLY A 839 11.57 -20.62 20.12
C GLY A 839 11.56 -19.36 20.95
N GLU A 840 11.98 -18.22 20.36
CA GLU A 840 11.91 -16.98 21.11
C GLU A 840 10.46 -16.50 21.28
N ASP A 841 9.52 -17.06 20.51
CA ASP A 841 8.11 -16.86 20.85
C ASP A 841 7.81 -17.48 22.21
N MET A 842 8.30 -18.69 22.47
CA MET A 842 8.11 -19.24 23.82
C MET A 842 8.91 -18.45 24.85
N LEU A 843 10.12 -18.04 24.50
CA LEU A 843 11.01 -17.41 25.47
C LEU A 843 10.55 -16.01 25.86
N ILE A 844 9.93 -15.27 24.95
CA ILE A 844 9.43 -13.93 25.22
C ILE A 844 8.09 -13.98 25.94
N THR A 845 7.16 -14.78 25.42
CA THR A 845 5.77 -14.79 25.87
C THR A 845 5.54 -15.94 26.85
N GLY A 846 4.88 -15.64 27.96
CA GLY A 846 4.54 -16.65 28.94
C GLY A 846 3.24 -17.37 28.59
N GLY A 847 2.67 -18.01 29.60
CA GLY A 847 1.45 -18.77 29.40
C GLY A 847 0.50 -18.74 30.58
N ARG A 848 -0.13 -19.87 30.86
CA ARG A 848 -1.06 -19.95 31.98
C ARG A 848 -0.31 -19.76 33.30
N HIS A 849 -1.03 -19.25 34.29
CA HIS A 849 -0.51 -19.26 35.64
C HIS A 849 -0.60 -20.68 36.18
N PRO A 850 0.51 -21.28 36.63
CA PRO A 850 0.40 -22.51 37.40
C PRO A 850 -0.07 -22.21 38.81
N TYR A 851 -0.95 -23.06 39.34
CA TYR A 851 -1.57 -22.84 40.63
C TYR A 851 -1.11 -23.86 41.66
N LEU A 852 -0.90 -23.37 42.88
CA LEU A 852 -0.62 -24.17 44.06
C LEU A 852 -1.85 -24.09 44.95
N GLY A 853 -2.59 -25.18 45.05
CA GLY A 853 -3.85 -25.14 45.79
C GLY A 853 -3.86 -26.00 47.04
N LYS A 854 -4.05 -25.38 48.19
CA LYS A 854 -4.25 -26.09 49.44
C LYS A 854 -5.74 -26.06 49.81
N TYR A 855 -6.22 -27.12 50.44
CA TYR A 855 -7.62 -27.14 50.84
C TYR A 855 -7.82 -27.98 52.10
N LYS A 856 -8.72 -27.50 52.95
CA LYS A 856 -9.15 -28.21 54.16
C LYS A 856 -10.67 -28.27 54.13
N ALA A 857 -11.21 -29.46 53.95
CA ALA A 857 -12.63 -29.65 53.72
C ALA A 857 -13.26 -30.40 54.87
N GLY A 858 -14.59 -30.32 54.95
CA GLY A 858 -15.35 -31.08 55.92
C GLY A 858 -16.57 -31.71 55.28
N PHE A 859 -16.74 -33.02 55.47
CA PHE A 859 -17.88 -33.68 54.87
C PHE A 859 -18.52 -34.65 55.85
N MET A 860 -19.84 -34.67 55.85
CA MET A 860 -20.64 -35.58 56.67
C MET A 860 -20.61 -36.98 56.07
N ASN A 861 -21.03 -37.96 56.88
CA ASN A 861 -21.10 -39.33 56.40
C ASN A 861 -22.10 -39.49 55.27
N ASP A 862 -22.96 -38.50 55.08
CA ASP A 862 -23.91 -38.52 53.97
C ASP A 862 -23.12 -38.17 52.73
N GLY A 863 -21.79 -38.09 52.84
CA GLY A 863 -20.95 -37.77 51.71
C GLY A 863 -21.22 -36.43 51.08
N ARG A 864 -21.56 -35.44 51.90
CA ARG A 864 -21.86 -34.10 51.38
C ARG A 864 -20.94 -33.07 52.00
N ILE A 865 -20.38 -32.18 51.17
CA ILE A 865 -19.44 -31.19 51.67
C ILE A 865 -20.13 -30.02 52.34
N LEU A 866 -19.84 -29.79 53.61
CA LEU A 866 -20.43 -28.67 54.34
C LEU A 866 -19.37 -27.76 54.93
N ALA A 867 -18.15 -27.80 54.41
CA ALA A 867 -17.06 -27.02 54.98
C ALA A 867 -15.93 -26.96 53.97
N LEU A 868 -15.45 -25.75 53.66
CA LEU A 868 -14.46 -25.60 52.62
C LEU A 868 -13.61 -24.36 52.84
N ASP A 869 -12.30 -24.57 52.93
CA ASP A 869 -11.31 -23.49 52.96
C ASP A 869 -10.34 -23.67 51.82
N MET A 870 -10.09 -22.60 51.07
CA MET A 870 -9.18 -22.60 49.93
C MET A 870 -8.14 -21.51 50.07
N GLU A 871 -6.89 -21.83 49.73
CA GLU A 871 -5.81 -20.85 49.65
C GLU A 871 -5.12 -21.03 48.30
N HIS A 872 -5.60 -20.29 47.29
CA HIS A 872 -5.03 -20.33 45.95
C HIS A 872 -3.75 -19.50 45.89
N TYR A 873 -2.76 -20.01 45.15
CA TYR A 873 -1.51 -19.32 44.92
C TYR A 873 -1.20 -19.34 43.45
N SER A 874 -0.80 -18.20 42.88
CA SER A 874 -0.43 -18.14 41.47
C SER A 874 1.05 -17.80 41.28
N ASN A 875 1.61 -18.32 40.20
CA ASN A 875 2.99 -18.02 39.80
C ASN A 875 2.92 -16.95 38.71
N ALA A 876 3.11 -15.69 39.09
CA ALA A 876 2.82 -14.60 38.17
C ALA A 876 3.93 -14.41 37.15
N GLY A 877 5.11 -14.03 37.61
CA GLY A 877 6.20 -13.66 36.74
C GLY A 877 6.98 -12.51 37.33
N ALA A 878 7.81 -11.89 36.51
CA ALA A 878 8.73 -10.87 37.01
C ALA A 878 8.04 -9.53 37.25
N SER A 879 6.89 -9.30 36.61
CA SER A 879 6.23 -8.00 36.67
C SER A 879 5.72 -7.70 38.07
N LEU A 880 6.13 -6.55 38.61
CA LEU A 880 5.73 -6.18 39.97
C LEU A 880 4.27 -5.74 40.00
N ASP A 881 3.85 -4.93 39.04
CA ASP A 881 2.44 -4.59 38.85
C ASP A 881 1.92 -5.43 37.68
N GLU A 882 1.00 -6.33 37.96
CA GLU A 882 0.61 -7.35 37.00
C GLU A 882 -0.91 -7.50 36.91
N SER A 883 -1.37 -8.51 36.17
CA SER A 883 -2.80 -8.76 36.02
C SER A 883 -3.26 -9.69 37.14
N LEU A 884 -3.63 -9.08 38.27
CA LEU A 884 -4.18 -9.84 39.38
C LEU A 884 -5.51 -10.50 39.01
N PHE A 885 -6.12 -10.06 37.91
CA PHE A 885 -7.55 -10.24 37.68
C PHE A 885 -7.98 -11.70 37.71
N VAL A 886 -7.16 -12.60 37.16
CA VAL A 886 -7.52 -14.02 37.14
C VAL A 886 -7.67 -14.55 38.56
N ILE A 887 -6.77 -14.14 39.47
CA ILE A 887 -6.89 -14.49 40.88
C ILE A 887 -8.24 -14.03 41.42
N GLU A 888 -8.69 -12.84 41.03
CA GLU A 888 -10.06 -12.47 41.31
C GLU A 888 -11.02 -13.37 40.53
N MET A 889 -10.85 -13.41 39.21
CA MET A 889 -11.82 -14.07 38.34
C MET A 889 -11.89 -15.57 38.62
N GLY A 890 -10.74 -16.24 38.59
CA GLY A 890 -10.71 -17.66 38.92
C GLY A 890 -11.13 -17.96 40.33
N LEU A 891 -11.17 -16.95 41.19
CA LEU A 891 -11.69 -17.16 42.53
C LEU A 891 -13.18 -17.46 42.49
N LEU A 892 -13.89 -16.82 41.57
CA LEU A 892 -15.35 -16.95 41.50
C LEU A 892 -15.77 -18.30 40.92
N LYS A 893 -15.11 -18.74 39.86
CA LYS A 893 -15.57 -19.87 39.06
C LYS A 893 -15.10 -21.21 39.61
N MET A 894 -14.81 -21.30 40.91
CA MET A 894 -14.14 -22.48 41.46
C MET A 894 -15.02 -23.72 41.35
N ASP A 895 -16.31 -23.61 41.61
CA ASP A 895 -17.21 -24.75 41.65
C ASP A 895 -18.16 -24.64 40.46
N ASN A 896 -18.19 -25.67 39.62
CA ASN A 896 -19.11 -25.61 38.49
C ASN A 896 -20.53 -25.96 38.93
N ALA A 897 -20.75 -27.18 39.42
CA ALA A 897 -22.12 -27.67 39.58
C ALA A 897 -22.44 -28.08 41.00
N TYR A 898 -21.53 -27.91 41.95
CA TYR A 898 -21.70 -28.48 43.29
C TYR A 898 -22.04 -27.39 44.28
N LYS A 899 -23.08 -27.63 45.07
CA LYS A 899 -23.56 -26.68 46.06
C LYS A 899 -22.80 -26.81 47.37
N PHE A 900 -22.04 -25.77 47.73
CA PHE A 900 -21.25 -25.79 48.95
C PHE A 900 -21.86 -24.83 49.96
N PRO A 901 -22.41 -25.31 51.07
CA PRO A 901 -23.04 -24.41 52.05
C PRO A 901 -22.09 -23.39 52.64
N ASN A 902 -20.80 -23.69 52.73
CA ASN A 902 -19.86 -22.74 53.29
C ASN A 902 -18.63 -22.66 52.40
N LEU A 903 -18.09 -21.45 52.28
CA LEU A 903 -16.84 -21.19 51.57
C LEU A 903 -16.04 -20.17 52.37
N ARG A 904 -14.72 -20.40 52.45
CA ARG A 904 -13.77 -19.34 52.77
C ARG A 904 -12.60 -19.49 51.81
N CYS A 905 -12.57 -18.65 50.77
CA CYS A 905 -11.66 -18.85 49.66
C CYS A 905 -10.79 -17.61 49.50
N ARG A 906 -9.48 -17.78 49.63
CA ARG A 906 -8.53 -16.69 49.47
C ARG A 906 -7.56 -17.00 48.35
N GLY A 907 -6.89 -15.96 47.85
CA GLY A 907 -5.92 -16.12 46.79
C GLY A 907 -4.79 -15.11 46.92
N TRP A 908 -3.62 -15.48 46.42
CA TRP A 908 -2.48 -14.56 46.43
C TRP A 908 -1.75 -14.68 45.11
N ALA A 909 -0.95 -13.70 44.76
CA ALA A 909 -0.14 -13.79 43.55
C ALA A 909 1.32 -13.73 43.93
N CYS A 910 2.12 -14.69 43.47
CA CYS A 910 3.53 -14.73 43.86
C CYS A 910 4.46 -14.42 42.71
N ARG A 911 5.29 -13.40 42.88
CA ARG A 911 6.25 -13.04 41.83
C ARG A 911 7.41 -14.03 41.74
N THR A 912 7.96 -14.19 40.56
CA THR A 912 9.09 -15.10 40.36
C THR A 912 10.02 -14.49 39.35
N ASN A 913 11.26 -15.00 39.27
CA ASN A 913 12.16 -14.51 38.24
C ASN A 913 11.83 -15.26 36.97
N LEU A 914 10.66 -14.97 36.38
CA LEU A 914 10.22 -15.68 35.19
C LEU A 914 9.44 -14.77 34.22
N PRO A 915 9.33 -15.14 32.90
CA PRO A 915 8.50 -14.27 32.06
C PRO A 915 7.08 -14.18 32.59
N SER A 916 6.48 -13.00 32.44
CA SER A 916 5.16 -12.74 32.98
C SER A 916 4.11 -13.58 32.27
N ASN A 917 3.17 -14.12 33.04
CA ASN A 917 2.14 -15.00 32.52
C ASN A 917 0.91 -14.20 32.10
N THR A 918 0.15 -14.77 31.18
CA THR A 918 -1.00 -14.09 30.59
C THR A 918 -2.26 -14.94 30.71
N ALA A 919 -3.30 -14.56 29.98
CA ALA A 919 -4.55 -15.30 29.94
C ALA A 919 -4.44 -16.49 28.99
N PHE A 920 -5.53 -17.24 28.87
CA PHE A 920 -5.59 -18.40 28.00
C PHE A 920 -7.05 -18.70 27.69
N ARG A 921 -7.27 -19.53 26.66
CA ARG A 921 -8.59 -20.09 26.43
C ARG A 921 -9.06 -20.85 27.65
N GLY A 922 -10.33 -20.69 27.98
CA GLY A 922 -10.84 -21.20 29.24
C GLY A 922 -10.68 -20.20 30.35
N PHE A 923 -9.46 -19.70 30.54
CA PHE A 923 -9.17 -18.54 31.39
C PHE A 923 -9.62 -18.79 32.83
N GLY A 924 -8.86 -19.64 33.50
CA GLY A 924 -8.92 -19.71 34.95
C GLY A 924 -9.93 -20.70 35.48
N PHE A 925 -11.06 -20.84 34.80
CA PHE A 925 -12.02 -21.88 35.15
C PHE A 925 -11.42 -23.28 35.18
N PRO A 926 -10.61 -23.73 34.20
CA PRO A 926 -10.09 -25.11 34.27
C PRO A 926 -9.30 -25.38 35.54
N GLN A 927 -8.49 -24.42 35.96
CA GLN A 927 -7.61 -24.61 37.10
C GLN A 927 -8.39 -24.75 38.40
N ALA A 928 -9.13 -23.72 38.79
CA ALA A 928 -9.88 -23.75 40.04
C ALA A 928 -10.96 -24.82 40.00
N ALA A 929 -11.56 -25.03 38.83
CA ALA A 929 -12.57 -26.07 38.70
C ALA A 929 -11.98 -27.45 38.95
N LEU A 930 -10.77 -27.72 38.46
CA LEU A 930 -10.20 -29.03 38.74
C LEU A 930 -9.65 -29.11 40.16
N ILE A 931 -9.27 -27.99 40.78
CA ILE A 931 -8.90 -28.02 42.20
C ILE A 931 -10.09 -28.46 43.03
N THR A 932 -11.25 -27.85 42.78
CA THR A 932 -12.47 -28.27 43.48
C THR A 932 -12.87 -29.70 43.13
N GLU A 933 -12.71 -30.08 41.87
CA GLU A 933 -13.06 -31.43 41.45
C GLU A 933 -12.16 -32.46 42.12
N SER A 934 -10.89 -32.14 42.30
CA SER A 934 -9.96 -33.06 42.95
C SER A 934 -10.24 -33.15 44.44
N CYS A 935 -10.60 -32.03 45.08
CA CYS A 935 -11.02 -32.11 46.48
C CYS A 935 -12.27 -32.97 46.62
N ILE A 936 -13.22 -32.81 45.69
CA ILE A 936 -14.43 -33.64 45.69
C ILE A 936 -14.06 -35.11 45.53
N THR A 937 -13.15 -35.42 44.60
CA THR A 937 -12.82 -36.81 44.32
C THR A 937 -12.07 -37.45 45.47
N GLU A 938 -11.15 -36.72 46.10
CA GLU A 938 -10.45 -37.30 47.25
C GLU A 938 -11.39 -37.48 48.43
N VAL A 939 -12.37 -36.59 48.60
CA VAL A 939 -13.41 -36.83 49.60
C VAL A 939 -14.20 -38.08 49.27
N ALA A 940 -14.57 -38.26 48.01
CA ALA A 940 -15.34 -39.44 47.62
C ALA A 940 -14.53 -40.72 47.80
N ALA A 941 -13.21 -40.63 47.70
CA ALA A 941 -12.36 -41.78 48.00
C ALA A 941 -12.26 -42.03 49.49
N LYS A 942 -12.12 -40.96 50.29
CA LYS A 942 -12.00 -41.11 51.74
C LYS A 942 -13.31 -41.58 52.36
N CYS A 943 -14.44 -41.31 51.69
CA CYS A 943 -15.74 -41.69 52.23
C CYS A 943 -15.99 -43.18 52.09
N GLY A 944 -16.00 -43.67 50.86
CA GLY A 944 -16.36 -45.05 50.57
C GLY A 944 -17.48 -45.20 49.56
N LEU A 945 -18.03 -44.09 49.06
CA LEU A 945 -19.07 -44.13 48.05
C LEU A 945 -18.50 -43.60 46.73
N SER A 946 -19.12 -44.01 45.63
CA SER A 946 -18.62 -43.68 44.30
C SER A 946 -18.60 -42.18 44.08
N PRO A 947 -17.65 -41.67 43.31
CA PRO A 947 -17.64 -40.22 43.00
C PRO A 947 -18.86 -39.77 42.24
N GLU A 948 -19.51 -40.68 41.52
CA GLU A 948 -20.76 -40.34 40.83
C GLU A 948 -21.84 -39.96 41.83
N LYS A 949 -22.02 -40.77 42.87
CA LYS A 949 -23.01 -40.47 43.89
C LYS A 949 -22.65 -39.20 44.64
N VAL A 950 -21.37 -39.03 44.98
CA VAL A 950 -20.93 -37.84 45.70
C VAL A 950 -21.21 -36.59 44.89
N ARG A 951 -20.97 -36.65 43.58
CA ARG A 951 -21.28 -35.51 42.73
C ARG A 951 -22.78 -35.31 42.55
N ILE A 952 -23.59 -36.38 42.56
CA ILE A 952 -25.02 -36.23 42.40
C ILE A 952 -25.64 -35.57 43.64
N ILE A 953 -25.24 -36.02 44.83
CA ILE A 953 -25.85 -35.53 46.05
C ILE A 953 -25.08 -34.32 46.56
N ASN A 954 -24.20 -33.78 45.74
CA ASN A 954 -23.62 -32.48 45.98
C ASN A 954 -23.94 -31.49 44.87
N MET A 955 -24.61 -31.95 43.81
CA MET A 955 -24.88 -31.13 42.64
C MET A 955 -25.98 -30.11 42.96
N TYR A 956 -25.94 -29.00 42.23
CA TYR A 956 -26.92 -27.92 42.37
C TYR A 956 -28.34 -28.44 42.21
N LYS A 957 -29.28 -27.73 42.82
CA LYS A 957 -30.70 -28.06 42.72
C LYS A 957 -31.21 -27.62 41.35
N GLU A 958 -32.54 -27.66 41.16
CA GLU A 958 -33.12 -27.01 39.98
C GLU A 958 -32.87 -25.51 40.02
N ILE A 959 -33.04 -24.89 41.19
CA ILE A 959 -32.78 -23.48 41.41
C ILE A 959 -31.89 -23.35 42.64
N ASP A 960 -30.86 -22.51 42.54
CA ASP A 960 -29.96 -22.27 43.67
C ASP A 960 -29.33 -20.89 43.56
N GLN A 961 -28.42 -20.60 44.48
CA GLN A 961 -27.77 -19.30 44.59
C GLN A 961 -26.27 -19.52 44.74
N THR A 962 -25.50 -18.83 43.90
CA THR A 962 -24.04 -18.93 43.93
C THR A 962 -23.47 -18.26 45.17
N PRO A 963 -22.25 -18.61 45.57
CA PRO A 963 -21.64 -17.93 46.72
C PRO A 963 -21.47 -16.45 46.53
N TYR A 964 -21.42 -15.95 45.29
CA TYR A 964 -21.43 -14.51 45.03
C TYR A 964 -22.84 -13.97 44.84
N LYS A 965 -23.85 -14.65 45.39
CA LYS A 965 -25.22 -14.14 45.51
C LYS A 965 -25.84 -13.85 44.14
N GLN A 966 -26.10 -14.92 43.39
CA GLN A 966 -26.71 -14.76 42.08
C GLN A 966 -27.53 -15.99 41.73
N GLU A 967 -28.81 -15.75 41.42
CA GLU A 967 -29.79 -16.79 41.13
C GLU A 967 -29.40 -17.60 39.90
N ILE A 968 -29.47 -18.93 40.01
CA ILE A 968 -29.21 -19.80 38.88
C ILE A 968 -30.30 -20.87 38.78
N ASN A 969 -30.71 -21.14 37.54
CA ASN A 969 -31.72 -22.13 37.20
C ASN A 969 -31.05 -23.21 36.38
N ALA A 970 -31.09 -24.46 36.84
CA ALA A 970 -30.22 -25.48 36.28
C ALA A 970 -30.94 -26.80 36.08
N LYS A 971 -32.15 -26.77 35.53
CA LYS A 971 -32.73 -28.03 35.05
C LYS A 971 -32.05 -28.51 33.79
N ASN A 972 -31.39 -27.60 33.06
CA ASN A 972 -30.61 -27.99 31.89
C ASN A 972 -29.52 -28.96 32.26
N LEU A 973 -28.81 -28.68 33.36
CA LEU A 973 -27.72 -29.55 33.78
C LEU A 973 -28.22 -30.92 34.19
N ILE A 974 -29.33 -30.99 34.91
CA ILE A 974 -29.87 -32.29 35.30
C ILE A 974 -30.37 -33.06 34.08
N GLN A 975 -30.99 -32.36 33.12
CA GLN A 975 -31.48 -33.02 31.92
C GLN A 975 -30.35 -33.57 31.07
N CYS A 976 -29.25 -32.82 30.93
CA CYS A 976 -28.13 -33.35 30.16
C CYS A 976 -27.42 -34.46 30.92
N TRP A 977 -27.41 -34.37 32.26
CA TRP A 977 -26.95 -35.47 33.09
C TRP A 977 -27.69 -36.76 32.75
N ARG A 978 -29.03 -36.70 32.74
CA ARG A 978 -29.84 -37.87 32.40
C ARG A 978 -29.65 -38.30 30.95
N GLU A 979 -29.57 -37.35 30.02
CA GLU A 979 -29.46 -37.74 28.62
C GLU A 979 -28.15 -38.44 28.33
N CYS A 980 -27.04 -37.89 28.82
CA CYS A 980 -25.75 -38.57 28.64
C CYS A 980 -25.72 -39.90 29.39
N MET A 981 -26.27 -39.94 30.61
CA MET A 981 -26.23 -41.17 31.38
C MET A 981 -27.03 -42.29 30.72
N ALA A 982 -28.16 -41.96 30.10
CA ALA A 982 -29.05 -42.99 29.59
C ALA A 982 -28.77 -43.35 28.13
N MET A 983 -28.37 -42.39 27.30
CA MET A 983 -28.19 -42.63 25.88
C MET A 983 -26.75 -42.96 25.50
N SER A 984 -25.86 -43.10 26.48
CA SER A 984 -24.52 -43.63 26.26
C SER A 984 -24.33 -45.00 26.88
N SER A 985 -25.40 -45.58 27.44
CA SER A 985 -25.37 -46.91 28.07
C SER A 985 -24.29 -46.97 29.16
N TYR A 986 -24.51 -46.17 30.21
CA TYR A 986 -23.48 -46.01 31.23
C TYR A 986 -23.29 -47.27 32.06
N SER A 987 -24.39 -47.93 32.43
CA SER A 987 -24.33 -49.05 33.37
C SER A 987 -23.67 -50.27 32.72
N LEU A 988 -24.10 -50.63 31.52
CA LEU A 988 -23.52 -51.78 30.83
C LEU A 988 -22.04 -51.57 30.54
N ARG A 989 -21.68 -50.37 30.09
CA ARG A 989 -20.28 -50.06 29.82
C ARG A 989 -19.45 -50.10 31.10
N LYS A 990 -19.96 -49.56 32.20
CA LYS A 990 -19.19 -49.58 33.44
C LYS A 990 -19.00 -51.00 33.95
N VAL A 991 -20.07 -51.80 33.96
CA VAL A 991 -19.93 -53.15 34.49
C VAL A 991 -19.02 -53.97 33.60
N ALA A 992 -19.02 -53.70 32.28
CA ALA A 992 -18.02 -54.30 31.42
C ALA A 992 -16.61 -53.83 31.79
N VAL A 993 -16.47 -52.60 32.27
CA VAL A 993 -15.16 -52.11 32.69
C VAL A 993 -14.67 -52.88 33.91
N GLU A 994 -15.52 -53.07 34.93
CA GLU A 994 -15.05 -53.86 36.07
C GLU A 994 -14.84 -55.32 35.70
N LYS A 995 -15.62 -55.87 34.76
CA LYS A 995 -15.37 -57.23 34.31
C LYS A 995 -14.01 -57.33 33.61
N PHE A 996 -13.67 -56.33 32.81
CA PHE A 996 -12.37 -56.31 32.15
C PHE A 996 -11.24 -56.20 33.16
N ASN A 997 -11.39 -55.34 34.17
CA ASN A 997 -10.38 -55.24 35.21
C ASN A 997 -10.32 -56.48 36.09
N ALA A 998 -11.36 -57.30 36.09
CA ALA A 998 -11.36 -58.55 36.84
C ALA A 998 -10.80 -59.73 36.05
N GLU A 999 -10.47 -59.56 34.78
CA GLU A 999 -9.84 -60.62 34.01
C GLU A 999 -8.59 -60.12 33.28
N ASN A 1000 -7.96 -59.06 33.78
CA ASN A 1000 -6.71 -58.53 33.25
C ASN A 1000 -5.92 -57.91 34.38
N TYR A 1001 -4.59 -57.98 34.28
CA TYR A 1001 -3.72 -57.56 35.38
C TYR A 1001 -2.88 -56.33 35.08
N TRP A 1002 -2.51 -56.09 33.82
CA TRP A 1002 -1.69 -54.94 33.48
C TRP A 1002 -2.41 -53.91 32.62
N LYS A 1003 -3.68 -54.15 32.30
CA LYS A 1003 -4.47 -53.27 31.44
C LYS A 1003 -5.68 -52.80 32.24
N LYS A 1004 -5.62 -51.58 32.78
CA LYS A 1004 -6.68 -51.04 33.61
C LYS A 1004 -7.42 -49.97 32.83
N LYS A 1005 -8.71 -50.16 32.60
CA LYS A 1005 -9.52 -49.16 31.92
C LYS A 1005 -10.39 -48.41 32.91
N GLY A 1006 -10.50 -47.11 32.71
CA GLY A 1006 -11.17 -46.24 33.65
C GLY A 1006 -12.19 -45.35 32.98
N LEU A 1007 -13.36 -45.23 33.62
CA LEU A 1007 -14.50 -44.51 33.09
C LEU A 1007 -14.90 -43.40 34.07
N ALA A 1008 -15.13 -42.20 33.54
CA ALA A 1008 -15.43 -41.05 34.39
C ALA A 1008 -16.49 -40.18 33.74
N MET A 1009 -17.15 -39.38 34.56
CA MET A 1009 -18.15 -38.42 34.14
C MET A 1009 -17.92 -37.11 34.86
N VAL A 1010 -18.12 -35.99 34.17
CA VAL A 1010 -17.91 -34.69 34.81
C VAL A 1010 -18.92 -33.67 34.29
N PRO A 1011 -19.57 -32.92 35.18
CA PRO A 1011 -20.45 -31.82 34.75
C PRO A 1011 -19.67 -30.56 34.43
N LEU A 1012 -20.37 -29.50 34.06
CA LEU A 1012 -19.72 -28.21 33.86
C LEU A 1012 -20.77 -27.10 33.86
N LYS A 1013 -20.56 -26.11 34.71
CA LYS A 1013 -21.18 -24.80 34.63
C LYS A 1013 -20.09 -23.79 34.30
N PHE A 1014 -20.24 -23.06 33.20
CA PHE A 1014 -19.27 -22.02 32.87
C PHE A 1014 -19.95 -20.67 32.90
N PRO A 1015 -19.47 -19.74 33.72
CA PRO A 1015 -20.00 -18.37 33.70
C PRO A 1015 -19.46 -17.55 32.54
N VAL A 1016 -20.35 -16.77 31.93
CA VAL A 1016 -20.01 -15.81 30.88
C VAL A 1016 -20.41 -14.44 31.37
N GLY A 1017 -19.42 -13.55 31.43
CA GLY A 1017 -19.57 -12.19 31.93
C GLY A 1017 -18.21 -11.54 32.09
N LEU A 1018 -18.23 -10.22 32.26
CA LEU A 1018 -17.01 -9.42 32.33
C LEU A 1018 -17.02 -8.54 33.58
N GLY A 1019 -15.99 -7.71 33.69
CA GLY A 1019 -15.71 -6.98 34.92
C GLY A 1019 -16.44 -5.68 35.17
N SER A 1020 -16.27 -4.68 34.31
CA SER A 1020 -16.71 -3.32 34.57
C SER A 1020 -17.75 -2.88 33.54
N ARG A 1021 -18.02 -1.56 33.52
CA ARG A 1021 -18.97 -1.01 32.58
C ARG A 1021 -18.37 -0.81 31.20
N ALA A 1022 -17.15 -0.31 31.13
CA ALA A 1022 -16.54 0.00 29.84
C ALA A 1022 -16.24 -1.25 29.02
N ALA A 1023 -16.28 -2.44 29.62
CA ALA A 1023 -15.69 -3.61 28.97
C ALA A 1023 -16.57 -4.15 27.85
N GLY A 1024 -17.88 -3.97 27.92
CA GLY A 1024 -18.75 -4.67 26.99
C GLY A 1024 -19.12 -3.94 25.71
N GLN A 1025 -18.76 -2.67 25.61
CA GLN A 1025 -19.23 -1.84 24.51
C GLN A 1025 -18.56 -2.20 23.19
N ALA A 1026 -19.36 -2.26 22.12
CA ALA A 1026 -18.90 -2.75 20.82
C ALA A 1026 -19.53 -1.93 19.70
N ALA A 1027 -18.71 -1.44 18.78
CA ALA A 1027 -19.14 -0.55 17.71
C ALA A 1027 -19.09 -1.26 16.36
N ALA A 1028 -19.63 -0.60 15.34
CA ALA A 1028 -19.63 -1.12 13.98
C ALA A 1028 -19.96 0.01 13.01
N LEU A 1029 -19.69 -0.25 11.72
CA LEU A 1029 -19.93 0.71 10.65
C LEU A 1029 -20.45 -0.03 9.42
N VAL A 1030 -21.59 0.38 8.88
CA VAL A 1030 -22.22 -0.32 7.78
C VAL A 1030 -22.55 0.65 6.66
N HIS A 1031 -22.13 0.31 5.44
CA HIS A 1031 -22.45 1.06 4.23
C HIS A 1031 -23.30 0.21 3.30
N ILE A 1032 -24.19 0.87 2.57
CA ILE A 1032 -24.82 0.28 1.40
C ILE A 1032 -24.57 1.21 0.22
N TYR A 1033 -23.94 0.69 -0.82
CA TYR A 1033 -23.69 1.46 -2.02
C TYR A 1033 -24.93 1.40 -2.92
N LEU A 1034 -24.92 2.14 -4.02
CA LEU A 1034 -26.13 2.35 -4.80
C LEU A 1034 -26.56 1.13 -5.62
N ASP A 1035 -25.98 -0.03 -5.36
CA ASP A 1035 -26.48 -1.31 -5.84
C ASP A 1035 -26.97 -2.11 -4.62
N GLY A 1036 -27.39 -3.35 -4.86
CA GLY A 1036 -27.66 -4.20 -3.72
C GLY A 1036 -26.39 -4.89 -3.28
N SER A 1037 -25.70 -4.28 -2.33
CA SER A 1037 -24.38 -4.73 -1.89
C SER A 1037 -23.96 -3.94 -0.65
N VAL A 1038 -23.54 -4.65 0.40
CA VAL A 1038 -23.35 -4.06 1.72
C VAL A 1038 -21.91 -4.28 2.16
N LEU A 1039 -21.30 -3.25 2.75
CA LEU A 1039 -19.96 -3.32 3.31
C LEU A 1039 -20.05 -3.09 4.82
N VAL A 1040 -19.72 -4.11 5.60
CA VAL A 1040 -19.80 -4.06 7.06
C VAL A 1040 -18.40 -4.16 7.65
N THR A 1041 -18.13 -3.38 8.69
CA THR A 1041 -16.87 -3.50 9.41
C THR A 1041 -17.13 -3.27 10.89
N HIS A 1042 -16.28 -3.82 11.73
CA HIS A 1042 -16.47 -3.71 13.18
C HIS A 1042 -15.10 -3.68 13.86
N GLY A 1043 -15.08 -3.94 15.16
CA GLY A 1043 -13.85 -3.88 15.92
C GLY A 1043 -13.38 -5.23 16.43
N GLY A 1044 -14.18 -6.27 16.22
CA GLY A 1044 -13.79 -7.61 16.63
C GLY A 1044 -12.85 -8.24 15.60
N ILE A 1045 -11.85 -8.96 16.11
CA ILE A 1045 -10.77 -9.52 15.30
C ILE A 1045 -11.12 -10.93 14.87
N GLU A 1046 -10.89 -11.23 13.60
CA GLU A 1046 -11.06 -12.60 13.11
C GLU A 1046 -9.81 -13.41 13.43
N MET A 1047 -9.99 -14.51 14.15
CA MET A 1047 -8.87 -15.38 14.51
C MET A 1047 -9.25 -16.85 14.55
N GLY A 1048 -10.32 -17.25 13.89
CA GLY A 1048 -10.60 -18.67 13.72
C GLY A 1048 -11.96 -19.14 14.17
N GLN A 1049 -12.64 -18.34 14.99
CA GLN A 1049 -13.91 -18.76 15.55
C GLN A 1049 -15.01 -18.79 14.50
N GLY A 1050 -14.88 -17.99 13.45
CA GLY A 1050 -15.92 -17.91 12.45
C GLY A 1050 -16.90 -16.81 12.80
N VAL A 1051 -16.38 -15.70 13.33
CA VAL A 1051 -17.23 -14.60 13.73
C VAL A 1051 -17.86 -13.93 12.51
N HIS A 1052 -17.10 -13.82 11.41
CA HIS A 1052 -17.61 -13.11 10.24
C HIS A 1052 -18.73 -13.88 9.54
N THR A 1053 -18.70 -15.22 9.58
CA THR A 1053 -19.81 -15.96 9.00
C THR A 1053 -21.10 -15.70 9.76
N LYS A 1054 -21.01 -15.62 11.08
CA LYS A 1054 -22.16 -15.26 11.89
C LYS A 1054 -22.63 -13.84 11.58
N MET A 1055 -21.68 -12.92 11.35
CA MET A 1055 -22.06 -11.55 10.98
C MET A 1055 -22.81 -11.53 9.66
N ILE A 1056 -22.34 -12.32 8.69
CA ILE A 1056 -23.00 -12.36 7.39
C ILE A 1056 -24.41 -12.91 7.54
N GLN A 1057 -24.57 -13.95 8.37
CA GLN A 1057 -25.90 -14.50 8.59
C GLN A 1057 -26.82 -13.48 9.25
N VAL A 1058 -26.30 -12.72 10.22
CA VAL A 1058 -27.08 -11.69 10.89
C VAL A 1058 -27.56 -10.66 9.88
N VAL A 1059 -26.64 -10.14 9.07
CA VAL A 1059 -26.99 -9.10 8.10
C VAL A 1059 -27.96 -9.66 7.07
N SER A 1060 -27.81 -10.94 6.71
CA SER A 1060 -28.72 -11.51 5.71
C SER A 1060 -30.11 -11.74 6.27
N ARG A 1061 -30.25 -12.05 7.55
CA ARG A 1061 -31.61 -12.17 8.07
C ARG A 1061 -32.25 -10.81 8.28
N GLU A 1062 -31.47 -9.79 8.67
CA GLU A 1062 -32.06 -8.50 9.01
C GLU A 1062 -32.31 -7.61 7.80
N LEU A 1063 -31.99 -8.06 6.59
CA LEU A 1063 -32.29 -7.29 5.40
C LEU A 1063 -32.83 -8.15 4.27
N ARG A 1064 -33.06 -9.44 4.49
CA ARG A 1064 -33.79 -10.35 3.60
C ARG A 1064 -33.06 -10.63 2.28
N MET A 1065 -31.98 -9.94 2.01
CA MET A 1065 -31.21 -10.24 0.81
C MET A 1065 -30.43 -11.54 0.98
N PRO A 1066 -30.18 -12.26 -0.11
CA PRO A 1066 -29.42 -13.51 -0.02
C PRO A 1066 -27.99 -13.26 0.42
N MET A 1067 -27.33 -14.34 0.83
CA MET A 1067 -26.03 -14.24 1.48
C MET A 1067 -24.95 -13.68 0.55
N SER A 1068 -25.20 -13.66 -0.76
CA SER A 1068 -24.21 -13.19 -1.72
C SER A 1068 -23.90 -11.71 -1.53
N ASN A 1069 -24.92 -10.91 -1.23
CA ASN A 1069 -24.82 -9.46 -1.39
C ASN A 1069 -23.92 -8.77 -0.38
N VAL A 1070 -23.46 -9.47 0.66
CA VAL A 1070 -22.75 -8.82 1.77
C VAL A 1070 -21.27 -9.15 1.65
N HIS A 1071 -20.42 -8.16 1.90
CA HIS A 1071 -18.99 -8.44 1.92
C HIS A 1071 -18.35 -7.69 3.07
N LEU A 1072 -17.43 -8.34 3.77
CA LEU A 1072 -16.65 -7.73 4.83
C LEU A 1072 -15.19 -7.69 4.41
N ARG A 1073 -14.50 -6.61 4.75
CA ARG A 1073 -13.18 -6.32 4.20
C ARG A 1073 -12.15 -6.11 5.30
N GLY A 1074 -12.21 -6.90 6.36
CA GLY A 1074 -11.28 -6.76 7.46
C GLY A 1074 -11.69 -5.66 8.44
N THR A 1075 -10.79 -5.39 9.38
CA THR A 1075 -11.05 -4.42 10.43
C THR A 1075 -9.97 -3.35 10.44
N SER A 1076 -10.22 -2.28 11.18
CA SER A 1076 -9.32 -1.13 11.27
C SER A 1076 -9.66 -0.36 12.54
N THR A 1077 -8.83 0.64 12.85
CA THR A 1077 -9.20 1.62 13.85
C THR A 1077 -9.51 2.98 13.23
N GLU A 1078 -9.56 3.07 11.90
CA GLU A 1078 -10.02 4.26 11.22
C GLU A 1078 -11.50 4.20 10.86
N THR A 1079 -12.10 3.01 10.84
CA THR A 1079 -13.52 2.86 10.60
C THR A 1079 -14.31 2.69 11.89
N VAL A 1080 -13.89 1.76 12.73
CA VAL A 1080 -14.50 1.53 14.04
C VAL A 1080 -13.49 1.83 15.12
N PRO A 1081 -13.58 2.95 15.82
CA PRO A 1081 -12.57 3.30 16.82
C PRO A 1081 -12.95 2.81 18.21
N ASN A 1082 -11.92 2.68 19.04
CA ASN A 1082 -12.05 2.36 20.47
C ASN A 1082 -12.80 1.06 20.71
N ALA A 1083 -12.40 0.01 19.99
CA ALA A 1083 -12.96 -1.29 20.27
C ALA A 1083 -12.29 -1.88 21.50
N ASN A 1084 -12.71 -3.08 21.88
CA ASN A 1084 -12.23 -3.74 23.10
C ASN A 1084 -11.27 -4.86 22.76
N ILE A 1085 -10.88 -5.60 23.81
CA ILE A 1085 -10.18 -6.86 23.63
C ILE A 1085 -11.06 -7.83 22.87
N SER A 1086 -10.46 -8.61 21.99
CA SER A 1086 -11.22 -9.62 21.26
C SER A 1086 -11.17 -10.96 21.98
N GLY A 1087 -11.55 -10.95 23.25
CA GLY A 1087 -11.54 -12.15 24.07
C GLY A 1087 -12.78 -12.24 24.93
N GLY A 1088 -12.75 -13.19 25.86
CA GLY A 1088 -13.87 -13.42 26.76
C GLY A 1088 -15.00 -14.24 26.18
N SER A 1089 -14.88 -14.69 24.93
CA SER A 1089 -15.92 -15.46 24.25
C SER A 1089 -17.23 -14.69 24.14
N VAL A 1090 -17.14 -13.36 24.14
CA VAL A 1090 -18.32 -12.51 24.00
C VAL A 1090 -18.26 -11.60 22.80
N VAL A 1091 -17.09 -11.40 22.18
CA VAL A 1091 -16.95 -10.39 21.14
C VAL A 1091 -17.77 -10.76 19.91
N ALA A 1092 -18.02 -12.05 19.68
CA ALA A 1092 -18.99 -12.44 18.68
C ALA A 1092 -20.35 -11.85 19.00
N ASP A 1093 -20.82 -12.05 20.24
CA ASP A 1093 -22.10 -11.50 20.66
C ASP A 1093 -22.10 -9.98 20.68
N LEU A 1094 -21.03 -9.37 21.20
CA LEU A 1094 -21.01 -7.91 21.33
C LEU A 1094 -20.99 -7.22 19.98
N ASN A 1095 -20.06 -7.60 19.11
CA ASN A 1095 -20.01 -6.97 17.81
C ASN A 1095 -21.20 -7.38 16.95
N GLY A 1096 -21.78 -8.56 17.18
CA GLY A 1096 -23.01 -8.91 16.49
C GLY A 1096 -24.18 -8.04 16.89
N LEU A 1097 -24.25 -7.67 18.16
CA LEU A 1097 -25.27 -6.73 18.59
C LEU A 1097 -25.05 -5.36 17.98
N ALA A 1098 -23.78 -4.94 17.86
CA ALA A 1098 -23.51 -3.67 17.19
C ALA A 1098 -23.95 -3.70 15.73
N VAL A 1099 -23.67 -4.80 15.04
CA VAL A 1099 -24.14 -4.99 13.67
C VAL A 1099 -25.66 -4.99 13.63
N LYS A 1100 -26.30 -5.60 14.64
CA LYS A 1100 -27.75 -5.56 14.73
C LYS A 1100 -28.26 -4.14 14.77
N ASP A 1101 -27.65 -3.32 15.63
CA ASP A 1101 -28.10 -1.94 15.77
C ASP A 1101 -27.94 -1.16 14.47
N ALA A 1102 -26.79 -1.30 13.81
CA ALA A 1102 -26.58 -0.59 12.55
C ALA A 1102 -27.61 -1.00 11.51
N CYS A 1103 -27.83 -2.32 11.35
CA CYS A 1103 -28.77 -2.77 10.34
C CYS A 1103 -30.19 -2.37 10.68
N GLN A 1104 -30.52 -2.31 11.98
CA GLN A 1104 -31.84 -1.83 12.35
C GLN A 1104 -32.02 -0.37 12.00
N THR A 1105 -30.99 0.44 12.20
CA THR A 1105 -31.06 1.84 11.80
C THR A 1105 -31.30 1.97 10.31
N LEU A 1106 -30.57 1.20 9.49
CA LEU A 1106 -30.79 1.29 8.05
C LEU A 1106 -32.18 0.81 7.64
N LEU A 1107 -32.67 -0.28 8.22
CA LEU A 1107 -34.01 -0.70 7.83
C LEU A 1107 -35.08 0.23 8.36
N LYS A 1108 -34.77 0.96 9.45
CA LYS A 1108 -35.62 2.04 9.93
C LYS A 1108 -35.64 3.21 8.96
N ARG A 1109 -34.52 3.48 8.30
CA ARG A 1109 -34.49 4.65 7.41
C ARG A 1109 -35.34 4.47 6.16
N LEU A 1110 -35.80 3.27 5.86
CA LEU A 1110 -36.35 2.96 4.54
C LEU A 1110 -37.69 2.24 4.64
N GLU A 1111 -38.61 2.71 5.50
CA GLU A 1111 -39.97 2.19 5.42
C GLU A 1111 -40.66 2.53 4.11
N PRO A 1112 -40.72 3.80 3.67
CA PRO A 1112 -41.58 4.10 2.51
C PRO A 1112 -41.13 3.43 1.24
N ILE A 1113 -39.83 3.41 0.97
CA ILE A 1113 -39.37 2.89 -0.32
C ILE A 1113 -39.69 1.41 -0.43
N ILE A 1114 -39.41 0.66 0.64
CA ILE A 1114 -39.66 -0.77 0.64
C ILE A 1114 -41.16 -1.04 0.61
N SER A 1115 -41.94 -0.34 1.43
CA SER A 1115 -43.37 -0.61 1.51
C SER A 1115 -44.15 -0.07 0.32
N LYS A 1116 -43.52 0.70 -0.56
CA LYS A 1116 -44.12 1.08 -1.82
C LYS A 1116 -43.74 0.14 -2.96
N ASN A 1117 -42.77 -0.75 -2.74
CA ASN A 1117 -42.14 -1.54 -3.80
C ASN A 1117 -42.14 -3.01 -3.40
N PRO A 1118 -43.19 -3.75 -3.78
CA PRO A 1118 -43.37 -5.09 -3.18
C PRO A 1118 -42.45 -6.17 -3.75
N LYS A 1119 -42.28 -6.23 -5.08
CA LYS A 1119 -41.66 -7.38 -5.70
C LYS A 1119 -40.40 -7.02 -6.48
N GLY A 1120 -39.55 -6.19 -5.89
CA GLY A 1120 -38.31 -5.80 -6.55
C GLY A 1120 -37.08 -6.29 -5.81
N THR A 1121 -35.95 -5.67 -6.09
CA THR A 1121 -34.68 -6.04 -5.52
C THR A 1121 -34.14 -4.89 -4.66
N TRP A 1122 -33.01 -5.16 -4.01
CA TRP A 1122 -32.37 -4.10 -3.25
C TRP A 1122 -31.72 -3.06 -4.14
N LYS A 1123 -31.46 -3.41 -5.41
CA LYS A 1123 -30.99 -2.42 -6.38
C LYS A 1123 -31.97 -1.26 -6.49
N ASP A 1124 -33.24 -1.59 -6.71
CA ASP A 1124 -34.27 -0.57 -6.87
C ASP A 1124 -34.39 0.28 -5.62
N TRP A 1125 -34.40 -0.36 -4.45
CA TRP A 1125 -34.72 0.38 -3.23
C TRP A 1125 -33.54 1.24 -2.80
N ALA A 1126 -32.31 0.79 -3.05
CA ALA A 1126 -31.15 1.63 -2.75
C ALA A 1126 -31.05 2.79 -3.72
N GLN A 1127 -31.36 2.54 -5.01
CA GLN A 1127 -31.43 3.62 -5.98
C GLN A 1127 -32.43 4.69 -5.54
N THR A 1128 -33.65 4.27 -5.23
CA THR A 1128 -34.69 5.19 -4.81
C THR A 1128 -34.33 5.89 -3.51
N ALA A 1129 -33.67 5.19 -2.60
CA ALA A 1129 -33.26 5.81 -1.34
C ALA A 1129 -32.26 6.92 -1.58
N PHE A 1130 -31.36 6.74 -2.54
CA PHE A 1130 -30.48 7.84 -2.91
C PHE A 1130 -31.26 8.97 -3.58
N ASP A 1131 -32.25 8.61 -4.40
CA ASP A 1131 -33.02 9.62 -5.12
C ASP A 1131 -33.71 10.59 -4.16
N GLU A 1132 -34.30 10.07 -3.09
CA GLU A 1132 -35.04 10.86 -2.13
C GLU A 1132 -34.20 11.31 -0.95
N SER A 1133 -32.87 11.32 -1.12
CA SER A 1133 -31.94 11.95 -0.18
C SER A 1133 -32.03 11.33 1.21
N ILE A 1134 -31.78 10.03 1.27
CA ILE A 1134 -31.83 9.26 2.50
C ILE A 1134 -30.46 8.63 2.73
N ASN A 1135 -29.91 8.86 3.92
CA ASN A 1135 -28.58 8.35 4.25
C ASN A 1135 -28.58 6.82 4.19
N LEU A 1136 -27.47 6.25 3.71
CA LEU A 1136 -27.37 4.82 3.56
C LEU A 1136 -26.18 4.21 4.28
N SER A 1137 -25.46 4.99 5.10
CA SER A 1137 -24.37 4.46 5.92
C SER A 1137 -24.61 4.87 7.36
N ALA A 1138 -24.56 3.89 8.27
CA ALA A 1138 -24.80 4.18 9.67
C ALA A 1138 -23.79 3.51 10.57
N VAL A 1139 -23.56 4.15 11.71
CA VAL A 1139 -22.79 3.59 12.80
C VAL A 1139 -23.71 2.74 13.67
N GLY A 1140 -23.30 1.51 13.93
CA GLY A 1140 -23.97 0.67 14.91
C GLY A 1140 -23.19 0.66 16.21
N TYR A 1141 -23.89 0.39 17.31
CA TYR A 1141 -23.27 0.46 18.62
C TYR A 1141 -24.09 -0.36 19.61
N PHE A 1142 -23.40 -1.03 20.51
CA PHE A 1142 -24.03 -1.77 21.60
C PHE A 1142 -23.30 -1.45 22.89
N ARG A 1143 -24.06 -1.17 23.94
CA ARG A 1143 -23.50 -0.72 25.21
C ARG A 1143 -22.94 -1.87 26.03
N GLY A 1144 -23.19 -3.11 25.64
CA GLY A 1144 -22.70 -4.24 26.39
C GLY A 1144 -23.48 -4.51 27.65
N TYR A 1145 -23.33 -5.71 28.20
CA TYR A 1145 -24.05 -6.09 29.40
C TYR A 1145 -23.54 -5.37 30.65
N GLU A 1146 -24.40 -5.16 31.63
CA GLU A 1146 -23.97 -4.52 32.87
C GLU A 1146 -23.34 -5.52 33.81
N SER A 1147 -22.12 -5.23 34.24
CA SER A 1147 -21.43 -6.12 35.16
C SER A 1147 -20.88 -5.42 36.37
N ASP A 1148 -21.19 -5.92 37.55
CA ASP A 1148 -20.67 -5.33 38.77
C ASP A 1148 -20.11 -6.36 39.73
N MET A 1149 -18.88 -6.14 40.21
CA MET A 1149 -18.33 -7.03 41.22
C MET A 1149 -17.73 -6.17 42.32
N ASN A 1150 -18.04 -6.47 43.58
CA ASN A 1150 -17.45 -5.75 44.69
C ASN A 1150 -16.64 -6.79 45.44
N TRP A 1151 -15.41 -6.46 45.81
CA TRP A 1151 -14.61 -7.40 46.60
C TRP A 1151 -14.68 -7.12 48.08
N GLU A 1152 -14.90 -5.87 48.44
CA GLU A 1152 -15.05 -5.51 49.85
C GLU A 1152 -16.28 -6.17 50.46
N LYS A 1153 -17.29 -6.50 49.65
CA LYS A 1153 -18.42 -7.30 50.08
C LYS A 1153 -18.54 -8.62 49.34
N GLY A 1154 -17.87 -8.78 48.20
CA GLY A 1154 -17.94 -10.02 47.45
C GLY A 1154 -19.31 -10.35 46.90
N GLU A 1155 -20.02 -9.35 46.39
CA GLU A 1155 -21.38 -9.54 45.90
C GLU A 1155 -21.62 -8.68 44.68
N GLY A 1156 -22.50 -9.15 43.80
CA GLY A 1156 -22.85 -8.40 42.62
C GLY A 1156 -23.38 -9.31 41.54
N GLN A 1157 -23.46 -8.74 40.34
CA GLN A 1157 -23.93 -9.45 39.15
C GLN A 1157 -22.85 -9.30 38.10
N PRO A 1158 -21.79 -10.10 38.16
CA PRO A 1158 -20.69 -9.98 37.19
C PRO A 1158 -20.78 -10.90 35.98
N PHE A 1159 -21.71 -11.85 35.94
CA PHE A 1159 -21.81 -12.81 34.86
C PHE A 1159 -23.17 -12.66 34.17
N GLU A 1160 -23.15 -12.55 32.85
CA GLU A 1160 -24.39 -12.43 32.11
C GLU A 1160 -25.17 -13.73 32.15
N TYR A 1161 -24.52 -14.86 31.84
CA TYR A 1161 -25.25 -16.12 31.93
C TYR A 1161 -24.25 -17.25 32.18
N PHE A 1162 -24.72 -18.50 32.02
CA PHE A 1162 -23.91 -19.68 32.25
C PHE A 1162 -24.27 -20.74 31.23
N VAL A 1163 -23.28 -21.51 30.79
CA VAL A 1163 -23.49 -22.63 29.90
C VAL A 1163 -23.33 -23.92 30.69
N TYR A 1164 -24.13 -24.93 30.33
CA TYR A 1164 -24.28 -26.15 31.11
C TYR A 1164 -23.99 -27.37 30.24
N GLY A 1165 -23.04 -28.20 30.69
CA GLY A 1165 -22.64 -29.35 29.90
C GLY A 1165 -22.23 -30.52 30.77
N ALA A 1166 -22.01 -31.65 30.09
CA ALA A 1166 -21.57 -32.88 30.74
C ALA A 1166 -20.74 -33.70 29.76
N ALA A 1167 -19.76 -34.42 30.29
CA ALA A 1167 -18.90 -35.24 29.44
C ALA A 1167 -18.54 -36.53 30.17
N CYS A 1168 -18.72 -37.67 29.50
CA CYS A 1168 -18.26 -38.95 30.00
C CYS A 1168 -17.15 -39.47 29.09
N SER A 1169 -16.16 -40.12 29.70
CA SER A 1169 -14.94 -40.50 29.01
C SER A 1169 -14.48 -41.88 29.47
N GLU A 1170 -14.01 -42.67 28.51
CA GLU A 1170 -13.45 -44.00 28.76
C GLU A 1170 -12.02 -44.06 28.27
N VAL A 1171 -11.11 -44.49 29.14
CA VAL A 1171 -9.71 -44.63 28.79
C VAL A 1171 -9.24 -46.03 29.18
N GLU A 1172 -8.03 -46.37 28.73
CA GLU A 1172 -7.40 -47.65 29.06
C GLU A 1172 -5.90 -47.43 29.20
N ILE A 1173 -5.38 -47.57 30.43
CA ILE A 1173 -3.96 -47.38 30.70
C ILE A 1173 -3.30 -48.74 30.86
N ASP A 1174 -1.97 -48.75 30.67
CA ASP A 1174 -1.16 -49.94 30.81
C ASP A 1174 -0.20 -49.75 31.98
N CYS A 1175 -0.15 -50.74 32.88
CA CYS A 1175 0.62 -50.55 34.10
C CYS A 1175 2.10 -50.75 33.88
N LEU A 1176 2.49 -51.46 32.81
CA LEU A 1176 3.90 -51.69 32.54
C LEU A 1176 4.54 -50.48 31.86
N THR A 1177 4.04 -50.13 30.69
CA THR A 1177 4.41 -48.87 30.04
C THR A 1177 3.30 -47.86 30.32
N GLY A 1178 3.67 -46.74 30.93
CA GLY A 1178 2.68 -45.87 31.55
C GLY A 1178 1.91 -44.96 30.63
N ASP A 1179 1.46 -45.45 29.49
CA ASP A 1179 0.66 -44.63 28.58
C ASP A 1179 -0.81 -45.03 28.65
N HIS A 1180 -1.64 -44.25 27.95
CA HIS A 1180 -3.08 -44.43 28.00
C HIS A 1180 -3.68 -44.27 26.62
N LYS A 1181 -4.85 -44.85 26.44
CA LYS A 1181 -5.65 -44.77 25.23
C LYS A 1181 -6.91 -43.98 25.50
N ASN A 1182 -7.53 -43.46 24.43
CA ASN A 1182 -8.81 -42.77 24.50
C ASN A 1182 -9.78 -43.55 23.62
N ILE A 1183 -10.78 -44.18 24.25
CA ILE A 1183 -11.67 -45.09 23.53
C ILE A 1183 -12.94 -44.39 23.07
N ARG A 1184 -13.63 -43.71 23.98
CA ARG A 1184 -14.94 -43.16 23.68
C ARG A 1184 -15.24 -42.01 24.61
N THR A 1185 -15.65 -40.88 24.05
CA THR A 1185 -16.10 -39.72 24.81
C THR A 1185 -17.47 -39.32 24.30
N ASP A 1186 -18.43 -39.22 25.22
CA ASP A 1186 -19.76 -38.72 24.90
C ASP A 1186 -19.97 -37.41 25.63
N ILE A 1187 -20.28 -36.37 24.87
CA ILE A 1187 -20.28 -35.00 25.39
C ILE A 1187 -21.56 -34.30 24.94
N VAL A 1188 -22.25 -33.67 25.88
CA VAL A 1188 -23.47 -32.91 25.59
C VAL A 1188 -23.38 -31.55 26.25
N MET A 1189 -23.91 -30.53 25.58
CA MET A 1189 -23.97 -29.19 26.14
C MET A 1189 -25.27 -28.53 25.70
N ASP A 1190 -25.69 -27.52 26.46
CA ASP A 1190 -26.88 -26.74 26.17
C ASP A 1190 -26.45 -25.38 25.62
N VAL A 1191 -26.85 -25.08 24.39
CA VAL A 1191 -26.42 -23.86 23.72
C VAL A 1191 -27.58 -22.98 23.28
N GLY A 1192 -28.78 -23.52 23.08
CA GLY A 1192 -29.89 -22.75 22.56
C GLY A 1192 -30.08 -22.96 21.06
N CYS A 1193 -30.87 -22.06 20.47
CA CYS A 1193 -31.04 -22.05 19.03
C CYS A 1193 -29.76 -21.51 18.41
N SER A 1194 -28.91 -22.41 17.93
CA SER A 1194 -27.58 -22.02 17.50
C SER A 1194 -27.63 -21.17 16.23
N ILE A 1195 -26.73 -20.21 16.15
CA ILE A 1195 -26.59 -19.43 14.92
C ILE A 1195 -26.10 -20.32 13.79
N ASN A 1196 -25.05 -21.09 14.05
CA ASN A 1196 -24.48 -22.03 13.08
C ASN A 1196 -24.04 -23.29 13.81
N PRO A 1197 -24.78 -24.39 13.65
CA PRO A 1197 -24.43 -25.62 14.38
C PRO A 1197 -23.03 -26.14 14.12
N ALA A 1198 -22.55 -26.06 12.87
CA ALA A 1198 -21.24 -26.59 12.54
C ALA A 1198 -20.13 -25.86 13.28
N ILE A 1199 -20.22 -24.53 13.36
CA ILE A 1199 -19.23 -23.76 14.10
C ILE A 1199 -19.26 -24.14 15.58
N ASP A 1200 -20.46 -24.36 16.12
CA ASP A 1200 -20.59 -24.71 17.53
C ASP A 1200 -19.93 -26.05 17.83
N ILE A 1201 -20.22 -27.06 17.00
CA ILE A 1201 -19.63 -28.38 17.22
C ILE A 1201 -18.13 -28.33 17.04
N GLY A 1202 -17.65 -27.54 16.08
CA GLY A 1202 -16.21 -27.39 15.90
C GLY A 1202 -15.54 -26.78 17.11
N GLN A 1203 -16.15 -25.72 17.67
CA GLN A 1203 -15.58 -25.11 18.86
C GLN A 1203 -15.58 -26.07 20.04
N ILE A 1204 -16.65 -26.86 20.17
CA ILE A 1204 -16.72 -27.83 21.27
C ILE A 1204 -15.60 -28.85 21.15
N GLU A 1205 -15.43 -29.43 19.96
CA GLU A 1205 -14.36 -30.41 19.76
C GLU A 1205 -12.99 -29.81 20.01
N GLY A 1206 -12.74 -28.61 19.49
CA GLY A 1206 -11.45 -28.00 19.68
C GLY A 1206 -11.13 -27.70 21.13
N ALA A 1207 -12.13 -27.20 21.87
CA ALA A 1207 -11.92 -26.93 23.29
C ALA A 1207 -11.67 -28.22 24.06
N PHE A 1208 -12.40 -29.28 23.73
CA PHE A 1208 -12.17 -30.56 24.40
C PHE A 1208 -10.75 -31.06 24.16
N ILE A 1209 -10.29 -30.98 22.91
CA ILE A 1209 -8.94 -31.46 22.59
C ILE A 1209 -7.90 -30.63 23.32
N GLN A 1210 -8.08 -29.31 23.36
CA GLN A 1210 -7.11 -28.46 24.06
C GLN A 1210 -7.07 -28.76 25.55
N GLY A 1211 -8.23 -28.99 26.16
CA GLY A 1211 -8.24 -29.32 27.58
C GLY A 1211 -7.60 -30.68 27.88
N MET A 1212 -7.91 -31.68 27.05
CA MET A 1212 -7.28 -32.98 27.22
C MET A 1212 -5.76 -32.88 27.06
N GLY A 1213 -5.31 -32.09 26.09
CA GLY A 1213 -3.88 -31.88 25.93
C GLY A 1213 -3.24 -31.21 27.13
N LEU A 1214 -3.90 -30.19 27.69
CA LEU A 1214 -3.34 -29.54 28.87
C LEU A 1214 -3.25 -30.51 30.05
N TYR A 1215 -4.30 -31.28 30.26
CA TYR A 1215 -4.36 -32.14 31.43
C TYR A 1215 -3.48 -33.38 31.33
N THR A 1216 -3.19 -33.87 30.12
CA THR A 1216 -2.42 -35.11 29.98
C THR A 1216 -1.00 -34.90 29.50
N ILE A 1217 -0.77 -34.08 28.49
CA ILE A 1217 0.47 -34.14 27.70
C ILE A 1217 1.43 -33.01 28.05
N GLU A 1218 0.96 -31.76 28.03
CA GLU A 1218 1.85 -30.62 27.91
C GLU A 1218 2.50 -30.27 29.23
N GLU A 1219 3.83 -30.13 29.21
CA GLU A 1219 4.61 -29.80 30.40
C GLU A 1219 5.70 -28.80 30.04
N LEU A 1220 6.06 -27.96 31.01
CA LEU A 1220 7.05 -26.90 30.85
C LEU A 1220 8.22 -27.18 31.79
N ASN A 1221 9.30 -27.73 31.23
CA ASN A 1221 10.47 -28.08 32.02
C ASN A 1221 11.45 -26.91 32.05
N TYR A 1222 11.83 -26.49 33.25
CA TYR A 1222 12.68 -25.34 33.46
C TYR A 1222 14.03 -25.78 34.02
N SER A 1223 15.10 -25.20 33.48
CA SER A 1223 16.41 -25.41 34.05
C SER A 1223 16.50 -24.71 35.41
N PRO A 1224 17.38 -25.18 36.31
CA PRO A 1224 17.44 -24.59 37.65
C PRO A 1224 17.82 -23.12 37.67
N GLN A 1225 18.39 -22.60 36.60
CA GLN A 1225 18.68 -21.18 36.49
C GLN A 1225 17.56 -20.40 35.82
N GLY A 1226 16.47 -21.07 35.46
CA GLY A 1226 15.33 -20.41 34.86
C GLY A 1226 15.17 -20.59 33.37
N ILE A 1227 16.12 -21.24 32.70
CA ILE A 1227 16.06 -21.38 31.25
C ILE A 1227 15.05 -22.45 30.89
N LEU A 1228 14.09 -22.09 30.05
CA LEU A 1228 13.09 -23.03 29.57
C LEU A 1228 13.65 -23.83 28.40
N HIS A 1229 13.19 -25.07 28.26
CA HIS A 1229 13.63 -25.98 27.22
C HIS A 1229 12.60 -26.04 26.11
N THR A 1230 13.05 -25.84 24.88
CA THR A 1230 12.13 -25.86 23.74
C THR A 1230 12.20 -27.14 22.91
N ARG A 1231 13.39 -27.69 22.68
CA ARG A 1231 13.55 -28.92 21.93
C ARG A 1231 14.46 -29.87 22.70
N GLY A 1232 14.29 -31.17 22.43
CA GLY A 1232 15.04 -32.19 23.12
C GLY A 1232 14.14 -33.27 23.65
N PRO A 1233 14.60 -33.98 24.69
CA PRO A 1233 13.72 -34.99 25.32
C PRO A 1233 12.48 -34.38 25.95
N ASP A 1234 12.57 -33.15 26.46
CA ASP A 1234 11.49 -32.51 27.17
C ASP A 1234 10.81 -31.41 26.36
N GLN A 1235 10.75 -31.58 25.05
CA GLN A 1235 10.16 -30.56 24.19
C GLN A 1235 8.65 -30.55 24.31
N TYR A 1236 8.06 -29.40 24.00
CA TYR A 1236 6.61 -29.24 24.09
C TYR A 1236 5.90 -30.08 23.04
N LYS A 1237 4.81 -30.71 23.46
CA LYS A 1237 3.94 -31.47 22.57
C LYS A 1237 2.51 -30.95 22.65
N ILE A 1238 1.80 -31.10 21.55
CA ILE A 1238 0.36 -30.82 21.48
C ILE A 1238 -0.30 -32.06 20.90
N PRO A 1239 -1.59 -32.26 21.17
CA PRO A 1239 -2.27 -33.48 20.70
C PRO A 1239 -2.18 -33.62 19.19
N ALA A 1240 -2.10 -34.87 18.75
CA ALA A 1240 -1.95 -35.21 17.35
C ALA A 1240 -3.16 -36.01 16.89
N ILE A 1241 -3.10 -36.49 15.64
CA ILE A 1241 -4.25 -37.09 15.01
C ILE A 1241 -4.65 -38.41 15.65
N CYS A 1242 -3.73 -39.09 16.33
CA CYS A 1242 -4.03 -40.37 16.94
C CYS A 1242 -4.48 -40.28 18.38
N ASP A 1243 -4.49 -39.07 18.97
CA ASP A 1243 -4.95 -38.88 20.34
C ASP A 1243 -6.46 -38.72 20.43
N MET A 1244 -7.16 -38.71 19.32
CA MET A 1244 -8.61 -38.60 19.34
C MET A 1244 -9.24 -39.89 19.86
N PRO A 1245 -10.40 -39.78 20.49
CA PRO A 1245 -11.15 -40.99 20.84
C PRO A 1245 -11.58 -41.71 19.58
N THR A 1246 -11.69 -43.05 19.69
CA THR A 1246 -12.11 -43.85 18.55
C THR A 1246 -13.50 -43.45 18.10
N GLU A 1247 -14.42 -43.30 19.05
CA GLU A 1247 -15.76 -42.78 18.79
C GLU A 1247 -15.97 -41.56 19.66
N LEU A 1248 -16.49 -40.49 19.06
CA LEU A 1248 -16.87 -39.29 19.80
C LEU A 1248 -18.28 -38.94 19.31
N HIS A 1249 -19.28 -39.54 19.96
CA HIS A 1249 -20.68 -39.28 19.62
C HIS A 1249 -21.15 -38.07 20.41
N ILE A 1250 -21.36 -36.96 19.71
CA ILE A 1250 -21.74 -35.71 20.34
C ILE A 1250 -23.12 -35.29 19.81
N ALA A 1251 -24.03 -35.03 20.73
CA ALA A 1251 -25.39 -34.60 20.39
C ALA A 1251 -25.68 -33.28 21.08
N LEU A 1252 -26.50 -32.46 20.44
CA LEU A 1252 -26.83 -31.12 20.94
C LEU A 1252 -28.30 -31.07 21.31
N LEU A 1253 -28.58 -30.60 22.52
CA LEU A 1253 -29.89 -30.64 23.14
C LEU A 1253 -30.78 -29.50 22.67
N PRO A 1254 -32.10 -29.63 22.82
CA PRO A 1254 -33.02 -28.57 22.38
C PRO A 1254 -32.81 -27.28 23.14
N PRO A 1255 -33.22 -26.15 22.56
CA PRO A 1255 -32.92 -24.84 23.15
C PRO A 1255 -33.72 -24.49 24.40
N SER A 1256 -33.57 -23.24 24.85
CA SER A 1256 -34.27 -22.74 26.03
C SER A 1256 -34.87 -21.33 25.87
N GLN A 1257 -34.50 -20.58 24.82
CA GLN A 1257 -35.02 -19.23 24.54
C GLN A 1257 -34.69 -18.26 25.68
N ASN A 1258 -33.39 -17.99 25.81
CA ASN A 1258 -32.86 -17.15 26.88
C ASN A 1258 -33.13 -15.67 26.59
N SER A 1259 -32.82 -14.82 27.57
CA SER A 1259 -33.30 -13.44 27.55
C SER A 1259 -32.38 -12.50 26.78
N ASN A 1260 -31.16 -12.30 27.25
CA ASN A 1260 -30.30 -11.24 26.75
C ASN A 1260 -29.16 -11.80 25.90
N THR A 1261 -29.29 -13.06 25.47
CA THR A 1261 -28.35 -13.69 24.57
C THR A 1261 -28.83 -13.50 23.14
N LEU A 1262 -27.91 -13.10 22.27
CA LEU A 1262 -28.24 -12.78 20.88
C LEU A 1262 -28.90 -13.96 20.18
N TYR A 1263 -30.19 -13.80 19.86
CA TYR A 1263 -30.94 -14.75 19.03
C TYR A 1263 -31.08 -16.11 19.71
N SER A 1264 -31.08 -16.12 21.05
CA SER A 1264 -31.19 -17.32 21.88
C SER A 1264 -30.04 -18.30 21.61
N SER A 1265 -28.84 -17.76 21.48
CA SER A 1265 -27.64 -18.53 21.25
C SER A 1265 -26.59 -18.15 22.27
N LYS A 1266 -25.82 -19.14 22.73
CA LYS A 1266 -24.86 -18.95 23.80
C LYS A 1266 -23.44 -18.88 23.24
N GLY A 1267 -22.59 -18.14 23.94
CA GLY A 1267 -21.24 -17.87 23.49
C GLY A 1267 -20.19 -18.84 24.00
N LEU A 1268 -19.82 -19.80 23.17
CA LEU A 1268 -18.84 -20.82 23.52
C LEU A 1268 -17.46 -20.32 23.15
N GLY A 1269 -16.48 -21.23 23.13
CA GLY A 1269 -15.11 -20.89 22.82
C GLY A 1269 -14.16 -20.95 23.98
N GLU A 1270 -14.68 -20.95 25.21
CA GLU A 1270 -13.87 -21.21 26.38
C GLU A 1270 -14.49 -22.27 27.28
N SER A 1271 -15.60 -22.89 26.86
CA SER A 1271 -16.43 -23.70 27.74
C SER A 1271 -15.96 -25.15 27.83
N GLY A 1272 -15.75 -25.80 26.69
CA GLY A 1272 -15.43 -27.22 26.66
C GLY A 1272 -14.02 -27.58 27.07
N VAL A 1273 -13.20 -26.61 27.44
CA VAL A 1273 -11.81 -26.89 27.80
C VAL A 1273 -11.75 -27.74 29.07
N PHE A 1274 -12.50 -27.35 30.10
CA PHE A 1274 -12.44 -28.07 31.36
C PHE A 1274 -13.04 -29.46 31.27
N LEU A 1275 -13.94 -29.71 30.32
CA LEU A 1275 -14.44 -31.07 30.12
C LEU A 1275 -13.35 -32.05 29.74
N GLY A 1276 -12.20 -31.56 29.26
CA GLY A 1276 -11.05 -32.41 29.03
C GLY A 1276 -10.46 -33.04 30.27
N CYS A 1277 -10.87 -32.59 31.46
CA CYS A 1277 -10.50 -33.31 32.68
C CYS A 1277 -11.19 -34.66 32.77
N SER A 1278 -12.24 -34.88 31.98
CA SER A 1278 -12.98 -36.15 32.02
C SER A 1278 -12.05 -37.34 31.84
N VAL A 1279 -11.37 -37.41 30.68
CA VAL A 1279 -10.40 -38.47 30.44
C VAL A 1279 -9.36 -38.51 31.55
N PHE A 1280 -8.97 -37.32 32.05
CA PHE A 1280 -8.07 -37.22 33.19
C PHE A 1280 -8.55 -38.07 34.33
N PHE A 1281 -9.75 -37.80 34.84
CA PHE A 1281 -10.23 -38.57 35.97
C PHE A 1281 -10.46 -40.02 35.57
N ALA A 1282 -10.73 -40.25 34.28
CA ALA A 1282 -10.84 -41.63 33.80
C ALA A 1282 -9.56 -42.40 34.10
N ILE A 1283 -8.40 -41.84 33.73
CA ILE A 1283 -7.16 -42.57 33.99
C ILE A 1283 -6.96 -42.69 35.49
N HIS A 1284 -7.38 -41.67 36.25
CA HIS A 1284 -7.33 -41.72 37.71
C HIS A 1284 -8.07 -42.95 38.20
N ASP A 1285 -9.28 -43.16 37.68
CA ASP A 1285 -10.06 -44.34 38.06
C ASP A 1285 -9.28 -45.61 37.77
N ALA A 1286 -8.70 -45.69 36.57
CA ALA A 1286 -7.95 -46.89 36.21
C ALA A 1286 -6.81 -47.12 37.19
N VAL A 1287 -6.08 -46.05 37.54
CA VAL A 1287 -4.96 -46.19 38.45
C VAL A 1287 -5.43 -46.77 39.77
N SER A 1288 -6.59 -46.30 40.25
CA SER A 1288 -7.12 -46.80 41.50
C SER A 1288 -7.37 -48.29 41.43
N ALA A 1289 -7.94 -48.76 40.32
CA ALA A 1289 -8.18 -50.18 40.17
C ALA A 1289 -6.88 -50.96 40.30
N ALA A 1290 -5.79 -50.42 39.74
CA ALA A 1290 -4.48 -51.05 39.89
C ALA A 1290 -4.12 -51.15 41.37
N ARG A 1291 -4.20 -50.03 42.08
CA ARG A 1291 -3.91 -50.07 43.52
C ARG A 1291 -4.99 -50.82 44.28
N GLN A 1292 -6.15 -51.05 43.65
CA GLN A 1292 -7.14 -51.93 44.25
C GLN A 1292 -6.65 -53.37 44.22
N GLU A 1293 -6.01 -53.78 43.13
CA GLU A 1293 -5.55 -55.15 42.99
C GLU A 1293 -4.16 -55.36 43.56
N ARG A 1294 -3.37 -54.31 43.70
CA ARG A 1294 -2.06 -54.42 44.33
C ARG A 1294 -2.15 -54.52 45.85
N GLY A 1295 -3.33 -54.32 46.42
CA GLY A 1295 -3.49 -54.47 47.85
C GLY A 1295 -2.95 -53.33 48.68
N LEU A 1296 -2.48 -52.25 48.05
CA LEU A 1296 -1.93 -51.11 48.78
C LEU A 1296 -2.87 -49.93 48.59
N HIS A 1297 -3.30 -49.35 49.70
CA HIS A 1297 -4.20 -48.20 49.70
C HIS A 1297 -3.50 -46.94 50.22
N GLY A 1298 -2.19 -46.85 50.01
CA GLY A 1298 -1.41 -45.75 50.53
C GLY A 1298 -1.76 -44.43 49.88
N PRO A 1299 -1.28 -43.33 50.46
CA PRO A 1299 -1.67 -42.00 49.98
C PRO A 1299 -1.12 -41.74 48.58
N LEU A 1300 -1.99 -41.19 47.72
CA LEU A 1300 -1.64 -40.85 46.35
C LEU A 1300 -1.84 -39.35 46.15
N THR A 1301 -0.87 -38.71 45.50
CA THR A 1301 -0.94 -37.29 45.19
C THR A 1301 -0.71 -37.12 43.68
N LEU A 1302 -1.80 -37.06 42.93
CA LEU A 1302 -1.75 -36.94 41.47
C LEU A 1302 -1.94 -35.49 41.11
N ASN A 1303 -0.88 -34.85 40.63
CA ASN A 1303 -0.92 -33.44 40.24
C ASN A 1303 -1.27 -33.35 38.76
N SER A 1304 -1.16 -32.14 38.19
CA SER A 1304 -1.43 -31.93 36.79
C SER A 1304 -0.25 -31.21 36.15
N PRO A 1305 0.15 -31.58 34.93
CA PRO A 1305 -0.46 -32.61 34.09
C PRO A 1305 -0.10 -34.03 34.51
N LEU A 1306 -0.96 -34.99 34.18
CA LEU A 1306 -0.66 -36.40 34.43
C LEU A 1306 0.11 -36.94 33.23
N THR A 1307 1.41 -36.67 33.24
CA THR A 1307 2.33 -37.22 32.27
C THR A 1307 2.46 -38.73 32.47
N PRO A 1308 2.87 -39.46 31.44
CA PRO A 1308 3.07 -40.91 31.62
C PRO A 1308 4.07 -41.27 32.70
N GLU A 1309 4.99 -40.36 33.02
CA GLU A 1309 5.90 -40.57 34.15
C GLU A 1309 5.13 -40.76 35.45
N LYS A 1310 4.23 -39.83 35.76
CA LYS A 1310 3.54 -39.89 37.04
C LYS A 1310 2.47 -40.98 37.03
N ILE A 1311 1.91 -41.30 35.86
CA ILE A 1311 1.00 -42.43 35.76
C ILE A 1311 1.74 -43.73 36.06
N ARG A 1312 2.96 -43.87 35.55
CA ARG A 1312 3.73 -45.08 35.83
C ARG A 1312 4.19 -45.11 37.28
N MET A 1313 4.52 -43.96 37.85
CA MET A 1313 4.84 -43.89 39.27
C MET A 1313 3.65 -44.33 40.13
N ALA A 1314 2.44 -43.95 39.72
CA ALA A 1314 1.25 -44.30 40.49
C ALA A 1314 1.01 -45.80 40.53
N CYS A 1315 1.30 -46.51 39.43
CA CYS A 1315 1.17 -47.96 39.39
C CYS A 1315 2.42 -48.60 40.00
N GLU A 1316 2.50 -48.51 41.33
CA GLU A 1316 3.63 -49.10 42.04
C GLU A 1316 3.59 -50.61 41.94
N ASP A 1317 4.78 -51.21 41.97
CA ASP A 1317 4.96 -52.63 41.70
C ASP A 1317 6.27 -53.07 42.35
N LYS A 1318 6.65 -54.32 42.10
CA LYS A 1318 7.96 -54.78 42.51
C LYS A 1318 9.08 -54.09 41.75
N PHE A 1319 8.80 -53.60 40.54
CA PHE A 1319 9.81 -52.91 39.75
C PHE A 1319 10.25 -51.61 40.41
N THR A 1320 9.29 -50.82 40.91
CA THR A 1320 9.64 -49.58 41.60
C THR A 1320 10.31 -49.84 42.94
N LYS A 1321 10.06 -51.01 43.53
CA LYS A 1321 10.68 -51.37 44.80
C LYS A 1321 12.14 -51.75 44.64
N MET A 1322 12.65 -51.85 43.42
CA MET A 1322 14.03 -52.20 43.13
C MET A 1322 14.66 -51.16 42.22
N ILE A 1323 14.54 -49.89 42.61
CA ILE A 1323 15.09 -48.76 41.88
C ILE A 1323 16.04 -48.02 42.80
N PRO A 1324 17.24 -47.65 42.38
CA PRO A 1324 18.18 -46.93 43.26
C PRO A 1324 17.68 -45.52 43.55
N ARG A 1325 17.36 -45.26 44.81
CA ARG A 1325 16.90 -43.94 45.24
C ARG A 1325 18.11 -43.02 45.37
N ASP A 1326 18.23 -42.04 44.48
CA ASP A 1326 19.31 -41.08 44.60
C ASP A 1326 19.04 -40.12 45.75
N GLU A 1327 20.11 -39.67 46.39
CA GLU A 1327 19.98 -38.72 47.49
C GLU A 1327 19.46 -37.39 46.96
N PRO A 1328 18.57 -36.71 47.68
CA PRO A 1328 18.02 -35.45 47.16
C PRO A 1328 19.05 -34.35 46.99
N GLY A 1329 19.79 -34.00 48.03
CA GLY A 1329 20.73 -32.90 47.95
C GLY A 1329 22.10 -33.29 47.43
N SER A 1330 22.13 -34.08 46.35
CA SER A 1330 23.37 -34.51 45.75
C SER A 1330 23.71 -33.69 44.51
N TYR A 1331 22.81 -33.61 43.55
CA TYR A 1331 23.03 -32.79 42.36
C TYR A 1331 21.76 -32.01 42.04
N VAL A 1332 21.94 -30.88 41.38
CA VAL A 1332 20.84 -29.99 40.99
C VAL A 1332 20.34 -30.48 39.62
N PRO A 1333 19.23 -31.21 39.55
CA PRO A 1333 18.91 -31.98 38.33
C PRO A 1333 18.52 -31.14 37.13
N TRP A 1334 18.12 -31.83 36.06
CA TRP A 1334 17.78 -31.16 34.80
C TRP A 1334 16.66 -30.15 34.99
N ASN A 1335 15.61 -30.55 35.71
CA ASN A 1335 14.44 -29.72 35.94
C ASN A 1335 14.17 -29.60 37.43
N VAL A 1336 13.50 -28.51 37.80
CA VAL A 1336 13.21 -28.21 39.19
C VAL A 1336 12.28 -29.26 39.81
N ALA B 4 30.26 2.08 -18.98
CA ALA B 4 31.69 1.89 -19.10
C ALA B 4 32.42 2.61 -17.96
N SER B 5 32.13 3.90 -17.81
CA SER B 5 32.75 4.73 -16.78
C SER B 5 31.73 5.06 -15.70
N GLU B 6 32.18 5.05 -14.44
CA GLU B 6 31.30 5.30 -13.31
C GLU B 6 31.08 6.80 -13.11
N LEU B 7 29.82 7.18 -12.99
CA LEU B 7 29.40 8.58 -12.93
C LEU B 7 29.02 8.93 -11.51
N LEU B 8 29.62 9.98 -10.98
CA LEU B 8 29.32 10.41 -9.61
C LEU B 8 28.99 11.89 -9.60
N PHE B 9 27.98 12.25 -8.83
CA PHE B 9 27.71 13.66 -8.55
C PHE B 9 27.09 13.75 -7.17
N TYR B 10 26.47 14.90 -6.88
CA TYR B 10 25.98 15.18 -5.54
C TYR B 10 24.54 15.69 -5.61
N VAL B 11 23.69 15.12 -4.76
CA VAL B 11 22.33 15.60 -4.57
C VAL B 11 22.20 15.95 -3.09
N ASN B 12 22.14 17.25 -2.79
CA ASN B 12 21.97 17.77 -1.43
C ASN B 12 23.07 17.28 -0.49
N GLY B 13 24.32 17.33 -0.95
CA GLY B 13 25.43 16.84 -0.18
C GLY B 13 25.57 15.33 -0.16
N ARG B 14 24.71 14.60 -0.85
CA ARG B 14 24.72 13.15 -0.86
C ARG B 14 25.38 12.67 -2.15
N LYS B 15 26.43 11.86 -2.02
CA LYS B 15 27.20 11.43 -3.17
C LYS B 15 26.47 10.28 -3.85
N VAL B 16 26.13 10.47 -5.13
CA VAL B 16 25.41 9.48 -5.93
C VAL B 16 26.35 8.95 -7.00
N ILE B 17 26.52 7.62 -7.02
CA ILE B 17 27.40 6.94 -7.96
C ILE B 17 26.58 5.91 -8.73
N GLU B 18 26.71 5.93 -10.05
CA GLU B 18 26.06 4.94 -10.89
C GLU B 18 27.06 4.32 -11.85
N LYS B 19 26.91 3.02 -12.06
CA LYS B 19 27.70 2.25 -13.01
C LYS B 19 26.77 1.71 -14.09
N ASN B 20 27.30 1.58 -15.30
CA ASN B 20 26.52 1.16 -16.48
C ASN B 20 25.32 2.09 -16.68
N VAL B 21 25.58 3.39 -16.63
CA VAL B 21 24.54 4.40 -16.78
C VAL B 21 23.95 4.32 -18.17
N ASP B 22 22.80 4.97 -18.35
CA ASP B 22 22.17 5.11 -19.65
C ASP B 22 21.89 6.58 -19.91
N PRO B 23 22.75 7.26 -20.68
CA PRO B 23 22.48 8.67 -21.03
C PRO B 23 21.21 8.89 -21.82
N GLU B 24 20.45 7.85 -22.13
CA GLU B 24 19.13 7.97 -22.74
C GLU B 24 18.03 8.17 -21.70
N THR B 25 18.41 8.32 -20.43
CA THR B 25 17.48 8.56 -19.33
C THR B 25 17.83 9.89 -18.66
N MET B 26 16.80 10.59 -18.20
CA MET B 26 16.93 11.98 -17.80
C MET B 26 17.15 12.11 -16.29
N LEU B 27 17.16 13.35 -15.80
CA LEU B 27 17.37 13.59 -14.37
C LEU B 27 16.11 13.52 -13.54
N LEU B 28 14.98 13.95 -14.11
CA LEU B 28 13.72 13.92 -13.35
C LEU B 28 13.29 12.53 -12.94
N PRO B 29 13.09 11.57 -13.87
CA PRO B 29 12.68 10.23 -13.40
C PRO B 29 13.72 9.56 -12.53
N TYR B 30 14.99 9.95 -12.67
CA TYR B 30 16.03 9.40 -11.83
C TYR B 30 15.85 9.83 -10.38
N LEU B 31 15.60 11.11 -10.15
CA LEU B 31 15.37 11.60 -8.79
C LEU B 31 14.05 11.09 -8.24
N ARG B 32 13.05 10.91 -9.10
CA ARG B 32 11.75 10.45 -8.62
C ARG B 32 11.77 8.96 -8.27
N LYS B 33 11.97 8.12 -9.28
CA LYS B 33 11.79 6.68 -9.08
C LYS B 33 12.97 5.97 -8.45
N LYS B 34 14.17 6.56 -8.48
CA LYS B 34 15.36 5.87 -8.00
C LYS B 34 15.91 6.47 -6.72
N LEU B 35 16.22 7.76 -6.70
CA LEU B 35 16.70 8.36 -5.46
C LEU B 35 15.57 8.64 -4.49
N ARG B 36 14.34 8.75 -5.00
CA ARG B 36 13.14 8.97 -4.20
C ARG B 36 13.24 10.26 -3.40
N LEU B 37 13.75 11.31 -4.04
CA LEU B 37 13.53 12.69 -3.58
C LEU B 37 12.39 13.24 -4.44
N THR B 38 11.18 12.82 -4.08
CA THR B 38 10.02 12.89 -4.96
C THR B 38 9.49 14.32 -5.11
N GLY B 39 9.95 15.26 -4.30
CA GLY B 39 9.36 16.59 -4.30
C GLY B 39 9.66 17.48 -5.48
N THR B 40 10.01 16.92 -6.63
CA THR B 40 10.13 17.68 -7.87
C THR B 40 9.27 17.00 -8.93
N LYS B 41 8.39 17.77 -9.56
CA LYS B 41 7.26 17.23 -10.28
C LYS B 41 7.40 17.35 -11.80
N TYR B 42 6.81 16.40 -12.49
CA TYR B 42 6.77 16.38 -13.96
C TYR B 42 5.61 17.26 -14.41
N GLY B 43 5.94 18.39 -15.00
CA GLY B 43 4.92 19.35 -15.42
C GLY B 43 4.61 19.28 -16.89
N CYS B 44 5.20 20.18 -17.67
CA CYS B 44 5.03 20.14 -19.12
C CYS B 44 5.72 18.93 -19.72
N GLY B 45 6.97 18.70 -19.33
CA GLY B 45 7.77 17.66 -19.94
C GLY B 45 8.31 18.00 -21.31
N GLY B 46 7.68 18.93 -22.02
CA GLY B 46 8.14 19.42 -23.30
C GLY B 46 9.18 20.51 -23.24
N GLY B 47 9.64 20.86 -22.05
CA GLY B 47 10.78 21.75 -21.90
C GLY B 47 10.58 22.95 -21.01
N GLY B 48 9.48 23.67 -21.17
CA GLY B 48 9.28 24.80 -20.28
C GLY B 48 7.94 24.89 -19.57
N CYS B 49 7.95 24.64 -18.26
CA CYS B 49 6.89 25.10 -17.36
C CYS B 49 7.42 25.50 -15.99
N GLY B 50 8.72 25.43 -15.75
CA GLY B 50 9.30 25.82 -14.49
C GLY B 50 9.09 24.85 -13.34
N ALA B 51 8.38 23.74 -13.56
CA ALA B 51 8.00 22.87 -12.45
C ALA B 51 9.21 22.13 -11.88
N CYS B 52 10.16 21.75 -12.72
CA CYS B 52 11.26 20.89 -12.34
C CYS B 52 12.53 21.66 -12.04
N THR B 53 12.40 22.87 -11.51
CA THR B 53 13.57 23.72 -11.31
C THR B 53 14.45 23.17 -10.20
N VAL B 54 15.76 23.08 -10.47
CA VAL B 54 16.73 22.64 -9.48
C VAL B 54 17.98 23.51 -9.63
N MET B 55 18.71 23.69 -8.54
CA MET B 55 19.94 24.45 -8.61
C MET B 55 21.10 23.53 -8.93
N ILE B 56 21.95 23.96 -9.86
CA ILE B 56 23.16 23.25 -10.25
C ILE B 56 24.34 24.13 -9.91
N SER B 57 25.31 23.57 -9.21
CA SER B 57 26.50 24.29 -8.76
C SER B 57 27.76 23.59 -9.25
N ARG B 58 28.73 24.39 -9.70
CA ARG B 58 30.00 23.87 -10.19
C ARG B 58 31.12 24.79 -9.75
N TYR B 59 32.16 24.22 -9.15
CA TYR B 59 33.34 24.98 -8.75
C TYR B 59 34.34 24.96 -9.89
N ASN B 60 34.72 26.13 -10.38
CA ASN B 60 35.58 26.18 -11.55
C ASN B 60 37.02 26.40 -11.14
N PRO B 61 37.96 25.51 -11.52
CA PRO B 61 39.36 25.63 -11.10
C PRO B 61 40.15 26.67 -11.90
N ILE B 62 39.55 27.83 -12.11
CA ILE B 62 40.25 28.99 -12.64
C ILE B 62 40.64 29.95 -11.52
N THR B 63 39.71 30.20 -10.63
CA THR B 63 39.90 31.01 -9.43
C THR B 63 38.90 30.46 -8.43
N LYS B 64 39.05 30.83 -7.16
CA LYS B 64 38.23 30.23 -6.12
C LYS B 64 36.78 30.69 -6.22
N ARG B 65 36.06 30.23 -7.26
CA ARG B 65 34.66 30.54 -7.43
C ARG B 65 33.86 29.30 -7.77
N ILE B 66 32.66 29.25 -7.20
CA ILE B 66 31.63 28.26 -7.52
C ILE B 66 30.46 29.02 -8.11
N ARG B 67 29.90 28.49 -9.19
CA ARG B 67 28.81 29.14 -9.89
C ARG B 67 27.55 28.34 -9.65
N HIS B 68 26.48 29.03 -9.28
CA HIS B 68 25.16 28.47 -9.03
C HIS B 68 24.23 28.93 -10.14
N HIS B 69 23.34 28.05 -10.60
CA HIS B 69 22.37 28.49 -11.60
C HIS B 69 21.16 27.58 -11.58
N PRO B 70 19.97 28.10 -11.89
CA PRO B 70 18.79 27.24 -12.00
C PRO B 70 18.77 26.48 -13.32
N ALA B 71 18.09 25.34 -13.29
CA ALA B 71 18.04 24.50 -14.48
C ALA B 71 16.82 23.60 -14.40
N ASN B 72 16.17 23.39 -15.54
CA ASN B 72 15.05 22.49 -15.64
C ASN B 72 15.58 21.06 -15.71
N ALA B 73 15.15 20.22 -14.77
CA ALA B 73 15.68 18.86 -14.67
C ALA B 73 14.96 17.86 -15.55
N CYS B 74 13.99 18.30 -16.35
CA CYS B 74 13.33 17.40 -17.29
C CYS B 74 13.99 17.40 -18.66
N LEU B 75 15.08 18.16 -18.82
CA LEU B 75 15.89 18.20 -20.03
C LEU B 75 17.36 17.97 -19.71
N ILE B 76 17.66 17.24 -18.64
CA ILE B 76 19.03 17.00 -18.21
C ILE B 76 19.27 15.50 -18.19
N PRO B 77 19.99 14.96 -19.16
CA PRO B 77 20.48 13.59 -19.04
C PRO B 77 21.48 13.49 -17.91
N ILE B 78 21.54 12.30 -17.30
CA ILE B 78 22.30 12.12 -16.06
C ILE B 78 23.77 12.38 -16.30
N CYS B 79 24.29 11.93 -17.45
CA CYS B 79 25.72 11.87 -17.71
C CYS B 79 26.35 13.24 -17.88
N SER B 80 25.56 14.30 -17.97
CA SER B 80 26.11 15.64 -18.10
C SER B 80 26.53 16.26 -16.77
N LEU B 81 26.24 15.58 -15.66
CA LEU B 81 26.36 16.17 -14.34
C LEU B 81 27.58 15.66 -13.56
N TYR B 82 28.56 15.10 -14.24
CA TYR B 82 29.75 14.60 -13.57
C TYR B 82 30.47 15.74 -12.86
N GLY B 83 30.68 15.58 -11.56
CA GLY B 83 31.35 16.62 -10.81
C GLY B 83 30.51 17.84 -10.51
N ALA B 84 29.19 17.71 -10.61
CA ALA B 84 28.26 18.82 -10.38
C ALA B 84 27.44 18.57 -9.13
N ALA B 85 26.89 19.65 -8.59
CA ALA B 85 26.06 19.59 -7.38
C ALA B 85 24.62 19.92 -7.76
N VAL B 86 23.70 19.02 -7.41
CA VAL B 86 22.27 19.17 -7.67
C VAL B 86 21.58 19.43 -6.34
N THR B 87 20.79 20.50 -6.28
CA THR B 87 19.99 20.84 -5.11
C THR B 87 18.53 20.92 -5.51
N THR B 88 17.70 20.09 -4.85
CA THR B 88 16.26 20.06 -4.99
C THR B 88 15.61 20.72 -3.77
N VAL B 89 14.28 20.60 -3.67
CA VAL B 89 13.53 21.27 -2.61
C VAL B 89 13.72 20.62 -1.25
N GLU B 90 14.20 19.37 -1.21
CA GLU B 90 14.38 18.68 0.06
C GLU B 90 15.71 19.02 0.72
N GLY B 91 16.55 19.82 0.09
CA GLY B 91 17.88 20.08 0.60
C GLY B 91 18.07 21.45 1.20
N ILE B 92 17.08 22.32 1.03
CA ILE B 92 17.17 23.67 1.58
C ILE B 92 16.72 23.74 3.04
N GLY B 93 15.76 22.89 3.44
CA GLY B 93 15.26 22.85 4.79
C GLY B 93 14.18 21.78 4.95
N SER B 94 13.88 21.37 6.18
CA SER B 94 12.89 20.32 6.38
C SER B 94 12.16 20.54 7.70
N THR B 95 10.91 20.06 7.74
CA THR B 95 10.11 20.17 8.95
C THR B 95 10.74 19.45 10.13
N HIS B 96 11.53 18.40 9.87
CA HIS B 96 12.20 17.68 10.95
C HIS B 96 13.25 18.55 11.61
N THR B 97 14.14 19.17 10.82
CA THR B 97 15.24 19.96 11.37
C THR B 97 14.93 21.45 11.38
N ARG B 98 14.80 22.07 10.21
CA ARG B 98 14.61 23.51 10.10
C ARG B 98 13.91 23.84 8.80
N ILE B 99 13.16 24.95 8.82
CA ILE B 99 12.46 25.47 7.66
C ILE B 99 13.22 26.68 7.16
N HIS B 100 13.48 26.74 5.86
CA HIS B 100 14.24 27.84 5.29
C HIS B 100 13.41 29.12 5.30
N PRO B 101 14.07 30.28 5.45
CA PRO B 101 13.33 31.55 5.39
C PRO B 101 12.51 31.71 4.12
N VAL B 102 12.98 31.16 2.99
CA VAL B 102 12.16 31.15 1.79
C VAL B 102 10.90 30.33 2.01
N GLN B 103 11.04 29.14 2.59
CA GLN B 103 9.88 28.27 2.78
C GLN B 103 8.88 28.87 3.74
N GLU B 104 9.35 29.52 4.80
CA GLU B 104 8.40 30.08 5.76
C GLU B 104 7.81 31.39 5.25
N ARG B 105 8.56 32.18 4.48
CA ARG B 105 8.02 33.40 3.93
C ARG B 105 7.15 33.20 2.69
N ILE B 106 7.17 32.03 2.06
CA ILE B 106 6.23 31.83 0.96
C ILE B 106 4.87 31.39 1.47
N ALA B 107 4.82 30.56 2.52
CA ALA B 107 3.54 30.10 3.03
C ALA B 107 2.93 31.10 4.02
N LYS B 108 3.76 31.87 4.72
CA LYS B 108 3.25 32.94 5.56
C LYS B 108 2.54 34.00 4.73
N CYS B 109 2.98 34.22 3.50
CA CYS B 109 2.37 35.20 2.61
C CYS B 109 1.31 34.58 1.71
N HIS B 110 0.85 33.37 2.03
CA HIS B 110 -0.26 32.72 1.33
C HIS B 110 0.03 32.54 -0.15
N GLY B 111 1.29 32.30 -0.49
CA GLY B 111 1.67 32.12 -1.87
C GLY B 111 1.25 30.81 -2.49
N THR B 112 0.66 29.92 -1.70
CA THR B 112 0.39 28.56 -2.13
C THR B 112 -1.11 28.31 -2.17
N GLN B 113 -1.57 27.63 -3.20
CA GLN B 113 -2.89 27.05 -3.20
C GLN B 113 -2.91 25.60 -3.62
N CYS B 114 -2.05 25.22 -4.57
CA CYS B 114 -2.00 23.87 -5.12
C CYS B 114 -0.91 23.02 -4.49
N GLY B 115 0.32 23.54 -4.48
CA GLY B 115 1.45 22.82 -3.94
C GLY B 115 2.21 21.99 -4.96
N PHE B 116 1.58 21.65 -6.07
CA PHE B 116 2.31 20.98 -7.14
C PHE B 116 3.43 21.87 -7.67
N CYS B 117 3.13 23.14 -7.91
CA CYS B 117 4.05 24.04 -8.57
C CYS B 117 4.88 24.86 -7.60
N THR B 118 4.78 24.60 -6.30
CA THR B 118 5.49 25.44 -5.33
C THR B 118 6.99 25.20 -5.27
N PRO B 119 7.49 23.95 -5.26
CA PRO B 119 8.95 23.77 -5.10
C PRO B 119 9.78 24.46 -6.16
N GLY B 120 9.31 24.51 -7.41
CA GLY B 120 10.08 25.19 -8.44
C GLY B 120 10.25 26.66 -8.17
N MET B 121 9.16 27.34 -7.77
CA MET B 121 9.26 28.75 -7.45
C MET B 121 10.12 28.97 -6.21
N VAL B 122 9.94 28.13 -5.20
CA VAL B 122 10.77 28.21 -4.00
C VAL B 122 12.24 28.14 -4.39
N MET B 123 12.57 27.23 -5.29
CA MET B 123 13.96 26.99 -5.60
C MET B 123 14.52 28.10 -6.49
N SER B 124 13.66 28.73 -7.31
CA SER B 124 14.07 29.89 -8.10
C SER B 124 14.47 31.06 -7.21
N ILE B 125 13.60 31.41 -6.24
CA ILE B 125 14.00 32.47 -5.32
C ILE B 125 15.22 32.07 -4.51
N TYR B 126 15.35 30.79 -4.14
CA TYR B 126 16.54 30.40 -3.39
C TYR B 126 17.80 30.60 -4.21
N THR B 127 17.77 30.24 -5.49
CA THR B 127 18.95 30.40 -6.33
C THR B 127 19.31 31.87 -6.48
N LEU B 128 18.31 32.72 -6.71
CA LEU B 128 18.60 34.14 -6.84
C LEU B 128 19.18 34.71 -5.55
N LEU B 129 18.68 34.27 -4.40
CA LEU B 129 19.21 34.76 -3.14
C LEU B 129 20.62 34.26 -2.88
N ARG B 130 20.93 33.04 -3.32
CA ARG B 130 22.31 32.57 -3.21
C ARG B 130 23.23 33.41 -4.06
N ASN B 131 22.80 33.77 -5.26
CA ASN B 131 23.62 34.62 -6.13
C ASN B 131 23.73 36.04 -5.57
N HIS B 132 22.59 36.64 -5.21
CA HIS B 132 22.53 38.03 -4.80
C HIS B 132 21.99 38.15 -3.38
N PRO B 133 22.71 38.76 -2.46
CA PRO B 133 22.24 38.85 -1.07
C PRO B 133 21.22 39.95 -0.86
N GLU B 134 21.35 41.07 -1.58
CA GLU B 134 20.47 42.23 -1.45
C GLU B 134 19.91 42.58 -2.81
N PRO B 135 18.91 41.85 -3.28
CA PRO B 135 18.42 42.06 -4.64
C PRO B 135 17.34 43.12 -4.76
N THR B 136 16.92 43.39 -5.99
CA THR B 136 15.84 44.31 -6.29
C THR B 136 14.65 43.53 -6.84
N LEU B 137 13.49 44.19 -6.87
CA LEU B 137 12.28 43.52 -7.34
C LEU B 137 12.40 43.15 -8.81
N ASP B 138 13.22 43.89 -9.57
CA ASP B 138 13.44 43.58 -10.97
C ASP B 138 14.00 42.18 -11.14
N GLN B 139 15.06 41.85 -10.38
CA GLN B 139 15.65 40.53 -10.46
C GLN B 139 14.67 39.46 -10.00
N LEU B 140 13.92 39.75 -8.93
CA LEU B 140 12.97 38.77 -8.41
C LEU B 140 11.91 38.42 -9.43
N THR B 141 11.39 39.42 -10.14
CA THR B 141 10.39 39.12 -11.16
C THR B 141 11.01 38.62 -12.46
N ASP B 142 12.31 38.82 -12.67
CA ASP B 142 12.97 38.22 -13.82
C ASP B 142 13.21 36.74 -13.59
N ALA B 143 13.43 36.34 -12.35
CA ALA B 143 13.73 34.94 -12.04
C ALA B 143 12.55 34.01 -12.29
N LEU B 144 11.33 34.50 -12.15
CA LEU B 144 10.15 33.66 -12.15
C LEU B 144 9.40 33.67 -13.46
N GLY B 145 10.01 34.21 -14.53
CA GLY B 145 9.33 34.27 -15.81
C GLY B 145 9.05 32.92 -16.44
N GLY B 146 9.80 31.90 -16.07
CA GLY B 146 9.57 30.58 -16.63
C GLY B 146 8.75 29.70 -15.70
N ASN B 147 8.50 30.18 -14.49
CA ASN B 147 7.73 29.44 -13.50
C ASN B 147 6.25 29.74 -13.69
N LEU B 148 5.45 28.69 -13.83
CA LEU B 148 4.03 28.83 -14.09
C LEU B 148 3.20 28.39 -12.90
N CYS B 149 1.96 28.87 -12.87
CA CYS B 149 1.00 28.51 -11.82
C CYS B 149 -0.40 28.75 -12.36
N ARG B 150 -1.20 27.71 -12.43
CA ARG B 150 -2.60 27.83 -12.78
C ARG B 150 -3.46 28.17 -11.56
N CYS B 151 -2.87 28.20 -10.37
CA CYS B 151 -3.64 28.27 -9.14
C CYS B 151 -3.76 29.69 -8.59
N THR B 152 -2.63 30.32 -8.26
CA THR B 152 -2.67 31.45 -7.35
C THR B 152 -2.73 32.81 -8.03
N GLY B 153 -2.42 32.90 -9.31
CA GLY B 153 -2.38 34.20 -9.94
C GLY B 153 -1.16 35.03 -9.61
N TYR B 154 -0.12 34.41 -9.06
CA TYR B 154 1.23 34.98 -8.96
C TYR B 154 1.34 36.21 -8.07
N ARG B 155 0.24 36.68 -7.51
CA ARG B 155 0.27 37.88 -6.68
C ARG B 155 0.85 37.59 -5.28
N PRO B 156 0.37 36.57 -4.55
CA PRO B 156 0.97 36.32 -3.24
C PRO B 156 2.43 35.90 -3.31
N ILE B 157 2.85 35.30 -4.43
CA ILE B 157 4.26 34.99 -4.64
C ILE B 157 5.08 36.27 -4.71
N ILE B 158 4.57 37.28 -5.42
CA ILE B 158 5.25 38.57 -5.49
C ILE B 158 5.25 39.25 -4.12
N ASP B 159 4.15 39.10 -3.37
CA ASP B 159 4.09 39.65 -2.02
C ASP B 159 5.15 39.01 -1.13
N ALA B 160 5.33 37.69 -1.25
CA ALA B 160 6.38 37.00 -0.50
C ALA B 160 7.75 37.48 -0.93
N CYS B 161 7.93 37.70 -2.24
CA CYS B 161 9.22 38.17 -2.75
C CYS B 161 9.56 39.55 -2.20
N LYS B 162 8.56 40.43 -2.08
CA LYS B 162 8.80 41.81 -1.69
C LYS B 162 9.47 41.93 -0.31
N THR B 163 9.32 40.93 0.54
CA THR B 163 9.99 40.94 1.84
C THR B 163 11.51 40.87 1.67
N PHE B 164 11.98 40.24 0.59
CA PHE B 164 13.40 40.18 0.27
C PHE B 164 13.89 41.43 -0.44
N CYS B 165 13.04 42.05 -1.28
CA CYS B 165 13.42 43.21 -2.06
C CYS B 165 13.85 44.38 -1.19
N LYS B 166 15.12 44.71 -1.22
CA LYS B 166 15.68 45.78 -0.39
C LYS B 166 16.12 46.92 -1.30
N THR B 167 15.60 48.12 -1.03
CA THR B 167 15.95 49.30 -1.80
C THR B 167 15.71 50.57 -0.98
N THR B 213 24.22 32.80 6.88
CA THR B 213 25.43 32.16 6.40
C THR B 213 25.32 30.64 6.46
N GLN B 214 24.15 30.15 6.85
CA GLN B 214 23.93 28.72 7.07
C GLN B 214 23.50 27.99 5.80
N GLU B 215 23.79 28.54 4.64
CA GLU B 215 23.45 27.85 3.40
C GLU B 215 24.37 26.65 3.20
N LEU B 216 23.94 25.77 2.30
CA LEU B 216 24.67 24.54 2.04
C LEU B 216 26.05 24.83 1.47
N ILE B 217 27.05 24.16 1.99
CA ILE B 217 28.41 24.27 1.46
C ILE B 217 28.49 23.42 0.20
N PHE B 218 29.52 23.67 -0.59
CA PHE B 218 29.82 22.78 -1.70
C PHE B 218 30.25 21.42 -1.15
N PRO B 219 29.89 20.32 -1.81
CA PRO B 219 30.29 19.00 -1.34
C PRO B 219 31.80 18.90 -1.21
N PRO B 220 32.27 18.21 -0.16
CA PRO B 220 33.72 18.23 0.13
C PRO B 220 34.59 17.67 -0.98
N GLU B 221 34.12 16.66 -1.70
CA GLU B 221 34.96 16.03 -2.71
C GLU B 221 35.11 16.90 -3.95
N LEU B 222 34.00 17.48 -4.42
CA LEU B 222 33.98 18.06 -5.75
C LEU B 222 34.86 19.30 -5.88
N MET B 223 35.24 19.92 -4.76
CA MET B 223 36.14 21.05 -4.78
C MET B 223 37.60 20.64 -4.94
N ILE B 224 37.91 19.35 -4.75
CA ILE B 224 39.24 18.83 -5.01
C ILE B 224 39.27 18.00 -6.30
N MET B 225 38.19 17.27 -6.57
CA MET B 225 38.10 16.45 -7.78
C MET B 225 38.17 17.30 -9.04
N ALA B 226 37.67 18.53 -8.98
CA ALA B 226 37.79 19.44 -10.11
C ALA B 226 39.24 19.83 -10.33
N GLU B 227 40.04 19.85 -9.26
CA GLU B 227 41.44 20.24 -9.40
C GLU B 227 42.30 19.11 -9.97
N LYS B 228 41.77 17.89 -10.01
CA LYS B 228 42.44 16.83 -10.75
C LYS B 228 42.32 17.10 -12.24
N GLN B 229 43.29 16.62 -13.01
CA GLN B 229 43.37 17.00 -14.42
C GLN B 229 42.18 16.51 -15.22
N SER B 230 41.49 15.47 -14.75
CA SER B 230 40.24 14.97 -15.35
C SER B 230 40.42 14.65 -16.82
N GLN B 231 41.62 14.19 -17.20
CA GLN B 231 41.99 14.00 -18.59
C GLN B 231 41.18 12.92 -19.29
N ARG B 232 40.47 12.11 -18.51
CA ARG B 232 39.67 11.03 -19.07
C ARG B 232 38.50 11.61 -19.84
N THR B 233 38.48 11.35 -21.14
CA THR B 233 37.22 11.45 -21.88
C THR B 233 36.27 10.39 -21.35
N ARG B 234 35.20 10.83 -20.72
CA ARG B 234 34.29 9.89 -20.10
C ARG B 234 33.33 9.32 -21.12
N VAL B 235 33.33 8.00 -21.26
CA VAL B 235 32.50 7.31 -22.22
C VAL B 235 31.43 6.55 -21.46
N PHE B 236 30.17 6.75 -21.86
CA PHE B 236 29.04 6.05 -21.27
C PHE B 236 28.25 5.38 -22.38
N GLY B 237 27.92 4.11 -22.19
CA GLY B 237 27.41 3.32 -23.28
C GLY B 237 26.29 2.39 -22.85
N SER B 238 25.43 2.10 -23.81
CA SER B 238 24.32 1.19 -23.64
C SER B 238 24.18 0.37 -24.92
N GLU B 239 23.08 -0.36 -25.04
CA GLU B 239 22.83 -1.15 -26.24
C GLU B 239 22.20 -0.32 -27.35
N ARG B 240 21.96 0.97 -27.12
CA ARG B 240 21.30 1.81 -28.12
C ARG B 240 22.10 3.07 -28.42
N MET B 241 22.79 3.60 -27.41
CA MET B 241 23.32 4.95 -27.50
C MET B 241 24.71 5.01 -26.89
N MET B 242 25.53 5.92 -27.42
CA MET B 242 26.88 6.15 -26.93
C MET B 242 27.09 7.63 -26.67
N TRP B 243 27.76 7.93 -25.56
CA TRP B 243 27.99 9.30 -25.11
C TRP B 243 29.47 9.44 -24.80
N PHE B 244 30.13 10.37 -25.48
CA PHE B 244 31.52 10.71 -25.21
C PHE B 244 31.56 12.13 -24.65
N SER B 245 32.30 12.30 -23.57
CA SER B 245 32.51 13.62 -22.97
C SER B 245 34.01 13.86 -22.98
N PRO B 246 34.52 14.50 -24.02
CA PRO B 246 35.91 14.96 -23.99
C PRO B 246 36.08 16.11 -23.02
N VAL B 247 37.28 16.23 -22.49
CA VAL B 247 37.60 17.30 -21.55
C VAL B 247 38.60 18.28 -22.11
N THR B 248 39.26 17.97 -23.22
CA THR B 248 40.26 18.84 -23.80
C THR B 248 39.83 19.24 -25.21
N LEU B 249 40.33 20.39 -25.65
CA LEU B 249 40.01 20.87 -27.00
C LEU B 249 40.54 19.91 -28.06
N LYS B 250 41.75 19.40 -27.86
CA LYS B 250 42.33 18.42 -28.78
C LYS B 250 41.40 17.22 -28.93
N GLU B 251 40.97 16.65 -27.82
CA GLU B 251 40.15 15.46 -27.88
C GLU B 251 38.76 15.76 -28.44
N LEU B 252 38.26 16.96 -28.18
CA LEU B 252 36.96 17.35 -28.74
C LEU B 252 37.01 17.41 -30.26
N LEU B 253 38.03 18.08 -30.81
CA LEU B 253 38.17 18.12 -32.25
C LEU B 253 38.38 16.73 -32.83
N GLU B 254 39.15 15.89 -32.14
CA GLU B 254 39.38 14.53 -32.61
C GLU B 254 38.08 13.75 -32.69
N PHE B 255 37.23 13.88 -31.68
CA PHE B 255 35.97 13.13 -31.69
C PHE B 255 34.98 13.68 -32.70
N LYS B 256 34.99 14.99 -32.94
CA LYS B 256 34.17 15.52 -34.02
C LYS B 256 34.65 14.99 -35.36
N PHE B 257 35.97 14.85 -35.50
CA PHE B 257 36.55 14.22 -36.68
C PHE B 257 36.07 12.79 -36.83
N LYS B 258 36.02 12.04 -35.72
CA LYS B 258 35.67 10.63 -35.79
C LYS B 258 34.22 10.40 -36.25
N TYR B 259 33.29 11.24 -35.78
CA TYR B 259 31.86 11.03 -36.07
C TYR B 259 31.26 12.31 -36.65
N PRO B 260 30.61 12.23 -37.81
CA PRO B 260 30.01 13.42 -38.43
C PRO B 260 28.51 13.63 -38.21
N GLN B 261 27.84 12.71 -37.50
CA GLN B 261 26.41 12.83 -37.24
C GLN B 261 26.09 13.22 -35.81
N ALA B 262 27.11 13.40 -34.96
CA ALA B 262 27.17 13.59 -33.52
C ALA B 262 27.07 15.08 -33.15
N PRO B 263 26.19 15.40 -32.21
CA PRO B 263 26.03 16.79 -31.77
C PRO B 263 27.09 17.19 -30.75
N VAL B 264 27.15 18.50 -30.52
CA VAL B 264 27.88 19.08 -29.40
C VAL B 264 26.82 19.81 -28.56
N ILE B 265 26.35 19.15 -27.49
CA ILE B 265 25.08 19.53 -26.87
C ILE B 265 25.16 20.82 -26.08
N MET B 266 25.91 20.81 -24.97
CA MET B 266 26.01 21.96 -24.07
C MET B 266 24.65 22.47 -23.61
N GLY B 267 23.66 21.59 -23.52
CA GLY B 267 22.30 21.97 -23.21
C GLY B 267 21.33 21.31 -24.17
N ASN B 268 20.34 20.59 -23.65
CA ASN B 268 19.46 19.77 -24.48
C ASN B 268 18.17 20.49 -24.86
N THR B 269 18.22 21.81 -24.97
CA THR B 269 17.00 22.59 -25.19
C THR B 269 16.42 22.35 -26.57
N SER B 270 17.24 22.02 -27.55
CA SER B 270 16.76 21.81 -28.91
C SER B 270 16.72 20.35 -29.33
N VAL B 271 17.61 19.51 -28.80
CA VAL B 271 17.60 18.10 -29.14
C VAL B 271 16.48 17.37 -28.42
N GLY B 272 16.23 17.73 -27.16
CA GLY B 272 15.22 17.08 -26.35
C GLY B 272 13.81 17.12 -26.89
N PRO B 273 13.32 18.32 -27.23
CA PRO B 273 12.01 18.40 -27.87
C PRO B 273 11.90 17.61 -29.16
N GLU B 274 12.94 17.60 -29.99
CA GLU B 274 12.83 16.90 -31.27
C GLU B 274 13.05 15.40 -31.12
N VAL B 275 13.62 14.95 -30.01
CA VAL B 275 13.73 13.52 -29.79
C VAL B 275 12.51 12.98 -29.05
N LYS B 276 11.77 13.86 -28.36
CA LYS B 276 10.64 13.38 -27.58
C LYS B 276 9.34 13.41 -28.39
N PHE B 277 9.20 14.36 -29.30
CA PHE B 277 7.97 14.50 -30.08
C PHE B 277 8.09 14.01 -31.52
N LYS B 278 9.04 14.56 -32.28
CA LYS B 278 9.19 14.13 -33.68
C LYS B 278 9.75 12.72 -33.79
N GLY B 279 10.43 12.23 -32.77
CA GLY B 279 10.90 10.86 -32.79
C GLY B 279 12.19 10.67 -33.57
N VAL B 280 13.26 11.32 -33.13
CA VAL B 280 14.57 11.15 -33.76
C VAL B 280 15.47 10.42 -32.78
N PHE B 281 16.71 10.16 -33.16
CA PHE B 281 17.62 9.42 -32.30
C PHE B 281 19.06 9.71 -32.70
N HIS B 282 19.89 10.02 -31.72
CA HIS B 282 21.32 10.24 -31.97
C HIS B 282 22.12 9.15 -31.28
N PRO B 283 22.62 8.14 -32.01
CA PRO B 283 23.40 7.09 -31.36
C PRO B 283 24.75 7.54 -30.84
N VAL B 284 25.26 8.70 -31.24
CA VAL B 284 26.54 9.19 -30.77
C VAL B 284 26.38 10.64 -30.33
N ILE B 285 26.83 10.95 -29.13
CA ILE B 285 26.74 12.31 -28.58
C ILE B 285 28.11 12.74 -28.09
N ILE B 286 28.45 14.01 -28.31
CA ILE B 286 29.69 14.59 -27.81
C ILE B 286 29.33 15.75 -26.91
N SER B 287 29.88 15.75 -25.70
CA SER B 287 29.64 16.83 -24.73
C SER B 287 30.95 17.33 -24.13
N PRO B 288 31.42 18.48 -24.56
CA PRO B 288 32.71 19.00 -24.09
C PRO B 288 32.69 19.53 -22.67
N ASP B 289 32.96 18.65 -21.71
CA ASP B 289 32.76 18.88 -20.28
C ASP B 289 33.03 20.32 -19.82
N ARG B 290 34.27 20.77 -19.94
CA ARG B 290 34.56 22.18 -19.69
C ARG B 290 35.83 22.55 -20.43
N ILE B 291 35.69 23.38 -21.45
CA ILE B 291 36.80 23.81 -22.28
C ILE B 291 37.04 25.29 -21.99
N GLU B 292 38.24 25.61 -21.52
CA GLU B 292 38.57 26.99 -21.16
C GLU B 292 38.60 27.90 -22.38
N GLU B 293 38.56 27.34 -23.59
CA GLU B 293 38.64 28.14 -24.79
C GLU B 293 37.26 28.52 -25.33
N LEU B 294 36.27 27.62 -25.20
CA LEU B 294 34.92 27.93 -25.66
C LEU B 294 34.19 28.94 -24.77
N SER B 295 34.86 29.48 -23.75
CA SER B 295 34.26 30.42 -22.82
C SER B 295 35.09 31.69 -22.69
N VAL B 296 35.70 32.12 -23.79
CA VAL B 296 36.56 33.29 -23.76
C VAL B 296 35.72 34.53 -23.97
N VAL B 297 36.08 35.61 -23.29
CA VAL B 297 35.58 36.95 -23.60
C VAL B 297 36.78 37.89 -23.69
N ASN B 298 36.92 38.56 -24.81
CA ASN B 298 38.09 39.39 -25.07
C ASN B 298 37.65 40.80 -25.45
N HIS B 299 38.21 41.79 -24.76
CA HIS B 299 37.90 43.19 -25.02
C HIS B 299 38.74 43.70 -26.20
N ALA B 300 38.39 43.19 -27.38
CA ALA B 300 39.09 43.59 -28.59
C ALA B 300 38.83 45.05 -28.91
N TYR B 301 39.78 45.67 -29.60
CA TYR B 301 39.63 47.07 -29.99
C TYR B 301 38.80 47.25 -31.24
N ASN B 302 38.35 46.15 -31.85
CA ASN B 302 37.39 46.18 -32.95
C ASN B 302 35.97 45.95 -32.48
N GLY B 303 35.74 44.85 -31.77
CA GLY B 303 34.44 44.57 -31.18
C GLY B 303 34.62 43.78 -29.91
N LEU B 304 33.82 42.73 -29.75
CA LEU B 304 33.97 41.82 -28.63
C LEU B 304 33.88 40.39 -29.15
N THR B 305 34.89 39.58 -28.84
CA THR B 305 34.93 38.17 -29.21
C THR B 305 34.53 37.35 -27.98
N LEU B 306 33.50 36.52 -28.13
CA LEU B 306 33.01 35.74 -27.02
C LEU B 306 32.85 34.27 -27.42
N GLY B 307 33.04 33.39 -26.44
CA GLY B 307 33.03 31.97 -26.72
C GLY B 307 31.64 31.45 -27.03
N ALA B 308 31.60 30.38 -27.82
CA ALA B 308 30.35 29.75 -28.24
C ALA B 308 29.85 28.72 -27.25
N GLY B 309 30.54 28.52 -26.14
CA GLY B 309 30.06 27.66 -25.08
C GLY B 309 29.41 28.38 -23.93
N LEU B 310 29.47 29.71 -23.90
CA LEU B 310 28.86 30.46 -22.83
C LEU B 310 27.35 30.34 -22.88
N SER B 311 26.72 30.54 -21.73
CA SER B 311 25.28 30.54 -21.62
C SER B 311 24.75 31.96 -21.74
N LEU B 312 23.46 32.06 -22.09
CA LEU B 312 22.88 33.36 -22.40
C LEU B 312 22.87 34.30 -21.19
N ALA B 313 22.80 33.75 -19.98
CA ALA B 313 22.87 34.60 -18.80
C ALA B 313 24.24 35.25 -18.65
N GLN B 314 25.31 34.49 -18.91
CA GLN B 314 26.65 35.04 -18.77
C GLN B 314 26.91 36.14 -19.78
N VAL B 315 26.53 35.91 -21.03
CA VAL B 315 26.71 36.95 -22.03
C VAL B 315 25.83 38.14 -21.72
N LYS B 316 24.65 37.92 -21.12
CA LYS B 316 23.80 39.04 -20.75
C LYS B 316 24.46 39.92 -19.70
N ASP B 317 25.09 39.31 -18.69
CA ASP B 317 25.71 40.15 -17.66
C ASP B 317 26.96 40.85 -18.17
N ILE B 318 27.76 40.16 -19.00
CA ILE B 318 28.94 40.84 -19.55
C ILE B 318 28.51 41.95 -20.49
N LEU B 319 27.42 41.74 -21.24
CA LEU B 319 26.90 42.77 -22.12
C LEU B 319 26.39 43.97 -21.33
N ALA B 320 25.75 43.71 -20.19
CA ALA B 320 25.33 44.81 -19.32
C ALA B 320 26.53 45.61 -18.82
N ASP B 321 27.59 44.91 -18.42
CA ASP B 321 28.79 45.63 -17.97
C ASP B 321 29.40 46.44 -19.11
N VAL B 322 29.47 45.88 -20.32
CA VAL B 322 30.16 46.56 -21.41
C VAL B 322 29.33 47.74 -21.91
N VAL B 323 27.99 47.61 -21.92
CA VAL B 323 27.18 48.76 -22.30
C VAL B 323 27.31 49.85 -21.25
N GLN B 324 27.44 49.47 -19.97
CA GLN B 324 27.59 50.49 -18.95
C GLN B 324 28.99 51.08 -18.88
N LYS B 325 29.97 50.48 -19.57
CA LYS B 325 31.34 50.97 -19.53
C LYS B 325 31.89 51.19 -20.94
N LEU B 326 31.09 51.81 -21.80
CA LEU B 326 31.50 52.13 -23.16
C LEU B 326 30.55 53.17 -23.71
N PRO B 327 31.04 54.21 -24.40
CA PRO B 327 30.14 55.24 -24.93
C PRO B 327 29.10 54.66 -25.87
N GLU B 328 27.92 55.28 -25.84
CA GLU B 328 26.73 54.66 -26.41
C GLU B 328 26.84 54.47 -27.91
N GLU B 329 27.61 55.33 -28.60
CA GLU B 329 27.75 55.20 -30.05
C GLU B 329 28.34 53.86 -30.44
N LYS B 330 29.24 53.32 -29.62
CA LYS B 330 29.86 52.05 -29.90
C LYS B 330 29.04 50.87 -29.42
N THR B 331 27.88 51.12 -28.81
CA THR B 331 27.14 50.03 -28.19
C THR B 331 25.71 50.02 -28.73
N GLN B 332 25.55 50.37 -30.01
CA GLN B 332 24.25 50.24 -30.65
C GLN B 332 23.88 48.79 -30.88
N MET B 333 24.86 47.93 -31.00
CA MET B 333 24.63 46.53 -31.34
C MET B 333 24.35 45.68 -30.12
N TYR B 334 24.87 46.07 -28.96
CA TYR B 334 24.68 45.31 -27.74
C TYR B 334 23.41 45.70 -26.98
N HIS B 335 22.88 46.90 -27.20
CA HIS B 335 21.58 47.25 -26.64
C HIS B 335 20.49 46.33 -27.17
N ALA B 336 20.45 46.15 -28.49
CA ALA B 336 19.42 45.29 -29.09
C ALA B 336 19.59 43.84 -28.64
N LEU B 337 20.85 43.40 -28.52
CA LEU B 337 21.10 42.06 -28.02
C LEU B 337 20.62 41.90 -26.59
N LEU B 338 20.91 42.87 -25.72
CA LEU B 338 20.41 42.80 -24.35
C LEU B 338 18.89 42.80 -24.33
N LYS B 339 18.28 43.62 -25.18
CA LYS B 339 16.83 43.75 -25.22
C LYS B 339 16.16 42.44 -25.60
N HIS B 340 16.72 41.71 -26.56
CA HIS B 340 16.14 40.41 -26.87
C HIS B 340 16.70 39.27 -26.02
N LEU B 341 17.74 39.52 -25.21
CA LEU B 341 18.11 38.54 -24.20
C LEU B 341 17.17 38.59 -23.00
N GLY B 342 16.62 39.77 -22.71
CA GLY B 342 15.71 39.88 -21.58
C GLY B 342 14.40 39.14 -21.77
N THR B 343 14.02 38.91 -23.02
CA THR B 343 12.71 38.37 -23.33
C THR B 343 12.78 36.89 -23.72
N LEU B 344 13.94 36.27 -23.55
CA LEU B 344 14.07 34.84 -23.83
C LEU B 344 13.30 34.02 -22.80
N ALA B 345 13.09 32.75 -23.12
CA ALA B 345 12.17 31.91 -22.37
C ALA B 345 12.71 31.59 -20.98
N GLY B 346 12.31 32.38 -19.99
CA GLY B 346 12.63 32.08 -18.61
C GLY B 346 14.09 32.25 -18.26
N SER B 347 14.42 32.02 -16.98
CA SER B 347 15.79 32.08 -16.51
C SER B 347 16.40 30.70 -16.30
N GLN B 348 15.66 29.64 -16.61
CA GLN B 348 16.25 28.31 -16.64
C GLN B 348 16.84 28.01 -18.00
N ILE B 349 16.04 28.17 -19.06
CA ILE B 349 16.49 27.98 -20.42
C ILE B 349 17.47 29.09 -20.84
N ARG B 350 17.54 30.17 -20.09
CA ARG B 350 18.58 31.17 -20.29
C ARG B 350 19.87 30.85 -19.54
N ASN B 351 19.89 29.77 -18.77
CA ASN B 351 21.10 29.32 -18.10
C ASN B 351 21.55 27.94 -18.53
N MET B 352 20.65 27.09 -19.01
CA MET B 352 21.01 25.77 -19.48
C MET B 352 21.00 25.69 -21.01
N ALA B 353 21.17 26.83 -21.68
CA ALA B 353 21.32 26.88 -23.12
C ALA B 353 22.50 27.78 -23.47
N SER B 354 23.11 27.50 -24.62
CA SER B 354 24.31 28.18 -25.07
C SER B 354 24.04 28.86 -26.41
N LEU B 355 24.68 30.00 -26.63
CA LEU B 355 24.42 30.75 -27.85
C LEU B 355 25.04 30.10 -29.06
N GLY B 356 26.09 29.30 -28.87
CA GLY B 356 26.56 28.48 -29.96
C GLY B 356 25.48 27.53 -30.44
N GLY B 357 24.76 26.93 -29.49
CA GLY B 357 23.66 26.06 -29.86
C GLY B 357 22.53 26.81 -30.53
N HIS B 358 22.27 28.04 -30.08
CA HIS B 358 21.23 28.85 -30.70
C HIS B 358 21.60 29.22 -32.14
N ILE B 359 22.86 29.59 -32.36
CA ILE B 359 23.30 29.97 -33.69
C ILE B 359 23.28 28.78 -34.63
N ILE B 360 23.85 27.64 -34.20
CA ILE B 360 23.91 26.48 -35.07
C ILE B 360 22.53 25.87 -35.28
N SER B 361 21.67 25.94 -34.27
CA SER B 361 20.39 25.25 -34.32
C SER B 361 19.50 25.80 -35.42
N ARG B 362 19.58 27.11 -35.66
CA ARG B 362 18.97 27.75 -36.83
C ARG B 362 17.46 27.61 -36.83
N HIS B 363 16.86 27.89 -35.67
CA HIS B 363 15.42 27.87 -35.57
C HIS B 363 14.83 29.04 -36.38
N PRO B 364 13.75 28.81 -37.13
CA PRO B 364 13.15 29.91 -37.91
C PRO B 364 12.63 31.04 -37.04
N ASP B 365 12.33 30.79 -35.77
CA ASP B 365 11.74 31.77 -34.87
C ASP B 365 12.75 32.31 -33.87
N SER B 366 14.01 32.38 -34.25
CA SER B 366 15.04 32.83 -33.33
C SER B 366 14.93 34.32 -33.06
N ASP B 367 15.04 34.68 -31.78
CA ASP B 367 15.07 36.07 -31.38
C ASP B 367 16.47 36.67 -31.47
N LEU B 368 17.50 35.84 -31.67
CA LEU B 368 18.87 36.32 -31.70
C LEU B 368 19.55 36.14 -33.05
N ASN B 369 18.97 35.37 -33.97
CA ASN B 369 19.59 35.24 -35.29
C ASN B 369 19.42 36.52 -36.12
N PRO B 370 18.20 37.01 -36.40
CA PRO B 370 18.08 38.16 -37.29
C PRO B 370 18.74 39.42 -36.77
N ILE B 371 18.92 39.57 -35.46
CA ILE B 371 19.71 40.70 -34.97
C ILE B 371 21.19 40.49 -35.30
N LEU B 372 21.67 39.24 -35.23
CA LEU B 372 23.04 38.93 -35.60
C LEU B 372 23.27 38.90 -37.10
N ALA B 373 22.23 38.59 -37.89
CA ALA B 373 22.37 38.52 -39.34
C ALA B 373 22.43 39.88 -40.00
N VAL B 374 22.50 40.96 -39.23
CA VAL B 374 22.64 42.30 -39.77
C VAL B 374 23.76 43.03 -39.03
N GLY B 375 24.54 42.29 -38.26
CA GLY B 375 25.47 42.89 -37.32
C GLY B 375 26.91 43.00 -37.75
N ASN B 376 27.26 42.51 -38.95
CA ASN B 376 28.64 42.43 -39.41
C ASN B 376 29.51 41.63 -38.44
N CYS B 377 28.95 40.53 -37.94
CA CYS B 377 29.65 39.63 -37.04
C CYS B 377 30.22 38.44 -37.81
N THR B 378 31.27 37.84 -37.25
CA THR B 378 31.98 36.75 -37.91
C THR B 378 32.07 35.56 -36.98
N LEU B 379 31.69 34.40 -37.49
CA LEU B 379 31.88 33.14 -36.78
C LEU B 379 33.32 32.68 -36.92
N ASN B 380 33.86 32.09 -35.85
CA ASN B 380 35.15 31.43 -35.89
C ASN B 380 34.95 29.93 -35.81
N LEU B 381 35.54 29.21 -36.75
CA LEU B 381 35.37 27.77 -36.89
C LEU B 381 36.73 27.12 -36.72
N LEU B 382 36.75 25.94 -36.11
CA LEU B 382 38.00 25.22 -35.91
C LEU B 382 37.86 23.75 -36.26
N SER B 383 39.03 23.18 -36.58
CA SER B 383 39.21 21.77 -36.84
C SER B 383 40.62 21.41 -36.42
N LYS B 384 40.88 20.11 -36.29
CA LYS B 384 42.27 19.66 -36.23
C LYS B 384 43.01 20.00 -37.51
N GLU B 385 42.27 20.23 -38.59
CA GLU B 385 42.81 20.70 -39.86
C GLU B 385 43.00 22.21 -39.90
N GLY B 386 42.67 22.92 -38.81
CA GLY B 386 43.09 24.31 -38.69
C GLY B 386 42.06 25.30 -38.21
N LYS B 387 42.47 26.56 -38.08
CA LYS B 387 41.55 27.64 -37.76
C LYS B 387 40.85 28.12 -39.02
N ARG B 388 39.77 28.88 -38.83
CA ARG B 388 39.00 29.38 -39.95
C ARG B 388 38.08 30.49 -39.45
N GLN B 389 37.80 31.45 -40.32
CA GLN B 389 36.85 32.52 -40.02
C GLN B 389 35.85 32.65 -41.15
N ILE B 390 34.57 32.55 -40.82
CA ILE B 390 33.51 32.69 -41.83
C ILE B 390 32.62 33.84 -41.39
N PRO B 391 31.91 34.47 -42.33
CA PRO B 391 31.02 35.57 -41.95
C PRO B 391 29.66 35.06 -41.51
N LEU B 392 29.07 35.74 -40.54
CA LEU B 392 27.71 35.45 -40.10
C LEU B 392 26.77 36.23 -41.01
N ASN B 393 26.34 35.59 -42.09
CA ASN B 393 25.50 36.23 -43.08
C ASN B 393 24.25 35.40 -43.32
N GLU B 394 23.50 35.73 -44.37
CA GLU B 394 22.20 35.12 -44.56
C GLU B 394 22.27 33.77 -45.26
N GLN B 395 23.38 33.43 -45.90
CA GLN B 395 23.47 32.12 -46.50
C GLN B 395 23.41 31.03 -45.45
N PHE B 396 24.15 31.20 -44.36
CA PHE B 396 24.18 30.16 -43.34
C PHE B 396 22.82 29.95 -42.71
N LEU B 397 22.03 31.02 -42.59
CA LEU B 397 20.74 30.92 -41.91
C LEU B 397 19.71 30.16 -42.72
N SER B 398 19.99 29.86 -43.99
CA SER B 398 19.10 29.05 -44.80
C SER B 398 19.74 27.74 -45.24
N LYS B 399 20.81 27.32 -44.56
CA LYS B 399 21.55 26.10 -44.87
C LYS B 399 22.14 26.14 -46.28
N CYS B 400 23.04 27.09 -46.50
CA CYS B 400 23.82 27.14 -47.73
C CYS B 400 25.23 26.66 -47.42
N PRO B 401 25.64 25.48 -47.91
CA PRO B 401 26.93 24.91 -47.51
C PRO B 401 28.15 25.70 -47.97
N ASN B 402 27.98 26.87 -48.60
CA ASN B 402 29.14 27.62 -49.08
C ASN B 402 29.86 28.33 -47.94
N ALA B 403 29.16 29.22 -47.25
CA ALA B 403 29.67 29.91 -46.05
C ALA B 403 28.97 29.28 -44.85
N ASP B 404 29.53 28.20 -44.34
CA ASP B 404 28.81 27.29 -43.46
C ASP B 404 29.83 26.52 -42.64
N LEU B 405 29.37 25.45 -42.00
CA LEU B 405 30.22 24.50 -41.29
C LEU B 405 30.22 23.17 -42.02
N LYS B 406 31.39 22.53 -42.04
CA LYS B 406 31.51 21.17 -42.55
C LYS B 406 30.79 20.22 -41.61
N PRO B 407 30.66 18.94 -41.98
CA PRO B 407 30.30 17.95 -40.96
C PRO B 407 31.26 17.94 -39.80
N GLN B 408 32.54 18.20 -40.03
CA GLN B 408 33.53 18.33 -38.97
C GLN B 408 33.64 19.82 -38.62
N GLU B 409 34.70 20.22 -37.91
CA GLU B 409 35.14 21.61 -37.73
C GLU B 409 34.09 22.51 -37.05
N ILE B 410 33.99 22.35 -35.73
CA ILE B 410 33.01 23.00 -34.85
C ILE B 410 33.16 24.52 -34.78
N LEU B 411 32.19 25.18 -34.14
CA LEU B 411 32.22 26.60 -33.86
C LEU B 411 32.94 26.87 -32.55
N VAL B 412 33.60 28.03 -32.47
CA VAL B 412 34.44 28.35 -31.32
C VAL B 412 34.06 29.67 -30.68
N SER B 413 33.97 30.72 -31.49
CA SER B 413 33.78 32.07 -30.98
C SER B 413 32.98 32.89 -31.97
N VAL B 414 32.38 33.96 -31.46
CA VAL B 414 31.64 34.92 -32.27
C VAL B 414 32.15 36.31 -31.90
N ASN B 415 32.46 37.10 -32.92
CA ASN B 415 32.92 38.47 -32.71
C ASN B 415 31.84 39.43 -33.16
N ILE B 416 31.31 40.21 -32.22
CA ILE B 416 30.29 41.21 -32.50
C ILE B 416 31.00 42.56 -32.51
N PRO B 417 31.06 43.26 -33.64
CA PRO B 417 31.87 44.47 -33.73
C PRO B 417 31.20 45.66 -33.07
N TYR B 418 32.02 46.66 -32.78
CA TYR B 418 31.52 47.94 -32.30
C TYR B 418 30.66 48.61 -33.36
N SER B 419 29.93 49.63 -32.95
CA SER B 419 29.12 50.43 -33.85
C SER B 419 29.80 51.76 -34.15
N ARG B 420 29.82 52.14 -35.42
CA ARG B 420 30.40 53.40 -35.83
C ARG B 420 29.48 54.56 -35.48
N LYS B 421 30.01 55.77 -35.57
CA LYS B 421 29.19 56.95 -35.38
C LYS B 421 28.21 57.09 -36.54
N TRP B 422 27.03 57.62 -36.22
CA TRP B 422 25.87 57.63 -37.11
C TRP B 422 25.58 56.22 -37.64
N GLU B 423 25.44 55.28 -36.70
CA GLU B 423 25.04 53.92 -37.01
C GLU B 423 24.03 53.47 -35.97
N PHE B 424 22.91 52.89 -36.43
CA PHE B 424 21.75 52.64 -35.58
C PHE B 424 21.24 51.22 -35.75
N VAL B 425 21.00 50.55 -34.63
CA VAL B 425 20.53 49.17 -34.62
C VAL B 425 19.24 49.12 -33.80
N SER B 426 18.27 48.35 -34.27
CA SER B 426 16.98 48.26 -33.59
C SER B 426 16.32 46.93 -33.91
N ALA B 427 15.79 46.27 -32.87
CA ALA B 427 15.19 44.95 -33.03
C ALA B 427 13.82 44.92 -32.36
N PHE B 428 12.86 44.31 -33.05
CA PHE B 428 11.46 44.24 -32.64
C PHE B 428 11.00 42.80 -32.61
N ARG B 429 9.93 42.53 -31.87
CA ARG B 429 9.34 41.21 -31.87
C ARG B 429 7.85 41.30 -31.53
N GLN B 430 7.12 40.24 -31.89
CA GLN B 430 5.71 40.12 -31.53
C GLN B 430 5.36 38.65 -31.40
N ALA B 431 4.85 38.30 -30.21
CA ALA B 431 4.44 36.95 -29.84
C ALA B 431 3.00 36.96 -29.36
N GLN B 432 2.53 35.87 -28.76
CA GLN B 432 1.19 35.85 -28.22
C GLN B 432 1.13 36.23 -26.74
N ARG B 433 2.27 36.32 -26.07
CA ARG B 433 2.34 36.94 -24.75
C ARG B 433 3.74 37.49 -24.56
N GLN B 434 3.87 38.42 -23.61
CA GLN B 434 5.07 39.25 -23.54
C GLN B 434 6.31 38.45 -23.18
N GLU B 435 6.20 37.44 -22.34
CA GLU B 435 7.38 36.70 -21.91
C GLU B 435 7.08 35.20 -21.94
N ASN B 436 8.11 34.42 -22.28
CA ASN B 436 8.04 32.96 -22.39
C ASN B 436 7.02 32.54 -23.46
N ALA B 437 7.19 33.05 -24.67
CA ALA B 437 6.40 32.58 -25.80
C ALA B 437 7.19 32.79 -27.07
N LEU B 438 6.84 32.00 -28.09
CA LEU B 438 7.53 32.07 -29.37
C LEU B 438 7.04 33.27 -30.16
N ALA B 439 7.97 34.06 -30.68
CA ALA B 439 7.61 35.26 -31.41
C ALA B 439 6.89 34.91 -32.70
N ILE B 440 5.72 35.52 -32.91
CA ILE B 440 5.00 35.32 -34.15
C ILE B 440 5.82 35.87 -35.30
N VAL B 441 6.30 37.10 -35.16
CA VAL B 441 7.24 37.69 -36.13
C VAL B 441 8.22 38.55 -35.35
N ASN B 442 9.51 38.33 -35.59
CA ASN B 442 10.52 39.21 -35.01
C ASN B 442 11.39 39.74 -36.14
N SER B 443 12.14 40.78 -35.84
CA SER B 443 12.95 41.41 -36.87
C SER B 443 14.11 42.15 -36.23
N GLY B 444 15.15 42.34 -37.03
CA GLY B 444 16.29 43.16 -36.65
C GLY B 444 16.68 44.06 -37.80
N MET B 445 17.12 45.27 -37.51
CA MET B 445 17.34 46.27 -38.53
C MET B 445 18.52 47.13 -38.14
N ARG B 446 19.25 47.62 -39.14
CA ARG B 446 20.39 48.49 -38.89
C ARG B 446 20.52 49.45 -40.06
N VAL B 447 20.93 50.67 -39.77
CA VAL B 447 21.18 51.69 -40.78
C VAL B 447 22.49 52.38 -40.46
N PHE B 448 23.34 52.53 -41.46
CA PHE B 448 24.55 53.35 -41.35
C PHE B 448 24.45 54.43 -42.42
N PHE B 449 24.09 55.64 -42.00
CA PHE B 449 23.96 56.74 -42.95
C PHE B 449 25.31 57.22 -43.47
N GLY B 450 26.40 56.81 -42.84
CA GLY B 450 27.72 57.07 -43.37
C GLY B 450 28.22 58.49 -43.27
N GLU B 451 28.49 58.93 -42.03
CA GLU B 451 29.22 60.17 -41.75
C GLU B 451 28.56 61.38 -42.42
N GLY B 452 27.33 61.66 -41.98
CA GLY B 452 26.70 62.89 -42.38
C GLY B 452 25.20 62.85 -42.53
N ASP B 453 24.72 63.37 -43.66
CA ASP B 453 23.31 63.69 -43.80
C ASP B 453 22.46 62.45 -43.98
N GLY B 454 21.15 62.65 -43.97
CA GLY B 454 20.20 61.56 -43.99
C GLY B 454 20.05 60.84 -45.32
N ILE B 455 21.18 60.49 -45.93
CA ILE B 455 21.20 59.67 -47.14
C ILE B 455 21.67 58.28 -46.74
N ILE B 456 20.90 57.27 -47.11
CA ILE B 456 21.24 55.90 -46.79
C ILE B 456 22.56 55.53 -47.46
N ARG B 457 23.46 54.92 -46.70
CA ARG B 457 24.65 54.29 -47.23
C ARG B 457 24.72 52.81 -46.95
N GLU B 458 24.14 52.36 -45.83
CA GLU B 458 24.02 50.94 -45.50
C GLU B 458 22.66 50.72 -44.86
N LEU B 459 21.96 49.69 -45.32
CA LEU B 459 20.60 49.42 -44.85
C LEU B 459 20.41 47.91 -44.73
N CYS B 460 20.49 47.39 -43.51
CA CYS B 460 20.34 45.96 -43.26
C CYS B 460 18.99 45.71 -42.59
N ILE B 461 18.26 44.72 -43.10
CA ILE B 461 16.94 44.36 -42.59
C ILE B 461 16.81 42.84 -42.62
N SER B 462 16.49 42.23 -41.47
CA SER B 462 16.31 40.79 -41.38
C SER B 462 15.04 40.47 -40.64
N TYR B 463 14.32 39.45 -41.10
CA TYR B 463 13.05 39.03 -40.51
C TYR B 463 13.12 37.57 -40.10
N GLY B 464 12.35 37.22 -39.08
CA GLY B 464 12.30 35.86 -38.60
C GLY B 464 10.90 35.51 -38.13
N GLY B 465 10.59 34.23 -38.21
CA GLY B 465 9.25 33.75 -38.00
C GLY B 465 8.38 33.83 -39.22
N VAL B 466 8.93 34.22 -40.36
CA VAL B 466 8.15 34.49 -41.56
C VAL B 466 8.39 33.42 -42.61
N GLY B 467 8.69 32.20 -42.17
CA GLY B 467 8.90 31.11 -43.09
C GLY B 467 9.74 29.99 -42.49
N PRO B 468 10.21 29.09 -43.35
CA PRO B 468 11.04 27.97 -42.87
C PRO B 468 12.43 28.36 -42.42
N ALA B 469 12.85 29.61 -42.64
CA ALA B 469 14.17 30.05 -42.23
C ALA B 469 14.13 31.57 -42.06
N THR B 470 15.30 32.17 -41.90
CA THR B 470 15.44 33.61 -41.74
C THR B 470 15.61 34.26 -43.10
N ILE B 471 14.89 35.34 -43.34
CA ILE B 471 14.94 36.08 -44.60
C ILE B 471 15.64 37.41 -44.36
N CYS B 472 16.16 38.00 -45.43
CA CYS B 472 16.82 39.30 -45.36
C CYS B 472 16.40 40.12 -46.56
N ALA B 473 16.60 41.44 -46.46
CA ALA B 473 16.29 42.38 -47.52
C ALA B 473 17.50 42.47 -48.43
N LYS B 474 17.44 41.76 -49.56
CA LYS B 474 18.55 41.73 -50.51
C LYS B 474 18.37 42.79 -51.60
N ASN B 475 17.23 42.79 -52.30
CA ASN B 475 16.99 43.79 -53.33
C ASN B 475 16.73 45.16 -52.72
N SER B 476 16.00 45.20 -51.59
CA SER B 476 15.68 46.47 -50.95
C SER B 476 16.93 47.20 -50.49
N CYS B 477 17.90 46.46 -49.95
CA CYS B 477 19.17 47.06 -49.54
C CYS B 477 19.87 47.73 -50.72
N GLN B 478 19.89 47.06 -51.87
CA GLN B 478 20.54 47.63 -53.04
C GLN B 478 19.79 48.86 -53.54
N LYS B 479 18.47 48.79 -53.58
CA LYS B 479 17.68 49.86 -54.19
C LYS B 479 17.60 51.11 -53.34
N LEU B 480 17.59 50.97 -52.01
CA LEU B 480 17.28 52.12 -51.17
C LEU B 480 18.50 52.97 -50.83
N ILE B 481 19.71 52.42 -50.91
CA ILE B 481 20.90 53.25 -50.75
C ILE B 481 20.92 54.27 -51.87
N GLY B 482 21.26 55.51 -51.54
CA GLY B 482 21.10 56.59 -52.47
C GLY B 482 19.72 57.21 -52.47
N ARG B 483 18.86 56.82 -51.54
CA ARG B 483 17.65 57.55 -51.26
C ARG B 483 17.86 58.35 -49.98
N HIS B 484 16.85 59.13 -49.60
CA HIS B 484 16.94 59.94 -48.40
C HIS B 484 15.93 59.44 -47.37
N TRP B 485 16.22 59.73 -46.10
CA TRP B 485 15.39 59.26 -45.01
C TRP B 485 14.08 60.05 -44.94
N ASN B 486 13.09 59.63 -45.74
CA ASN B 486 11.82 60.34 -45.84
C ASN B 486 10.70 59.30 -45.90
N GLU B 487 9.51 59.73 -46.33
CA GLU B 487 8.40 58.80 -46.45
C GLU B 487 8.33 58.14 -47.82
N GLN B 488 8.92 58.74 -48.86
CA GLN B 488 9.00 58.04 -50.14
C GLN B 488 9.96 56.87 -50.07
N MET B 489 11.02 56.96 -49.26
CA MET B 489 11.82 55.76 -49.05
C MET B 489 11.04 54.71 -48.30
N LEU B 490 10.15 55.11 -47.39
CA LEU B 490 9.29 54.13 -46.73
C LEU B 490 8.37 53.47 -47.73
N ASP B 491 7.88 54.25 -48.71
CA ASP B 491 7.07 53.69 -49.77
C ASP B 491 7.85 52.66 -50.59
N ILE B 492 9.04 53.03 -51.04
CA ILE B 492 9.85 52.12 -51.85
C ILE B 492 10.24 50.90 -51.05
N ALA B 493 10.55 51.09 -49.76
CA ALA B 493 10.87 49.97 -48.88
C ALA B 493 9.70 49.02 -48.76
N CYS B 494 8.50 49.54 -48.56
CA CYS B 494 7.35 48.67 -48.42
C CYS B 494 7.09 47.91 -49.72
N ARG B 495 7.27 48.57 -50.87
CA ARG B 495 7.10 47.89 -52.14
C ARG B 495 8.09 46.73 -52.29
N LEU B 496 9.38 46.99 -52.01
CA LEU B 496 10.39 45.96 -52.19
C LEU B 496 10.21 44.82 -51.20
N ILE B 497 9.90 45.13 -49.93
CA ILE B 497 9.72 44.08 -48.93
C ILE B 497 8.47 43.27 -49.21
N LEU B 498 7.39 43.92 -49.68
CA LEU B 498 6.19 43.19 -50.02
C LEU B 498 6.42 42.26 -51.20
N ASN B 499 7.20 42.71 -52.20
CA ASN B 499 7.52 41.82 -53.31
C ASN B 499 8.53 40.76 -52.92
N GLU B 500 9.29 40.97 -51.86
CA GLU B 500 10.32 40.00 -51.47
C GLU B 500 9.71 38.85 -50.67
N VAL B 501 9.16 39.14 -49.50
CA VAL B 501 8.69 38.09 -48.59
C VAL B 501 7.28 37.70 -49.02
N SER B 502 7.15 36.51 -49.60
CA SER B 502 5.89 36.01 -50.12
C SER B 502 5.50 34.75 -49.36
N LEU B 503 4.39 34.80 -48.63
CA LEU B 503 3.87 33.66 -47.90
C LEU B 503 2.51 33.29 -48.46
N LEU B 504 2.33 32.00 -48.74
CA LEU B 504 1.10 31.52 -49.34
C LEU B 504 -0.01 31.47 -48.29
N GLY B 505 -1.23 31.23 -48.75
CA GLY B 505 -2.34 31.03 -47.85
C GLY B 505 -2.24 29.77 -47.02
N SER B 506 -1.46 28.79 -47.48
CA SER B 506 -1.19 27.57 -46.73
C SER B 506 0.12 27.66 -45.95
N ALA B 507 0.49 28.86 -45.52
CA ALA B 507 1.74 29.06 -44.81
C ALA B 507 1.71 28.34 -43.47
N PRO B 508 2.86 27.89 -42.97
CA PRO B 508 2.88 27.16 -41.69
C PRO B 508 2.53 28.08 -40.52
N GLY B 509 1.56 27.64 -39.73
CA GLY B 509 1.10 28.40 -38.57
C GLY B 509 -0.07 29.33 -38.83
N GLY B 510 -0.46 29.55 -40.08
CA GLY B 510 -1.56 30.45 -40.35
C GLY B 510 -1.17 31.88 -40.04
N LYS B 511 -2.20 32.70 -39.83
CA LYS B 511 -2.04 34.10 -39.44
C LYS B 511 -1.24 34.87 -40.48
N VAL B 512 -1.68 34.76 -41.73
CA VAL B 512 -0.91 35.30 -42.85
C VAL B 512 -1.00 36.82 -42.88
N GLU B 513 -2.22 37.35 -43.00
CA GLU B 513 -2.41 38.79 -43.12
C GLU B 513 -1.84 39.51 -41.91
N PHE B 514 -1.94 38.91 -40.73
CA PHE B 514 -1.32 39.47 -39.54
C PHE B 514 0.19 39.59 -39.71
N LYS B 515 0.81 38.57 -40.31
CA LYS B 515 2.26 38.61 -40.54
C LYS B 515 2.63 39.70 -41.54
N ARG B 516 1.89 39.81 -42.66
CA ARG B 516 2.10 40.93 -43.57
C ARG B 516 2.07 42.25 -42.82
N THR B 517 1.02 42.47 -42.02
CA THR B 517 0.86 43.76 -41.35
C THR B 517 2.02 44.03 -40.39
N LEU B 518 2.44 43.00 -39.66
CA LEU B 518 3.56 43.16 -38.73
C LEU B 518 4.85 43.52 -39.45
N ILE B 519 5.04 43.00 -40.67
CA ILE B 519 6.24 43.33 -41.46
C ILE B 519 6.41 44.84 -41.58
N ILE B 520 5.44 45.50 -42.21
CA ILE B 520 5.55 46.93 -42.46
C ILE B 520 5.39 47.70 -41.15
N SER B 521 4.70 47.16 -40.16
CA SER B 521 4.58 47.84 -38.88
C SER B 521 5.94 47.98 -38.20
N PHE B 522 6.71 46.89 -38.19
CA PHE B 522 8.07 46.96 -37.66
C PHE B 522 8.93 47.91 -38.48
N LEU B 523 8.78 47.87 -39.81
CA LEU B 523 9.51 48.80 -40.65
C LEU B 523 9.22 50.25 -40.27
N PHE B 524 7.95 50.56 -40.04
CA PHE B 524 7.54 51.93 -39.76
C PHE B 524 8.03 52.37 -38.38
N LYS B 525 7.94 51.49 -37.38
CA LYS B 525 8.49 51.81 -36.07
C LYS B 525 9.98 52.08 -36.15
N PHE B 526 10.68 51.29 -36.97
CA PHE B 526 12.10 51.49 -37.18
C PHE B 526 12.39 52.87 -37.74
N TYR B 527 11.60 53.28 -38.75
CA TYR B 527 11.78 54.62 -39.30
C TYR B 527 11.58 55.68 -38.23
N LEU B 528 10.53 55.54 -37.42
CA LEU B 528 10.22 56.56 -36.43
C LEU B 528 11.34 56.70 -35.40
N GLU B 529 11.86 55.57 -34.92
CA GLU B 529 12.90 55.64 -33.89
C GLU B 529 14.21 56.19 -34.46
N VAL B 530 14.54 55.83 -35.71
CA VAL B 530 15.73 56.41 -36.33
C VAL B 530 15.58 57.91 -36.47
N SER B 531 14.40 58.38 -36.86
CA SER B 531 14.18 59.83 -36.98
C SER B 531 14.32 60.52 -35.63
N GLN B 532 13.79 59.91 -34.58
CA GLN B 532 13.91 60.50 -33.25
C GLN B 532 15.37 60.63 -32.84
N ILE B 533 16.16 59.58 -33.04
CA ILE B 533 17.58 59.64 -32.68
C ILE B 533 18.30 60.69 -33.51
N LEU B 534 18.00 60.74 -34.81
CA LEU B 534 18.62 61.70 -35.71
C LEU B 534 18.36 63.12 -35.26
N LYS B 535 17.13 63.39 -34.82
CA LYS B 535 16.83 64.68 -34.21
C LYS B 535 17.61 64.89 -32.92
N LYS B 536 17.70 63.83 -32.10
CA LYS B 536 18.17 64.01 -30.73
C LYS B 536 19.66 64.32 -30.65
N MET B 537 20.47 63.83 -31.60
CA MET B 537 21.91 64.11 -31.50
C MET B 537 22.22 65.60 -31.52
N ASP B 538 21.72 66.32 -32.52
CA ASP B 538 22.04 67.74 -32.64
C ASP B 538 20.77 68.55 -32.83
N PRO B 539 20.70 69.74 -32.20
CA PRO B 539 19.49 70.56 -32.33
C PRO B 539 19.18 70.98 -33.76
N VAL B 540 20.20 71.30 -34.55
CA VAL B 540 20.00 71.67 -35.95
C VAL B 540 20.17 70.40 -36.78
N HIS B 541 19.07 69.74 -37.11
CA HIS B 541 19.13 68.44 -37.76
C HIS B 541 17.79 68.23 -38.47
N TYR B 542 17.48 66.98 -38.79
CA TYR B 542 16.24 66.60 -39.44
C TYR B 542 15.04 67.20 -38.71
N PRO B 543 13.98 67.60 -39.42
CA PRO B 543 12.90 68.38 -38.81
C PRO B 543 12.17 67.61 -37.71
N SER B 544 11.31 68.34 -37.00
CA SER B 544 10.71 67.89 -35.76
C SER B 544 9.76 66.71 -35.99
N LEU B 545 9.60 65.92 -34.94
CA LEU B 545 8.66 64.81 -34.96
C LEU B 545 7.23 65.34 -35.06
N ALA B 546 6.31 64.44 -35.40
CA ALA B 546 4.90 64.79 -35.53
C ALA B 546 4.26 64.93 -34.15
N ASP B 547 3.05 65.49 -34.14
CA ASP B 547 2.38 65.83 -32.88
C ASP B 547 2.05 64.58 -32.05
N LYS B 548 1.59 63.51 -32.70
CA LYS B 548 1.16 62.33 -31.99
C LYS B 548 2.00 61.10 -32.31
N TYR B 549 3.00 61.22 -33.19
CA TYR B 549 3.73 60.06 -33.68
C TYR B 549 4.92 59.68 -32.81
N GLU B 550 5.17 60.40 -31.71
CA GLU B 550 6.34 60.13 -30.87
C GLU B 550 6.09 59.03 -29.86
N SER B 551 4.89 58.45 -29.82
CA SER B 551 4.61 57.34 -28.94
C SER B 551 5.36 56.08 -29.38
N ILE B 580 -12.06 30.87 13.05
CA ILE B 580 -13.11 31.28 12.12
C ILE B 580 -13.01 32.77 11.84
N GLY B 581 -13.05 33.12 10.55
CA GLY B 581 -13.01 34.51 10.14
C GLY B 581 -11.63 35.09 10.03
N HIS B 582 -10.59 34.34 10.40
CA HIS B 582 -9.22 34.79 10.30
C HIS B 582 -8.54 34.14 9.11
N PRO B 583 -7.63 34.84 8.45
CA PRO B 583 -6.85 34.21 7.38
C PRO B 583 -5.86 33.20 7.94
N ILE B 584 -6.16 31.91 7.79
CA ILE B 584 -5.35 30.84 8.35
C ILE B 584 -4.64 30.12 7.22
N MET B 585 -3.34 29.90 7.41
CA MET B 585 -2.51 29.27 6.38
C MET B 585 -2.98 27.84 6.12
N HIS B 586 -2.78 27.40 4.89
CA HIS B 586 -3.26 26.10 4.42
C HIS B 586 -2.80 24.97 5.34
N LEU B 587 -3.55 23.87 5.31
CA LEU B 587 -3.16 22.69 6.07
C LEU B 587 -1.87 22.09 5.54
N SER B 588 -1.67 22.14 4.23
CA SER B 588 -0.48 21.62 3.58
C SER B 588 0.49 22.72 3.19
N GLY B 589 0.27 23.95 3.66
CA GLY B 589 0.99 25.11 3.17
C GLY B 589 2.49 25.09 3.34
N VAL B 590 2.99 24.78 4.54
CA VAL B 590 4.43 24.62 4.71
C VAL B 590 4.92 23.38 3.96
N LYS B 591 4.18 22.28 4.06
CA LYS B 591 4.56 21.06 3.40
C LYS B 591 4.34 21.11 1.89
N HIS B 592 3.72 22.18 1.39
CA HIS B 592 3.79 22.46 -0.03
C HIS B 592 5.12 23.12 -0.40
N ALA B 593 5.75 23.81 0.55
CA ALA B 593 7.03 24.48 0.34
C ALA B 593 8.21 23.62 0.71
N THR B 594 7.98 22.36 1.09
CA THR B 594 9.05 21.42 1.38
C THR B 594 8.89 20.15 0.54
N GLY B 595 8.00 20.14 -0.43
CA GLY B 595 7.83 18.98 -1.28
C GLY B 595 7.26 17.77 -0.59
N GLU B 596 6.80 17.92 0.65
CA GLU B 596 6.35 16.79 1.46
C GLU B 596 4.91 16.39 1.18
N ALA B 597 4.17 17.17 0.41
CA ALA B 597 2.82 16.79 0.05
C ALA B 597 2.87 15.60 -0.90
N ILE B 598 2.33 14.47 -0.46
CA ILE B 598 2.36 13.25 -1.25
C ILE B 598 1.20 13.26 -2.24
N TYR B 599 1.52 13.12 -3.52
CA TYR B 599 0.53 13.09 -4.58
C TYR B 599 0.38 11.67 -5.10
N CYS B 600 -0.44 11.50 -6.14
CA CYS B 600 -0.72 10.15 -6.62
C CYS B 600 0.51 9.49 -7.21
N ASP B 601 1.37 10.25 -7.87
CA ASP B 601 2.60 9.70 -8.40
C ASP B 601 3.69 9.58 -7.35
N ASP B 602 3.51 10.23 -6.20
CA ASP B 602 4.53 10.21 -5.17
C ASP B 602 4.42 8.99 -4.25
N MET B 603 3.43 8.13 -4.45
CA MET B 603 3.42 6.87 -3.73
C MET B 603 4.64 6.05 -4.12
N PRO B 604 5.18 5.26 -3.21
CA PRO B 604 6.29 4.37 -3.57
C PRO B 604 5.90 3.39 -4.66
N LEU B 605 6.92 2.81 -5.28
CA LEU B 605 6.68 1.75 -6.24
C LEU B 605 6.12 0.55 -5.50
N VAL B 606 5.08 -0.06 -6.06
CA VAL B 606 4.53 -1.28 -5.49
C VAL B 606 5.12 -2.44 -6.26
N ASP B 607 5.16 -3.61 -5.63
CA ASP B 607 5.85 -4.76 -6.22
C ASP B 607 5.20 -5.19 -7.53
N GLN B 608 6.03 -5.30 -8.57
CA GLN B 608 5.67 -5.93 -9.84
C GLN B 608 4.53 -5.21 -10.55
N GLU B 609 4.47 -3.89 -10.42
CA GLU B 609 3.47 -3.13 -11.14
C GLU B 609 3.91 -2.86 -12.57
N LEU B 610 2.97 -2.98 -13.49
CA LEU B 610 3.23 -2.78 -14.90
C LEU B 610 3.17 -1.29 -15.22
N PHE B 611 3.13 -0.94 -16.50
CA PHE B 611 2.90 0.44 -16.90
C PHE B 611 2.10 0.44 -18.19
N LEU B 612 1.15 1.37 -18.27
CA LEU B 612 0.25 1.48 -19.41
C LEU B 612 0.51 2.79 -20.15
N THR B 613 0.50 2.71 -21.48
CA THR B 613 0.57 3.89 -22.32
C THR B 613 -0.41 3.74 -23.48
N PHE B 614 -1.05 4.83 -23.87
CA PHE B 614 -2.12 4.79 -24.85
C PHE B 614 -1.63 5.14 -26.24
N VAL B 615 -2.28 4.57 -27.24
CA VAL B 615 -2.02 4.87 -28.65
C VAL B 615 -3.29 5.52 -29.19
N THR B 616 -3.20 6.80 -29.48
CA THR B 616 -4.38 7.59 -29.82
C THR B 616 -4.78 7.34 -31.28
N SER B 617 -5.64 8.20 -31.80
CA SER B 617 -5.97 8.25 -33.21
C SER B 617 -5.41 9.53 -33.80
N SER B 618 -5.37 9.59 -35.13
CA SER B 618 -4.84 10.75 -35.83
C SER B 618 -5.76 11.32 -36.88
N ARG B 619 -6.80 10.60 -37.30
CA ARG B 619 -7.70 11.04 -38.35
C ARG B 619 -9.12 11.10 -37.80
N ALA B 620 -9.79 12.23 -38.06
CA ALA B 620 -11.09 12.51 -37.46
C ALA B 620 -12.15 11.51 -37.85
N HIS B 621 -12.53 11.46 -39.12
CA HIS B 621 -13.49 10.47 -39.59
C HIS B 621 -12.77 9.55 -40.57
N ALA B 622 -12.76 8.25 -40.25
CA ALA B 622 -12.02 7.29 -41.04
C ALA B 622 -12.59 5.90 -40.77
N LYS B 623 -12.12 4.92 -41.55
CA LYS B 623 -12.50 3.53 -41.38
C LYS B 623 -11.24 2.71 -41.14
N ILE B 624 -11.27 1.87 -40.11
CA ILE B 624 -10.14 1.00 -39.80
C ILE B 624 -10.23 -0.26 -40.64
N VAL B 625 -9.18 -0.55 -41.40
CA VAL B 625 -9.13 -1.71 -42.27
C VAL B 625 -8.41 -2.88 -41.62
N SER B 626 -7.21 -2.62 -41.09
CA SER B 626 -6.42 -3.67 -40.44
C SER B 626 -5.46 -3.04 -39.44
N ILE B 627 -5.13 -3.79 -38.39
CA ILE B 627 -4.21 -3.37 -37.35
C ILE B 627 -3.15 -4.44 -37.17
N ASP B 628 -1.90 -4.02 -36.95
CA ASP B 628 -0.81 -4.95 -36.67
C ASP B 628 -0.03 -4.52 -35.44
N LEU B 629 0.54 -5.50 -34.73
CA LEU B 629 1.31 -5.23 -33.53
C LEU B 629 2.64 -5.97 -33.50
N SER B 630 3.04 -6.59 -34.62
CA SER B 630 4.13 -7.55 -34.58
C SER B 630 5.45 -6.90 -34.16
N GLU B 631 5.75 -5.72 -34.72
CA GLU B 631 6.92 -5.01 -34.25
C GLU B 631 6.69 -4.45 -32.85
N ALA B 632 5.44 -4.12 -32.52
CA ALA B 632 5.14 -3.53 -31.23
C ALA B 632 5.21 -4.57 -30.10
N LEU B 633 4.61 -5.73 -30.32
CA LEU B 633 4.53 -6.75 -29.27
C LEU B 633 5.85 -7.47 -29.06
N SER B 634 6.73 -7.45 -30.06
CA SER B 634 8.04 -8.09 -29.99
C SER B 634 9.11 -7.16 -29.43
N MET B 635 8.73 -5.98 -28.96
CA MET B 635 9.66 -5.09 -28.30
C MET B 635 10.12 -5.70 -26.98
N PRO B 636 11.27 -5.26 -26.45
CA PRO B 636 11.69 -5.75 -25.13
C PRO B 636 11.02 -4.95 -24.01
N GLY B 637 10.25 -5.65 -23.18
CA GLY B 637 9.53 -5.05 -22.07
C GLY B 637 8.03 -5.23 -22.16
N VAL B 638 7.49 -5.45 -23.34
CA VAL B 638 6.05 -5.51 -23.54
C VAL B 638 5.48 -6.74 -22.85
N VAL B 639 4.38 -6.55 -22.13
CA VAL B 639 3.61 -7.66 -21.58
C VAL B 639 2.42 -8.00 -22.48
N ASP B 640 1.64 -6.99 -22.85
CA ASP B 640 0.48 -7.23 -23.71
C ASP B 640 0.02 -5.91 -24.33
N ILE B 641 -0.77 -6.04 -25.38
CA ILE B 641 -1.45 -4.91 -26.01
C ILE B 641 -2.94 -5.20 -25.98
N MET B 642 -3.70 -4.26 -25.45
CA MET B 642 -5.16 -4.36 -25.38
C MET B 642 -5.76 -3.60 -26.55
N THR B 643 -6.54 -4.30 -27.36
CA THR B 643 -7.31 -3.74 -28.45
C THR B 643 -8.64 -4.49 -28.52
N ALA B 644 -9.64 -3.85 -29.10
CA ALA B 644 -10.96 -4.47 -29.24
C ALA B 644 -11.05 -5.34 -30.48
N GLU B 645 -9.96 -5.52 -31.21
CA GLU B 645 -10.00 -6.22 -32.49
C GLU B 645 -10.09 -7.73 -32.33
N HIS B 646 -9.48 -8.29 -31.28
CA HIS B 646 -9.36 -9.73 -31.18
C HIS B 646 -10.66 -10.34 -30.66
N LEU B 647 -10.61 -11.64 -30.33
CA LEU B 647 -11.76 -12.42 -29.90
C LEU B 647 -12.06 -12.26 -28.41
N SER B 648 -11.71 -11.10 -27.85
CA SER B 648 -11.95 -10.82 -26.44
C SER B 648 -13.40 -11.05 -26.06
N ASP B 649 -13.60 -11.67 -24.89
CA ASP B 649 -14.95 -11.91 -24.41
C ASP B 649 -15.63 -10.65 -23.90
N VAL B 650 -14.88 -9.56 -23.72
CA VAL B 650 -15.51 -8.28 -23.38
C VAL B 650 -16.33 -7.78 -24.56
N ASN B 651 -15.88 -8.02 -25.78
CA ASN B 651 -16.64 -7.66 -26.98
C ASN B 651 -17.49 -8.85 -27.45
N SER B 652 -18.28 -9.40 -26.53
CA SER B 652 -19.13 -10.55 -26.83
C SER B 652 -20.36 -10.49 -25.94
N PHE B 653 -21.48 -10.98 -26.48
CA PHE B 653 -22.73 -10.98 -25.73
C PHE B 653 -22.62 -11.91 -24.52
N CYS B 654 -23.10 -11.42 -23.37
CA CYS B 654 -23.08 -12.19 -22.14
C CYS B 654 -24.00 -13.41 -22.22
N GLU B 658 -21.21 -2.88 -21.54
CA GLU B 658 -21.21 -3.59 -22.82
C GLU B 658 -21.33 -2.61 -23.98
N ALA B 659 -20.31 -1.77 -24.16
CA ALA B 659 -20.24 -0.89 -25.33
C ALA B 659 -18.77 -0.67 -25.64
N GLU B 660 -18.21 -1.51 -26.51
CA GLU B 660 -16.91 -1.39 -27.19
C GLU B 660 -15.72 -1.16 -26.27
N LYS B 661 -15.92 -1.24 -24.95
CA LYS B 661 -14.83 -1.13 -23.96
C LYS B 661 -13.98 0.12 -24.18
N PHE B 662 -14.65 1.23 -24.51
CA PHE B 662 -14.03 2.55 -24.64
C PHE B 662 -12.93 2.60 -25.69
N LEU B 663 -12.84 1.58 -26.55
CA LEU B 663 -11.83 1.51 -27.60
C LEU B 663 -12.50 1.34 -28.96
N ALA B 664 -11.91 1.97 -29.97
CA ALA B 664 -12.48 1.95 -31.30
C ALA B 664 -12.50 0.54 -31.88
N THR B 665 -13.55 0.21 -32.61
CA THR B 665 -13.74 -1.12 -33.16
C THR B 665 -13.71 -1.14 -34.68
N ASP B 666 -14.60 -0.39 -35.33
CA ASP B 666 -14.66 -0.37 -36.79
C ASP B 666 -14.29 0.99 -37.36
N LYS B 667 -14.95 2.06 -36.91
CA LYS B 667 -14.64 3.41 -37.36
C LYS B 667 -14.12 4.23 -36.20
N VAL B 668 -13.50 5.35 -36.52
CA VAL B 668 -13.01 6.30 -35.52
C VAL B 668 -13.61 7.66 -35.85
N PHE B 669 -14.11 8.35 -34.83
CA PHE B 669 -14.91 9.55 -35.04
C PHE B 669 -14.30 10.81 -34.44
N CYS B 670 -13.05 10.74 -33.99
CA CYS B 670 -12.35 11.93 -33.50
C CYS B 670 -10.88 11.60 -33.37
N VAL B 671 -10.05 12.64 -33.33
CA VAL B 671 -8.64 12.46 -33.02
C VAL B 671 -8.47 12.28 -31.53
N GLY B 672 -7.54 11.42 -31.14
CA GLY B 672 -7.38 11.06 -29.76
C GLY B 672 -8.28 9.95 -29.28
N GLN B 673 -9.21 9.47 -30.10
CA GLN B 673 -10.04 8.36 -29.72
C GLN B 673 -9.19 7.12 -29.48
N LEU B 674 -9.41 6.47 -28.35
CA LEU B 674 -8.54 5.39 -27.92
C LEU B 674 -8.82 4.13 -28.74
N VAL B 675 -7.74 3.51 -29.24
CA VAL B 675 -7.87 2.23 -29.93
C VAL B 675 -6.84 1.21 -29.49
N CYS B 676 -5.72 1.59 -28.86
CA CYS B 676 -4.74 0.62 -28.39
C CYS B 676 -4.20 1.05 -27.03
N ALA B 677 -4.02 0.08 -26.14
CA ALA B 677 -3.33 0.30 -24.87
C ALA B 677 -2.15 -0.66 -24.79
N VAL B 678 -1.02 -0.17 -24.32
CA VAL B 678 0.20 -0.95 -24.26
C VAL B 678 0.57 -1.10 -22.80
N LEU B 679 0.48 -2.32 -22.27
CA LEU B 679 0.93 -2.59 -20.92
C LEU B 679 2.24 -3.37 -20.97
N ALA B 680 3.26 -2.83 -20.34
CA ALA B 680 4.61 -3.36 -20.37
C ALA B 680 5.18 -3.41 -18.97
N ASP B 681 6.43 -3.88 -18.87
CA ASP B 681 7.14 -3.97 -17.60
C ASP B 681 7.66 -2.64 -17.10
N SER B 682 7.62 -1.59 -17.90
CA SER B 682 8.14 -0.30 -17.45
C SER B 682 7.52 0.81 -18.28
N GLU B 683 7.72 2.05 -17.79
CA GLU B 683 7.28 3.24 -18.52
C GLU B 683 7.98 3.34 -19.86
N VAL B 684 9.32 3.33 -19.83
CA VAL B 684 10.11 3.66 -21.01
C VAL B 684 9.89 2.66 -22.11
N GLN B 685 9.89 1.36 -21.77
CA GLN B 685 9.65 0.33 -22.76
C GLN B 685 8.25 0.45 -23.35
N ALA B 686 7.26 0.77 -22.51
CA ALA B 686 5.90 0.92 -23.00
C ALA B 686 5.79 2.08 -23.98
N LYS B 687 6.42 3.21 -23.67
CA LYS B 687 6.38 4.35 -24.59
C LYS B 687 7.11 4.03 -25.90
N ARG B 688 8.25 3.36 -25.79
CA ARG B 688 8.99 2.99 -27.01
C ARG B 688 8.17 2.07 -27.89
N ALA B 689 7.49 1.09 -27.30
CA ALA B 689 6.65 0.20 -28.10
C ALA B 689 5.43 0.92 -28.64
N ALA B 690 4.92 1.93 -27.91
CA ALA B 690 3.75 2.65 -28.38
C ALA B 690 4.08 3.53 -29.57
N LYS B 691 5.27 4.13 -29.60
CA LYS B 691 5.68 4.91 -30.75
C LYS B 691 5.82 4.07 -32.02
N ARG B 692 5.89 2.75 -31.91
CA ARG B 692 6.18 1.91 -33.05
C ARG B 692 5.02 0.98 -33.40
N VAL B 693 3.81 1.53 -33.43
CA VAL B 693 2.61 0.80 -33.80
C VAL B 693 2.09 1.36 -35.13
N LYS B 694 1.57 0.49 -35.98
CA LYS B 694 1.11 0.88 -37.31
C LYS B 694 -0.39 0.63 -37.45
N ILE B 695 -1.09 1.61 -38.02
CA ILE B 695 -2.55 1.59 -38.12
C ILE B 695 -2.95 1.91 -39.56
N VAL B 696 -3.93 1.17 -40.08
CA VAL B 696 -4.43 1.36 -41.43
C VAL B 696 -5.76 2.10 -41.37
N TYR B 697 -5.87 3.18 -42.14
CA TYR B 697 -7.05 4.03 -42.16
C TYR B 697 -7.59 4.14 -43.57
N GLN B 698 -8.79 4.73 -43.67
CA GLN B 698 -9.39 5.06 -44.95
C GLN B 698 -10.44 6.14 -44.68
N ASP B 699 -10.17 7.35 -45.13
CA ASP B 699 -11.00 8.50 -44.76
C ASP B 699 -12.40 8.39 -45.39
N LEU B 700 -13.34 9.09 -44.76
CA LEU B 700 -14.73 9.11 -45.20
C LEU B 700 -15.17 10.54 -45.48
N GLU B 701 -16.21 10.67 -46.31
CA GLU B 701 -16.54 11.96 -46.91
C GLU B 701 -16.94 13.07 -45.94
N PRO B 702 -17.82 12.87 -44.94
CA PRO B 702 -18.27 14.02 -44.14
C PRO B 702 -17.29 14.35 -43.03
N LEU B 703 -16.51 15.41 -43.23
CA LEU B 703 -15.64 15.94 -42.18
C LEU B 703 -16.28 17.21 -41.65
N ILE B 704 -16.53 17.23 -40.35
CA ILE B 704 -17.22 18.34 -39.70
C ILE B 704 -16.38 18.78 -38.52
N LEU B 705 -16.14 20.08 -38.42
CA LEU B 705 -15.36 20.65 -37.32
C LEU B 705 -15.99 21.89 -36.73
N THR B 706 -16.95 22.52 -37.40
CA THR B 706 -17.58 23.74 -36.91
C THR B 706 -19.07 23.51 -36.68
N ILE B 707 -19.67 24.42 -35.91
CA ILE B 707 -21.09 24.35 -35.60
C ILE B 707 -21.92 24.47 -36.86
N GLU B 708 -21.58 25.44 -37.72
CA GLU B 708 -22.33 25.67 -38.94
C GLU B 708 -22.28 24.47 -39.85
N GLU B 709 -21.12 23.82 -39.95
CA GLU B 709 -21.00 22.61 -40.75
C GLU B 709 -21.88 21.51 -40.19
N SER B 710 -21.98 21.42 -38.87
CA SER B 710 -22.73 20.36 -38.22
C SER B 710 -24.24 20.58 -38.27
N ILE B 711 -24.70 21.82 -38.44
CA ILE B 711 -26.13 22.07 -38.57
C ILE B 711 -26.70 21.29 -39.76
N GLN B 712 -25.99 21.31 -40.89
CA GLN B 712 -26.30 20.43 -41.99
C GLN B 712 -25.49 19.15 -41.86
N SER B 716 -32.65 17.78 -40.76
CA SER B 716 -32.32 17.29 -39.43
C SER B 716 -33.29 17.85 -38.39
N PHE B 717 -33.86 16.97 -37.58
CA PHE B 717 -34.74 17.41 -36.50
C PHE B 717 -33.94 18.12 -35.41
N LYS B 718 -34.57 19.10 -34.78
CA LYS B 718 -33.92 20.00 -33.83
C LYS B 718 -34.56 19.90 -32.45
N PRO B 719 -34.09 19.01 -31.57
CA PRO B 719 -34.54 19.04 -30.17
C PRO B 719 -33.79 20.06 -29.34
N GLU B 720 -34.46 21.14 -28.93
CA GLU B 720 -33.80 22.25 -28.26
C GLU B 720 -34.37 22.45 -26.87
N ARG B 721 -33.69 23.29 -26.10
CA ARG B 721 -34.20 23.76 -24.82
C ARG B 721 -34.58 25.23 -24.94
N LYS B 722 -35.79 25.58 -24.50
CA LYS B 722 -36.35 26.90 -24.76
C LYS B 722 -36.85 27.56 -23.49
N LEU B 723 -36.58 28.87 -23.39
CA LEU B 723 -37.14 29.73 -22.36
C LEU B 723 -37.96 30.82 -23.04
N GLU B 724 -39.19 31.01 -22.59
CA GLU B 724 -40.01 32.14 -23.01
C GLU B 724 -40.40 32.97 -21.79
N TYR B 725 -40.34 34.28 -21.95
CA TYR B 725 -40.70 35.24 -20.90
C TYR B 725 -41.48 36.32 -21.63
N GLY B 726 -42.79 36.11 -21.75
CA GLY B 726 -43.67 37.05 -22.43
C GLY B 726 -44.16 36.57 -23.79
N ASN B 727 -44.27 37.49 -24.74
CA ASN B 727 -44.64 37.19 -26.12
C ASN B 727 -43.67 37.92 -27.05
N VAL B 728 -43.21 37.22 -28.08
CA VAL B 728 -42.07 37.70 -28.85
C VAL B 728 -42.50 38.60 -30.01
N ASP B 729 -43.58 38.27 -30.69
CA ASP B 729 -43.94 39.02 -31.89
C ASP B 729 -44.33 40.46 -31.56
N GLU B 730 -45.07 40.66 -30.47
CA GLU B 730 -45.71 41.95 -30.25
C GLU B 730 -44.72 43.05 -29.86
N ALA B 731 -43.69 42.73 -29.09
CA ALA B 731 -42.79 43.78 -28.61
C ALA B 731 -41.81 44.25 -29.67
N PHE B 732 -41.72 43.57 -30.82
CA PHE B 732 -40.87 44.05 -31.91
C PHE B 732 -41.43 45.33 -32.53
N LYS B 733 -42.75 45.47 -32.58
CA LYS B 733 -43.40 46.50 -33.36
C LYS B 733 -43.47 47.83 -32.65
N VAL B 734 -42.99 47.93 -31.41
CA VAL B 734 -43.10 49.16 -30.65
C VAL B 734 -41.73 49.67 -30.20
N VAL B 735 -40.66 49.27 -30.88
CA VAL B 735 -39.32 49.70 -30.52
C VAL B 735 -38.83 50.74 -31.51
N ASP B 736 -37.85 51.51 -31.09
CA ASP B 736 -37.24 52.53 -31.95
C ASP B 736 -36.31 51.91 -32.97
N GLN B 737 -35.32 51.14 -32.51
CA GLN B 737 -34.30 50.58 -33.37
C GLN B 737 -34.24 49.07 -33.19
N ILE B 738 -34.04 48.35 -34.30
CA ILE B 738 -33.97 46.90 -34.32
C ILE B 738 -32.58 46.49 -34.77
N LEU B 739 -31.99 45.52 -34.08
CA LEU B 739 -30.62 45.10 -34.29
C LEU B 739 -30.57 43.59 -34.38
N GLU B 740 -29.66 43.07 -35.19
CA GLU B 740 -29.49 41.63 -35.36
C GLU B 740 -28.02 41.31 -35.54
N GLY B 741 -27.55 40.27 -34.89
CA GLY B 741 -26.14 39.92 -34.98
C GLY B 741 -25.87 38.53 -34.45
N GLU B 742 -24.60 38.15 -34.49
CA GLU B 742 -24.15 36.89 -33.91
C GLU B 742 -22.69 37.00 -33.51
N ILE B 743 -22.29 36.12 -32.58
CA ILE B 743 -20.93 36.13 -32.05
C ILE B 743 -20.49 34.68 -31.82
N HIS B 744 -19.19 34.45 -32.01
CA HIS B 744 -18.59 33.13 -31.82
C HIS B 744 -17.74 33.13 -30.55
N MET B 745 -17.86 32.06 -29.77
CA MET B 745 -17.12 31.88 -28.53
C MET B 745 -16.23 30.65 -28.67
N GLY B 746 -14.96 30.80 -28.29
CA GLY B 746 -13.99 29.73 -28.44
C GLY B 746 -14.03 28.73 -27.30
N GLY B 747 -13.09 27.79 -27.35
CA GLY B 747 -12.91 26.80 -26.31
C GLY B 747 -11.83 27.21 -25.33
N GLN B 748 -11.47 26.25 -24.48
CA GLN B 748 -10.45 26.46 -23.45
C GLN B 748 -9.91 25.11 -23.04
N GLU B 749 -8.68 25.12 -22.52
CA GLU B 749 -8.05 23.92 -21.99
C GLU B 749 -7.81 24.09 -20.50
N HIS B 750 -8.00 23.01 -19.75
CA HIS B 750 -7.83 23.06 -18.30
C HIS B 750 -6.39 23.39 -17.93
N PHE B 751 -5.45 22.62 -18.48
CA PHE B 751 -4.02 22.74 -18.18
C PHE B 751 -3.81 22.70 -16.66
N TYR B 752 -4.39 21.67 -16.05
CA TYR B 752 -4.06 21.35 -14.66
C TYR B 752 -2.61 20.89 -14.57
N MET B 753 -1.85 21.49 -13.65
CA MET B 753 -0.42 21.24 -13.60
C MET B 753 -0.11 19.79 -13.26
N GLU B 754 -0.84 19.21 -12.32
CA GLU B 754 -0.71 17.78 -12.05
C GLU B 754 -1.55 17.05 -13.07
N THR B 755 -0.89 16.50 -14.09
CA THR B 755 -1.56 15.73 -15.12
C THR B 755 -2.13 14.45 -14.53
N GLN B 756 -2.87 13.72 -15.36
CA GLN B 756 -3.51 12.50 -14.93
C GLN B 756 -2.51 11.49 -14.39
N SER B 757 -2.86 10.84 -13.29
CA SER B 757 -1.95 9.95 -12.58
C SER B 757 -2.77 9.01 -11.71
N MET B 758 -2.57 7.70 -11.85
CA MET B 758 -3.40 6.77 -11.10
C MET B 758 -2.69 5.42 -10.99
N LEU B 759 -3.20 4.58 -10.09
CA LEU B 759 -2.59 3.29 -9.78
C LEU B 759 -3.64 2.32 -9.31
N VAL B 760 -3.88 1.26 -10.08
CA VAL B 760 -4.88 0.25 -9.75
C VAL B 760 -4.15 -0.95 -9.16
N VAL B 761 -4.52 -1.33 -7.94
CA VAL B 761 -3.85 -2.40 -7.20
C VAL B 761 -4.86 -3.50 -6.90
N PRO B 762 -4.75 -4.68 -7.52
CA PRO B 762 -5.54 -5.82 -7.06
C PRO B 762 -5.08 -6.29 -5.69
N LYS B 763 -5.93 -7.08 -5.05
CA LYS B 763 -5.68 -7.55 -3.69
C LYS B 763 -5.44 -9.04 -3.59
N GLY B 764 -6.14 -9.84 -4.40
CA GLY B 764 -6.04 -11.27 -4.31
C GLY B 764 -7.11 -11.92 -3.46
N GLU B 765 -7.83 -11.14 -2.65
CA GLU B 765 -8.92 -11.63 -1.83
C GLU B 765 -10.24 -11.28 -2.50
N ASP B 766 -11.04 -12.30 -2.80
CA ASP B 766 -12.44 -12.13 -3.24
C ASP B 766 -12.59 -11.20 -4.43
N GLN B 767 -11.50 -10.99 -5.19
CA GLN B 767 -11.44 -10.10 -6.35
C GLN B 767 -11.60 -8.64 -5.93
N GLU B 768 -10.95 -8.25 -4.83
CA GLU B 768 -10.97 -6.87 -4.37
C GLU B 768 -10.06 -6.00 -5.23
N MET B 769 -10.33 -4.70 -5.22
CA MET B 769 -9.66 -3.75 -6.10
C MET B 769 -9.44 -2.45 -5.35
N ASP B 770 -8.25 -1.87 -5.47
CA ASP B 770 -7.92 -0.62 -4.79
C ASP B 770 -7.43 0.37 -5.84
N VAL B 771 -8.24 1.38 -6.13
CA VAL B 771 -7.92 2.33 -7.19
C VAL B 771 -7.47 3.62 -6.52
N TYR B 772 -6.19 3.96 -6.65
CA TYR B 772 -5.65 5.16 -6.02
C TYR B 772 -5.48 6.22 -7.10
N VAL B 773 -6.27 7.30 -7.03
CA VAL B 773 -6.37 8.24 -8.13
C VAL B 773 -6.23 9.65 -7.56
N SER B 774 -5.88 10.59 -8.43
CA SER B 774 -6.10 12.01 -8.17
C SER B 774 -7.23 12.44 -9.10
N THR B 775 -8.47 12.42 -8.58
CA THR B 775 -9.68 12.73 -9.34
C THR B 775 -10.59 13.61 -8.50
N GLN B 776 -11.80 13.83 -9.02
CA GLN B 776 -12.82 14.61 -8.33
C GLN B 776 -14.08 13.83 -7.99
N PHE B 777 -14.28 12.65 -8.57
CA PHE B 777 -15.55 11.93 -8.45
C PHE B 777 -15.30 10.45 -8.25
N PRO B 778 -14.87 10.04 -7.05
CA PRO B 778 -14.54 8.63 -6.81
C PRO B 778 -15.70 7.67 -6.97
N LYS B 779 -16.95 8.13 -6.81
CA LYS B 779 -18.09 7.24 -7.01
C LYS B 779 -18.13 6.76 -8.46
N TYR B 780 -17.86 7.65 -9.41
CA TYR B 780 -17.86 7.26 -10.81
C TYR B 780 -16.74 6.27 -11.11
N ILE B 781 -15.56 6.50 -10.57
CA ILE B 781 -14.45 5.57 -10.79
C ILE B 781 -14.82 4.20 -10.24
N GLN B 782 -15.35 4.17 -9.02
CA GLN B 782 -15.72 2.91 -8.39
C GLN B 782 -16.74 2.15 -9.21
N ASP B 783 -17.81 2.82 -9.63
CA ASP B 783 -18.86 2.02 -10.25
C ASP B 783 -18.59 1.71 -11.71
N ILE B 784 -17.79 2.51 -12.42
CA ILE B 784 -17.41 2.09 -13.77
C ILE B 784 -16.40 0.95 -13.73
N VAL B 785 -15.46 0.99 -12.77
CA VAL B 785 -14.52 -0.11 -12.61
C VAL B 785 -15.25 -1.39 -12.24
N ALA B 786 -16.23 -1.30 -11.34
CA ALA B 786 -16.99 -2.48 -10.98
C ALA B 786 -17.88 -2.96 -12.12
N SER B 787 -18.40 -2.03 -12.92
CA SER B 787 -19.30 -2.41 -14.01
C SER B 787 -18.56 -3.16 -15.11
N THR B 788 -17.33 -2.74 -15.41
CA THR B 788 -16.62 -3.39 -16.51
C THR B 788 -16.16 -4.80 -16.15
N LEU B 789 -16.02 -5.12 -14.87
CA LEU B 789 -15.63 -6.45 -14.42
C LEU B 789 -16.80 -7.28 -13.93
N LYS B 790 -18.03 -6.80 -14.07
CA LYS B 790 -19.22 -7.49 -13.57
C LYS B 790 -19.11 -7.81 -12.08
N LEU B 791 -18.58 -6.87 -11.33
CA LEU B 791 -18.40 -7.03 -9.89
C LEU B 791 -19.34 -6.12 -9.11
N PRO B 792 -19.80 -6.55 -7.95
CA PRO B 792 -20.50 -5.63 -7.04
C PRO B 792 -19.55 -4.54 -6.56
N ALA B 793 -20.12 -3.36 -6.30
CA ALA B 793 -19.31 -2.19 -5.99
C ALA B 793 -18.65 -2.25 -4.62
N ASN B 794 -18.98 -3.23 -3.78
CA ASN B 794 -18.39 -3.32 -2.46
C ASN B 794 -16.98 -3.90 -2.46
N LYS B 795 -16.42 -4.18 -3.63
CA LYS B 795 -15.04 -4.64 -3.76
C LYS B 795 -14.07 -3.52 -4.12
N VAL B 796 -14.53 -2.51 -4.85
CA VAL B 796 -13.65 -1.49 -5.41
C VAL B 796 -13.62 -0.30 -4.47
N MET B 797 -12.45 0.03 -3.96
CA MET B 797 -12.28 1.20 -3.10
C MET B 797 -11.35 2.21 -3.75
N CYS B 798 -11.84 3.43 -3.92
CA CYS B 798 -11.06 4.51 -4.49
C CYS B 798 -10.48 5.38 -3.38
N HIS B 799 -9.27 5.87 -3.61
CA HIS B 799 -8.60 6.68 -2.61
C HIS B 799 -8.01 7.91 -3.27
N VAL B 800 -8.29 9.08 -2.70
CA VAL B 800 -7.81 10.36 -3.20
C VAL B 800 -7.34 11.18 -2.00
N ARG B 801 -6.04 11.19 -1.74
CA ARG B 801 -5.55 12.03 -0.65
C ARG B 801 -5.60 13.50 -1.05
N ARG B 802 -5.16 13.83 -2.26
CA ARG B 802 -5.23 15.20 -2.74
C ARG B 802 -5.09 15.19 -4.26
N VAL B 803 -5.37 16.35 -4.85
CA VAL B 803 -5.28 16.55 -6.30
C VAL B 803 -4.51 17.84 -6.54
N GLY B 804 -3.57 17.81 -7.48
CA GLY B 804 -2.82 19.01 -7.78
C GLY B 804 -3.54 19.88 -8.77
N GLY B 805 -4.31 20.85 -8.25
CA GLY B 805 -4.98 21.86 -9.05
C GLY B 805 -5.79 21.39 -10.24
N ALA B 806 -6.94 20.76 -10.04
CA ALA B 806 -7.80 20.34 -11.14
C ALA B 806 -8.95 21.32 -11.28
N PHE B 807 -8.83 22.25 -12.22
CA PHE B 807 -9.76 23.38 -12.34
C PHE B 807 -10.99 22.98 -13.16
N GLY B 808 -11.66 21.95 -12.67
CA GLY B 808 -12.78 21.36 -13.37
C GLY B 808 -12.37 20.19 -14.24
N GLY B 809 -13.37 19.41 -14.64
CA GLY B 809 -13.19 18.40 -15.67
C GLY B 809 -12.11 17.37 -15.45
N LYS B 810 -12.30 16.45 -14.51
CA LYS B 810 -11.43 15.28 -14.34
C LYS B 810 -12.28 14.04 -14.10
N VAL B 811 -13.36 13.89 -14.86
CA VAL B 811 -14.41 12.96 -14.47
C VAL B 811 -14.61 11.84 -15.49
N LEU B 812 -15.09 12.18 -16.69
CA LEU B 812 -15.43 11.16 -17.67
C LEU B 812 -14.17 10.50 -18.23
N LYS B 813 -13.17 11.30 -18.53
CA LYS B 813 -11.93 10.82 -19.11
C LYS B 813 -11.07 10.05 -18.11
N THR B 814 -11.05 10.48 -16.85
CA THR B 814 -10.38 9.66 -15.85
C THR B 814 -11.10 8.33 -15.69
N GLY B 815 -12.42 8.33 -15.86
CA GLY B 815 -13.15 7.08 -15.86
C GLY B 815 -12.80 6.17 -17.01
N ILE B 816 -12.66 6.74 -18.21
CA ILE B 816 -12.36 5.87 -19.36
C ILE B 816 -10.93 5.34 -19.28
N ILE B 817 -10.01 6.11 -18.69
CA ILE B 817 -8.68 5.59 -18.42
C ILE B 817 -8.77 4.44 -17.43
N ALA B 818 -9.48 4.66 -16.31
CA ALA B 818 -9.48 3.70 -15.21
C ALA B 818 -10.18 2.41 -15.58
N ALA B 819 -11.17 2.45 -16.47
CA ALA B 819 -11.88 1.23 -16.83
C ALA B 819 -10.94 0.21 -17.46
N VAL B 820 -10.18 0.62 -18.48
CA VAL B 820 -9.26 -0.31 -19.13
C VAL B 820 -8.04 -0.59 -18.26
N THR B 821 -7.62 0.38 -17.43
CA THR B 821 -6.55 0.08 -16.48
C THR B 821 -6.95 -1.03 -15.52
N ALA B 822 -8.19 -1.01 -15.04
CA ALA B 822 -8.68 -2.06 -14.16
C ALA B 822 -8.88 -3.37 -14.91
N PHE B 823 -9.30 -3.29 -16.18
CA PHE B 823 -9.39 -4.51 -16.99
C PHE B 823 -8.03 -5.20 -17.08
N ALA B 824 -6.99 -4.42 -17.38
CA ALA B 824 -5.64 -4.97 -17.46
C ALA B 824 -5.19 -5.52 -16.11
N ALA B 825 -5.43 -4.78 -15.03
CA ALA B 825 -5.01 -5.22 -13.70
C ALA B 825 -5.72 -6.50 -13.28
N ASN B 826 -6.96 -6.69 -13.72
CA ASN B 826 -7.67 -7.94 -13.42
C ASN B 826 -7.13 -9.09 -14.24
N LYS B 827 -6.88 -8.87 -15.53
CA LYS B 827 -6.45 -9.98 -16.39
C LYS B 827 -5.05 -10.46 -16.03
N HIS B 828 -4.13 -9.54 -15.75
CA HIS B 828 -2.76 -9.89 -15.38
C HIS B 828 -2.55 -9.49 -13.93
N GLY B 829 -2.51 -10.47 -13.04
CA GLY B 829 -2.74 -10.21 -11.63
C GLY B 829 -1.68 -9.40 -10.92
N ARG B 830 -1.41 -8.20 -11.41
CA ARG B 830 -0.46 -7.30 -10.80
C ARG B 830 -0.96 -5.87 -10.96
N ALA B 831 -0.45 -4.98 -10.11
CA ALA B 831 -0.85 -3.59 -10.16
C ALA B 831 -0.50 -2.96 -11.50
N VAL B 832 -1.28 -1.97 -11.91
CA VAL B 832 -1.03 -1.24 -13.15
C VAL B 832 -1.09 0.25 -12.84
N ARG B 833 -0.01 0.96 -13.15
CA ARG B 833 0.06 2.41 -12.94
C ARG B 833 -0.03 3.11 -14.29
N CYS B 834 -0.84 4.17 -14.35
CA CYS B 834 -1.06 4.89 -15.59
C CYS B 834 -0.87 6.38 -15.36
N VAL B 835 0.01 7.00 -16.14
CA VAL B 835 0.25 8.43 -16.11
C VAL B 835 0.21 8.91 -17.56
N LEU B 836 -0.40 10.06 -17.80
CA LEU B 836 -0.57 10.60 -19.14
C LEU B 836 0.35 11.79 -19.39
N GLU B 837 0.85 11.87 -20.61
CA GLU B 837 1.66 12.97 -21.07
C GLU B 837 0.78 14.19 -21.37
N ARG B 838 1.42 15.36 -21.42
CA ARG B 838 0.69 16.60 -21.67
C ARG B 838 0.01 16.58 -23.02
N GLY B 839 0.71 16.13 -24.06
CA GLY B 839 0.09 16.03 -25.37
C GLY B 839 -1.04 15.02 -25.38
N GLU B 840 -0.85 13.89 -24.70
CA GLU B 840 -1.91 12.91 -24.58
C GLU B 840 -3.13 13.49 -23.87
N ASP B 841 -2.89 14.26 -22.81
CA ASP B 841 -3.99 14.99 -22.18
C ASP B 841 -4.71 15.85 -23.20
N MET B 842 -4.01 16.84 -23.77
CA MET B 842 -4.66 17.80 -24.66
C MET B 842 -5.33 17.14 -25.85
N LEU B 843 -4.93 15.91 -26.20
CA LEU B 843 -5.58 15.22 -27.30
C LEU B 843 -6.83 14.46 -26.86
N ILE B 844 -6.80 13.74 -25.74
CA ILE B 844 -8.00 13.04 -25.30
C ILE B 844 -8.91 13.97 -24.50
N THR B 845 -8.36 14.73 -23.57
CA THR B 845 -9.19 15.63 -22.75
C THR B 845 -9.80 16.72 -23.63
N GLY B 846 -11.12 16.86 -23.55
CA GLY B 846 -11.81 17.95 -24.21
C GLY B 846 -11.61 19.26 -23.46
N GLY B 847 -12.62 20.10 -23.49
CA GLY B 847 -12.53 21.36 -22.79
C GLY B 847 -13.83 22.13 -22.83
N ARG B 848 -13.73 23.42 -22.52
CA ARG B 848 -14.89 24.30 -22.53
C ARG B 848 -15.54 24.32 -23.91
N HIS B 849 -16.87 24.29 -23.91
CA HIS B 849 -17.63 24.17 -25.15
C HIS B 849 -17.48 25.43 -26.00
N PRO B 850 -17.15 25.31 -27.28
CA PRO B 850 -17.32 26.43 -28.20
C PRO B 850 -18.79 26.74 -28.40
N TYR B 851 -19.11 28.03 -28.56
CA TYR B 851 -20.48 28.50 -28.69
C TYR B 851 -20.64 29.38 -29.93
N LEU B 852 -21.89 29.46 -30.37
CA LEU B 852 -22.33 30.43 -31.36
C LEU B 852 -23.63 31.05 -30.85
N GLY B 853 -23.63 32.35 -30.63
CA GLY B 853 -24.83 33.02 -30.16
C GLY B 853 -25.37 34.06 -31.12
N LYS B 854 -26.58 33.84 -31.62
CA LYS B 854 -27.27 34.81 -32.46
C LYS B 854 -28.30 35.55 -31.63
N TYR B 855 -28.48 36.84 -31.92
CA TYR B 855 -29.44 37.62 -31.15
C TYR B 855 -30.06 38.73 -31.99
N LYS B 856 -31.37 38.89 -31.84
CA LYS B 856 -32.14 39.99 -32.39
C LYS B 856 -32.75 40.78 -31.23
N ALA B 857 -32.70 42.10 -31.32
CA ALA B 857 -33.08 42.95 -30.20
C ALA B 857 -33.75 44.22 -30.69
N GLY B 858 -34.92 44.53 -30.14
CA GLY B 858 -35.55 45.82 -30.31
C GLY B 858 -35.30 46.70 -29.10
N PHE B 859 -35.24 48.01 -29.32
CA PHE B 859 -34.90 48.91 -28.21
C PHE B 859 -35.31 50.34 -28.55
N MET B 860 -35.13 51.22 -27.56
CA MET B 860 -35.66 52.58 -27.48
C MET B 860 -34.56 53.62 -27.73
N ASN B 861 -34.93 54.89 -27.56
CA ASN B 861 -33.97 55.99 -27.69
C ASN B 861 -33.08 56.11 -26.46
N ASP B 862 -33.64 55.85 -25.27
CA ASP B 862 -32.84 55.90 -24.06
C ASP B 862 -31.89 54.72 -23.93
N GLY B 863 -32.11 53.66 -24.70
CA GLY B 863 -31.22 52.52 -24.66
C GLY B 863 -31.69 51.43 -23.72
N ARG B 864 -32.94 51.00 -23.87
CA ARG B 864 -33.54 49.98 -23.03
C ARG B 864 -34.04 48.84 -23.91
N ILE B 865 -33.34 47.70 -23.88
CA ILE B 865 -33.79 46.55 -24.64
C ILE B 865 -35.11 46.07 -24.07
N LEU B 866 -36.10 45.89 -24.94
CA LEU B 866 -37.43 45.50 -24.50
C LEU B 866 -38.02 44.38 -25.35
N ALA B 867 -37.21 43.73 -26.19
CA ALA B 867 -37.64 42.55 -26.96
C ALA B 867 -36.37 41.86 -27.43
N LEU B 868 -36.13 40.64 -26.96
CA LEU B 868 -34.91 39.93 -27.29
C LEU B 868 -35.23 38.51 -27.73
N ASP B 869 -34.51 38.05 -28.76
CA ASP B 869 -34.68 36.71 -29.32
C ASP B 869 -33.29 36.15 -29.56
N MET B 870 -32.94 35.08 -28.84
CA MET B 870 -31.58 34.57 -28.86
C MET B 870 -31.55 33.09 -29.17
N GLU B 871 -30.56 32.69 -29.96
CA GLU B 871 -30.29 31.30 -30.28
C GLU B 871 -28.87 30.96 -29.84
N HIS B 872 -28.73 29.86 -29.11
CA HIS B 872 -27.47 29.38 -28.57
C HIS B 872 -27.11 28.06 -29.23
N TYR B 873 -25.84 27.92 -29.60
CA TYR B 873 -25.33 26.69 -30.17
C TYR B 873 -24.06 26.29 -29.42
N SER B 874 -23.98 25.03 -29.02
CA SER B 874 -22.81 24.50 -28.36
C SER B 874 -22.14 23.44 -29.23
N ASN B 875 -20.82 23.35 -29.13
CA ASN B 875 -20.03 22.38 -29.89
C ASN B 875 -19.76 21.18 -29.00
N ALA B 876 -20.60 20.15 -29.12
CA ALA B 876 -20.54 19.03 -28.18
C ALA B 876 -19.29 18.18 -28.37
N GLY B 877 -19.00 17.77 -29.60
CA GLY B 877 -17.97 16.80 -29.89
C GLY B 877 -18.55 15.58 -30.58
N ALA B 878 -17.79 14.49 -30.52
CA ALA B 878 -18.20 13.29 -31.25
C ALA B 878 -19.33 12.55 -30.56
N SER B 879 -19.37 12.57 -29.23
CA SER B 879 -20.26 11.71 -28.48
C SER B 879 -21.71 12.17 -28.60
N LEU B 880 -22.62 11.20 -28.67
CA LEU B 880 -24.04 11.45 -28.81
C LEU B 880 -24.59 12.01 -27.50
N ASP B 881 -24.82 13.33 -27.48
CA ASP B 881 -25.52 14.03 -26.39
C ASP B 881 -24.84 13.77 -25.03
N GLU B 882 -23.53 14.03 -24.99
CA GLU B 882 -22.80 13.87 -23.75
C GLU B 882 -23.24 14.88 -22.70
N SER B 883 -23.49 16.13 -23.12
CA SER B 883 -23.88 17.18 -22.18
C SER B 883 -24.81 18.15 -22.92
N LEU B 884 -26.10 17.91 -22.78
CA LEU B 884 -27.12 18.92 -23.05
C LEU B 884 -27.38 19.78 -21.81
N PHE B 885 -26.72 19.46 -20.70
CA PHE B 885 -26.90 20.22 -19.48
C PHE B 885 -26.21 21.57 -19.55
N VAL B 886 -25.16 21.68 -20.37
CA VAL B 886 -24.47 22.97 -20.49
C VAL B 886 -25.36 23.99 -21.18
N ILE B 887 -26.17 23.56 -22.15
CA ILE B 887 -27.11 24.47 -22.81
C ILE B 887 -28.14 24.98 -21.83
N GLU B 888 -28.70 24.07 -21.02
CA GLU B 888 -29.72 24.47 -20.05
C GLU B 888 -29.13 25.40 -18.99
N MET B 889 -27.91 25.11 -18.53
CA MET B 889 -27.26 25.97 -17.56
C MET B 889 -27.01 27.37 -18.14
N GLY B 890 -26.57 27.43 -19.39
CA GLY B 890 -26.35 28.71 -20.04
C GLY B 890 -27.63 29.49 -20.24
N LEU B 891 -28.72 28.82 -20.57
CA LEU B 891 -30.02 29.49 -20.62
C LEU B 891 -30.39 30.03 -19.25
N LEU B 892 -30.04 29.29 -18.18
CA LEU B 892 -30.39 29.73 -16.84
C LEU B 892 -29.63 30.97 -16.42
N LYS B 893 -28.35 31.08 -16.75
CA LYS B 893 -27.50 32.08 -16.10
C LYS B 893 -27.10 33.23 -17.02
N MET B 894 -27.92 33.59 -18.01
CA MET B 894 -27.39 34.45 -19.08
C MET B 894 -27.52 35.95 -18.77
N ASP B 895 -28.64 36.38 -18.16
CA ASP B 895 -28.95 37.80 -18.10
C ASP B 895 -27.94 38.57 -17.27
N ASN B 896 -27.68 38.10 -16.05
CA ASN B 896 -26.56 38.47 -15.20
C ASN B 896 -26.71 39.88 -14.61
N ALA B 897 -27.52 40.74 -15.21
CA ALA B 897 -27.95 41.94 -14.50
C ALA B 897 -29.27 42.50 -15.01
N TYR B 898 -29.91 41.92 -16.02
CA TYR B 898 -30.90 42.63 -16.80
C TYR B 898 -32.16 41.80 -16.96
N LYS B 899 -33.28 42.51 -17.11
CA LYS B 899 -34.59 41.89 -17.31
C LYS B 899 -35.11 42.27 -18.69
N PHE B 900 -35.46 41.26 -19.47
CA PHE B 900 -35.96 41.46 -20.84
C PHE B 900 -37.43 41.09 -20.88
N PRO B 901 -38.34 42.08 -20.89
CA PRO B 901 -39.77 41.78 -20.73
C PRO B 901 -40.34 40.81 -21.74
N ASN B 902 -39.90 40.85 -22.99
CA ASN B 902 -40.34 39.90 -24.01
C ASN B 902 -39.11 39.19 -24.55
N LEU B 903 -38.77 38.07 -23.92
CA LEU B 903 -37.53 37.36 -24.17
C LEU B 903 -37.82 35.94 -24.65
N ARG B 904 -37.08 35.51 -25.65
CA ARG B 904 -37.04 34.11 -26.04
C ARG B 904 -35.59 33.68 -26.17
N CYS B 905 -35.30 32.48 -25.67
CA CYS B 905 -33.94 31.93 -25.79
C CYS B 905 -34.03 30.44 -26.08
N ARG B 906 -33.48 30.02 -27.21
CA ARG B 906 -33.42 28.62 -27.57
C ARG B 906 -31.97 28.16 -27.56
N GLY B 907 -31.76 26.86 -27.33
CA GLY B 907 -30.42 26.32 -27.23
C GLY B 907 -30.33 24.94 -27.82
N TRP B 908 -29.25 24.71 -28.56
CA TRP B 908 -28.97 23.45 -29.23
C TRP B 908 -27.53 23.02 -28.96
N ALA B 909 -27.29 21.72 -29.07
CA ALA B 909 -25.97 21.13 -29.04
C ALA B 909 -25.72 20.41 -30.36
N CYS B 910 -24.56 20.67 -30.97
CA CYS B 910 -24.25 20.17 -32.30
C CYS B 910 -23.07 19.21 -32.23
N ARG B 911 -23.20 18.07 -32.89
CA ARG B 911 -22.21 17.00 -32.84
C ARG B 911 -21.23 17.15 -33.99
N THR B 912 -19.93 17.17 -33.67
CA THR B 912 -18.88 17.34 -34.65
C THR B 912 -17.85 16.23 -34.47
N ASN B 913 -16.93 16.12 -35.43
CA ASN B 913 -15.86 15.12 -35.38
C ASN B 913 -14.65 15.64 -34.61
N LEU B 914 -14.89 15.97 -33.35
CA LEU B 914 -13.90 16.54 -32.45
C LEU B 914 -13.96 15.81 -31.11
N PRO B 915 -12.91 15.90 -30.31
CA PRO B 915 -12.96 15.29 -28.97
C PRO B 915 -14.10 15.87 -28.15
N SER B 916 -14.77 15.01 -27.39
CA SER B 916 -15.97 15.40 -26.66
C SER B 916 -15.64 16.44 -25.60
N ASN B 917 -16.42 17.51 -25.58
CA ASN B 917 -16.17 18.59 -24.64
C ASN B 917 -16.78 18.27 -23.28
N THR B 918 -16.35 19.03 -22.28
CA THR B 918 -16.80 18.83 -20.91
C THR B 918 -16.93 20.20 -20.25
N ALA B 919 -17.01 20.19 -18.93
CA ALA B 919 -17.21 21.41 -18.16
C ALA B 919 -15.89 22.05 -17.77
N PHE B 920 -15.98 23.31 -17.36
CA PHE B 920 -14.83 24.06 -16.86
C PHE B 920 -15.28 24.83 -15.63
N ARG B 921 -14.46 25.75 -15.16
CA ARG B 921 -14.80 26.62 -14.03
C ARG B 921 -15.86 27.62 -14.45
N GLY B 922 -17.13 27.24 -14.33
CA GLY B 922 -18.23 28.11 -14.73
C GLY B 922 -19.37 27.38 -15.41
N PHE B 923 -19.05 26.36 -16.20
CA PHE B 923 -20.05 25.48 -16.83
C PHE B 923 -21.09 26.25 -17.64
N GLY B 924 -20.62 27.08 -18.57
CA GLY B 924 -21.50 27.74 -19.51
C GLY B 924 -21.97 29.12 -19.11
N PHE B 925 -21.68 29.56 -17.90
CA PHE B 925 -22.03 30.94 -17.55
C PHE B 925 -21.21 31.96 -18.32
N PRO B 926 -19.86 31.89 -18.41
CA PRO B 926 -19.13 32.94 -19.11
C PRO B 926 -19.52 33.09 -20.57
N GLN B 927 -19.89 32.00 -21.24
CA GLN B 927 -20.24 32.10 -22.66
C GLN B 927 -21.54 32.86 -22.87
N ALA B 928 -22.61 32.44 -22.17
CA ALA B 928 -23.90 33.10 -22.32
C ALA B 928 -23.84 34.54 -21.81
N ALA B 929 -23.12 34.76 -20.71
CA ALA B 929 -23.02 36.11 -20.17
C ALA B 929 -22.23 37.03 -21.09
N LEU B 930 -21.16 36.51 -21.72
CA LEU B 930 -20.41 37.34 -22.68
C LEU B 930 -21.25 37.62 -23.92
N ILE B 931 -22.06 36.65 -24.35
CA ILE B 931 -22.96 36.88 -25.48
C ILE B 931 -23.95 37.99 -25.15
N THR B 932 -24.52 37.96 -23.95
CA THR B 932 -25.46 39.01 -23.56
C THR B 932 -24.75 40.37 -23.46
N GLU B 933 -23.52 40.39 -22.95
CA GLU B 933 -22.78 41.65 -22.88
C GLU B 933 -22.48 42.20 -24.28
N SER B 934 -22.19 41.31 -25.23
CA SER B 934 -21.99 41.75 -26.61
C SER B 934 -23.26 42.33 -27.20
N CYS B 935 -24.42 41.71 -26.91
CA CYS B 935 -25.68 42.30 -27.34
C CYS B 935 -25.91 43.67 -26.73
N ILE B 936 -25.57 43.81 -25.44
CA ILE B 936 -25.68 45.10 -24.75
C ILE B 936 -24.83 46.15 -25.45
N THR B 937 -23.58 45.80 -25.77
CA THR B 937 -22.69 46.77 -26.38
C THR B 937 -23.12 47.12 -27.80
N GLU B 938 -23.64 46.14 -28.55
CA GLU B 938 -24.13 46.44 -29.90
C GLU B 938 -25.32 47.38 -29.84
N VAL B 939 -26.21 47.19 -28.87
CA VAL B 939 -27.33 48.11 -28.67
C VAL B 939 -26.82 49.50 -28.25
N ALA B 940 -25.82 49.55 -27.38
CA ALA B 940 -25.27 50.82 -26.95
C ALA B 940 -24.54 51.54 -28.08
N ALA B 941 -24.11 50.81 -29.11
CA ALA B 941 -23.51 51.45 -30.25
C ALA B 941 -24.56 51.90 -31.27
N LYS B 942 -25.57 51.07 -31.52
CA LYS B 942 -26.58 51.40 -32.52
C LYS B 942 -27.40 52.62 -32.09
N CYS B 943 -27.73 52.73 -30.81
CA CYS B 943 -28.51 53.87 -30.34
C CYS B 943 -27.63 55.05 -29.96
N GLY B 944 -26.32 54.89 -29.90
CA GLY B 944 -25.47 56.00 -29.54
C GLY B 944 -25.61 56.37 -28.08
N LEU B 945 -25.33 55.41 -27.19
CA LEU B 945 -25.31 55.64 -25.76
C LEU B 945 -24.05 55.02 -25.17
N SER B 946 -23.61 55.57 -24.05
CA SER B 946 -22.51 54.96 -23.31
C SER B 946 -22.96 53.59 -22.83
N PRO B 947 -22.18 52.54 -23.05
CA PRO B 947 -22.59 51.20 -22.56
C PRO B 947 -22.72 51.15 -21.05
N GLU B 948 -21.96 51.97 -20.33
CA GLU B 948 -22.11 52.07 -18.89
C GLU B 948 -23.52 52.52 -18.51
N LYS B 949 -24.06 53.49 -19.24
CA LYS B 949 -25.40 53.98 -18.93
C LYS B 949 -26.47 52.97 -19.33
N VAL B 950 -26.26 52.23 -20.42
CA VAL B 950 -27.19 51.17 -20.79
C VAL B 950 -27.21 50.10 -19.71
N ARG B 951 -26.03 49.79 -19.15
CA ARG B 951 -25.95 48.86 -18.03
C ARG B 951 -26.71 49.40 -16.81
N ILE B 952 -26.48 50.67 -16.47
CA ILE B 952 -27.08 51.21 -15.25
C ILE B 952 -28.59 51.38 -15.40
N ILE B 953 -29.12 51.45 -16.62
CA ILE B 953 -30.57 51.60 -16.78
C ILE B 953 -31.26 50.32 -17.25
N ASN B 954 -30.53 49.25 -17.52
CA ASN B 954 -31.16 47.95 -17.73
C ASN B 954 -31.01 47.02 -16.53
N MET B 955 -30.41 47.51 -15.46
CA MET B 955 -30.00 46.66 -14.35
C MET B 955 -31.21 46.31 -13.48
N TYR B 956 -31.10 45.21 -12.75
CA TYR B 956 -32.19 44.73 -11.89
C TYR B 956 -32.46 45.73 -10.76
N LYS B 957 -33.71 45.73 -10.29
CA LYS B 957 -34.15 46.58 -9.19
C LYS B 957 -33.93 45.89 -7.84
N GLU B 958 -34.58 46.42 -6.81
CA GLU B 958 -34.51 45.86 -5.46
C GLU B 958 -34.92 44.40 -5.46
N ILE B 959 -36.19 44.12 -5.78
CA ILE B 959 -36.68 42.75 -5.93
C ILE B 959 -37.30 42.64 -7.32
N ASP B 960 -36.90 41.61 -8.05
CA ASP B 960 -37.36 41.45 -9.42
C ASP B 960 -37.47 39.97 -9.75
N GLN B 961 -38.33 39.68 -10.71
CA GLN B 961 -38.54 38.30 -11.14
C GLN B 961 -37.42 37.95 -12.11
N THR B 962 -37.47 36.78 -12.73
CA THR B 962 -36.37 36.27 -13.54
C THR B 962 -37.00 35.40 -14.63
N PRO B 963 -36.41 35.32 -15.84
CA PRO B 963 -37.03 34.60 -16.95
C PRO B 963 -37.50 33.17 -16.68
N TYR B 964 -37.04 32.58 -15.59
CA TYR B 964 -37.49 31.27 -15.13
C TYR B 964 -38.28 31.35 -13.83
N LYS B 965 -38.85 32.53 -13.52
CA LYS B 965 -39.80 32.73 -12.43
C LYS B 965 -39.19 32.37 -11.07
N GLN B 966 -38.19 33.15 -10.68
CA GLN B 966 -37.64 33.12 -9.33
C GLN B 966 -37.45 34.55 -8.87
N GLU B 967 -37.97 34.86 -7.69
CA GLU B 967 -37.81 36.19 -7.12
C GLU B 967 -36.40 36.37 -6.60
N ILE B 968 -35.78 37.50 -6.94
CA ILE B 968 -34.40 37.78 -6.58
C ILE B 968 -34.29 39.17 -5.97
N ASN B 969 -33.45 39.29 -4.94
CA ASN B 969 -33.06 40.57 -4.39
C ASN B 969 -31.66 40.91 -4.88
N ALA B 970 -31.50 42.10 -5.44
CA ALA B 970 -30.25 42.53 -6.08
C ALA B 970 -29.90 43.95 -5.70
N LYS B 971 -29.93 44.27 -4.41
CA LYS B 971 -29.64 45.62 -3.95
C LYS B 971 -28.14 45.83 -3.72
N ASN B 972 -27.45 44.81 -3.22
CA ASN B 972 -26.04 44.98 -2.94
C ASN B 972 -25.22 45.05 -4.22
N LEU B 973 -25.76 44.58 -5.34
CA LEU B 973 -25.12 44.82 -6.63
C LEU B 973 -25.05 46.32 -6.91
N ILE B 974 -26.15 47.03 -6.66
CA ILE B 974 -26.15 48.49 -6.75
C ILE B 974 -25.15 49.09 -5.77
N GLN B 975 -25.14 48.57 -4.53
CA GLN B 975 -24.28 49.14 -3.50
C GLN B 975 -22.80 48.97 -3.83
N CYS B 976 -22.42 47.81 -4.36
CA CYS B 976 -21.03 47.59 -4.74
C CYS B 976 -20.68 48.34 -6.02
N TRP B 977 -21.68 48.60 -6.88
CA TRP B 977 -21.46 49.52 -7.99
C TRP B 977 -21.09 50.90 -7.48
N ARG B 978 -21.79 51.37 -6.45
CA ARG B 978 -21.46 52.66 -5.84
C ARG B 978 -20.07 52.64 -5.20
N GLU B 979 -19.74 51.56 -4.49
CA GLU B 979 -18.43 51.47 -3.88
C GLU B 979 -17.32 51.46 -4.93
N CYS B 980 -17.55 50.77 -6.05
CA CYS B 980 -16.54 50.69 -7.10
C CYS B 980 -16.41 52.01 -7.83
N MET B 981 -17.50 52.77 -8.00
CA MET B 981 -17.32 54.08 -8.61
C MET B 981 -16.61 55.04 -7.66
N ALA B 982 -16.82 54.90 -6.35
CA ALA B 982 -16.12 55.77 -5.40
C ALA B 982 -14.63 55.44 -5.35
N MET B 983 -14.29 54.16 -5.21
CA MET B 983 -12.89 53.78 -5.04
C MET B 983 -12.12 53.77 -6.36
N SER B 984 -12.77 53.40 -7.46
CA SER B 984 -12.10 53.34 -8.75
C SER B 984 -11.85 54.72 -9.34
N SER B 985 -12.59 55.73 -8.90
CA SER B 985 -12.54 57.08 -9.46
C SER B 985 -12.75 57.02 -10.97
N TYR B 986 -13.94 56.58 -11.36
CA TYR B 986 -14.22 56.29 -12.76
C TYR B 986 -14.17 57.55 -13.62
N SER B 987 -14.71 58.66 -13.13
CA SER B 987 -14.76 59.87 -13.92
C SER B 987 -13.38 60.48 -14.11
N LEU B 988 -12.56 60.49 -13.06
CA LEU B 988 -11.20 61.01 -13.19
C LEU B 988 -10.37 60.15 -14.14
N ARG B 989 -10.50 58.83 -14.03
CA ARG B 989 -9.74 57.97 -14.95
C ARG B 989 -10.27 58.10 -16.37
N LYS B 990 -11.56 58.37 -16.53
CA LYS B 990 -12.10 58.55 -17.87
C LYS B 990 -11.60 59.85 -18.50
N VAL B 991 -11.48 60.93 -17.71
CA VAL B 991 -10.93 62.15 -18.27
C VAL B 991 -9.45 62.00 -18.58
N ALA B 992 -8.70 61.25 -17.77
CA ALA B 992 -7.31 60.98 -18.11
C ALA B 992 -7.18 60.13 -19.37
N VAL B 993 -8.04 59.13 -19.52
CA VAL B 993 -8.03 58.29 -20.73
C VAL B 993 -8.36 59.13 -21.96
N GLU B 994 -9.39 59.97 -21.87
CA GLU B 994 -9.79 60.76 -23.03
C GLU B 994 -8.79 61.86 -23.34
N LYS B 995 -7.99 62.27 -22.33
CA LYS B 995 -6.84 63.12 -22.64
C LYS B 995 -5.75 62.31 -23.33
N PHE B 996 -5.64 61.02 -23.01
CA PHE B 996 -4.60 60.19 -23.62
C PHE B 996 -4.94 59.78 -25.05
N ASN B 997 -6.20 59.45 -25.33
CA ASN B 997 -6.57 58.96 -26.66
C ASN B 997 -6.39 60.01 -27.75
N ALA B 998 -6.35 61.29 -27.41
CA ALA B 998 -6.22 62.35 -28.38
C ALA B 998 -4.83 62.97 -28.42
N GLU B 999 -3.86 62.43 -27.67
CA GLU B 999 -2.50 62.91 -27.72
C GLU B 999 -1.52 61.84 -28.17
N ASN B 1000 -2.02 60.69 -28.63
CA ASN B 1000 -1.17 59.63 -29.16
C ASN B 1000 -1.95 58.94 -30.27
N TYR B 1001 -1.39 58.94 -31.48
CA TYR B 1001 -2.12 58.40 -32.63
C TYR B 1001 -2.10 56.86 -32.64
N TRP B 1002 -1.01 56.25 -32.22
CA TRP B 1002 -0.87 54.80 -32.33
C TRP B 1002 -0.99 54.08 -31.00
N LYS B 1003 -0.98 54.82 -29.88
CA LYS B 1003 -0.98 54.25 -28.54
C LYS B 1003 -2.25 54.68 -27.81
N LYS B 1004 -3.18 53.74 -27.61
CA LYS B 1004 -4.50 54.03 -27.06
C LYS B 1004 -4.64 53.44 -25.66
N LYS B 1005 -5.63 53.95 -24.92
CA LYS B 1005 -6.01 53.45 -23.61
C LYS B 1005 -7.50 53.10 -23.60
N GLY B 1006 -7.99 52.65 -22.45
CA GLY B 1006 -9.38 52.22 -22.37
C GLY B 1006 -9.80 51.95 -20.94
N LEU B 1007 -11.11 51.77 -20.77
CA LEU B 1007 -11.72 51.51 -19.48
C LEU B 1007 -13.01 50.73 -19.68
N ALA B 1008 -13.33 49.86 -18.73
CA ALA B 1008 -14.58 49.10 -18.81
C ALA B 1008 -15.01 48.68 -17.42
N MET B 1009 -16.28 48.33 -17.28
CA MET B 1009 -16.85 47.89 -16.02
C MET B 1009 -17.99 46.92 -16.30
N VAL B 1010 -18.01 45.80 -15.59
CA VAL B 1010 -19.04 44.79 -15.79
C VAL B 1010 -19.65 44.35 -14.45
N PRO B 1011 -20.95 44.05 -14.45
CA PRO B 1011 -21.60 43.51 -13.25
C PRO B 1011 -21.62 41.98 -13.24
N LEU B 1012 -21.91 41.43 -12.07
CA LEU B 1012 -21.88 39.98 -11.88
C LEU B 1012 -22.99 39.56 -10.94
N LYS B 1013 -23.95 38.79 -11.47
CA LYS B 1013 -24.94 38.02 -10.71
C LYS B 1013 -24.74 36.55 -11.04
N PHE B 1014 -24.16 35.80 -10.12
CA PHE B 1014 -23.84 34.40 -10.34
C PHE B 1014 -24.77 33.51 -9.54
N PRO B 1015 -25.69 32.79 -10.16
CA PRO B 1015 -26.52 31.83 -9.41
C PRO B 1015 -25.73 30.59 -9.01
N VAL B 1016 -26.10 30.01 -7.86
CA VAL B 1016 -25.48 28.80 -7.35
C VAL B 1016 -26.58 27.78 -7.13
N GLY B 1017 -26.47 26.63 -7.80
CA GLY B 1017 -27.47 25.59 -7.64
C GLY B 1017 -27.11 24.40 -8.51
N LEU B 1018 -27.89 23.33 -8.34
CA LEU B 1018 -27.70 22.11 -9.11
C LEU B 1018 -29.01 21.70 -9.78
N GLY B 1019 -29.03 20.48 -10.32
CA GLY B 1019 -30.20 19.98 -11.02
C GLY B 1019 -31.37 19.58 -10.15
N SER B 1020 -31.20 18.54 -9.34
CA SER B 1020 -32.29 18.00 -8.53
C SER B 1020 -31.85 17.92 -7.07
N ARG B 1021 -32.77 17.46 -6.22
CA ARG B 1021 -32.51 17.40 -4.78
C ARG B 1021 -31.40 16.43 -4.45
N ALA B 1022 -31.37 15.28 -5.12
CA ALA B 1022 -30.40 14.23 -4.82
C ALA B 1022 -28.98 14.59 -5.22
N ALA B 1023 -28.74 15.79 -5.76
CA ALA B 1023 -27.41 16.23 -6.14
C ALA B 1023 -26.70 17.00 -5.04
N GLY B 1024 -27.36 17.22 -3.90
CA GLY B 1024 -26.74 17.90 -2.79
C GLY B 1024 -26.46 17.07 -1.57
N GLN B 1025 -26.67 15.75 -1.61
CA GLN B 1025 -26.41 14.91 -0.46
C GLN B 1025 -24.94 14.95 -0.10
N ALA B 1026 -24.64 15.13 1.18
CA ALA B 1026 -23.25 15.25 1.60
C ALA B 1026 -23.06 14.54 2.93
N ALA B 1027 -22.20 13.52 2.97
CA ALA B 1027 -21.96 12.75 4.17
C ALA B 1027 -20.60 13.10 4.80
N ALA B 1028 -20.40 12.63 6.03
CA ALA B 1028 -19.15 12.82 6.74
C ALA B 1028 -19.08 11.80 7.87
N LEU B 1029 -17.92 11.73 8.52
CA LEU B 1029 -17.74 10.76 9.59
C LEU B 1029 -16.62 11.20 10.51
N VAL B 1030 -16.91 11.22 11.83
CA VAL B 1030 -16.03 11.79 12.83
C VAL B 1030 -15.78 10.77 13.94
N HIS B 1031 -14.51 10.66 14.36
CA HIS B 1031 -14.07 9.82 15.46
C HIS B 1031 -13.39 10.67 16.52
N ILE B 1032 -13.60 10.32 17.79
CA ILE B 1032 -12.84 10.87 18.90
C ILE B 1032 -12.21 9.72 19.65
N TYR B 1033 -10.92 9.85 19.99
CA TYR B 1033 -10.18 8.80 20.67
C TYR B 1033 -10.07 9.10 22.16
N LEU B 1034 -9.52 8.14 22.91
CA LEU B 1034 -9.49 8.24 24.37
C LEU B 1034 -8.73 9.47 24.84
N ASP B 1035 -7.54 9.71 24.30
CA ASP B 1035 -6.95 11.01 24.47
C ASP B 1035 -7.67 11.95 23.54
N GLY B 1036 -7.87 13.19 23.99
CA GLY B 1036 -8.62 14.13 23.18
C GLY B 1036 -7.94 14.41 21.86
N SER B 1037 -8.49 13.83 20.79
CA SER B 1037 -7.95 13.93 19.44
C SER B 1037 -8.98 13.35 18.48
N VAL B 1038 -9.13 14.00 17.34
CA VAL B 1038 -10.28 13.78 16.46
C VAL B 1038 -9.79 13.41 15.06
N LEU B 1039 -10.47 12.46 14.44
CA LEU B 1039 -10.21 12.08 13.04
C LEU B 1039 -11.50 12.23 12.24
N VAL B 1040 -11.48 13.12 11.25
CA VAL B 1040 -12.65 13.41 10.43
C VAL B 1040 -12.40 12.90 9.02
N THR B 1041 -13.48 12.63 8.29
CA THR B 1041 -13.39 12.37 6.86
C THR B 1041 -14.73 12.65 6.19
N HIS B 1042 -14.71 13.39 5.10
CA HIS B 1042 -15.91 13.71 4.35
C HIS B 1042 -15.76 13.27 2.91
N GLY B 1043 -16.84 13.39 2.14
CA GLY B 1043 -16.89 12.85 0.81
C GLY B 1043 -16.47 13.79 -0.31
N GLY B 1044 -15.80 14.87 0.05
CA GLY B 1044 -15.39 15.89 -0.92
C GLY B 1044 -13.89 15.88 -1.11
N ILE B 1045 -13.47 16.15 -2.34
CA ILE B 1045 -12.07 16.07 -2.74
C ILE B 1045 -11.38 17.39 -2.45
N GLU B 1046 -10.15 17.32 -1.98
CA GLU B 1046 -9.29 18.49 -1.92
C GLU B 1046 -8.55 18.61 -3.25
N MET B 1047 -8.70 19.76 -3.90
CA MET B 1047 -8.05 20.02 -5.18
C MET B 1047 -7.34 21.37 -5.16
N GLY B 1048 -6.87 21.81 -3.99
CA GLY B 1048 -6.16 23.05 -3.85
C GLY B 1048 -7.00 24.24 -3.44
N GLN B 1049 -8.33 24.09 -3.43
CA GLN B 1049 -9.18 25.22 -3.06
C GLN B 1049 -9.12 25.54 -1.57
N GLY B 1050 -8.74 24.58 -0.75
CA GLY B 1050 -8.62 24.81 0.68
C GLY B 1050 -9.84 24.36 1.45
N VAL B 1051 -10.40 23.20 1.11
CA VAL B 1051 -11.59 22.73 1.80
C VAL B 1051 -11.24 22.05 3.12
N HIS B 1052 -10.11 21.35 3.19
CA HIS B 1052 -9.77 20.65 4.43
C HIS B 1052 -9.40 21.63 5.53
N THR B 1053 -8.80 22.78 5.19
CA THR B 1053 -8.58 23.80 6.21
C THR B 1053 -9.90 24.36 6.72
N LYS B 1054 -10.87 24.52 5.82
CA LYS B 1054 -12.21 24.91 6.25
C LYS B 1054 -12.79 23.89 7.21
N MET B 1055 -12.62 22.61 6.93
CA MET B 1055 -13.23 21.59 7.77
C MET B 1055 -12.57 21.55 9.14
N ILE B 1056 -11.26 21.72 9.19
CA ILE B 1056 -10.57 21.75 10.47
C ILE B 1056 -10.97 23.00 11.26
N GLN B 1057 -11.20 24.12 10.58
CA GLN B 1057 -11.71 25.32 11.27
C GLN B 1057 -13.10 25.08 11.83
N VAL B 1058 -13.97 24.41 11.06
CA VAL B 1058 -15.33 24.13 11.53
C VAL B 1058 -15.29 23.26 12.77
N VAL B 1059 -14.48 22.19 12.73
CA VAL B 1059 -14.40 21.29 13.87
C VAL B 1059 -13.78 22.00 15.08
N SER B 1060 -12.79 22.87 14.84
CA SER B 1060 -12.19 23.60 15.95
C SER B 1060 -13.15 24.55 16.60
N ARG B 1061 -14.02 25.19 15.82
CA ARG B 1061 -14.96 26.13 16.42
C ARG B 1061 -16.09 25.41 17.13
N GLU B 1062 -16.65 24.36 16.51
CA GLU B 1062 -17.87 23.79 17.05
C GLU B 1062 -17.61 22.92 18.28
N LEU B 1063 -16.52 22.14 18.30
CA LEU B 1063 -16.19 21.29 19.44
C LEU B 1063 -15.33 21.99 20.48
N ARG B 1064 -15.03 23.27 20.28
CA ARG B 1064 -14.32 24.09 21.28
C ARG B 1064 -12.93 23.54 21.60
N MET B 1065 -12.26 22.99 20.60
CA MET B 1065 -10.88 22.53 20.73
C MET B 1065 -10.03 23.28 19.71
N PRO B 1066 -8.73 23.42 19.97
CA PRO B 1066 -7.88 24.21 19.06
C PRO B 1066 -7.72 23.54 17.71
N MET B 1067 -7.15 24.32 16.78
CA MET B 1067 -6.86 23.83 15.44
C MET B 1067 -5.96 22.60 15.47
N SER B 1068 -4.93 22.63 16.32
CA SER B 1068 -3.87 21.61 16.34
C SER B 1068 -4.36 20.23 16.73
N ASN B 1069 -5.55 20.10 17.31
CA ASN B 1069 -5.98 18.86 17.93
C ASN B 1069 -6.86 18.02 17.01
N VAL B 1070 -6.93 18.34 15.73
CA VAL B 1070 -7.78 17.62 14.78
C VAL B 1070 -6.94 17.18 13.60
N HIS B 1071 -7.26 16.01 13.04
CA HIS B 1071 -6.56 15.51 11.88
C HIS B 1071 -7.55 15.10 10.79
N LEU B 1072 -7.05 15.06 9.56
CA LEU B 1072 -7.79 14.64 8.38
C LEU B 1072 -6.85 13.96 7.39
N ARG B 1073 -7.28 12.81 6.86
CA ARG B 1073 -6.42 11.99 6.02
C ARG B 1073 -6.67 12.18 4.53
N GLY B 1074 -7.87 11.88 4.07
CA GLY B 1074 -8.17 12.00 2.66
C GLY B 1074 -9.38 11.20 2.29
N THR B 1075 -9.99 11.60 1.17
CA THR B 1075 -11.25 11.02 0.73
C THR B 1075 -11.08 9.55 0.38
N SER B 1076 -12.13 8.77 0.64
CA SER B 1076 -12.18 7.35 0.30
C SER B 1076 -13.64 6.94 0.21
N THR B 1077 -13.89 5.82 -0.46
CA THR B 1077 -15.23 5.30 -0.58
C THR B 1077 -15.47 4.11 0.33
N GLU B 1078 -14.56 3.85 1.27
CA GLU B 1078 -14.76 2.83 2.27
C GLU B 1078 -15.30 3.41 3.57
N THR B 1079 -15.09 4.70 3.82
CA THR B 1079 -15.58 5.35 5.02
C THR B 1079 -16.85 6.16 4.76
N VAL B 1080 -16.86 6.95 3.71
CA VAL B 1080 -18.00 7.77 3.34
C VAL B 1080 -18.49 7.32 1.97
N PRO B 1081 -19.50 6.46 1.91
CA PRO B 1081 -19.96 5.95 0.62
C PRO B 1081 -20.86 6.92 -0.11
N ASN B 1082 -20.97 6.70 -1.41
CA ASN B 1082 -21.97 7.33 -2.27
C ASN B 1082 -21.88 8.86 -2.27
N ALA B 1083 -20.70 9.39 -2.03
CA ALA B 1083 -20.53 10.83 -2.09
C ALA B 1083 -20.75 11.33 -3.52
N ASN B 1084 -20.95 12.62 -3.65
CA ASN B 1084 -21.21 13.21 -4.96
C ASN B 1084 -19.98 13.92 -5.50
N ILE B 1085 -20.07 14.29 -6.78
CA ILE B 1085 -18.98 14.92 -7.49
C ILE B 1085 -18.64 16.26 -6.84
N SER B 1086 -17.35 16.59 -6.85
CA SER B 1086 -16.91 17.83 -6.23
C SER B 1086 -16.99 19.01 -7.18
N GLY B 1087 -18.17 19.19 -7.78
CA GLY B 1087 -18.37 20.27 -8.73
C GLY B 1087 -19.62 21.10 -8.49
N GLY B 1088 -19.45 22.42 -8.40
CA GLY B 1088 -20.57 23.33 -8.29
C GLY B 1088 -20.37 24.46 -7.30
N SER B 1089 -19.24 24.44 -6.59
CA SER B 1089 -18.90 25.33 -5.47
C SER B 1089 -19.79 25.10 -4.26
N VAL B 1090 -20.61 24.06 -4.26
CA VAL B 1090 -21.45 23.72 -3.11
C VAL B 1090 -20.81 22.67 -2.21
N VAL B 1091 -19.89 21.87 -2.72
CA VAL B 1091 -19.37 20.71 -1.99
C VAL B 1091 -18.66 21.16 -0.73
N ALA B 1092 -17.98 22.32 -0.77
CA ALA B 1092 -17.37 22.86 0.44
C ALA B 1092 -18.42 23.13 1.51
N ASP B 1093 -19.46 23.88 1.16
CA ASP B 1093 -20.53 24.16 2.12
C ASP B 1093 -21.35 22.92 2.43
N LEU B 1094 -21.57 22.06 1.44
CA LEU B 1094 -22.32 20.84 1.69
C LEU B 1094 -21.64 19.98 2.75
N ASN B 1095 -20.36 19.71 2.57
CA ASN B 1095 -19.65 18.88 3.53
C ASN B 1095 -19.35 19.63 4.81
N GLY B 1096 -19.31 20.96 4.78
CA GLY B 1096 -19.22 21.70 6.02
C GLY B 1096 -20.46 21.50 6.86
N LEU B 1097 -21.63 21.49 6.22
CA LEU B 1097 -22.85 21.22 6.96
C LEU B 1097 -22.90 19.78 7.45
N ALA B 1098 -22.39 18.83 6.66
CA ALA B 1098 -22.35 17.44 7.13
C ALA B 1098 -21.40 17.27 8.33
N VAL B 1099 -20.25 17.95 8.29
CA VAL B 1099 -19.31 17.90 9.40
C VAL B 1099 -19.91 18.56 10.63
N LYS B 1100 -20.62 19.68 10.44
CA LYS B 1100 -21.35 20.31 11.54
C LYS B 1100 -22.34 19.34 12.16
N ASP B 1101 -23.06 18.60 11.32
CA ASP B 1101 -24.06 17.64 11.81
C ASP B 1101 -23.43 16.55 12.66
N ALA B 1102 -22.35 15.95 12.17
CA ALA B 1102 -21.67 14.92 12.96
C ALA B 1102 -21.12 15.49 14.26
N CYS B 1103 -20.53 16.69 14.20
CA CYS B 1103 -20.02 17.30 15.42
C CYS B 1103 -21.13 17.55 16.43
N GLN B 1104 -22.29 18.00 15.97
CA GLN B 1104 -23.41 18.25 16.87
C GLN B 1104 -23.89 16.97 17.52
N THR B 1105 -24.02 15.89 16.72
CA THR B 1105 -24.43 14.61 17.29
C THR B 1105 -23.46 14.14 18.36
N LEU B 1106 -22.16 14.39 18.19
CA LEU B 1106 -21.25 14.06 19.28
C LEU B 1106 -21.41 14.98 20.48
N LEU B 1107 -21.58 16.28 20.24
CA LEU B 1107 -21.51 17.21 21.35
C LEU B 1107 -22.75 17.11 22.24
N LYS B 1108 -23.87 16.69 21.68
CA LYS B 1108 -25.03 16.44 22.52
C LYS B 1108 -24.79 15.26 23.47
N ARG B 1109 -24.05 14.24 23.03
CA ARG B 1109 -23.73 13.14 23.93
C ARG B 1109 -22.72 13.56 24.97
N LEU B 1110 -21.82 14.48 24.62
CA LEU B 1110 -20.88 15.00 25.60
C LEU B 1110 -21.48 16.08 26.50
N GLU B 1111 -22.74 16.46 26.28
CA GLU B 1111 -23.42 17.41 27.17
C GLU B 1111 -23.36 17.05 28.66
N PRO B 1112 -23.76 15.85 29.10
CA PRO B 1112 -23.71 15.60 30.56
C PRO B 1112 -22.30 15.60 31.12
N ILE B 1113 -21.33 15.10 30.36
CA ILE B 1113 -19.97 15.00 30.89
C ILE B 1113 -19.40 16.37 31.17
N ILE B 1114 -19.52 17.28 30.20
CA ILE B 1114 -19.07 18.65 30.44
C ILE B 1114 -19.98 19.33 31.45
N SER B 1115 -21.22 18.87 31.57
CA SER B 1115 -22.12 19.38 32.60
C SER B 1115 -21.57 19.08 33.98
N LYS B 1116 -20.91 17.93 34.14
CA LYS B 1116 -20.41 17.46 35.42
C LYS B 1116 -18.93 17.74 35.61
N ASN B 1117 -18.33 18.55 34.74
CA ASN B 1117 -16.91 18.89 34.84
C ASN B 1117 -16.66 20.28 34.25
N PRO B 1118 -16.24 21.25 35.07
CA PRO B 1118 -16.03 22.61 34.54
C PRO B 1118 -14.83 22.75 33.62
N LYS B 1119 -13.68 22.28 34.07
CA LYS B 1119 -12.42 22.47 33.35
C LYS B 1119 -11.92 21.08 32.96
N GLY B 1120 -12.32 20.65 31.79
CA GLY B 1120 -11.84 19.38 31.32
C GLY B 1120 -11.09 19.49 30.02
N THR B 1121 -9.85 19.02 30.00
CA THR B 1121 -9.20 18.73 28.75
C THR B 1121 -10.00 17.66 28.03
N TRP B 1122 -9.89 17.62 26.71
CA TRP B 1122 -10.69 16.69 25.94
C TRP B 1122 -10.36 15.25 26.27
N LYS B 1123 -9.15 14.98 26.76
CA LYS B 1123 -8.81 13.64 27.25
C LYS B 1123 -9.72 13.22 28.39
N ASP B 1124 -9.95 14.13 29.35
CA ASP B 1124 -10.71 13.77 30.54
C ASP B 1124 -12.16 13.43 30.18
N TRP B 1125 -12.79 14.28 29.36
CA TRP B 1125 -14.16 14.00 28.95
C TRP B 1125 -14.24 12.76 28.08
N ALA B 1126 -13.25 12.56 27.20
CA ALA B 1126 -13.30 11.41 26.31
C ALA B 1126 -13.15 10.10 27.07
N GLN B 1127 -12.21 10.06 28.03
CA GLN B 1127 -12.07 8.86 28.86
C GLN B 1127 -13.31 8.62 29.71
N THR B 1128 -13.90 9.70 30.26
CA THR B 1128 -15.14 9.53 31.00
C THR B 1128 -16.22 8.94 30.12
N ALA B 1129 -16.46 9.56 28.95
CA ALA B 1129 -17.47 9.06 28.02
C ALA B 1129 -17.17 7.63 27.60
N PHE B 1130 -15.89 7.25 27.60
CA PHE B 1130 -15.56 5.84 27.41
C PHE B 1130 -16.08 4.99 28.55
N ASP B 1131 -15.98 5.50 29.78
CA ASP B 1131 -16.37 4.70 30.95
C ASP B 1131 -17.88 4.52 31.03
N GLU B 1132 -18.67 5.58 30.85
CA GLU B 1132 -20.12 5.41 30.90
C GLU B 1132 -20.70 4.84 29.64
N SER B 1133 -19.89 4.27 28.75
CA SER B 1133 -20.35 3.70 27.48
C SER B 1133 -21.11 4.72 26.65
N ILE B 1134 -20.41 5.79 26.27
CA ILE B 1134 -20.93 6.78 25.35
C ILE B 1134 -20.24 6.57 24.01
N ASN B 1135 -21.04 6.39 22.96
CA ASN B 1135 -20.50 6.18 21.62
C ASN B 1135 -19.71 7.40 21.17
N LEU B 1136 -18.67 7.16 20.35
CA LEU B 1136 -17.84 8.25 19.87
C LEU B 1136 -17.55 8.16 18.38
N SER B 1137 -18.39 7.49 17.61
CA SER B 1137 -18.24 7.40 16.15
C SER B 1137 -19.52 7.90 15.49
N ALA B 1138 -19.47 9.08 14.89
CA ALA B 1138 -20.67 9.74 14.39
C ALA B 1138 -20.63 9.85 12.87
N VAL B 1139 -21.74 9.50 12.23
CA VAL B 1139 -21.96 9.73 10.81
C VAL B 1139 -22.75 11.03 10.67
N GLY B 1140 -22.20 11.97 9.91
CA GLY B 1140 -22.88 13.23 9.64
C GLY B 1140 -23.48 13.25 8.25
N TYR B 1141 -24.50 14.08 8.06
CA TYR B 1141 -25.26 14.08 6.82
C TYR B 1141 -25.82 15.46 6.55
N PHE B 1142 -26.06 15.74 5.27
CA PHE B 1142 -26.83 16.89 4.81
C PHE B 1142 -27.65 16.46 3.61
N ARG B 1143 -28.94 16.82 3.62
CA ARG B 1143 -29.89 16.26 2.67
C ARG B 1143 -29.74 16.87 1.28
N GLY B 1144 -29.54 18.18 1.20
CA GLY B 1144 -29.31 18.81 -0.10
C GLY B 1144 -30.13 20.04 -0.41
N TYR B 1145 -29.48 21.09 -0.90
CA TYR B 1145 -30.17 22.31 -1.30
C TYR B 1145 -31.22 22.01 -2.36
N GLU B 1146 -32.40 22.62 -2.22
CA GLU B 1146 -33.52 22.29 -3.10
C GLU B 1146 -33.32 22.86 -4.50
N SER B 1147 -33.77 22.11 -5.50
CA SER B 1147 -33.62 22.50 -6.89
C SER B 1147 -34.61 21.72 -7.74
N ASP B 1148 -35.24 22.39 -8.70
CA ASP B 1148 -36.06 21.74 -9.71
C ASP B 1148 -36.29 22.67 -10.88
N MET B 1149 -36.51 22.07 -12.05
CA MET B 1149 -37.01 22.80 -13.22
C MET B 1149 -37.95 21.89 -13.99
N ASN B 1150 -38.99 22.47 -14.58
CA ASN B 1150 -39.73 21.83 -15.66
C ASN B 1150 -39.44 22.60 -16.94
N TRP B 1151 -38.52 22.06 -17.75
CA TRP B 1151 -38.19 22.68 -19.02
C TRP B 1151 -39.32 22.57 -20.04
N GLU B 1152 -40.28 21.69 -19.80
CA GLU B 1152 -41.48 21.66 -20.63
C GLU B 1152 -42.28 22.95 -20.48
N LYS B 1153 -42.38 23.47 -19.25
CA LYS B 1153 -43.10 24.71 -18.99
C LYS B 1153 -42.19 25.92 -18.91
N GLY B 1154 -40.90 25.73 -18.68
CA GLY B 1154 -39.97 26.83 -18.62
C GLY B 1154 -39.92 27.58 -17.30
N GLU B 1155 -40.38 26.98 -16.21
CA GLU B 1155 -40.38 27.64 -14.91
C GLU B 1155 -39.97 26.65 -13.85
N GLY B 1156 -39.55 27.18 -12.71
CA GLY B 1156 -39.08 26.37 -11.61
C GLY B 1156 -38.03 27.11 -10.82
N GLN B 1157 -37.51 26.43 -9.79
CA GLN B 1157 -36.52 26.99 -8.88
C GLN B 1157 -35.37 26.02 -8.70
N PRO B 1158 -34.34 26.13 -9.55
CA PRO B 1158 -33.16 25.27 -9.42
C PRO B 1158 -32.03 25.87 -8.59
N PHE B 1159 -32.16 27.12 -8.17
CA PHE B 1159 -31.04 27.84 -7.58
C PHE B 1159 -31.31 28.15 -6.12
N GLU B 1160 -30.25 28.54 -5.44
CA GLU B 1160 -30.25 28.71 -4.00
C GLU B 1160 -29.89 30.12 -3.58
N TYR B 1161 -28.88 30.70 -4.19
CA TYR B 1161 -28.36 32.01 -3.80
C TYR B 1161 -27.49 32.56 -4.92
N PHE B 1162 -27.14 33.83 -4.80
CA PHE B 1162 -26.52 34.56 -5.90
C PHE B 1162 -25.34 35.36 -5.37
N VAL B 1163 -24.22 35.27 -6.06
CA VAL B 1163 -23.04 36.04 -5.73
C VAL B 1163 -23.05 37.32 -6.55
N TYR B 1164 -22.79 38.45 -5.90
CA TYR B 1164 -22.89 39.75 -6.52
C TYR B 1164 -21.53 40.44 -6.51
N GLY B 1165 -21.16 41.01 -7.65
CA GLY B 1165 -19.88 41.69 -7.72
C GLY B 1165 -19.80 42.57 -8.94
N ALA B 1166 -18.67 43.27 -9.05
CA ALA B 1166 -18.41 44.12 -10.20
C ALA B 1166 -16.91 44.22 -10.41
N ALA B 1167 -16.52 44.45 -11.67
CA ALA B 1167 -15.11 44.57 -12.01
C ALA B 1167 -14.89 45.72 -12.97
N CYS B 1168 -13.87 46.53 -12.70
CA CYS B 1168 -13.49 47.61 -13.61
C CYS B 1168 -12.03 47.43 -14.02
N SER B 1169 -11.75 47.65 -15.30
CA SER B 1169 -10.46 47.38 -15.91
C SER B 1169 -9.99 48.56 -16.75
N GLU B 1170 -8.66 48.72 -16.79
CA GLU B 1170 -8.00 49.75 -17.59
C GLU B 1170 -6.85 49.11 -18.35
N VAL B 1171 -6.80 49.33 -19.67
CA VAL B 1171 -5.78 48.74 -20.52
C VAL B 1171 -5.03 49.81 -21.30
N GLU B 1172 -4.04 49.38 -22.07
CA GLU B 1172 -3.25 50.30 -22.90
C GLU B 1172 -2.72 49.51 -24.09
N ILE B 1173 -3.30 49.71 -25.26
CA ILE B 1173 -2.93 48.97 -26.46
C ILE B 1173 -2.05 49.82 -27.35
N ASP B 1174 -1.25 49.13 -28.16
CA ASP B 1174 -0.50 49.74 -29.25
C ASP B 1174 -1.13 49.27 -30.56
N CYS B 1175 -1.58 50.22 -31.38
CA CYS B 1175 -2.32 49.86 -32.58
C CYS B 1175 -1.41 49.33 -33.67
N LEU B 1176 -0.10 49.62 -33.59
CA LEU B 1176 0.83 49.15 -34.60
C LEU B 1176 1.06 47.65 -34.51
N THR B 1177 1.25 47.14 -33.28
CA THR B 1177 1.62 45.75 -33.09
C THR B 1177 0.45 44.88 -32.61
N GLY B 1178 -0.44 45.43 -31.79
CA GLY B 1178 -1.52 44.66 -31.22
C GLY B 1178 -1.26 44.11 -29.84
N ASP B 1179 -0.37 44.74 -29.07
CA ASP B 1179 0.04 44.27 -27.77
C ASP B 1179 -0.42 45.25 -26.70
N HIS B 1180 -0.95 44.73 -25.59
CA HIS B 1180 -1.55 45.56 -24.57
C HIS B 1180 -0.97 45.28 -23.19
N LYS B 1181 -1.13 46.25 -22.31
CA LYS B 1181 -0.71 46.17 -20.92
C LYS B 1181 -1.91 46.45 -20.02
N ASN B 1182 -2.01 45.71 -18.93
CA ASN B 1182 -3.05 45.90 -17.93
C ASN B 1182 -2.49 46.79 -16.82
N ILE B 1183 -3.04 47.99 -16.70
CA ILE B 1183 -2.57 48.95 -15.70
C ILE B 1183 -3.30 48.76 -14.37
N ARG B 1184 -4.62 48.66 -14.40
CA ARG B 1184 -5.39 48.61 -13.18
C ARG B 1184 -6.62 47.75 -13.37
N THR B 1185 -7.01 47.04 -12.31
CA THR B 1185 -8.26 46.31 -12.28
C THR B 1185 -8.73 46.24 -10.83
N ASP B 1186 -9.94 46.73 -10.58
CA ASP B 1186 -10.53 46.71 -9.25
C ASP B 1186 -11.76 45.80 -9.24
N ILE B 1187 -11.87 45.01 -8.18
CA ILE B 1187 -12.90 43.99 -8.05
C ILE B 1187 -13.62 44.19 -6.73
N VAL B 1188 -14.96 44.06 -6.75
CA VAL B 1188 -15.75 43.98 -5.53
C VAL B 1188 -16.67 42.76 -5.61
N MET B 1189 -16.82 42.07 -4.50
CA MET B 1189 -17.56 40.82 -4.45
C MET B 1189 -18.46 40.80 -3.22
N ASP B 1190 -19.59 40.09 -3.34
CA ASP B 1190 -20.46 39.80 -2.20
C ASP B 1190 -20.45 38.30 -1.94
N VAL B 1191 -19.59 37.90 -1.00
CA VAL B 1191 -19.51 36.51 -0.56
C VAL B 1191 -20.39 36.22 0.65
N GLY B 1192 -20.79 37.26 1.39
CA GLY B 1192 -21.48 37.07 2.64
C GLY B 1192 -20.52 37.08 3.79
N CYS B 1193 -20.68 36.13 4.73
CA CYS B 1193 -19.69 35.91 5.76
C CYS B 1193 -18.73 34.82 5.31
N SER B 1194 -17.44 35.03 5.57
CA SER B 1194 -16.40 34.19 5.03
C SER B 1194 -15.81 33.33 6.14
N ILE B 1195 -15.74 32.01 5.90
CA ILE B 1195 -15.07 31.12 6.83
C ILE B 1195 -13.60 31.46 6.92
N ASN B 1196 -12.97 31.72 5.77
CA ASN B 1196 -11.58 32.10 5.64
C ASN B 1196 -11.48 33.21 4.59
N PRO B 1197 -11.08 34.43 4.97
CA PRO B 1197 -10.98 35.48 3.95
C PRO B 1197 -9.86 35.27 2.95
N ALA B 1198 -8.69 34.82 3.41
CA ALA B 1198 -7.54 34.68 2.53
C ALA B 1198 -7.79 33.65 1.44
N ILE B 1199 -8.39 32.52 1.81
CA ILE B 1199 -8.66 31.47 0.84
C ILE B 1199 -9.58 31.97 -0.26
N ASP B 1200 -10.61 32.72 0.12
CA ASP B 1200 -11.58 33.17 -0.87
C ASP B 1200 -11.07 34.33 -1.71
N ILE B 1201 -10.24 35.21 -1.15
CA ILE B 1201 -9.56 36.21 -1.98
C ILE B 1201 -8.68 35.52 -3.01
N GLY B 1202 -7.95 34.48 -2.58
CA GLY B 1202 -7.17 33.71 -3.53
C GLY B 1202 -8.01 33.06 -4.60
N GLN B 1203 -9.18 32.53 -4.21
CA GLN B 1203 -10.08 31.93 -5.19
C GLN B 1203 -10.54 32.95 -6.21
N ILE B 1204 -10.87 34.16 -5.75
CA ILE B 1204 -11.29 35.24 -6.64
C ILE B 1204 -10.16 35.58 -7.61
N GLU B 1205 -8.93 35.70 -7.09
CA GLU B 1205 -7.80 36.06 -7.94
C GLU B 1205 -7.52 34.97 -8.98
N GLY B 1206 -7.54 33.71 -8.57
CA GLY B 1206 -7.33 32.63 -9.53
C GLY B 1206 -8.39 32.61 -10.61
N ALA B 1207 -9.66 32.79 -10.23
CA ALA B 1207 -10.73 32.82 -11.22
C ALA B 1207 -10.58 34.02 -12.16
N PHE B 1208 -10.21 35.18 -11.62
CA PHE B 1208 -10.05 36.37 -12.44
C PHE B 1208 -8.94 36.20 -13.46
N ILE B 1209 -7.79 35.67 -13.02
CA ILE B 1209 -6.68 35.49 -13.95
C ILE B 1209 -7.01 34.43 -14.99
N GLN B 1210 -7.72 33.38 -14.58
CA GLN B 1210 -8.16 32.37 -15.54
C GLN B 1210 -9.11 32.97 -16.57
N GLY B 1211 -10.00 33.85 -16.14
CA GLY B 1211 -10.91 34.49 -17.09
C GLY B 1211 -10.20 35.44 -18.02
N MET B 1212 -9.24 36.22 -17.51
CA MET B 1212 -8.43 37.07 -18.35
C MET B 1212 -7.69 36.26 -19.41
N GLY B 1213 -7.16 35.09 -19.00
CA GLY B 1213 -6.56 34.19 -19.97
C GLY B 1213 -7.54 33.71 -21.02
N LEU B 1214 -8.72 33.28 -20.58
CA LEU B 1214 -9.71 32.75 -21.53
C LEU B 1214 -10.13 33.81 -22.53
N TYR B 1215 -10.21 35.06 -22.10
CA TYR B 1215 -10.68 36.12 -22.98
C TYR B 1215 -9.57 36.80 -23.78
N THR B 1216 -8.29 36.59 -23.44
CA THR B 1216 -7.23 37.22 -24.21
C THR B 1216 -6.34 36.22 -24.94
N ILE B 1217 -5.66 35.31 -24.23
CA ILE B 1217 -4.47 34.69 -24.83
C ILE B 1217 -4.55 33.17 -24.93
N GLU B 1218 -5.74 32.61 -25.14
CA GLU B 1218 -5.90 31.17 -25.22
C GLU B 1218 -6.66 30.81 -26.48
N GLU B 1219 -5.97 30.20 -27.44
CA GLU B 1219 -6.56 29.74 -28.69
C GLU B 1219 -6.36 28.23 -28.83
N LEU B 1220 -7.29 27.59 -29.53
CA LEU B 1220 -7.22 26.17 -29.85
C LEU B 1220 -7.29 26.01 -31.36
N ASN B 1221 -6.12 25.95 -32.00
CA ASN B 1221 -6.02 25.84 -33.44
C ASN B 1221 -6.08 24.38 -33.86
N TYR B 1222 -7.01 24.06 -34.74
CA TYR B 1222 -7.12 22.72 -35.29
C TYR B 1222 -6.63 22.70 -36.74
N SER B 1223 -6.63 21.50 -37.32
CA SER B 1223 -6.25 21.19 -38.68
C SER B 1223 -7.50 20.98 -39.53
N PRO B 1224 -7.44 21.25 -40.83
CA PRO B 1224 -8.60 20.97 -41.68
C PRO B 1224 -8.98 19.50 -41.72
N GLN B 1225 -8.06 18.60 -41.39
CA GLN B 1225 -8.41 17.19 -41.21
C GLN B 1225 -8.95 16.90 -39.82
N GLY B 1226 -8.63 17.74 -38.83
CA GLY B 1226 -9.24 17.65 -37.51
C GLY B 1226 -8.27 17.50 -36.36
N ILE B 1227 -7.03 17.94 -36.54
CA ILE B 1227 -5.95 17.64 -35.61
C ILE B 1227 -5.53 18.91 -34.88
N LEU B 1228 -5.39 18.80 -33.56
CA LEU B 1228 -4.94 19.90 -32.74
C LEU B 1228 -3.45 20.13 -32.92
N HIS B 1229 -3.06 21.40 -33.03
CA HIS B 1229 -1.67 21.78 -33.31
C HIS B 1229 -0.98 22.19 -32.01
N THR B 1230 -0.57 21.18 -31.24
CA THR B 1230 0.20 21.44 -30.04
C THR B 1230 1.60 21.97 -30.37
N ARG B 1231 2.10 21.70 -31.58
CA ARG B 1231 3.46 22.01 -31.96
C ARG B 1231 3.57 23.41 -32.55
N GLY B 1232 4.62 24.13 -32.16
CA GLY B 1232 4.96 25.38 -32.79
C GLY B 1232 4.35 26.59 -32.13
N PRO B 1233 4.44 27.75 -32.79
CA PRO B 1233 3.93 29.00 -32.20
C PRO B 1233 2.41 29.06 -32.12
N ASP B 1234 1.70 28.08 -32.68
CA ASP B 1234 0.26 27.97 -32.54
C ASP B 1234 -0.16 27.06 -31.38
N GLN B 1235 0.66 26.97 -30.33
CA GLN B 1235 0.42 26.13 -29.17
C GLN B 1235 -0.53 26.81 -28.20
N TYR B 1236 -0.67 26.23 -27.00
CA TYR B 1236 -1.53 26.75 -25.96
C TYR B 1236 -0.74 27.52 -24.91
N LYS B 1237 -1.23 28.70 -24.57
CA LYS B 1237 -0.57 29.57 -23.60
C LYS B 1237 -1.52 29.91 -22.47
N ILE B 1238 -0.95 30.25 -21.32
CA ILE B 1238 -1.70 30.70 -20.16
C ILE B 1238 -1.05 31.98 -19.65
N PRO B 1239 -1.75 32.74 -18.81
CA PRO B 1239 -1.14 33.95 -18.23
C PRO B 1239 0.09 33.62 -17.41
N ALA B 1240 1.03 34.56 -17.40
CA ALA B 1240 2.28 34.42 -16.66
C ALA B 1240 2.49 35.59 -15.72
N ILE B 1241 3.68 35.66 -15.11
CA ILE B 1241 3.93 36.62 -14.04
C ILE B 1241 3.84 38.07 -14.48
N CYS B 1242 3.96 38.34 -15.78
CA CYS B 1242 3.84 39.71 -16.27
C CYS B 1242 2.48 40.00 -16.89
N ASP B 1243 1.66 38.97 -17.13
CA ASP B 1243 0.35 39.15 -17.75
C ASP B 1243 -0.66 39.71 -16.75
N MET B 1244 -0.42 39.54 -15.45
CA MET B 1244 -1.35 40.04 -14.45
C MET B 1244 -1.34 41.58 -14.43
N PRO B 1245 -2.42 42.19 -13.98
CA PRO B 1245 -2.46 43.66 -13.87
C PRO B 1245 -1.42 44.19 -12.89
N THR B 1246 -0.94 45.40 -13.19
CA THR B 1246 0.04 46.04 -12.31
C THR B 1246 -0.56 46.33 -10.94
N GLU B 1247 -1.71 46.99 -10.89
CA GLU B 1247 -2.44 47.24 -9.66
C GLU B 1247 -3.73 46.43 -9.71
N LEU B 1248 -3.80 45.38 -8.91
CA LEU B 1248 -5.01 44.58 -8.76
C LEU B 1248 -5.49 44.71 -7.33
N HIS B 1249 -6.70 45.24 -7.16
CA HIS B 1249 -7.26 45.52 -5.84
C HIS B 1249 -8.57 44.76 -5.68
N ILE B 1250 -8.72 44.05 -4.58
CA ILE B 1250 -9.93 43.32 -4.26
C ILE B 1250 -10.36 43.70 -2.85
N ALA B 1251 -11.63 44.09 -2.71
CA ALA B 1251 -12.21 44.43 -1.43
C ALA B 1251 -13.47 43.61 -1.21
N LEU B 1252 -13.74 43.26 0.04
CA LEU B 1252 -14.89 42.42 0.38
C LEU B 1252 -15.95 43.25 1.08
N LEU B 1253 -17.21 42.81 0.90
CA LEU B 1253 -18.42 43.51 1.28
C LEU B 1253 -18.96 43.02 2.63
N PRO B 1254 -19.80 43.81 3.29
CA PRO B 1254 -20.49 43.30 4.45
C PRO B 1254 -21.47 42.21 4.07
N PRO B 1255 -21.76 41.28 4.97
CA PRO B 1255 -22.63 40.16 4.63
C PRO B 1255 -24.08 40.57 4.47
N SER B 1256 -24.83 39.70 3.79
CA SER B 1256 -26.26 39.91 3.55
C SER B 1256 -27.13 38.81 4.18
N GLN B 1257 -26.54 37.91 4.98
CA GLN B 1257 -27.26 36.96 5.82
C GLN B 1257 -28.15 36.03 5.00
N ASN B 1258 -27.48 35.14 4.25
CA ASN B 1258 -28.17 34.10 3.49
C ASN B 1258 -28.73 33.03 4.44
N SER B 1259 -29.55 32.14 3.88
CA SER B 1259 -30.38 31.23 4.65
C SER B 1259 -29.70 29.89 4.94
N ASN B 1260 -29.43 29.11 3.90
CA ASN B 1260 -28.98 27.73 4.06
C ASN B 1260 -27.49 27.56 3.89
N THR B 1261 -26.73 28.66 3.90
CA THR B 1261 -25.28 28.61 3.78
C THR B 1261 -24.64 28.48 5.15
N LEU B 1262 -23.61 27.63 5.21
CA LEU B 1262 -22.86 27.40 6.44
C LEU B 1262 -22.24 28.69 6.95
N TYR B 1263 -22.73 29.18 8.09
CA TYR B 1263 -22.28 30.44 8.69
C TYR B 1263 -22.45 31.61 7.72
N SER B 1264 -23.47 31.52 6.86
CA SER B 1264 -23.75 32.51 5.83
C SER B 1264 -22.54 32.73 4.93
N SER B 1265 -22.12 31.65 4.27
CA SER B 1265 -20.96 31.66 3.39
C SER B 1265 -21.40 31.19 2.01
N LYS B 1266 -21.42 32.10 1.05
CA LYS B 1266 -21.80 31.74 -0.31
C LYS B 1266 -20.66 31.02 -1.02
N GLY B 1267 -21.02 30.08 -1.87
CA GLY B 1267 -20.03 29.27 -2.55
C GLY B 1267 -19.55 29.86 -3.85
N LEU B 1268 -18.43 30.55 -3.78
CA LEU B 1268 -17.72 31.08 -4.93
C LEU B 1268 -16.63 30.10 -5.37
N GLY B 1269 -15.72 30.57 -6.21
CA GLY B 1269 -14.78 29.70 -6.88
C GLY B 1269 -15.09 29.48 -8.34
N GLU B 1270 -16.19 30.06 -8.82
CA GLU B 1270 -16.48 30.11 -10.25
C GLU B 1270 -16.97 31.50 -10.65
N SER B 1271 -17.04 32.44 -9.69
CA SER B 1271 -17.63 33.75 -9.89
C SER B 1271 -16.74 34.69 -10.69
N GLY B 1272 -15.45 34.73 -10.38
CA GLY B 1272 -14.54 35.69 -10.99
C GLY B 1272 -14.09 35.37 -12.39
N VAL B 1273 -14.48 34.21 -12.94
CA VAL B 1273 -14.11 33.85 -14.30
C VAL B 1273 -14.69 34.85 -15.29
N PHE B 1274 -15.97 35.22 -15.11
CA PHE B 1274 -16.57 36.14 -16.05
C PHE B 1274 -16.05 37.56 -15.85
N LEU B 1275 -15.63 37.93 -14.63
CA LEU B 1275 -15.19 39.29 -14.38
C LEU B 1275 -14.03 39.71 -15.27
N GLY B 1276 -13.19 38.75 -15.67
CA GLY B 1276 -12.09 39.05 -16.56
C GLY B 1276 -12.51 39.69 -17.88
N CYS B 1277 -13.76 39.46 -18.32
CA CYS B 1277 -14.19 40.04 -19.57
C CYS B 1277 -14.17 41.55 -19.52
N SER B 1278 -14.14 42.14 -18.32
CA SER B 1278 -13.96 43.58 -18.21
C SER B 1278 -12.74 44.03 -19.00
N VAL B 1279 -11.59 43.37 -18.77
CA VAL B 1279 -10.39 43.68 -19.54
C VAL B 1279 -10.68 43.54 -21.03
N PHE B 1280 -11.35 42.44 -21.40
CA PHE B 1280 -11.80 42.23 -22.77
C PHE B 1280 -12.45 43.50 -23.32
N PHE B 1281 -13.51 43.96 -22.66
CA PHE B 1281 -14.23 45.10 -23.21
C PHE B 1281 -13.40 46.36 -23.11
N ALA B 1282 -12.50 46.45 -22.13
CA ALA B 1282 -11.58 47.58 -22.10
C ALA B 1282 -10.75 47.62 -23.36
N ILE B 1283 -10.21 46.44 -23.76
CA ILE B 1283 -9.53 46.34 -25.04
C ILE B 1283 -10.45 46.79 -26.16
N HIS B 1284 -11.69 46.27 -26.15
CA HIS B 1284 -12.67 46.65 -27.15
C HIS B 1284 -12.83 48.16 -27.20
N ASP B 1285 -12.95 48.78 -26.02
CA ASP B 1285 -13.13 50.22 -25.96
C ASP B 1285 -11.96 50.93 -26.60
N ALA B 1286 -10.73 50.49 -26.28
CA ALA B 1286 -9.54 51.12 -26.85
C ALA B 1286 -9.57 51.04 -28.36
N VAL B 1287 -9.99 49.90 -28.90
CA VAL B 1287 -10.03 49.73 -30.35
C VAL B 1287 -10.95 50.77 -30.97
N SER B 1288 -12.11 51.01 -30.36
CA SER B 1288 -13.02 52.00 -30.89
C SER B 1288 -12.38 53.39 -30.87
N ALA B 1289 -11.63 53.70 -29.81
CA ALA B 1289 -10.96 54.99 -29.72
C ALA B 1289 -10.00 55.20 -30.88
N ALA B 1290 -9.47 54.12 -31.44
CA ALA B 1290 -8.74 54.22 -32.70
C ALA B 1290 -9.69 54.13 -33.88
N ARG B 1291 -10.55 53.12 -33.89
CA ARG B 1291 -11.32 52.80 -35.09
C ARG B 1291 -12.33 53.88 -35.43
N GLN B 1292 -12.58 54.81 -34.53
CA GLN B 1292 -13.45 55.93 -34.85
C GLN B 1292 -12.67 57.20 -35.14
N GLU B 1293 -11.46 57.34 -34.57
CA GLU B 1293 -10.66 58.53 -34.85
C GLU B 1293 -10.25 58.58 -36.31
N ARG B 1294 -9.92 57.44 -36.89
CA ARG B 1294 -9.61 57.33 -38.30
C ARG B 1294 -10.85 57.18 -39.16
N GLY B 1295 -12.04 57.36 -38.58
CA GLY B 1295 -13.27 57.37 -39.34
C GLY B 1295 -13.63 56.06 -39.98
N LEU B 1296 -13.47 54.94 -39.27
CA LEU B 1296 -13.82 53.63 -39.79
C LEU B 1296 -15.21 53.25 -39.32
N HIS B 1297 -16.06 52.82 -40.26
CA HIS B 1297 -17.36 52.29 -39.92
C HIS B 1297 -17.49 50.88 -40.46
N GLY B 1298 -18.70 50.33 -40.45
CA GLY B 1298 -18.94 49.01 -40.96
C GLY B 1298 -19.19 48.00 -39.85
N PRO B 1299 -19.47 46.75 -40.23
CA PRO B 1299 -19.65 45.70 -39.22
C PRO B 1299 -18.39 45.49 -38.39
N LEU B 1300 -18.58 45.28 -37.09
CA LEU B 1300 -17.46 45.09 -36.17
C LEU B 1300 -17.89 44.08 -35.12
N THR B 1301 -17.59 42.81 -35.38
CA THR B 1301 -17.81 41.73 -34.41
C THR B 1301 -16.47 41.21 -33.94
N LEU B 1302 -16.28 41.17 -32.63
CA LEU B 1302 -15.04 40.74 -32.01
C LEU B 1302 -15.29 39.41 -31.32
N ASN B 1303 -14.98 38.32 -32.02
CA ASN B 1303 -15.15 36.99 -31.46
C ASN B 1303 -14.10 36.75 -30.38
N SER B 1304 -14.28 35.66 -29.64
CA SER B 1304 -13.36 35.38 -28.55
C SER B 1304 -12.40 34.26 -28.91
N PRO B 1305 -11.14 34.35 -28.49
CA PRO B 1305 -10.54 35.44 -27.70
C PRO B 1305 -10.12 36.64 -28.51
N LEU B 1306 -9.77 37.72 -27.81
CA LEU B 1306 -9.28 38.94 -28.46
C LEU B 1306 -7.76 38.88 -28.49
N THR B 1307 -7.26 38.09 -29.42
CA THR B 1307 -5.83 37.86 -29.57
C THR B 1307 -5.16 39.09 -30.17
N PRO B 1308 -3.82 39.17 -30.07
CA PRO B 1308 -3.11 40.27 -30.75
C PRO B 1308 -3.39 40.33 -32.23
N GLU B 1309 -3.65 39.17 -32.86
CA GLU B 1309 -4.04 39.15 -34.26
C GLU B 1309 -5.31 39.94 -34.49
N LYS B 1310 -6.35 39.69 -33.68
CA LYS B 1310 -7.63 40.34 -33.91
C LYS B 1310 -7.61 41.80 -33.49
N ILE B 1311 -6.87 42.13 -32.43
CA ILE B 1311 -6.68 43.53 -32.06
C ILE B 1311 -5.99 44.29 -33.17
N ARG B 1312 -4.96 43.68 -33.77
CA ARG B 1312 -4.21 44.35 -34.83
C ARG B 1312 -5.04 44.47 -36.10
N MET B 1313 -5.80 43.43 -36.44
CA MET B 1313 -6.62 43.49 -37.64
C MET B 1313 -7.83 44.40 -37.48
N ALA B 1314 -8.24 44.70 -36.24
CA ALA B 1314 -9.33 45.66 -36.04
C ALA B 1314 -8.85 47.09 -36.27
N CYS B 1315 -7.66 47.43 -35.79
CA CYS B 1315 -7.12 48.78 -35.95
C CYS B 1315 -6.63 48.95 -37.38
N GLU B 1316 -7.59 49.12 -38.29
CA GLU B 1316 -7.27 49.21 -39.71
C GLU B 1316 -6.56 50.52 -40.03
N ASP B 1317 -5.73 50.47 -41.05
CA ASP B 1317 -4.87 51.58 -41.45
C ASP B 1317 -4.35 51.29 -42.86
N LYS B 1318 -3.40 52.12 -43.33
CA LYS B 1318 -2.82 51.90 -44.65
C LYS B 1318 -2.05 50.60 -44.72
N PHE B 1319 -1.31 50.27 -43.66
CA PHE B 1319 -0.50 49.04 -43.66
C PHE B 1319 -1.37 47.81 -43.76
N THR B 1320 -2.60 47.85 -43.27
CA THR B 1320 -3.54 46.76 -43.48
C THR B 1320 -4.07 46.74 -44.90
N LYS B 1321 -4.26 47.92 -45.50
CA LYS B 1321 -4.84 47.99 -46.83
C LYS B 1321 -3.86 47.49 -47.89
N MET B 1322 -2.57 47.78 -47.71
CA MET B 1322 -1.60 47.56 -48.77
C MET B 1322 -1.31 46.08 -49.01
N ILE B 1323 -1.50 45.23 -48.02
CA ILE B 1323 -1.10 43.82 -48.10
C ILE B 1323 -2.01 43.08 -49.08
N PRO B 1324 -1.55 41.98 -49.67
CA PRO B 1324 -2.36 41.25 -50.64
C PRO B 1324 -3.42 40.37 -49.96
N ARG B 1325 -4.21 39.71 -50.78
CA ARG B 1325 -5.30 38.84 -50.34
C ARG B 1325 -5.17 37.46 -50.99
N ASP B 1326 -6.07 36.55 -50.61
CA ASP B 1326 -6.12 35.21 -51.18
C ASP B 1326 -7.56 34.82 -51.44
N GLU B 1327 -7.74 33.93 -52.42
CA GLU B 1327 -9.03 33.34 -52.77
C GLU B 1327 -9.35 32.16 -51.84
N PRO B 1328 -10.54 32.11 -51.25
CA PRO B 1328 -10.78 31.13 -50.18
C PRO B 1328 -10.66 29.67 -50.60
N GLY B 1329 -11.00 29.34 -51.85
CA GLY B 1329 -10.96 27.95 -52.27
C GLY B 1329 -9.80 27.62 -53.18
N SER B 1330 -8.63 28.19 -52.90
CA SER B 1330 -7.44 27.98 -53.73
C SER B 1330 -6.30 27.33 -52.95
N TYR B 1331 -6.54 26.85 -51.74
CA TYR B 1331 -5.49 26.24 -50.93
C TYR B 1331 -6.14 25.46 -49.81
N VAL B 1332 -5.31 24.89 -48.94
CA VAL B 1332 -5.75 24.23 -47.71
C VAL B 1332 -5.05 24.91 -46.54
N PRO B 1333 -5.73 25.82 -45.84
CA PRO B 1333 -5.06 26.57 -44.77
C PRO B 1333 -4.70 25.70 -43.57
N TRP B 1334 -3.67 26.15 -42.85
CA TRP B 1334 -3.13 25.39 -41.73
C TRP B 1334 -4.13 25.30 -40.58
N ASN B 1335 -4.55 26.43 -40.04
CA ASN B 1335 -5.43 26.44 -38.88
C ASN B 1335 -6.89 26.55 -39.31
N VAL B 1336 -7.78 26.28 -38.34
CA VAL B 1336 -9.23 26.44 -38.50
C VAL B 1336 -9.77 25.65 -39.69
FE1 FES C . -5.60 -26.20 11.99
FE2 FES C . -5.82 -23.82 13.24
S1 FES C . -7.34 -24.86 12.03
S2 FES C . -4.00 -25.01 12.92
FE1 FES D . 7.55 -26.53 10.89
FE2 FES D . 8.07 -26.74 8.27
S1 FES D . 7.26 -28.29 9.61
S2 FES D . 8.13 -24.94 9.51
N1 MTE E . -11.28 -21.10 17.74
C2 MTE E . -10.36 -21.08 16.77
N2 MTE E . -10.54 -21.86 15.67
N3 MTE E . -9.25 -20.31 16.83
C4 MTE E . -8.99 -19.52 17.86
O4 MTE E . -7.97 -18.83 17.89
N5 MTE E . -9.81 -18.71 20.09
C6 MTE E . -10.58 -19.05 21.27
C7 MTE E . -12.01 -19.36 20.88
N8 MTE E . -12.06 -20.36 19.83
C9 MTE E . -9.97 -19.47 18.98
C10 MTE E . -11.15 -20.34 18.85
C1' MTE E . -10.63 -17.96 22.30
S1' MTE E . -9.27 -17.65 23.24
C2' MTE E . -11.74 -17.25 22.49
S2' MTE E . -11.79 -16.18 23.80
C3' MTE E . -12.93 -17.37 21.60
O3' MTE E . -12.59 -18.14 20.45
C4' MTE E . -13.41 -15.98 21.19
O4' MTE E . -14.31 -16.12 20.10
P MTE E . -15.88 -15.78 20.27
O1P MTE E . -16.37 -15.71 18.85
O2P MTE E . -15.90 -14.47 21.00
O3P MTE E . -16.43 -16.94 21.05
MO MOS F . -9.14 -14.44 25.53
S MOS F . -7.03 -13.54 26.21
O1 MOS F . -9.12 -14.58 23.79
O2 MOS F . -9.32 -16.03 26.22
PA FAD G . 21.64 -35.81 7.42
O1A FAD G . 21.61 -35.80 5.94
O2A FAD G . 21.34 -34.49 8.10
O5B FAD G . 23.00 -36.30 7.96
C5B FAD G . 23.84 -35.44 8.76
C4B FAD G . 25.03 -36.23 9.23
O4B FAD G . 24.96 -37.58 8.73
C3B FAD G . 26.39 -35.69 8.79
O3B FAD G . 27.36 -35.85 9.82
C2B FAD G . 26.72 -36.54 7.57
O2B FAD G . 28.12 -36.67 7.39
C1B FAD G . 26.12 -37.88 7.99
N9A FAD G . 25.75 -38.77 6.89
C8A FAD G . 24.53 -38.85 6.26
N7A FAD G . 24.47 -39.76 5.32
C5A FAD G . 25.74 -40.33 5.33
C6A FAD G . 26.32 -41.35 4.57
N6A FAD G . 25.68 -42.02 3.60
N1A FAD G . 27.61 -41.67 4.82
C2A FAD G . 28.25 -41.01 5.78
N3A FAD G . 27.81 -40.02 6.56
C4A FAD G . 26.53 -39.73 6.29
N1 FAD G . 14.31 -40.56 14.27
C2 FAD G . 13.67 -41.70 14.68
O2 FAD G . 14.24 -42.79 14.68
N3 FAD G . 12.35 -41.64 15.07
C4 FAD G . 11.58 -40.50 15.12
O4 FAD G . 10.41 -40.57 15.50
C4X FAD G . 12.27 -39.30 14.70
N5 FAD G . 11.62 -38.18 14.71
C5X FAD G . 12.27 -37.03 14.31
C6 FAD G . 11.58 -35.82 14.30
C7 FAD G . 12.20 -34.64 13.91
C7M FAD G . 11.42 -33.35 13.92
C8 FAD G . 13.54 -34.67 13.50
C8M FAD G . 14.24 -33.41 13.06
C9 FAD G . 14.23 -35.87 13.49
C9A FAD G . 13.60 -37.05 13.89
N10 FAD G . 14.28 -38.29 13.90
C10 FAD G . 13.64 -39.44 14.29
C1' FAD G . 15.68 -38.39 13.46
C2' FAD G . 15.80 -38.58 11.95
O2' FAD G . 15.15 -39.78 11.54
C3' FAD G . 17.27 -38.63 11.56
O3' FAD G . 17.91 -37.43 11.94
C4' FAD G . 17.46 -38.85 10.05
O4' FAD G . 17.14 -40.19 9.72
C5' FAD G . 18.84 -38.48 9.55
O5' FAD G . 18.86 -38.60 8.11
P FAD G . 19.37 -37.43 7.20
O1P FAD G . 19.83 -37.96 5.84
O2P FAD G . 18.37 -36.40 7.14
O3P FAD G . 20.63 -36.90 7.97
FE1 FES H . 0.03 26.90 -8.38
FE2 FES H . -0.89 24.48 -7.63
S1 FES H . 0.63 25.73 -6.62
S2 FES H . -1.26 25.51 -9.53
FE1 FES I . 8.04 21.43 -17.54
FE2 FES I . 10.33 20.44 -16.52
S1 FES I . 9.91 22.52 -17.11
S2 FES I . 8.44 19.38 -16.85
N1 MTE J . -8.92 26.53 -6.92
C2 MTE J . -7.80 25.78 -6.91
N2 MTE J . -6.69 26.26 -6.29
N3 MTE J . -7.72 24.57 -7.50
C4 MTE J . -8.77 24.03 -8.14
O4 MTE J . -8.66 22.92 -8.66
N5 MTE J . -11.16 24.33 -8.80
C6 MTE J . -12.23 25.28 -9.06
C7 MTE J . -12.42 26.18 -7.86
N8 MTE J . -11.17 26.83 -7.54
C9 MTE J . -10.04 24.78 -8.19
C10 MTE J . -10.05 26.10 -7.52
C1' MTE J . -13.57 24.67 -9.34
S1' MTE J . -13.92 24.07 -10.87
C2' MTE J . -14.50 24.59 -8.38
S2' MTE J . -16.05 24.07 -8.77
C3' MTE J . -14.21 24.98 -6.96
O3' MTE J . -12.85 25.36 -6.78
C4' MTE J . -14.57 23.79 -6.08
O4' MTE J . -14.38 24.16 -4.71
P MTE J . -15.54 23.86 -3.65
O1P MTE J . -16.06 25.22 -3.28
O2P MTE J . -16.53 23.00 -4.43
O3P MTE J . -14.83 23.12 -2.55
MO MOS K . -16.47 22.43 -12.01
S MOS K . -16.31 20.90 -13.86
O1 MOS K . -18.15 22.70 -11.70
O2 MOS K . -15.76 21.62 -10.64
PA FAD L . 21.14 22.04 -28.55
O1A FAD L . 22.39 21.61 -27.95
O2A FAD L . 19.99 21.04 -28.39
O5B FAD L . 21.34 22.31 -30.08
C5B FAD L . 20.99 21.32 -31.06
C4B FAD L . 21.93 21.36 -32.24
O4B FAD L . 22.98 22.33 -32.00
C3B FAD L . 22.62 20.04 -32.57
O3B FAD L . 22.54 19.76 -33.96
C2B FAD L . 24.07 20.28 -32.13
O2B FAD L . 24.99 19.55 -32.92
C1B FAD L . 24.21 21.77 -32.42
N9A FAD L . 25.29 22.45 -31.72
C8A FAD L . 25.23 23.01 -30.48
N7A FAD L . 26.36 23.58 -30.09
C5A FAD L . 27.21 23.38 -31.17
C6A FAD L . 28.55 23.74 -31.40
N6A FAD L . 29.31 24.42 -30.53
N1A FAD L . 29.10 23.38 -32.59
C2A FAD L . 28.35 22.72 -33.47
N3A FAD L . 27.08 22.32 -33.35
C4A FAD L . 26.56 22.69 -32.18
N1 FAD L . 14.92 30.78 -28.53
C2 FAD L . 14.78 32.13 -28.58
O2 FAD L . 15.55 32.85 -29.22
N3 FAD L . 13.74 32.74 -27.90
C4 FAD L . 12.79 32.10 -27.15
O4 FAD L . 11.91 32.74 -26.59
C4X FAD L . 12.95 30.66 -27.09
N5 FAD L . 12.09 29.98 -26.40
C5X FAD L . 12.25 28.60 -26.35
C6 FAD L . 11.33 27.86 -25.61
C7 FAD L . 11.44 26.47 -25.51
C7M FAD L . 10.44 25.70 -24.71
C8 FAD L . 12.48 25.81 -26.19
C8M FAD L . 12.62 24.32 -26.12
C9 FAD L . 13.39 26.55 -26.94
C9A FAD L . 13.28 27.94 -27.02
N10 FAD L . 14.19 28.73 -27.76
C10 FAD L . 14.06 30.09 -27.82
C1' FAD L . 15.30 28.10 -28.48
C2' FAD L . 16.55 27.94 -27.61
O2' FAD L . 17.11 29.22 -27.30
C3' FAD L . 17.59 27.10 -28.34
O3' FAD L . 17.08 25.79 -28.52
C4' FAD L . 18.93 27.01 -27.61
O4' FAD L . 19.53 28.30 -27.55
C5' FAD L . 19.87 26.01 -28.24
O5' FAD L . 21.01 25.81 -27.35
P FAD L . 21.47 24.37 -26.93
O1P FAD L . 22.97 24.19 -27.15
O2P FAD L . 20.99 24.15 -25.58
O3P FAD L . 20.68 23.43 -27.96
#